data_4RES
#
_entry.id   4RES
#
_cell.length_a   65.910
_cell.length_b   240.270
_cell.length_c   152.700
_cell.angle_alpha   90.00
_cell.angle_beta   102.28
_cell.angle_gamma   90.00
#
_symmetry.space_group_name_H-M   'P 1 21 1'
#
loop_
_entity.id
_entity.type
_entity.pdbx_description
1 polymer 'Sodium/potassium-transporting ATPase subunit alpha-1'
2 polymer 'Sodium/potassium-transporting ATPase subunit beta-1'
3 polymer 'Na+/K+ ATPase gamma subunit transcript variant a'
4 branched 2-acetamido-2-deoxy-beta-D-glucopyranose-(1-4)-2-acetamido-2-deoxy-beta-D-glucopyranose
5 branched beta-D-fructofuranose-(2-1)-alpha-D-glucopyranose
6 non-polymer bufalin
7 non-polymer CHOLESTEROL
8 non-polymer 'POTASSIUM ION'
9 non-polymer 'MAGNESIUM ION'
10 non-polymer 2-acetamido-2-deoxy-beta-D-glucopyranose
11 non-polymer O-[(S)-({(2R)-2,3-bis[(9Z)-octadec-9-enoyloxy]propyl}oxy)(hydroxy)phosphoryl]-L-serine
#
loop_
_entity_poly.entity_id
_entity_poly.type
_entity_poly.pdbx_seq_one_letter_code
_entity_poly.pdbx_strand_id
1 'polypeptide(L)'
;MGKGVGRDKYEPAAVSEHGDKKKAKKERDMDELKKEVSMDDHKLSLDELHRKYGTDLSRGLTPARAAEILARDGPNALTP
PPTTPEWVKFCRQLFGGFSMLLWIGAILCFLAYGIQAATEEEPQNDNLYLGVVLSAVVIITGCFSYYQEAKSSKIMESFK
NMVPQQALVIRNGEKMSINAEEVVVGDLVEVKGGDRIPADLRIISANGCKVDNSSLTGESEPQTRSPDFTNENPLETRNI
AFFSTNCVEGTARGIVVYTGDRTVMGRIATLASGLEGGQTPIAAEIEHFIHIITGVAVFLGVSFFILSLILEYTWLEAVI
FLIGIIVANVPEGLLATVTVCLTLTAKRMARKNCLVKNLEAVETLGSTSTICS(PHD)KTGTLTQNRMTVAHMWSDNQIH
EADTTENQSGVSFDKTSATWLALSRIAGLCNRAVFQANQENLPILKRAVAGDASESALLKCIELCCGSVKEMRERYTKIV
EIPFNSTNKYQLSIHKNPNTAEPRHLLVMKGAPERILDRCSSILIHGKEQPLDEELKDAFQNAYLELGGLGERVLGFCHL
FLPDEQFPEGFQFDTDDVNFPLDNLCFVGLISMIDPPRAAVPDAVGKCRSAGIKVIMVTGDHPITAKAIAKGVGIISEGN
ETVEDIAARLNIPVSQVNPRDAKACVVHGSDLKDMTSEQLDDILKYHTEIVFARTSPQQKLIIVEGCQRQGAIVAVTGDG
VNDSPASKKADIGVAMGIAGSDVSKQAADMILLDDNFASIVTGVEEGRLIFDNLKKSIAYTLTSNIPEITPFLIFIIANI
PLPLGTVTILCIDLGTDMVPAISLAYEQAESDIMKRQPRNPKTDKLVNEQLISMAYGQIGMIQALGGFFTYFVILAENGF
LPIHLLGLRVNWDDRWINDVEDSYGQQWTYEQRKIVEFTCHTPFFVTIVVVQWADLVICKTRRNSVFQQGMKNKILIFGL
FEETALAAFLSYCPGMGVALRMYPLKPTWWFCAFPYSLLIFVYDEVRKLIIRRRPGGWVEKETYY
;
A,C
2 'polypeptide(L)'
;MARGKAKEEGSWKKFIWNSEKKEFLGRTGGSWFKILLFYVIFYGCLAGIFIGTIQVMLLTISEFKPTYQDRVAPPGLTQI
PQSQKTEISFRPNDPQSYESYVVSIVRFLEKYKDLAQKDDMIFEDCGNVPSELKERGEYNNERGERKVCRFRLEWLGNCS
GLNDETYGYKDGKPCVIIKLNRVLGFKPKPPKNESLETYPVMKYNPYVLPVHCTGKRDEDKEKVGTMEYFGLGGYPGFPL
QYYPYYGKLLQPKYLQPLMAVQFTNLTMDTEIRIECKAYGENIGYSEKDRFQGRFDVKIEVKS
;
B,D
3 'polypeptide(L)' MAGLSTDDGGSPKGDVDPFYYDYETVRNGGLIFAALAFIVGLIIILSKRLRCGGKKHRPINEDEL G,E
#
# COMPACT_ATOMS: atom_id res chain seq x y z
N LYS A 26 16.38 1.70 66.57
CA LYS A 26 15.73 0.57 67.24
C LYS A 26 14.26 0.38 66.86
N GLU A 27 13.94 0.71 65.60
CA GLU A 27 12.59 0.50 65.06
C GLU A 27 12.35 -0.97 64.75
N ARG A 28 13.44 -1.76 64.72
CA ARG A 28 13.30 -3.21 64.59
C ARG A 28 12.62 -3.79 65.82
N ASP A 29 13.05 -3.38 67.02
CA ASP A 29 12.45 -3.84 68.27
C ASP A 29 11.00 -3.38 68.38
N MET A 30 10.75 -2.20 67.81
CA MET A 30 9.43 -1.60 67.75
C MET A 30 8.53 -2.50 66.96
N ASP A 31 8.95 -2.82 65.74
CA ASP A 31 8.20 -3.71 64.85
C ASP A 31 8.08 -5.12 65.40
N GLU A 32 8.97 -5.49 66.33
CA GLU A 32 8.91 -6.79 66.97
C GLU A 32 7.80 -6.81 68.02
N LEU A 33 7.74 -5.76 68.82
CA LEU A 33 6.66 -5.67 69.81
C LEU A 33 5.30 -5.40 69.15
N LYS A 34 5.30 -4.76 67.98
CA LYS A 34 4.07 -4.42 67.28
C LYS A 34 3.44 -5.60 66.53
N LYS A 35 4.28 -6.50 66.03
CA LYS A 35 3.80 -7.72 65.37
C LYS A 35 3.11 -8.67 66.35
N GLU A 36 3.21 -8.36 67.64
CA GLU A 36 2.65 -9.21 68.68
C GLU A 36 1.20 -8.82 68.99
N VAL A 37 0.34 -9.83 69.13
CA VAL A 37 -1.05 -9.61 69.49
C VAL A 37 -1.10 -9.04 70.91
N SER A 38 -2.16 -8.32 71.24
CA SER A 38 -2.17 -7.45 72.42
C SER A 38 -2.57 -8.11 73.75
N MET A 39 -2.49 -7.31 74.81
CA MET A 39 -2.86 -7.72 76.16
C MET A 39 -3.84 -6.69 76.68
N ASP A 40 -4.19 -6.78 77.96
CA ASP A 40 -5.05 -5.79 78.59
C ASP A 40 -5.28 -5.96 80.09
N ASP A 41 -5.79 -4.88 80.69
CA ASP A 41 -6.24 -4.83 82.07
C ASP A 41 -7.74 -5.10 82.13
N HIS A 42 -8.33 -5.43 80.98
CA HIS A 42 -9.78 -5.43 80.78
C HIS A 42 -10.57 -6.19 81.83
N LYS A 43 -9.96 -7.21 82.41
CA LYS A 43 -10.62 -7.97 83.45
C LYS A 43 -10.26 -7.38 84.81
N LEU A 44 -11.22 -6.72 85.42
CA LEU A 44 -10.99 -6.02 86.69
C LEU A 44 -12.32 -5.82 87.40
N SER A 45 -12.25 -5.56 88.70
CA SER A 45 -13.41 -5.05 89.43
C SER A 45 -13.33 -3.53 89.33
N LEU A 46 -14.48 -2.88 89.22
CA LEU A 46 -14.57 -1.43 89.02
C LEU A 46 -13.73 -0.65 90.02
N ASP A 47 -13.73 -1.16 91.26
CA ASP A 47 -12.93 -0.60 92.35
C ASP A 47 -11.45 -0.57 91.96
N GLU A 48 -10.96 -1.67 91.39
CA GLU A 48 -9.55 -1.80 91.02
C GLU A 48 -9.16 -0.92 89.82
N LEU A 49 -10.04 -0.91 88.81
CA LEU A 49 -9.85 -0.05 87.64
C LEU A 49 -9.76 1.42 88.06
N HIS A 50 -10.69 1.84 88.91
CA HIS A 50 -10.71 3.23 89.36
C HIS A 50 -9.63 3.51 90.40
N ARG A 51 -9.04 2.43 90.93
CA ARG A 51 -7.89 2.57 91.83
C ARG A 51 -6.63 2.83 91.00
N LYS A 52 -6.51 2.11 89.89
CA LYS A 52 -5.33 2.22 89.04
C LYS A 52 -5.35 3.49 88.17
N TYR A 53 -6.54 3.89 87.71
CA TYR A 53 -6.66 5.06 86.84
C TYR A 53 -6.89 6.37 87.61
N GLY A 54 -7.16 6.27 88.91
CA GLY A 54 -7.39 7.43 89.75
C GLY A 54 -8.60 8.24 89.32
N THR A 55 -9.76 7.59 89.25
CA THR A 55 -10.96 8.24 88.73
C THR A 55 -12.21 7.91 89.55
N ASP A 56 -13.24 8.74 89.41
CA ASP A 56 -14.56 8.46 89.95
C ASP A 56 -15.40 7.84 88.86
N LEU A 57 -16.17 6.82 89.20
CA LEU A 57 -16.98 6.11 88.22
C LEU A 57 -18.09 6.98 87.63
N SER A 58 -18.92 7.54 88.50
CA SER A 58 -20.05 8.35 88.07
C SER A 58 -19.63 9.78 87.68
N ARG A 59 -18.62 10.31 88.36
CA ARG A 59 -18.24 11.69 88.20
C ARG A 59 -17.07 11.92 87.24
N GLY A 60 -16.52 10.85 86.69
CA GLY A 60 -15.34 10.95 85.87
C GLY A 60 -14.20 11.55 86.67
N LEU A 61 -13.35 12.35 86.01
CA LEU A 61 -12.33 13.10 86.73
C LEU A 61 -12.55 14.61 86.62
N THR A 62 -11.70 15.38 87.30
CA THR A 62 -11.83 16.84 87.33
C THR A 62 -11.27 17.47 86.06
N PRO A 63 -11.88 18.59 85.61
CA PRO A 63 -11.46 19.29 84.39
C PRO A 63 -9.99 19.68 84.44
N ALA A 64 -9.49 19.91 85.65
CA ALA A 64 -8.07 20.19 85.86
C ALA A 64 -7.23 18.95 85.53
N ARG A 65 -7.65 17.80 86.05
CA ARG A 65 -6.98 16.54 85.79
C ARG A 65 -7.01 16.18 84.31
N ALA A 66 -8.10 16.57 83.64
CA ALA A 66 -8.30 16.32 82.21
C ALA A 66 -7.38 17.17 81.34
N ALA A 67 -7.33 18.48 81.63
CA ALA A 67 -6.42 19.38 80.93
C ALA A 67 -4.97 19.11 81.30
N GLU A 68 -4.75 18.40 82.42
CA GLU A 68 -3.42 17.95 82.83
C GLU A 68 -2.94 16.70 82.07
N ILE A 69 -3.80 15.68 81.99
CA ILE A 69 -3.46 14.45 81.26
C ILE A 69 -3.40 14.72 79.75
N LEU A 70 -4.32 15.54 79.23
CA LEU A 70 -4.33 15.90 77.82
C LEU A 70 -3.00 16.54 77.41
N ALA A 71 -2.38 17.25 78.34
CA ALA A 71 -1.10 17.91 78.09
C ALA A 71 0.09 17.03 78.46
N ARG A 72 -0.17 15.91 79.14
CA ARG A 72 0.90 15.03 79.62
C ARG A 72 1.51 14.12 78.55
N ASP A 73 0.66 13.48 77.76
CA ASP A 73 1.14 12.59 76.70
C ASP A 73 0.90 13.16 75.30
N GLY A 74 -0.34 13.09 74.82
CA GLY A 74 -0.70 13.67 73.55
C GLY A 74 -2.20 13.60 73.33
N PRO A 75 -2.74 14.48 72.47
CA PRO A 75 -4.17 14.50 72.16
C PRO A 75 -4.65 13.17 71.55
N ASN A 76 -5.94 12.90 71.61
CA ASN A 76 -6.44 11.62 71.15
C ASN A 76 -6.78 11.69 69.67
N ALA A 77 -5.92 11.07 68.88
CA ALA A 77 -6.01 11.04 67.42
C ALA A 77 -4.77 10.29 66.98
N LEU A 78 -4.77 9.80 65.76
CA LEU A 78 -3.60 9.10 65.25
C LEU A 78 -2.60 10.13 64.76
N THR A 79 -1.33 9.93 65.12
CA THR A 79 -0.26 10.77 64.57
C THR A 79 -0.39 10.67 63.07
N PRO A 80 -0.50 11.81 62.40
CA PRO A 80 -0.63 11.83 60.94
C PRO A 80 0.54 11.04 60.32
N PRO A 81 0.40 10.55 59.08
CA PRO A 81 1.35 9.59 58.52
C PRO A 81 2.82 10.02 58.62
N PRO A 82 3.71 9.11 59.07
CA PRO A 82 5.18 9.28 59.16
C PRO A 82 5.77 9.53 57.76
N THR A 83 4.90 9.29 56.79
CA THR A 83 5.09 9.52 55.37
C THR A 83 4.87 11.01 55.09
N THR A 84 4.40 11.32 53.88
CA THR A 84 4.47 12.63 53.23
C THR A 84 5.88 12.99 52.75
N PRO A 85 6.37 12.23 51.74
CA PRO A 85 7.60 12.62 51.06
C PRO A 85 7.34 13.85 50.18
N GLU A 86 8.31 14.75 50.09
CA GLU A 86 8.19 15.96 49.29
C GLU A 86 8.31 15.65 47.80
N TRP A 87 7.82 16.57 46.95
CA TRP A 87 7.82 16.38 45.50
C TRP A 87 9.21 16.12 44.92
N VAL A 88 10.25 16.32 45.73
CA VAL A 88 11.60 15.91 45.35
C VAL A 88 11.64 14.37 45.19
N LYS A 89 10.57 13.70 45.62
CA LYS A 89 10.36 12.28 45.34
C LYS A 89 10.31 12.00 43.82
N PHE A 90 10.18 13.06 43.05
CA PHE A 90 10.35 12.99 41.59
C PHE A 90 11.64 12.25 41.26
N CYS A 91 12.68 12.52 42.03
CA CYS A 91 13.99 11.90 41.84
C CYS A 91 13.90 10.37 41.82
N ARG A 92 12.97 9.82 42.59
CA ARG A 92 12.74 8.39 42.60
C ARG A 92 12.48 7.84 41.19
N GLN A 93 11.61 8.50 40.45
CA GLN A 93 11.26 8.06 39.10
C GLN A 93 12.44 8.18 38.13
N LEU A 94 13.52 8.83 38.60
CA LEU A 94 14.71 9.09 37.77
C LEU A 94 15.83 8.08 37.95
N PHE A 95 15.63 7.09 38.80
CA PHE A 95 16.64 6.05 38.96
C PHE A 95 16.10 4.66 38.65
N GLY A 96 15.31 4.09 39.54
CA GLY A 96 14.83 2.74 39.36
C GLY A 96 16.04 1.86 39.09
N GLY A 97 15.87 0.80 38.30
CA GLY A 97 17.01 0.13 37.72
C GLY A 97 17.32 0.43 36.27
N PHE A 98 16.28 0.78 35.51
CA PHE A 98 16.44 0.93 34.07
C PHE A 98 17.00 2.30 33.75
N SER A 99 16.46 3.30 34.42
CA SER A 99 16.94 4.66 34.23
C SER A 99 18.39 4.67 34.67
N MET A 100 18.76 3.71 35.50
CA MET A 100 20.16 3.54 35.88
C MET A 100 21.04 3.02 34.77
N LEU A 101 20.53 2.04 34.02
CA LEU A 101 21.22 1.56 32.83
C LEU A 101 21.45 2.71 31.84
N LEU A 102 20.43 3.54 31.65
CA LEU A 102 20.60 4.66 30.73
C LEU A 102 21.46 5.81 31.29
N TRP A 103 21.46 6.00 32.62
CA TRP A 103 22.31 7.02 33.22
C TRP A 103 23.75 6.64 33.04
N ILE A 104 24.05 5.42 33.43
CA ILE A 104 25.38 4.86 33.25
C ILE A 104 25.83 4.91 31.78
N GLY A 105 24.94 4.57 30.86
CA GLY A 105 25.24 4.73 29.43
C GLY A 105 25.61 6.16 29.06
N ALA A 106 24.81 7.12 29.54
CA ALA A 106 25.07 8.53 29.31
C ALA A 106 26.46 8.92 29.81
N ILE A 107 26.72 8.59 31.06
CA ILE A 107 28.02 8.82 31.68
C ILE A 107 29.13 8.28 30.80
N LEU A 108 28.93 7.07 30.27
CA LEU A 108 29.89 6.52 29.32
C LEU A 108 30.07 7.36 28.05
N CYS A 109 28.97 7.94 27.55
CA CYS A 109 29.09 8.86 26.40
C CYS A 109 30.00 10.04 26.73
N PHE A 110 29.70 10.72 27.84
CA PHE A 110 30.46 11.91 28.21
C PHE A 110 31.90 11.55 28.50
N LEU A 111 32.11 10.32 28.97
CA LEU A 111 33.45 9.82 29.16
C LEU A 111 34.18 9.68 27.84
N ALA A 112 33.61 8.93 26.90
CA ALA A 112 34.25 8.70 25.62
C ALA A 112 34.51 10.01 24.88
N TYR A 113 33.64 10.98 25.11
CA TYR A 113 33.83 12.29 24.54
C TYR A 113 35.04 12.98 25.16
N GLY A 114 35.10 12.92 26.50
CA GLY A 114 36.22 13.45 27.25
C GLY A 114 37.52 12.85 26.77
N ILE A 115 37.51 11.55 26.46
CA ILE A 115 38.67 10.86 25.94
C ILE A 115 38.94 11.33 24.50
N GLN A 116 37.88 11.73 23.79
CA GLN A 116 38.01 12.16 22.40
C GLN A 116 38.44 13.61 22.28
N ALA A 117 38.59 14.26 23.43
CA ALA A 117 39.17 15.59 23.46
C ALA A 117 40.69 15.46 23.47
N ALA A 118 41.17 14.23 23.31
CA ALA A 118 42.60 13.94 23.15
C ALA A 118 43.15 14.51 21.83
N THR A 119 42.27 14.69 20.86
CA THR A 119 42.65 15.30 19.57
C THR A 119 41.54 16.25 19.12
N GLU A 120 41.68 16.80 17.91
CA GLU A 120 40.60 17.59 17.31
C GLU A 120 39.55 16.62 16.76
N GLU A 121 38.31 16.70 17.25
CA GLU A 121 37.39 15.59 17.06
C GLU A 121 35.89 15.93 16.84
N GLU A 122 35.23 15.03 16.12
CA GLU A 122 33.80 15.04 15.69
C GLU A 122 32.61 15.04 16.68
N PRO A 123 32.74 14.38 17.86
CA PRO A 123 31.55 14.05 18.66
C PRO A 123 30.62 15.19 19.00
N GLN A 124 31.02 16.42 18.72
CA GLN A 124 30.12 17.56 18.84
C GLN A 124 28.79 17.20 18.16
N ASN A 125 28.86 16.44 17.07
CA ASN A 125 27.66 15.82 16.49
C ASN A 125 27.41 14.33 16.90
N ASP A 126 28.31 13.74 17.68
CA ASP A 126 28.29 12.28 17.92
C ASP A 126 28.11 11.85 19.39
N ASN A 127 29.18 11.91 20.19
CA ASN A 127 29.16 11.36 21.56
C ASN A 127 28.53 12.27 22.62
N LEU A 128 28.79 13.56 22.49
CA LEU A 128 28.19 14.55 23.35
C LEU A 128 26.69 14.56 23.11
N TYR A 129 26.35 14.71 21.83
CA TYR A 129 24.98 14.72 21.34
C TYR A 129 24.21 13.51 21.88
N LEU A 130 24.74 12.33 21.63
CA LEU A 130 24.19 11.07 22.15
C LEU A 130 24.00 11.06 23.67
N GLY A 131 25.05 11.35 24.43
CA GLY A 131 24.95 11.39 25.88
C GLY A 131 23.85 12.29 26.41
N VAL A 132 23.82 13.51 25.87
CA VAL A 132 22.75 14.44 26.15
C VAL A 132 21.39 13.81 25.87
N VAL A 133 21.28 13.13 24.74
CA VAL A 133 20.03 12.44 24.37
C VAL A 133 19.61 11.37 25.40
N LEU A 134 20.54 10.51 25.80
CA LEU A 134 20.28 9.51 26.84
C LEU A 134 19.71 10.13 28.10
N SER A 135 20.40 11.16 28.57
CA SER A 135 19.94 11.87 29.75
C SER A 135 18.55 12.44 29.55
N ALA A 136 18.29 13.01 28.37
CA ALA A 136 16.95 13.50 28.03
C ALA A 136 15.89 12.37 28.07
N VAL A 137 16.25 11.18 27.62
CA VAL A 137 15.32 10.06 27.65
C VAL A 137 14.95 9.71 29.10
N VAL A 138 15.95 9.50 29.94
CA VAL A 138 15.64 9.19 31.36
C VAL A 138 14.85 10.29 32.09
N ILE A 139 15.28 11.54 31.91
CA ILE A 139 14.55 12.67 32.47
C ILE A 139 13.08 12.68 32.02
N ILE A 140 12.85 12.71 30.71
CA ILE A 140 11.49 12.71 30.18
C ILE A 140 10.65 11.56 30.73
N THR A 141 11.19 10.34 30.62
CA THR A 141 10.47 9.17 31.13
C THR A 141 10.08 9.38 32.59
N GLY A 142 11.05 9.80 33.41
CA GLY A 142 10.80 10.10 34.80
C GLY A 142 9.65 11.10 35.00
N CYS A 143 9.64 12.15 34.19
CA CYS A 143 8.61 13.17 34.25
C CYS A 143 7.25 12.58 33.98
N PHE A 144 7.16 11.78 32.94
CA PHE A 144 5.91 11.16 32.53
C PHE A 144 5.34 10.26 33.63
N SER A 145 6.13 9.27 34.05
CA SER A 145 5.66 8.32 35.06
C SER A 145 5.34 9.00 36.40
N TYR A 146 6.21 9.94 36.80
CA TYR A 146 5.95 10.74 37.99
C TYR A 146 4.65 11.51 37.90
N TYR A 147 4.37 12.05 36.71
CA TYR A 147 3.15 12.79 36.46
C TYR A 147 1.92 11.91 36.62
N GLN A 148 1.96 10.71 36.05
CA GLN A 148 0.81 9.81 36.14
C GLN A 148 0.55 9.28 37.57
N GLU A 149 1.61 8.84 38.25
CA GLU A 149 1.47 8.41 39.65
C GLU A 149 0.97 9.58 40.50
N ALA A 150 1.43 10.78 40.16
CA ALA A 150 0.93 12.00 40.78
C ALA A 150 -0.57 12.14 40.58
N LYS A 151 -1.03 11.86 39.36
CA LYS A 151 -2.46 11.87 39.04
C LYS A 151 -3.23 10.95 40.01
N SER A 152 -2.73 9.71 40.14
CA SER A 152 -3.31 8.73 41.07
C SER A 152 -3.43 9.26 42.50
N SER A 153 -2.32 9.75 43.06
CA SER A 153 -2.36 10.28 44.42
C SER A 153 -3.30 11.47 44.57
N LYS A 154 -3.39 12.27 43.52
CA LYS A 154 -4.31 13.40 43.49
C LYS A 154 -5.75 12.93 43.71
N ILE A 155 -6.18 11.92 42.95
CA ILE A 155 -7.55 11.41 43.15
C ILE A 155 -7.79 10.68 44.50
N MET A 156 -6.76 9.97 44.96
CA MET A 156 -6.84 9.37 46.31
C MET A 156 -7.08 10.39 47.40
N GLU A 157 -6.24 11.42 47.46
CA GLU A 157 -6.47 12.47 48.45
C GLU A 157 -7.78 13.22 48.20
N SER A 158 -8.24 13.23 46.95
CA SER A 158 -9.53 13.82 46.62
C SER A 158 -10.67 13.04 47.25
N PHE A 159 -10.47 11.73 47.40
CA PHE A 159 -11.46 10.88 48.05
C PHE A 159 -11.49 11.03 49.58
N LYS A 160 -10.52 11.73 50.18
CA LYS A 160 -10.37 11.85 51.64
C LYS A 160 -11.35 12.85 52.25
N ASN A 161 -12.23 12.34 53.10
CA ASN A 161 -13.18 13.18 53.83
C ASN A 161 -13.11 12.83 55.29
N MET A 162 -12.60 13.76 56.10
CA MET A 162 -12.61 13.56 57.54
C MET A 162 -13.55 14.55 58.20
N VAL A 163 -14.69 14.05 58.63
CA VAL A 163 -15.66 14.86 59.35
C VAL A 163 -15.37 14.68 60.83
N PRO A 164 -15.04 15.79 61.52
CA PRO A 164 -14.75 15.72 62.95
C PRO A 164 -15.94 15.18 63.72
N GLN A 165 -15.69 14.41 64.78
CA GLN A 165 -16.76 13.89 65.63
C GLN A 165 -16.40 14.08 67.09
N GLN A 166 -17.32 14.68 67.85
CA GLN A 166 -17.06 15.02 69.25
C GLN A 166 -17.49 13.94 70.24
N ALA A 167 -16.59 13.62 71.17
CA ALA A 167 -16.84 12.61 72.18
C ALA A 167 -17.66 13.18 73.33
N LEU A 168 -18.62 12.41 73.82
CA LEU A 168 -19.39 12.86 74.97
C LEU A 168 -18.72 12.30 76.22
N VAL A 169 -18.09 13.19 76.98
CA VAL A 169 -17.33 12.80 78.15
C VAL A 169 -18.14 13.18 79.39
N ILE A 170 -17.66 12.77 80.57
CA ILE A 170 -18.21 13.24 81.84
C ILE A 170 -17.09 13.63 82.79
N ARG A 171 -17.03 14.92 83.10
CA ARG A 171 -16.01 15.45 84.00
C ARG A 171 -16.62 16.37 85.05
N ASN A 172 -16.30 16.11 86.31
CA ASN A 172 -16.88 16.82 87.45
C ASN A 172 -18.40 16.61 87.53
N GLY A 173 -18.85 15.48 86.99
CA GLY A 173 -20.24 15.07 87.11
C GLY A 173 -21.15 15.54 85.98
N GLU A 174 -20.74 16.59 85.30
CA GLU A 174 -21.55 17.15 84.22
C GLU A 174 -21.13 16.62 82.86
N LYS A 175 -22.06 15.96 82.18
CA LYS A 175 -21.79 15.42 80.84
C LYS A 175 -21.48 16.57 79.89
N MET A 176 -20.34 16.50 79.23
CA MET A 176 -19.92 17.57 78.35
C MET A 176 -19.49 17.00 77.01
N SER A 177 -19.99 17.57 75.93
CA SER A 177 -19.63 17.08 74.60
C SER A 177 -18.44 17.89 74.10
N ILE A 178 -17.28 17.22 74.05
CA ILE A 178 -16.02 17.90 73.82
C ILE A 178 -15.33 17.29 72.62
N ASN A 179 -14.34 17.99 72.08
CA ASN A 179 -13.54 17.47 70.97
C ASN A 179 -12.96 16.10 71.30
N ALA A 180 -13.04 15.17 70.35
CA ALA A 180 -12.55 13.81 70.59
C ALA A 180 -11.03 13.76 70.70
N GLU A 181 -10.38 14.88 70.35
CA GLU A 181 -8.94 15.03 70.51
C GLU A 181 -8.57 15.63 71.87
N GLU A 182 -9.58 16.05 72.64
CA GLU A 182 -9.35 16.54 73.99
C GLU A 182 -9.57 15.43 75.01
N VAL A 183 -9.95 14.26 74.52
CA VAL A 183 -10.19 13.09 75.37
C VAL A 183 -8.87 12.47 75.82
N VAL A 184 -8.79 12.17 77.11
CA VAL A 184 -7.55 11.70 77.71
C VAL A 184 -7.71 10.25 78.15
N VAL A 185 -6.68 9.70 78.78
CA VAL A 185 -6.78 8.37 79.35
C VAL A 185 -7.55 8.41 80.66
N GLY A 186 -8.44 7.45 80.87
CA GLY A 186 -9.06 7.26 82.17
C GLY A 186 -10.18 8.19 82.60
N ASP A 187 -10.92 8.77 81.65
CA ASP A 187 -12.07 9.59 82.02
C ASP A 187 -13.38 9.09 81.40
N LEU A 188 -14.46 9.19 82.19
CA LEU A 188 -15.77 8.65 81.82
C LEU A 188 -16.32 9.20 80.51
N VAL A 189 -16.85 8.30 79.68
CA VAL A 189 -17.37 8.67 78.37
C VAL A 189 -18.70 7.96 78.13
N GLU A 190 -19.69 8.71 77.66
CA GLU A 190 -20.99 8.12 77.32
C GLU A 190 -21.22 8.06 75.81
N VAL A 191 -21.57 6.87 75.32
CA VAL A 191 -21.83 6.67 73.91
C VAL A 191 -23.28 6.21 73.68
N LYS A 192 -23.85 6.72 72.60
CA LYS A 192 -25.24 6.47 72.24
C LYS A 192 -25.26 5.75 70.89
N GLY A 193 -26.45 5.40 70.42
CA GLY A 193 -26.59 4.82 69.10
C GLY A 193 -26.19 5.85 68.06
N GLY A 194 -25.25 5.48 67.21
CA GLY A 194 -24.78 6.37 66.16
C GLY A 194 -23.46 7.02 66.51
N ASP A 195 -23.17 7.09 67.81
CA ASP A 195 -21.90 7.65 68.27
C ASP A 195 -20.72 6.75 67.91
N ARG A 196 -19.70 7.34 67.30
CA ARG A 196 -18.47 6.61 67.01
C ARG A 196 -17.58 6.60 68.24
N ILE A 197 -17.00 5.43 68.55
CA ILE A 197 -16.23 5.27 69.79
C ILE A 197 -14.88 6.01 69.70
N PRO A 198 -14.72 7.04 70.54
CA PRO A 198 -13.63 8.02 70.53
C PRO A 198 -12.27 7.43 70.88
N ALA A 199 -12.25 6.51 71.83
CA ALA A 199 -11.00 5.94 72.31
C ALA A 199 -11.25 4.50 72.74
N ASP A 200 -10.21 3.82 73.22
CA ASP A 200 -10.44 2.45 73.70
C ASP A 200 -10.93 2.53 75.14
N LEU A 201 -12.17 2.09 75.34
CA LEU A 201 -12.87 2.25 76.60
C LEU A 201 -13.07 0.89 77.27
N ARG A 202 -12.93 0.88 78.58
CA ARG A 202 -13.32 -0.27 79.38
C ARG A 202 -14.74 0.01 79.85
N ILE A 203 -15.66 -0.88 79.53
CA ILE A 203 -17.07 -0.60 79.80
C ILE A 203 -17.40 -0.86 81.27
N ILE A 204 -17.81 0.21 81.96
CA ILE A 204 -18.36 0.12 83.32
C ILE A 204 -19.87 -0.17 83.40
N SER A 205 -20.66 0.46 82.52
CA SER A 205 -22.12 0.29 82.50
C SER A 205 -22.71 0.35 81.08
N ALA A 206 -23.77 -0.42 80.83
CA ALA A 206 -24.42 -0.43 79.52
C ALA A 206 -25.92 -0.75 79.57
N ASN A 207 -26.67 -0.14 78.65
CA ASN A 207 -28.07 -0.47 78.41
C ASN A 207 -28.34 -0.75 76.92
N GLY A 208 -28.65 -2.02 76.62
CA GLY A 208 -28.97 -2.45 75.26
C GLY A 208 -27.97 -2.05 74.19
N CYS A 209 -26.69 -2.07 74.55
CA CYS A 209 -25.64 -1.49 73.70
C CYS A 209 -24.95 -2.49 72.79
N LYS A 210 -25.16 -2.34 71.48
CA LYS A 210 -24.46 -3.12 70.48
C LYS A 210 -23.58 -2.25 69.59
N VAL A 211 -22.31 -2.63 69.49
CA VAL A 211 -21.30 -1.90 68.75
C VAL A 211 -20.85 -2.71 67.51
N ASP A 212 -20.42 -2.02 66.45
CA ASP A 212 -19.97 -2.68 65.24
C ASP A 212 -18.46 -2.87 65.24
N ASN A 213 -18.03 -4.11 65.39
CA ASN A 213 -16.61 -4.44 65.36
C ASN A 213 -16.12 -4.91 64.00
N SER A 214 -16.97 -4.79 62.99
CA SER A 214 -16.69 -5.30 61.65
C SER A 214 -15.32 -4.89 61.11
N SER A 215 -15.07 -3.58 61.05
CA SER A 215 -13.84 -3.09 60.43
C SER A 215 -12.62 -3.60 61.19
N LEU A 216 -12.62 -3.35 62.50
CA LEU A 216 -11.46 -3.66 63.34
C LEU A 216 -11.22 -5.15 63.64
N THR A 217 -12.21 -5.84 64.21
CA THR A 217 -12.04 -7.25 64.58
C THR A 217 -12.52 -8.23 63.52
N GLY A 218 -13.23 -7.74 62.51
CA GLY A 218 -13.81 -8.61 61.52
C GLY A 218 -15.05 -9.37 61.97
N GLU A 219 -15.60 -9.01 63.13
CA GLU A 219 -16.80 -9.67 63.63
C GLU A 219 -18.01 -9.09 62.91
N SER A 220 -18.71 -9.94 62.16
CA SER A 220 -19.72 -9.49 61.19
C SER A 220 -20.98 -8.94 61.84
N GLU A 221 -21.57 -9.74 62.71
CA GLU A 221 -22.75 -9.35 63.46
C GLU A 221 -22.32 -8.38 64.56
N PRO A 222 -23.24 -7.47 64.95
CA PRO A 222 -22.85 -6.52 65.99
C PRO A 222 -22.55 -7.25 67.28
N GLN A 223 -21.38 -7.00 67.84
CA GLN A 223 -21.02 -7.65 69.09
C GLN A 223 -21.54 -6.79 70.22
N THR A 224 -22.44 -7.37 71.00
CA THR A 224 -23.01 -6.67 72.12
C THR A 224 -21.93 -6.36 73.14
N ARG A 225 -22.05 -5.20 73.80
CA ARG A 225 -21.07 -4.80 74.79
C ARG A 225 -21.70 -4.70 76.17
N SER A 226 -21.08 -5.38 77.13
CA SER A 226 -21.52 -5.37 78.51
C SER A 226 -20.31 -5.21 79.42
N PRO A 227 -20.50 -4.55 80.58
CA PRO A 227 -19.43 -4.30 81.55
C PRO A 227 -18.68 -5.58 81.97
N ASP A 228 -19.36 -6.71 81.90
CA ASP A 228 -18.82 -7.98 82.36
C ASP A 228 -17.61 -8.45 81.58
N PHE A 229 -16.70 -9.10 82.30
CA PHE A 229 -15.61 -9.81 81.65
C PHE A 229 -16.17 -11.09 81.05
N THR A 230 -15.95 -11.27 79.74
CA THR A 230 -16.43 -12.46 79.06
C THR A 230 -15.28 -13.30 78.52
N ASN A 231 -14.58 -12.79 77.51
CA ASN A 231 -13.51 -13.55 76.88
C ASN A 231 -12.11 -13.12 77.33
N GLU A 232 -11.21 -14.08 77.40
CA GLU A 232 -9.81 -13.84 77.78
C GLU A 232 -9.10 -12.90 76.81
N ASN A 233 -9.47 -12.99 75.53
CA ASN A 233 -8.91 -12.14 74.50
C ASN A 233 -9.65 -10.81 74.39
N PRO A 234 -8.95 -9.71 74.73
CA PRO A 234 -9.51 -8.35 74.88
C PRO A 234 -10.32 -7.87 73.68
N LEU A 235 -10.05 -8.44 72.51
CA LEU A 235 -10.78 -8.07 71.31
C LEU A 235 -12.20 -8.62 71.37
N GLU A 236 -12.30 -9.93 71.61
CA GLU A 236 -13.60 -10.60 71.60
C GLU A 236 -14.37 -10.47 72.91
N THR A 237 -13.68 -10.04 73.98
CA THR A 237 -14.33 -9.77 75.25
C THR A 237 -15.35 -8.64 75.08
N ARG A 238 -16.37 -8.61 75.92
CA ARG A 238 -17.47 -7.67 75.72
C ARG A 238 -17.39 -6.33 76.46
N ASN A 239 -16.43 -6.20 77.38
CA ASN A 239 -16.30 -4.98 78.17
C ASN A 239 -15.35 -3.94 77.58
N ILE A 240 -14.81 -4.22 76.41
CA ILE A 240 -13.89 -3.30 75.73
C ILE A 240 -14.49 -2.70 74.46
N ALA A 241 -14.51 -1.37 74.39
CA ALA A 241 -14.94 -0.66 73.20
C ALA A 241 -13.73 -0.11 72.48
N PHE A 242 -13.80 -0.07 71.15
CA PHE A 242 -12.61 0.20 70.37
C PHE A 242 -12.63 1.54 69.64
N PHE A 243 -11.45 2.13 69.48
CA PHE A 243 -11.29 3.34 68.67
C PHE A 243 -11.69 3.04 67.22
N SER A 244 -12.56 3.89 66.66
CA SER A 244 -13.00 3.84 65.26
C SER A 244 -14.17 2.88 64.96
N THR A 245 -14.63 2.15 65.97
CA THR A 245 -15.84 1.35 65.82
C THR A 245 -17.06 2.18 66.19
N ASN A 246 -18.17 1.99 65.49
CA ASN A 246 -19.39 2.71 65.78
C ASN A 246 -20.35 1.93 66.67
N CYS A 247 -20.82 2.56 67.74
CA CYS A 247 -21.87 1.97 68.55
C CYS A 247 -23.11 2.00 67.67
N VAL A 248 -23.69 0.82 67.42
CA VAL A 248 -24.82 0.71 66.50
C VAL A 248 -26.13 1.08 67.17
N GLU A 249 -26.29 0.65 68.43
CA GLU A 249 -27.50 1.01 69.18
C GLU A 249 -27.31 0.92 70.69
N GLY A 250 -28.21 1.54 71.43
CA GLY A 250 -28.18 1.50 72.88
C GLY A 250 -27.25 2.55 73.48
N THR A 251 -27.08 2.51 74.79
CA THR A 251 -26.18 3.47 75.44
C THR A 251 -25.18 2.76 76.33
N ALA A 252 -24.03 3.40 76.55
CA ALA A 252 -23.03 2.81 77.43
C ALA A 252 -22.12 3.89 77.99
N ARG A 253 -21.41 3.53 79.05
CA ARG A 253 -20.40 4.42 79.61
C ARG A 253 -19.12 3.65 79.83
N GLY A 254 -17.98 4.31 79.70
CA GLY A 254 -16.72 3.65 79.95
C GLY A 254 -15.58 4.58 80.29
N ILE A 255 -14.59 4.03 81.00
CA ILE A 255 -13.35 4.75 81.31
C ILE A 255 -12.36 4.53 80.16
N VAL A 256 -11.70 5.59 79.71
CA VAL A 256 -10.83 5.46 78.54
C VAL A 256 -9.53 4.78 78.96
N VAL A 257 -9.32 3.59 78.44
CA VAL A 257 -8.08 2.85 78.71
C VAL A 257 -6.98 3.33 77.78
N TYR A 258 -7.31 3.52 76.50
CA TYR A 258 -6.30 3.89 75.52
C TYR A 258 -6.67 5.12 74.68
N THR A 259 -5.71 6.02 74.53
CA THR A 259 -5.87 7.27 73.80
C THR A 259 -4.90 7.35 72.64
N GLY A 260 -5.29 8.03 71.57
CA GLY A 260 -4.42 8.28 70.43
C GLY A 260 -3.86 7.03 69.76
N ASP A 261 -2.56 7.04 69.52
CA ASP A 261 -1.87 5.89 68.91
C ASP A 261 -1.79 4.68 69.85
N ARG A 262 -1.97 4.93 71.14
CA ARG A 262 -1.93 3.86 72.14
C ARG A 262 -3.07 2.88 71.91
N THR A 263 -4.02 3.27 71.05
CA THR A 263 -5.20 2.47 70.79
C THR A 263 -4.87 1.24 69.93
N VAL A 264 -5.87 0.38 69.70
CA VAL A 264 -5.70 -0.84 68.92
C VAL A 264 -5.53 -0.55 67.44
N MET A 265 -6.46 0.22 66.89
CA MET A 265 -6.40 0.59 65.49
C MET A 265 -5.18 1.50 65.24
N GLY A 266 -4.65 2.09 66.32
CA GLY A 266 -3.48 2.93 66.24
C GLY A 266 -2.19 2.13 66.14
N ARG A 267 -2.13 1.03 66.87
CA ARG A 267 -1.01 0.10 66.82
C ARG A 267 -1.04 -0.65 65.50
N ILE A 268 -2.25 -0.94 65.03
CA ILE A 268 -2.45 -1.54 63.71
C ILE A 268 -1.96 -0.62 62.59
N ALA A 269 -2.40 0.63 62.63
CA ALA A 269 -2.02 1.62 61.62
C ALA A 269 -0.52 1.91 61.63
N THR A 270 0.04 2.06 62.82
CA THR A 270 1.48 2.31 62.96
C THR A 270 2.31 1.10 62.54
N LEU A 271 1.76 -0.11 62.72
CA LEU A 271 2.41 -1.32 62.21
C LEU A 271 2.38 -1.32 60.68
N ALA A 272 1.25 -0.86 60.14
CA ALA A 272 1.07 -0.73 58.70
C ALA A 272 2.13 0.19 58.08
N SER A 273 2.22 1.41 58.62
CA SER A 273 3.17 2.40 58.09
C SER A 273 4.62 1.92 58.21
N GLY A 274 4.87 1.00 59.13
CA GLY A 274 6.22 0.54 59.39
C GLY A 274 6.66 -0.63 58.55
N LEU A 275 5.87 -1.01 57.56
CA LEU A 275 6.20 -2.19 56.76
C LEU A 275 6.80 -1.88 55.37
N GLU A 276 7.15 -2.93 54.64
CA GLU A 276 7.75 -2.81 53.31
C GLU A 276 6.94 -3.60 52.27
N GLY A 277 6.90 -3.11 51.03
CA GLY A 277 6.12 -3.73 49.99
C GLY A 277 6.86 -4.73 49.10
N GLY A 278 8.03 -5.16 49.56
CA GLY A 278 8.86 -6.12 48.83
C GLY A 278 9.34 -5.54 47.51
N GLN A 279 9.89 -6.40 46.64
CA GLN A 279 10.12 -6.01 45.26
C GLN A 279 9.01 -6.54 44.36
N THR A 280 8.41 -5.63 43.60
CA THR A 280 7.40 -6.03 42.63
C THR A 280 8.07 -6.96 41.62
N PRO A 281 7.38 -8.04 41.21
CA PRO A 281 7.90 -9.05 40.28
C PRO A 281 8.40 -8.46 38.96
N ILE A 282 7.76 -7.38 38.50
CA ILE A 282 8.16 -6.72 37.27
C ILE A 282 9.48 -5.96 37.46
N ALA A 283 9.70 -5.45 38.67
CA ALA A 283 10.97 -4.83 39.00
C ALA A 283 12.07 -5.88 38.88
N ALA A 284 11.75 -7.10 39.33
CA ALA A 284 12.69 -8.22 39.29
C ALA A 284 12.95 -8.70 37.86
N GLU A 285 11.91 -8.75 37.04
CA GLU A 285 12.07 -9.14 35.65
C GLU A 285 12.91 -8.12 34.87
N ILE A 286 12.59 -6.83 35.04
CA ILE A 286 13.37 -5.75 34.43
C ILE A 286 14.82 -5.80 34.90
N GLU A 287 15.04 -6.13 36.16
CA GLU A 287 16.40 -6.29 36.66
C GLU A 287 17.14 -7.43 35.98
N HIS A 288 16.47 -8.58 35.88
CA HIS A 288 17.01 -9.77 35.21
C HIS A 288 17.42 -9.40 33.80
N PHE A 289 16.45 -8.91 33.04
CA PHE A 289 16.66 -8.41 31.69
C PHE A 289 17.86 -7.46 31.62
N ILE A 290 17.99 -6.62 32.65
CA ILE A 290 19.03 -5.60 32.69
C ILE A 290 20.40 -6.23 32.84
N HIS A 291 20.48 -7.30 33.62
CA HIS A 291 21.71 -8.05 33.75
C HIS A 291 22.01 -8.83 32.47
N ILE A 292 20.95 -9.15 31.72
CA ILE A 292 21.11 -9.72 30.39
C ILE A 292 21.75 -8.72 29.41
N ILE A 293 21.14 -7.54 29.28
CA ILE A 293 21.62 -6.51 28.37
C ILE A 293 23.02 -5.99 28.72
N THR A 294 23.26 -5.71 29.99
CA THR A 294 24.60 -5.34 30.42
C THR A 294 25.54 -6.50 30.14
N GLY A 295 25.11 -7.73 30.46
CA GLY A 295 25.91 -8.91 30.22
C GLY A 295 26.43 -8.98 28.79
N VAL A 296 25.51 -8.89 27.84
CA VAL A 296 25.88 -8.93 26.43
C VAL A 296 26.67 -7.69 25.98
N ALA A 297 26.36 -6.53 26.57
CA ALA A 297 26.98 -5.26 26.18
C ALA A 297 28.44 -5.22 26.54
N VAL A 298 28.75 -5.57 27.79
CA VAL A 298 30.12 -5.59 28.28
C VAL A 298 30.87 -6.79 27.73
N PHE A 299 30.16 -7.88 27.45
CA PHE A 299 30.80 -9.00 26.77
C PHE A 299 31.35 -8.54 25.41
N LEU A 300 30.47 -7.96 24.59
CA LEU A 300 30.86 -7.50 23.26
C LEU A 300 31.90 -6.40 23.30
N GLY A 301 31.71 -5.45 24.22
CA GLY A 301 32.63 -4.34 24.35
C GLY A 301 34.02 -4.74 24.80
N VAL A 302 34.10 -5.70 25.71
CA VAL A 302 35.38 -6.23 26.16
C VAL A 302 36.06 -7.05 25.09
N SER A 303 35.34 -8.05 24.56
CA SER A 303 35.90 -8.90 23.51
C SER A 303 36.41 -8.06 22.34
N PHE A 304 35.68 -6.99 22.03
CA PHE A 304 36.06 -6.09 20.96
C PHE A 304 37.13 -5.08 21.38
N PHE A 305 37.26 -4.87 22.68
CA PHE A 305 38.33 -4.01 23.16
C PHE A 305 39.62 -4.74 22.91
N ILE A 306 39.62 -6.01 23.31
CA ILE A 306 40.76 -6.90 23.10
C ILE A 306 41.07 -7.05 21.61
N LEU A 307 40.05 -7.37 20.83
CA LEU A 307 40.23 -7.57 19.40
C LEU A 307 40.75 -6.32 18.70
N SER A 308 40.17 -5.16 19.03
CA SER A 308 40.60 -3.91 18.40
C SER A 308 42.03 -3.61 18.77
N LEU A 309 42.38 -3.87 20.02
CA LEU A 309 43.78 -3.74 20.44
C LEU A 309 44.63 -4.67 19.60
N ILE A 310 44.16 -5.91 19.44
CA ILE A 310 44.89 -6.95 18.73
C ILE A 310 45.40 -6.55 17.34
N LEU A 311 44.64 -5.73 16.62
CA LEU A 311 45.03 -5.39 15.27
C LEU A 311 46.03 -4.24 15.23
N GLU A 312 45.52 -3.04 15.47
CA GLU A 312 46.31 -1.82 15.36
C GLU A 312 46.09 -0.90 16.56
N TYR A 313 44.84 -0.50 16.70
CA TYR A 313 44.38 0.63 17.50
C TYR A 313 44.88 0.73 18.93
N THR A 314 45.23 1.95 19.33
CA THR A 314 45.78 2.24 20.65
C THR A 314 44.76 2.17 21.78
N TRP A 315 45.25 2.11 23.01
CA TRP A 315 44.43 2.03 24.21
C TRP A 315 43.33 3.11 24.24
N LEU A 316 43.67 4.29 23.74
CA LEU A 316 42.72 5.40 23.57
C LEU A 316 41.54 5.01 22.69
N GLU A 317 41.82 4.81 21.41
CA GLU A 317 40.80 4.46 20.42
C GLU A 317 40.08 3.16 20.77
N ALA A 318 40.82 2.18 21.28
CA ALA A 318 40.23 0.92 21.71
C ALA A 318 39.21 1.14 22.84
N VAL A 319 39.55 1.99 23.80
CA VAL A 319 38.63 2.39 24.86
C VAL A 319 37.37 3.04 24.28
N ILE A 320 37.56 3.95 23.34
CA ILE A 320 36.44 4.58 22.61
C ILE A 320 35.53 3.53 21.96
N PHE A 321 36.15 2.48 21.43
CA PHE A 321 35.40 1.40 20.80
C PHE A 321 34.59 0.64 21.83
N LEU A 322 35.23 0.28 22.93
CA LEU A 322 34.59 -0.40 24.05
C LEU A 322 33.34 0.36 24.49
N ILE A 323 33.53 1.65 24.74
CA ILE A 323 32.44 2.51 25.18
C ILE A 323 31.33 2.59 24.14
N GLY A 324 31.73 2.83 22.89
CA GLY A 324 30.80 2.90 21.78
C GLY A 324 29.91 1.68 21.70
N ILE A 325 30.51 0.49 21.77
CA ILE A 325 29.76 -0.77 21.65
C ILE A 325 28.85 -1.05 22.83
N ILE A 326 29.44 -0.96 24.03
CA ILE A 326 28.68 -1.13 25.26
C ILE A 326 27.43 -0.26 25.27
N VAL A 327 27.61 1.01 24.87
CA VAL A 327 26.54 2.00 24.89
C VAL A 327 25.55 1.82 23.74
N ALA A 328 26.05 1.37 22.60
CA ALA A 328 25.21 1.08 21.44
C ALA A 328 24.30 -0.06 21.80
N ASN A 329 24.76 -0.89 22.73
CA ASN A 329 24.00 -2.06 23.15
C ASN A 329 22.85 -1.79 24.12
N VAL A 330 22.73 -0.53 24.52
CA VAL A 330 21.66 -0.14 25.43
C VAL A 330 20.54 0.61 24.70
N PRO A 331 19.30 0.10 24.81
CA PRO A 331 18.09 0.56 24.12
C PRO A 331 17.38 1.72 24.81
N GLU A 332 17.80 2.94 24.49
CA GLU A 332 17.21 4.16 25.04
C GLU A 332 15.69 4.17 24.93
N GLY A 333 15.16 3.59 23.85
CA GLY A 333 13.73 3.66 23.58
C GLY A 333 12.85 2.75 24.41
N LEU A 334 13.43 1.62 24.83
CA LEU A 334 12.70 0.58 25.55
C LEU A 334 12.17 1.08 26.90
N LEU A 335 12.90 2.01 27.52
CA LEU A 335 12.48 2.60 28.79
C LEU A 335 11.20 3.42 28.60
N ALA A 336 11.24 4.34 27.64
CA ALA A 336 10.09 5.18 27.30
C ALA A 336 8.88 4.32 26.93
N THR A 337 9.07 3.45 25.95
CA THR A 337 8.01 2.56 25.49
C THR A 337 7.40 1.66 26.58
N VAL A 338 8.24 1.15 27.49
CA VAL A 338 7.76 0.28 28.57
C VAL A 338 6.93 1.07 29.58
N THR A 339 7.44 2.25 29.95
CA THR A 339 6.71 3.14 30.84
C THR A 339 5.35 3.39 30.25
N VAL A 340 5.32 3.65 28.94
CA VAL A 340 4.06 3.92 28.27
C VAL A 340 3.14 2.71 28.14
N CYS A 341 3.69 1.52 27.91
CA CYS A 341 2.85 0.32 27.89
C CYS A 341 2.13 0.16 29.22
N LEU A 342 2.91 0.12 30.29
CA LEU A 342 2.37 -0.02 31.62
C LEU A 342 1.31 1.06 31.86
N THR A 343 1.64 2.27 31.43
CA THR A 343 0.75 3.42 31.60
C THR A 343 -0.57 3.26 30.83
N LEU A 344 -0.52 2.65 29.65
CA LEU A 344 -1.72 2.35 28.88
C LEU A 344 -2.62 1.35 29.60
N THR A 345 -2.03 0.23 30.02
CA THR A 345 -2.78 -0.77 30.77
C THR A 345 -3.44 -0.12 31.98
N ALA A 346 -2.70 0.74 32.68
CA ALA A 346 -3.28 1.52 33.78
C ALA A 346 -4.33 2.55 33.33
N LYS A 347 -4.34 2.92 32.05
CA LYS A 347 -5.42 3.74 31.52
C LYS A 347 -6.69 2.89 31.44
N ARG A 348 -6.57 1.61 31.04
CA ARG A 348 -7.72 0.70 31.06
C ARG A 348 -8.23 0.39 32.47
N MET A 349 -7.30 0.11 33.38
CA MET A 349 -7.63 -0.06 34.80
C MET A 349 -8.39 1.16 35.33
N ALA A 350 -7.81 2.34 35.14
CA ALA A 350 -8.46 3.58 35.56
C ALA A 350 -9.83 3.81 34.90
N ARG A 351 -10.03 3.27 33.70
CA ARG A 351 -11.32 3.35 33.04
C ARG A 351 -12.34 2.43 33.71
N LYS A 352 -11.86 1.30 34.21
CA LYS A 352 -12.73 0.28 34.79
C LYS A 352 -12.99 0.45 36.29
N ASN A 353 -12.57 1.60 36.82
CA ASN A 353 -12.66 1.93 38.24
C ASN A 353 -11.77 1.09 39.13
N CYS A 354 -10.65 0.64 38.57
CA CYS A 354 -9.59 0.05 39.36
C CYS A 354 -8.33 0.92 39.31
N LEU A 355 -8.03 1.55 40.43
CA LEU A 355 -6.94 2.51 40.48
C LEU A 355 -5.68 1.88 41.03
N VAL A 356 -4.58 1.99 40.30
CA VAL A 356 -3.32 1.53 40.83
C VAL A 356 -2.52 2.73 41.33
N LYS A 357 -2.14 2.71 42.60
CA LYS A 357 -1.32 3.77 43.18
C LYS A 357 0.08 3.71 42.57
N ASN A 358 0.45 2.52 42.11
CA ASN A 358 1.80 2.24 41.60
C ASN A 358 1.78 1.67 40.17
N LEU A 359 2.70 2.15 39.34
CA LEU A 359 2.68 1.90 37.90
C LEU A 359 3.26 0.53 37.53
N GLU A 360 4.03 -0.04 38.44
CA GLU A 360 4.61 -1.36 38.23
C GLU A 360 3.70 -2.40 38.85
N ALA A 361 2.63 -1.92 39.48
CA ALA A 361 1.68 -2.80 40.15
C ALA A 361 0.53 -3.25 39.24
N VAL A 362 0.59 -2.89 37.96
CA VAL A 362 -0.42 -3.33 37.00
C VAL A 362 -0.24 -4.80 36.64
N GLU A 363 1.00 -5.26 36.70
CA GLU A 363 1.35 -6.64 36.36
C GLU A 363 1.08 -7.64 37.46
N THR A 364 1.43 -7.30 38.69
CA THR A 364 1.60 -8.27 39.78
C THR A 364 0.48 -9.31 39.86
N LEU A 365 -0.76 -8.87 39.63
CA LEU A 365 -1.93 -9.74 39.66
C LEU A 365 -1.78 -10.99 38.78
N GLY A 366 -1.24 -10.81 37.58
CA GLY A 366 -1.05 -11.89 36.64
C GLY A 366 -0.13 -12.98 37.16
N SER A 367 0.85 -12.59 37.98
CA SER A 367 1.83 -13.53 38.51
C SER A 367 1.47 -14.08 39.90
N THR A 368 0.31 -13.68 40.41
CA THR A 368 -0.13 -14.07 41.75
C THR A 368 -0.59 -15.52 41.75
N SER A 369 0.08 -16.35 42.57
CA SER A 369 -0.31 -17.75 42.73
C SER A 369 -1.21 -17.98 43.94
N THR A 370 -1.32 -16.96 44.79
CA THR A 370 -2.17 -17.10 45.96
C THR A 370 -2.81 -15.79 46.38
N ILE A 371 -4.10 -15.84 46.67
CA ILE A 371 -4.80 -14.67 47.17
C ILE A 371 -5.34 -14.92 48.56
N CYS A 372 -4.88 -14.12 49.50
CA CYS A 372 -5.44 -14.13 50.83
C CYS A 372 -6.53 -13.06 50.87
N SER A 373 -7.74 -13.48 51.25
CA SER A 373 -8.90 -12.60 51.20
C SER A 373 -9.53 -12.41 52.56
N LYS A 375 -12.79 -11.60 54.81
CA LYS A 375 -14.16 -12.02 54.55
C LYS A 375 -15.16 -10.87 54.59
N THR A 376 -15.47 -10.39 55.79
CA THR A 376 -16.53 -9.39 55.97
C THR A 376 -16.18 -8.05 55.35
N GLY A 377 -17.09 -7.49 54.55
CA GLY A 377 -16.86 -6.21 53.92
C GLY A 377 -15.90 -6.28 52.76
N THR A 378 -15.48 -7.49 52.41
CA THR A 378 -14.61 -7.74 51.26
C THR A 378 -15.29 -8.70 50.29
N LEU A 379 -15.33 -9.97 50.67
CA LEU A 379 -16.09 -10.96 49.93
C LEU A 379 -17.58 -10.68 50.11
N THR A 380 -17.95 -10.36 51.35
CA THR A 380 -19.34 -10.21 51.76
C THR A 380 -19.75 -8.75 51.78
N GLN A 381 -21.01 -8.47 51.47
CA GLN A 381 -21.56 -7.12 51.55
C GLN A 381 -21.40 -6.53 52.95
N ASN A 382 -21.16 -7.40 53.93
CA ASN A 382 -21.04 -7.00 55.34
C ASN A 382 -22.38 -6.54 55.88
N ARG A 383 -23.40 -6.63 55.03
CA ARG A 383 -24.74 -6.18 55.36
C ARG A 383 -25.60 -7.38 55.69
N MET A 384 -25.97 -7.49 56.97
CA MET A 384 -26.79 -8.58 57.46
C MET A 384 -28.15 -8.58 56.77
N THR A 385 -28.54 -9.73 56.22
CA THR A 385 -29.87 -9.87 55.62
C THR A 385 -30.53 -11.21 55.98
N VAL A 386 -31.87 -11.21 55.97
CA VAL A 386 -32.65 -12.39 56.31
C VAL A 386 -32.51 -13.45 55.23
N ALA A 387 -32.08 -14.64 55.63
CA ALA A 387 -31.86 -15.71 54.67
C ALA A 387 -33.07 -16.63 54.61
N HIS A 388 -33.30 -17.38 55.69
CA HIS A 388 -34.39 -18.33 55.74
C HIS A 388 -35.30 -18.07 56.94
N MET A 389 -36.47 -18.67 56.90
CA MET A 389 -37.43 -18.57 57.99
C MET A 389 -38.08 -19.92 58.22
N TRP A 390 -38.61 -20.10 59.41
CA TRP A 390 -39.31 -21.34 59.75
C TRP A 390 -40.73 -20.97 60.13
N SER A 391 -41.69 -21.34 59.29
CA SER A 391 -43.10 -21.07 59.57
C SER A 391 -43.94 -22.26 59.18
N ASP A 392 -44.79 -22.72 60.10
CA ASP A 392 -45.63 -23.90 59.87
C ASP A 392 -44.80 -25.13 59.50
N ASN A 393 -43.79 -25.43 60.33
CA ASN A 393 -42.92 -26.60 60.21
C ASN A 393 -41.97 -26.58 59.01
N GLN A 394 -42.26 -25.73 58.04
CA GLN A 394 -41.51 -25.71 56.80
C GLN A 394 -40.52 -24.56 56.80
N ILE A 395 -39.33 -24.81 56.29
CA ILE A 395 -38.34 -23.77 56.21
C ILE A 395 -38.41 -23.14 54.82
N HIS A 396 -38.77 -21.87 54.78
CA HIS A 396 -38.91 -21.14 53.51
C HIS A 396 -37.75 -20.19 53.35
N GLU A 397 -37.28 -20.05 52.12
CA GLU A 397 -36.19 -19.14 51.84
C GLU A 397 -36.72 -17.81 51.33
N ALA A 398 -36.16 -16.72 51.85
CA ALA A 398 -36.47 -15.40 51.35
C ALA A 398 -35.64 -15.17 50.09
N ASP A 399 -35.83 -14.04 49.44
CA ASP A 399 -34.94 -13.68 48.34
C ASP A 399 -33.83 -12.77 48.89
N THR A 400 -32.60 -13.31 48.91
CA THR A 400 -31.48 -12.63 49.54
C THR A 400 -30.67 -11.80 48.55
N THR A 401 -31.12 -11.76 47.30
CA THR A 401 -30.45 -10.99 46.25
C THR A 401 -30.66 -9.47 46.39
N GLU A 402 -29.72 -8.68 45.87
CA GLU A 402 -29.72 -7.22 46.05
C GLU A 402 -30.76 -6.50 45.18
N ASN A 403 -30.93 -6.96 43.95
CA ASN A 403 -31.89 -6.35 43.03
C ASN A 403 -33.26 -7.04 43.00
N GLN A 404 -33.43 -8.04 43.86
CA GLN A 404 -34.68 -8.81 43.99
C GLN A 404 -35.08 -9.56 42.72
N SER A 405 -34.13 -10.24 42.09
CA SER A 405 -34.38 -11.05 40.90
C SER A 405 -34.66 -12.51 41.26
N GLY A 406 -34.68 -12.80 42.55
CA GLY A 406 -34.89 -14.16 43.03
C GLY A 406 -36.35 -14.53 43.22
N VAL A 407 -36.59 -15.45 44.14
CA VAL A 407 -37.94 -15.97 44.35
C VAL A 407 -38.48 -15.63 45.75
N SER A 408 -39.73 -15.18 45.78
CA SER A 408 -40.47 -14.99 47.01
C SER A 408 -41.43 -16.17 47.17
N PHE A 409 -41.42 -16.79 48.34
CA PHE A 409 -42.28 -17.94 48.59
C PHE A 409 -43.70 -17.45 48.91
N ASP A 410 -44.53 -18.34 49.44
CA ASP A 410 -45.92 -18.04 49.72
C ASP A 410 -46.05 -17.18 50.98
N LYS A 411 -46.58 -15.97 50.81
CA LYS A 411 -46.84 -15.04 51.90
C LYS A 411 -48.31 -15.05 52.34
N THR A 412 -49.10 -15.90 51.69
CA THR A 412 -50.53 -15.94 51.93
C THR A 412 -50.90 -16.56 53.29
N SER A 413 -50.04 -17.42 53.82
CA SER A 413 -50.31 -18.10 55.09
C SER A 413 -50.42 -17.11 56.25
N ALA A 414 -51.30 -17.42 57.20
CA ALA A 414 -51.55 -16.53 58.34
C ALA A 414 -50.40 -16.51 59.36
N THR A 415 -49.68 -17.62 59.46
CA THR A 415 -48.55 -17.73 60.38
C THR A 415 -47.45 -16.74 60.03
N TRP A 416 -47.13 -16.65 58.75
CA TRP A 416 -46.16 -15.68 58.28
C TRP A 416 -46.63 -14.25 58.57
N LEU A 417 -47.94 -14.03 58.56
CA LEU A 417 -48.50 -12.71 58.88
C LEU A 417 -48.26 -12.37 60.34
N ALA A 418 -48.64 -13.30 61.22
CA ALA A 418 -48.41 -13.12 62.66
C ALA A 418 -46.93 -12.89 62.95
N LEU A 419 -46.08 -13.71 62.35
CA LEU A 419 -44.63 -13.61 62.50
C LEU A 419 -44.11 -12.23 62.06
N SER A 420 -44.48 -11.79 60.87
CA SER A 420 -44.03 -10.49 60.37
C SER A 420 -44.50 -9.35 61.28
N ARG A 421 -45.70 -9.50 61.83
CA ARG A 421 -46.19 -8.55 62.83
C ARG A 421 -45.27 -8.49 64.05
N ILE A 422 -44.96 -9.66 64.61
CA ILE A 422 -44.09 -9.76 65.79
C ILE A 422 -42.66 -9.23 65.57
N ALA A 423 -42.12 -9.50 64.38
CA ALA A 423 -40.77 -9.05 64.01
C ALA A 423 -40.70 -7.54 63.82
N GLY A 424 -41.73 -6.97 63.19
CA GLY A 424 -41.77 -5.54 63.01
C GLY A 424 -42.02 -4.78 64.29
N LEU A 425 -42.97 -5.28 65.08
CA LEU A 425 -43.36 -4.65 66.35
C LEU A 425 -42.26 -4.62 67.41
N CYS A 426 -41.34 -5.59 67.41
CA CYS A 426 -40.26 -5.45 68.36
C CYS A 426 -38.96 -5.06 67.65
N ASN A 427 -38.88 -3.79 67.27
CA ASN A 427 -37.71 -3.23 66.56
C ASN A 427 -37.43 -1.82 67.04
N ARG A 428 -36.20 -1.60 67.46
CA ARG A 428 -35.76 -0.27 67.82
C ARG A 428 -35.13 0.40 66.60
N ALA A 429 -35.13 -0.32 65.48
CA ALA A 429 -34.64 0.23 64.22
C ALA A 429 -35.77 0.90 63.47
N VAL A 430 -35.47 2.08 62.93
CA VAL A 430 -36.45 2.83 62.14
C VAL A 430 -35.76 3.32 60.88
N PHE A 431 -36.54 3.62 59.84
CA PHE A 431 -35.98 4.24 58.65
C PHE A 431 -35.71 5.69 58.97
N GLN A 432 -34.51 6.15 58.62
CA GLN A 432 -34.13 7.52 58.89
C GLN A 432 -34.85 8.48 57.93
N ALA A 433 -34.56 9.77 58.08
CA ALA A 433 -35.35 10.81 57.40
C ALA A 433 -35.23 10.83 55.87
N ASN A 434 -34.06 10.49 55.35
CA ASN A 434 -33.77 10.67 53.92
C ASN A 434 -33.98 9.48 52.99
N GLN A 435 -34.47 8.35 53.49
CA GLN A 435 -34.69 7.21 52.60
C GLN A 435 -36.17 7.01 52.25
N GLU A 436 -36.51 7.38 51.02
CA GLU A 436 -37.79 7.08 50.40
C GLU A 436 -37.51 6.56 49.00
N ASN A 437 -36.96 7.44 48.17
CA ASN A 437 -36.59 7.09 46.79
C ASN A 437 -35.70 5.85 46.71
N LEU A 438 -34.80 5.72 47.68
CA LEU A 438 -33.84 4.62 47.70
C LEU A 438 -34.54 3.26 47.76
N PRO A 439 -33.92 2.24 47.14
CA PRO A 439 -34.39 0.85 47.24
C PRO A 439 -34.47 0.38 48.70
N ILE A 440 -35.44 -0.46 49.02
CA ILE A 440 -35.67 -0.90 50.39
C ILE A 440 -34.45 -1.54 51.04
N LEU A 441 -33.63 -2.20 50.21
CA LEU A 441 -32.41 -2.84 50.67
C LEU A 441 -31.27 -1.84 50.87
N LYS A 442 -30.86 -1.20 49.77
CA LYS A 442 -29.73 -0.28 49.80
C LYS A 442 -29.94 1.00 50.62
N ARG A 443 -31.15 1.25 51.11
CA ARG A 443 -31.43 2.44 51.92
C ARG A 443 -30.96 2.29 53.37
N ALA A 444 -30.63 3.41 54.02
CA ALA A 444 -30.05 3.42 55.37
C ALA A 444 -31.06 3.37 56.53
N VAL A 445 -30.66 2.73 57.63
CA VAL A 445 -31.52 2.54 58.79
C VAL A 445 -30.78 2.84 60.11
N ALA A 446 -31.45 3.55 61.02
CA ALA A 446 -30.89 3.80 62.36
C ALA A 446 -31.34 2.71 63.33
N GLY A 447 -30.38 1.94 63.83
CA GLY A 447 -30.67 0.84 64.74
C GLY A 447 -29.66 -0.29 64.62
N ASP A 448 -30.04 -1.46 65.11
CA ASP A 448 -29.17 -2.63 65.11
C ASP A 448 -29.01 -3.17 63.69
N ALA A 449 -28.18 -4.20 63.52
CA ALA A 449 -28.02 -4.86 62.22
C ALA A 449 -29.13 -5.88 61.97
N SER A 450 -29.44 -6.67 63.01
CA SER A 450 -30.50 -7.64 62.94
C SER A 450 -31.82 -6.91 62.77
N GLU A 451 -32.00 -5.85 63.56
CA GLU A 451 -33.22 -5.04 63.49
C GLU A 451 -33.36 -4.28 62.17
N SER A 452 -32.23 -3.96 61.54
CA SER A 452 -32.23 -3.35 60.19
C SER A 452 -32.65 -4.36 59.13
N ALA A 453 -32.10 -5.57 59.22
CA ALA A 453 -32.44 -6.66 58.30
C ALA A 453 -33.91 -7.04 58.40
N LEU A 454 -34.41 -7.08 59.64
CA LEU A 454 -35.81 -7.37 59.91
C LEU A 454 -36.71 -6.26 59.39
N LEU A 455 -36.39 -5.01 59.76
CA LEU A 455 -37.15 -3.85 59.30
C LEU A 455 -37.27 -3.80 57.78
N LYS A 456 -36.15 -4.00 57.08
CA LYS A 456 -36.13 -3.99 55.62
C LYS A 456 -36.88 -5.19 55.03
N CYS A 457 -36.74 -6.36 55.64
CA CYS A 457 -37.48 -7.56 55.23
C CYS A 457 -38.98 -7.32 55.25
N ILE A 458 -39.47 -6.72 56.34
CA ILE A 458 -40.90 -6.49 56.49
C ILE A 458 -41.41 -5.31 55.65
N GLU A 459 -40.62 -4.25 55.53
CA GLU A 459 -40.96 -3.13 54.66
C GLU A 459 -41.02 -3.59 53.20
N LEU A 460 -40.24 -4.62 52.90
CA LEU A 460 -40.21 -5.24 51.57
C LEU A 460 -41.43 -6.16 51.33
N CYS A 461 -41.48 -7.27 52.07
CA CYS A 461 -42.43 -8.37 51.81
C CYS A 461 -43.87 -8.18 52.35
N CYS A 462 -44.02 -7.62 53.54
CA CYS A 462 -45.35 -7.50 54.14
C CYS A 462 -46.03 -6.12 53.97
N GLY A 463 -45.36 -5.19 53.31
CA GLY A 463 -45.85 -3.81 53.22
C GLY A 463 -45.12 -2.94 54.23
N SER A 464 -45.48 -1.67 54.30
CA SER A 464 -44.77 -0.71 55.14
C SER A 464 -44.89 -1.02 56.63
N VAL A 465 -43.75 -0.95 57.32
CA VAL A 465 -43.65 -1.27 58.74
C VAL A 465 -44.20 -0.15 59.62
N LYS A 466 -44.08 1.09 59.14
CA LYS A 466 -44.49 2.28 59.87
C LYS A 466 -45.96 2.21 60.32
N GLU A 467 -46.85 1.97 59.34
CA GLU A 467 -48.29 1.80 59.61
C GLU A 467 -48.57 0.76 60.68
N MET A 468 -48.02 -0.43 60.50
CA MET A 468 -48.22 -1.53 61.43
C MET A 468 -47.51 -1.26 62.75
N ARG A 469 -46.44 -0.46 62.75
CA ARG A 469 -45.73 -0.17 63.98
C ARG A 469 -46.52 0.80 64.86
N GLU A 470 -47.23 1.73 64.23
CA GLU A 470 -48.06 2.69 64.97
C GLU A 470 -49.51 2.22 65.17
N ARG A 471 -49.89 1.14 64.47
CA ARG A 471 -51.23 0.55 64.57
C ARG A 471 -51.38 -0.09 65.93
N TYR A 472 -50.24 -0.54 66.47
CA TYR A 472 -50.17 -1.14 67.78
C TYR A 472 -49.33 -0.19 68.62
N THR A 473 -49.95 0.54 69.55
CA THR A 473 -49.24 1.57 70.30
C THR A 473 -48.42 0.98 71.45
N LYS A 474 -47.11 1.22 71.40
CA LYS A 474 -46.18 0.62 72.36
C LYS A 474 -46.35 1.24 73.74
N ILE A 475 -46.58 0.36 74.73
CA ILE A 475 -46.94 0.79 76.08
C ILE A 475 -45.71 0.87 76.99
N VAL A 476 -45.10 -0.29 77.23
CA VAL A 476 -43.77 -0.35 77.83
C VAL A 476 -42.98 -1.41 77.05
N GLU A 477 -41.70 -1.17 76.84
CA GLU A 477 -40.84 -2.15 76.19
C GLU A 477 -39.63 -2.47 77.06
N ILE A 478 -39.15 -3.71 76.94
CA ILE A 478 -37.90 -4.10 77.56
C ILE A 478 -36.84 -4.24 76.46
N PRO A 479 -35.89 -3.30 76.43
CA PRO A 479 -34.70 -3.39 75.57
C PRO A 479 -33.98 -4.70 75.89
N PHE A 480 -33.34 -5.32 74.89
CA PHE A 480 -32.74 -6.63 75.11
C PHE A 480 -31.76 -6.60 76.28
N ASN A 481 -31.97 -7.51 77.22
CA ASN A 481 -30.98 -7.75 78.25
C ASN A 481 -29.77 -8.35 77.54
N SER A 482 -28.56 -8.07 78.03
CA SER A 482 -27.38 -8.72 77.47
C SER A 482 -27.37 -10.20 77.90
N THR A 483 -28.07 -10.46 79.01
CA THR A 483 -28.27 -11.81 79.53
C THR A 483 -29.67 -12.33 79.15
N ASN A 484 -29.72 -13.55 78.62
CA ASN A 484 -30.94 -14.20 78.09
C ASN A 484 -31.39 -13.62 76.74
N LYS A 485 -30.85 -12.44 76.43
CA LYS A 485 -31.13 -11.70 75.19
C LYS A 485 -32.60 -11.69 74.78
N TYR A 486 -33.49 -11.56 75.77
CA TYR A 486 -34.92 -11.49 75.47
C TYR A 486 -35.39 -10.02 75.45
N GLN A 487 -36.05 -9.66 74.35
CA GLN A 487 -36.43 -8.29 74.09
C GLN A 487 -37.91 -8.29 73.72
N LEU A 488 -38.72 -7.61 74.53
CA LEU A 488 -40.17 -7.69 74.40
C LEU A 488 -40.89 -6.35 74.54
N SER A 489 -42.08 -6.27 73.97
CA SER A 489 -42.91 -5.07 74.09
C SER A 489 -44.39 -5.43 74.06
N ILE A 490 -45.22 -4.59 74.67
CA ILE A 490 -46.65 -4.83 74.69
C ILE A 490 -47.46 -3.68 74.08
N HIS A 491 -48.38 -4.05 73.21
CA HIS A 491 -49.18 -3.10 72.47
C HIS A 491 -50.66 -3.44 72.59
N LYS A 492 -51.50 -2.49 72.20
CA LYS A 492 -52.95 -2.69 72.15
C LYS A 492 -53.36 -3.49 70.89
N ASN A 493 -54.65 -3.69 70.69
CA ASN A 493 -55.13 -4.49 69.55
C ASN A 493 -55.99 -3.73 68.54
N PRO A 494 -55.49 -3.58 67.31
CA PRO A 494 -56.23 -2.97 66.20
C PRO A 494 -57.35 -3.84 65.63
N ASN A 495 -57.33 -5.15 65.90
CA ASN A 495 -58.33 -6.07 65.35
C ASN A 495 -59.75 -5.85 65.88
N THR A 496 -60.69 -5.74 64.95
CA THR A 496 -62.08 -5.40 65.26
C THR A 496 -62.81 -6.47 66.08
N ALA A 497 -62.27 -7.67 66.08
CA ALA A 497 -62.87 -8.77 66.82
C ALA A 497 -62.42 -8.75 68.28
N GLU A 498 -61.12 -8.92 68.48
CA GLU A 498 -60.56 -9.10 69.82
C GLU A 498 -59.75 -7.89 70.28
N PRO A 499 -60.25 -7.20 71.33
CA PRO A 499 -59.45 -6.17 71.99
C PRO A 499 -58.59 -6.71 73.13
N ARG A 500 -57.87 -7.81 72.91
CA ARG A 500 -56.94 -8.35 73.91
C ARG A 500 -55.61 -7.62 73.84
N HIS A 501 -54.86 -7.59 74.94
CA HIS A 501 -53.52 -6.99 74.95
C HIS A 501 -52.47 -7.92 74.34
N LEU A 502 -51.71 -7.39 73.39
CA LEU A 502 -50.78 -8.21 72.62
C LEU A 502 -49.32 -8.02 73.06
N LEU A 503 -48.68 -9.11 73.45
CA LEU A 503 -47.30 -9.09 73.92
C LEU A 503 -46.39 -9.81 72.94
N VAL A 504 -45.34 -9.14 72.49
CA VAL A 504 -44.42 -9.68 71.49
C VAL A 504 -42.98 -9.74 71.97
N MET A 505 -42.35 -10.91 71.81
CA MET A 505 -40.99 -11.14 72.31
C MET A 505 -40.15 -11.95 71.32
N LYS A 506 -38.87 -11.62 71.25
CA LYS A 506 -37.90 -12.37 70.44
C LYS A 506 -36.65 -12.68 71.25
N GLY A 507 -35.81 -13.59 70.74
CA GLY A 507 -34.56 -13.87 71.41
C GLY A 507 -33.81 -15.12 70.98
N ALA A 508 -32.97 -15.63 71.87
CA ALA A 508 -32.25 -16.87 71.64
C ALA A 508 -33.23 -18.04 71.52
N PRO A 509 -33.09 -18.86 70.47
CA PRO A 509 -34.02 -19.97 70.18
C PRO A 509 -34.20 -20.93 71.36
N GLU A 510 -33.13 -21.22 72.09
CA GLU A 510 -33.20 -22.15 73.21
C GLU A 510 -33.87 -21.54 74.45
N ARG A 511 -33.70 -20.23 74.64
CA ARG A 511 -34.35 -19.52 75.74
C ARG A 511 -35.81 -19.24 75.38
N ILE A 512 -36.08 -19.13 74.09
CA ILE A 512 -37.45 -18.91 73.62
C ILE A 512 -38.16 -20.27 73.50
N LEU A 513 -37.37 -21.33 73.61
CA LEU A 513 -37.91 -22.69 73.82
C LEU A 513 -38.18 -22.94 75.31
N ASP A 514 -37.30 -22.42 76.16
CA ASP A 514 -37.48 -22.46 77.62
C ASP A 514 -38.77 -21.72 78.05
N ARG A 515 -38.91 -20.44 77.66
CA ARG A 515 -40.10 -19.73 78.08
C ARG A 515 -41.10 -19.69 76.92
N CYS A 516 -42.09 -20.59 77.01
CA CYS A 516 -43.18 -20.74 76.06
C CYS A 516 -43.92 -22.04 76.40
N SER A 517 -45.15 -22.19 75.89
CA SER A 517 -45.84 -23.49 75.87
C SER A 517 -46.47 -23.78 74.51
N SER A 518 -47.45 -22.97 74.15
CA SER A 518 -48.16 -23.09 72.88
C SER A 518 -47.31 -22.72 71.66
N ILE A 519 -47.76 -23.17 70.50
CA ILE A 519 -47.15 -22.86 69.21
C ILE A 519 -48.28 -22.58 68.22
N LEU A 520 -48.02 -21.69 67.26
CA LEU A 520 -49.01 -21.36 66.22
C LEU A 520 -48.72 -22.06 64.89
N ILE A 521 -49.74 -22.73 64.34
CA ILE A 521 -49.63 -23.34 63.03
C ILE A 521 -50.88 -23.01 62.19
N HIS A 522 -50.66 -22.42 61.01
CA HIS A 522 -51.73 -22.10 60.07
C HIS A 522 -52.86 -21.27 60.68
N GLY A 523 -52.50 -20.42 61.64
CA GLY A 523 -53.50 -19.58 62.29
C GLY A 523 -54.21 -20.19 63.50
N LYS A 524 -53.80 -21.38 63.91
CA LYS A 524 -54.36 -22.01 65.13
C LYS A 524 -53.28 -22.53 66.09
N GLU A 525 -53.51 -22.34 67.38
CA GLU A 525 -52.53 -22.73 68.39
C GLU A 525 -52.43 -24.24 68.55
N GLN A 526 -51.59 -24.67 69.48
CA GLN A 526 -51.34 -26.08 69.78
C GLN A 526 -50.38 -26.15 70.96
N PRO A 527 -50.47 -27.18 71.79
CA PRO A 527 -49.38 -27.27 72.77
C PRO A 527 -48.12 -27.79 72.06
N LEU A 528 -46.99 -27.86 72.76
CA LEU A 528 -45.79 -28.40 72.14
C LEU A 528 -45.61 -29.87 72.50
N ASP A 529 -45.44 -30.71 71.48
CA ASP A 529 -45.08 -32.11 71.69
C ASP A 529 -43.61 -32.28 71.34
N GLU A 530 -42.93 -33.17 72.03
CA GLU A 530 -41.48 -33.34 71.86
C GLU A 530 -41.06 -33.70 70.42
N GLU A 531 -41.98 -34.25 69.65
CA GLU A 531 -41.73 -34.55 68.23
C GLU A 531 -41.47 -33.27 67.44
N LEU A 532 -42.43 -32.35 67.51
CA LEU A 532 -42.33 -31.10 66.78
C LEU A 532 -41.41 -30.12 67.48
N LYS A 533 -41.25 -30.31 68.79
CA LYS A 533 -40.30 -29.53 69.57
C LYS A 533 -38.89 -29.84 69.09
N ASP A 534 -38.58 -31.12 68.94
CA ASP A 534 -37.26 -31.51 68.46
C ASP A 534 -37.14 -31.34 66.95
N ALA A 535 -38.29 -31.21 66.28
CA ALA A 535 -38.29 -30.83 64.86
C ALA A 535 -37.83 -29.38 64.68
N PHE A 536 -38.36 -28.52 65.54
CA PHE A 536 -37.90 -27.14 65.64
C PHE A 536 -36.45 -27.07 66.08
N GLN A 537 -36.04 -27.97 66.98
CA GLN A 537 -34.66 -27.92 67.48
C GLN A 537 -33.63 -28.36 66.44
N ASN A 538 -33.93 -29.42 65.68
CA ASN A 538 -33.03 -29.79 64.60
C ASN A 538 -33.12 -28.85 63.39
N ALA A 539 -34.24 -28.15 63.26
CA ALA A 539 -34.36 -27.11 62.23
C ALA A 539 -33.45 -25.93 62.61
N TYR A 540 -33.51 -25.53 63.88
CA TYR A 540 -32.64 -24.49 64.41
C TYR A 540 -31.18 -24.90 64.27
N LEU A 541 -30.92 -26.17 64.47
CA LEU A 541 -29.56 -26.66 64.35
C LEU A 541 -29.12 -26.74 62.89
N GLU A 542 -30.07 -26.91 61.99
CA GLU A 542 -29.76 -26.96 60.56
C GLU A 542 -29.46 -25.58 60.00
N LEU A 543 -30.27 -24.59 60.38
CA LEU A 543 -30.07 -23.21 59.92
C LEU A 543 -28.89 -22.54 60.62
N GLY A 544 -28.74 -22.81 61.92
CA GLY A 544 -27.60 -22.31 62.68
C GLY A 544 -26.29 -22.91 62.19
N GLY A 545 -26.31 -24.23 61.96
CA GLY A 545 -25.17 -24.92 61.40
C GLY A 545 -24.92 -24.54 59.95
N LEU A 546 -25.91 -23.91 59.33
CA LEU A 546 -25.78 -23.40 57.97
C LEU A 546 -24.94 -22.10 57.96
N GLY A 547 -24.61 -21.62 59.15
CA GLY A 547 -23.77 -20.45 59.31
C GLY A 547 -24.55 -19.20 59.63
N GLU A 548 -25.82 -19.20 59.26
CA GLU A 548 -26.73 -18.11 59.57
C GLU A 548 -27.09 -18.17 61.05
N ARG A 549 -26.93 -17.07 61.78
CA ARG A 549 -27.35 -17.06 63.17
C ARG A 549 -28.87 -16.97 63.25
N VAL A 550 -29.45 -17.67 64.22
CA VAL A 550 -30.90 -17.86 64.29
C VAL A 550 -31.58 -17.13 65.45
N LEU A 551 -32.60 -16.34 65.13
CA LEU A 551 -33.39 -15.63 66.13
C LEU A 551 -34.81 -16.20 66.25
N GLY A 552 -35.19 -16.57 67.47
CA GLY A 552 -36.52 -17.08 67.73
C GLY A 552 -37.56 -16.00 67.96
N PHE A 553 -38.81 -16.29 67.58
CA PHE A 553 -39.91 -15.33 67.69
C PHE A 553 -41.20 -15.89 68.30
N CYS A 554 -41.81 -15.12 69.20
CA CYS A 554 -43.02 -15.56 69.86
C CYS A 554 -43.90 -14.41 70.35
N HIS A 555 -45.16 -14.75 70.65
CA HIS A 555 -46.15 -13.79 71.13
C HIS A 555 -47.13 -14.44 72.10
N LEU A 556 -47.75 -13.61 72.95
CA LEU A 556 -48.91 -14.02 73.73
C LEU A 556 -49.92 -12.89 73.84
N PHE A 557 -51.18 -13.17 73.51
CA PHE A 557 -52.25 -12.23 73.81
C PHE A 557 -52.40 -12.28 75.31
N LEU A 558 -53.00 -11.27 75.91
CA LEU A 558 -53.11 -11.27 77.37
C LEU A 558 -54.56 -11.45 77.79
N PRO A 559 -54.77 -12.07 78.95
CA PRO A 559 -56.13 -12.28 79.48
C PRO A 559 -56.71 -10.97 79.96
N ASP A 560 -57.27 -10.20 79.03
CA ASP A 560 -57.79 -8.86 79.30
C ASP A 560 -58.85 -8.81 80.41
N GLU A 561 -59.40 -9.97 80.75
CA GLU A 561 -60.23 -10.10 81.93
C GLU A 561 -59.40 -9.81 83.18
N GLN A 562 -58.20 -10.39 83.23
CA GLN A 562 -57.24 -10.13 84.30
C GLN A 562 -56.42 -8.86 84.05
N PHE A 563 -56.20 -8.55 82.78
CA PHE A 563 -55.43 -7.39 82.37
C PHE A 563 -56.31 -6.44 81.57
N PRO A 564 -57.14 -5.64 82.27
CA PRO A 564 -58.12 -4.78 81.60
C PRO A 564 -57.50 -3.70 80.70
N GLU A 565 -58.36 -2.95 80.02
CA GLU A 565 -57.93 -1.98 79.01
C GLU A 565 -57.30 -0.75 79.67
N GLY A 566 -57.64 -0.52 80.93
CA GLY A 566 -57.10 0.60 81.66
C GLY A 566 -55.91 0.23 82.53
N PHE A 567 -55.59 -1.07 82.58
CA PHE A 567 -54.51 -1.54 83.43
C PHE A 567 -53.15 -1.07 82.95
N GLN A 568 -52.37 -0.50 83.87
CA GLN A 568 -50.99 -0.14 83.57
C GLN A 568 -50.03 -1.17 84.15
N PHE A 569 -49.38 -1.89 83.24
CA PHE A 569 -48.40 -2.92 83.54
C PHE A 569 -47.00 -2.38 83.30
N ASP A 570 -46.22 -2.29 84.37
CA ASP A 570 -44.93 -1.63 84.30
C ASP A 570 -43.72 -2.56 84.33
N THR A 571 -42.55 -1.95 84.10
CA THR A 571 -41.28 -2.66 84.00
C THR A 571 -40.62 -2.72 85.37
N ASP A 572 -41.32 -2.20 86.38
CA ASP A 572 -40.82 -2.19 87.77
C ASP A 572 -40.35 -3.57 88.18
N ASP A 573 -41.21 -4.55 87.95
CA ASP A 573 -41.00 -5.95 88.22
C ASP A 573 -41.70 -6.64 87.06
N VAL A 574 -42.35 -7.76 87.35
CA VAL A 574 -43.08 -8.47 86.34
C VAL A 574 -44.61 -8.38 86.51
N ASN A 575 -45.31 -7.81 85.54
CA ASN A 575 -46.78 -7.86 85.51
C ASN A 575 -47.32 -8.93 84.57
N PHE A 576 -46.40 -9.65 83.92
CA PHE A 576 -46.75 -10.53 82.82
C PHE A 576 -46.37 -11.98 83.05
N PRO A 577 -47.21 -12.90 82.55
CA PRO A 577 -46.77 -14.29 82.41
C PRO A 577 -45.72 -14.37 81.31
N LEU A 578 -44.50 -14.74 81.69
CA LEU A 578 -43.41 -14.86 80.73
C LEU A 578 -43.29 -16.32 80.29
N ASP A 579 -44.12 -17.18 80.89
CA ASP A 579 -44.15 -18.58 80.50
C ASP A 579 -45.48 -18.87 79.82
N ASN A 580 -45.64 -20.09 79.35
CA ASN A 580 -46.86 -20.51 78.67
C ASN A 580 -47.25 -19.59 77.52
N LEU A 581 -46.24 -19.04 76.86
CA LEU A 581 -46.42 -18.16 75.71
C LEU A 581 -46.70 -18.98 74.47
N CYS A 582 -46.88 -18.30 73.34
CA CYS A 582 -47.04 -18.99 72.08
C CYS A 582 -45.87 -18.73 71.14
N PHE A 583 -45.07 -19.77 70.90
CA PHE A 583 -43.96 -19.66 69.96
C PHE A 583 -44.46 -19.70 68.52
N VAL A 584 -43.90 -18.83 67.68
CA VAL A 584 -44.38 -18.69 66.31
C VAL A 584 -43.43 -19.34 65.29
N GLY A 585 -42.20 -18.83 65.22
CA GLY A 585 -41.22 -19.37 64.29
C GLY A 585 -39.81 -18.82 64.43
N LEU A 586 -38.90 -19.42 63.68
CA LEU A 586 -37.51 -18.97 63.63
C LEU A 586 -37.32 -18.03 62.44
N ILE A 587 -36.49 -17.00 62.64
CA ILE A 587 -35.94 -16.22 61.53
C ILE A 587 -34.42 -16.28 61.59
N SER A 588 -33.79 -16.65 60.48
CA SER A 588 -32.34 -16.72 60.43
C SER A 588 -31.75 -15.68 59.46
N MET A 589 -30.54 -15.23 59.76
CA MET A 589 -29.94 -14.16 58.98
C MET A 589 -28.42 -14.23 58.89
N ILE A 590 -27.89 -13.72 57.78
CA ILE A 590 -26.45 -13.68 57.56
C ILE A 590 -26.13 -12.59 56.52
N ASP A 591 -24.88 -12.15 56.48
CA ASP A 591 -24.44 -11.25 55.42
C ASP A 591 -23.97 -12.03 54.20
N PRO A 592 -24.67 -11.87 53.06
CA PRO A 592 -24.34 -12.61 51.85
C PRO A 592 -23.04 -12.08 51.26
N PRO A 593 -22.56 -12.67 50.17
CA PRO A 593 -21.40 -12.07 49.49
C PRO A 593 -21.79 -10.86 48.63
N ARG A 594 -20.78 -10.22 48.04
CA ARG A 594 -21.04 -9.29 46.95
C ARG A 594 -21.36 -10.20 45.78
N ALA A 595 -22.19 -9.72 44.85
CA ALA A 595 -22.80 -10.62 43.87
C ALA A 595 -21.81 -11.35 42.94
N ALA A 596 -20.79 -10.62 42.48
CA ALA A 596 -19.86 -11.15 41.48
C ALA A 596 -18.71 -11.95 42.11
N VAL A 597 -18.76 -12.13 43.42
CA VAL A 597 -17.73 -12.85 44.18
C VAL A 597 -17.57 -14.36 43.86
N PRO A 598 -18.67 -15.13 43.84
CA PRO A 598 -18.55 -16.57 43.59
C PRO A 598 -18.02 -16.90 42.19
N ASP A 599 -18.49 -16.13 41.21
CA ASP A 599 -18.02 -16.29 39.85
C ASP A 599 -16.56 -15.83 39.72
N ALA A 600 -16.21 -14.78 40.46
CA ALA A 600 -14.83 -14.28 40.50
C ALA A 600 -13.86 -15.34 41.03
N VAL A 601 -14.14 -15.86 42.22
CA VAL A 601 -13.33 -16.92 42.80
C VAL A 601 -13.33 -18.15 41.89
N GLY A 602 -14.46 -18.39 41.23
CA GLY A 602 -14.53 -19.45 40.23
C GLY A 602 -13.45 -19.27 39.18
N LYS A 603 -13.36 -18.05 38.65
CA LYS A 603 -12.38 -17.74 37.62
C LYS A 603 -10.95 -17.87 38.14
N CYS A 604 -10.70 -17.42 39.37
CA CYS A 604 -9.35 -17.46 39.93
C CYS A 604 -8.87 -18.88 40.27
N ARG A 605 -9.79 -19.72 40.74
CA ARG A 605 -9.50 -21.13 40.92
C ARG A 605 -9.24 -21.75 39.56
N SER A 606 -9.97 -21.29 38.55
CA SER A 606 -9.81 -21.77 37.18
C SER A 606 -8.46 -21.38 36.56
N ALA A 607 -7.97 -20.20 36.93
CA ALA A 607 -6.68 -19.71 36.44
C ALA A 607 -5.52 -20.40 37.14
N GLY A 608 -5.79 -21.02 38.27
CA GLY A 608 -4.78 -21.76 38.99
C GLY A 608 -4.20 -21.02 40.19
N ILE A 609 -4.85 -19.93 40.57
CA ILE A 609 -4.45 -19.20 41.77
C ILE A 609 -5.02 -19.92 42.97
N LYS A 610 -4.25 -19.98 44.06
CA LYS A 610 -4.74 -20.61 45.28
C LYS A 610 -5.51 -19.60 46.13
N VAL A 611 -6.80 -19.86 46.32
CA VAL A 611 -7.65 -18.94 47.07
C VAL A 611 -7.72 -19.33 48.53
N ILE A 612 -7.33 -18.40 49.39
CA ILE A 612 -7.27 -18.62 50.83
C ILE A 612 -8.10 -17.58 51.56
N MET A 613 -8.96 -18.02 52.47
CA MET A 613 -9.67 -17.05 53.30
C MET A 613 -8.93 -16.79 54.60
N VAL A 614 -8.88 -15.52 54.98
CA VAL A 614 -8.34 -15.10 56.27
C VAL A 614 -9.30 -14.07 56.89
N THR A 615 -9.88 -14.41 58.02
CA THR A 615 -10.87 -13.53 58.66
C THR A 615 -10.78 -13.56 60.17
N GLY A 616 -11.14 -12.45 60.81
CA GLY A 616 -11.19 -12.38 62.26
C GLY A 616 -12.54 -12.83 62.77
N ASP A 617 -13.39 -13.25 61.83
CA ASP A 617 -14.77 -13.62 62.14
C ASP A 617 -14.81 -14.97 62.88
N HIS A 618 -16.01 -15.41 63.19
CA HIS A 618 -16.23 -16.72 63.79
C HIS A 618 -16.22 -17.78 62.69
N PRO A 619 -15.71 -18.97 63.03
CA PRO A 619 -15.50 -20.06 62.07
C PRO A 619 -16.79 -20.68 61.54
N ILE A 620 -17.87 -20.63 62.32
CA ILE A 620 -19.14 -21.21 61.90
C ILE A 620 -19.73 -20.48 60.70
N THR A 621 -19.59 -19.15 60.69
CA THR A 621 -19.98 -18.33 59.55
C THR A 621 -18.95 -18.46 58.45
N ALA A 622 -17.68 -18.34 58.81
CA ALA A 622 -16.57 -18.36 57.86
C ALA A 622 -16.56 -19.60 56.96
N LYS A 623 -16.82 -20.76 57.56
CA LYS A 623 -16.82 -22.02 56.82
C LYS A 623 -17.97 -22.09 55.81
N ALA A 624 -19.14 -21.61 56.23
CA ALA A 624 -20.31 -21.57 55.36
C ALA A 624 -20.09 -20.62 54.18
N ILE A 625 -19.57 -19.44 54.47
CA ILE A 625 -19.25 -18.44 53.44
C ILE A 625 -18.24 -18.99 52.43
N ALA A 626 -17.17 -19.58 52.94
CA ALA A 626 -16.12 -20.15 52.10
C ALA A 626 -16.67 -21.27 51.21
N LYS A 627 -17.51 -22.12 51.78
CA LYS A 627 -18.18 -23.14 50.99
C LYS A 627 -19.04 -22.52 49.90
N GLY A 628 -19.66 -21.39 50.22
CA GLY A 628 -20.56 -20.72 49.30
C GLY A 628 -19.89 -20.06 48.09
N VAL A 629 -18.84 -19.29 48.34
CA VAL A 629 -18.20 -18.51 47.27
C VAL A 629 -17.22 -19.33 46.43
N GLY A 630 -16.95 -20.56 46.85
CA GLY A 630 -16.11 -21.44 46.07
C GLY A 630 -14.70 -21.67 46.62
N ILE A 631 -14.40 -21.06 47.77
CA ILE A 631 -13.09 -21.24 48.40
C ILE A 631 -12.91 -22.66 48.91
N ILE A 632 -13.92 -23.18 49.63
CA ILE A 632 -14.01 -24.61 49.92
C ILE A 632 -15.12 -25.21 49.07
N SER A 633 -14.74 -25.97 48.05
CA SER A 633 -15.70 -26.47 47.08
C SER A 633 -16.56 -27.58 47.64
N GLU A 634 -17.71 -27.80 47.02
CA GLU A 634 -18.59 -28.90 47.38
C GLU A 634 -17.87 -30.21 47.10
N GLY A 635 -17.90 -31.13 48.06
CA GLY A 635 -17.23 -32.41 47.88
C GLY A 635 -15.86 -32.48 48.54
N ASN A 636 -15.58 -31.54 49.44
CA ASN A 636 -14.33 -31.57 50.20
C ASN A 636 -14.58 -31.35 51.69
N GLU A 637 -13.87 -32.11 52.51
CA GLU A 637 -14.14 -32.12 53.96
C GLU A 637 -12.91 -31.84 54.81
N THR A 638 -13.13 -31.09 55.89
CA THR A 638 -12.14 -30.95 56.95
C THR A 638 -12.14 -32.21 57.79
N VAL A 639 -11.08 -32.40 58.56
CA VAL A 639 -10.97 -33.52 59.49
C VAL A 639 -12.21 -33.63 60.37
N GLU A 640 -12.77 -32.47 60.71
CA GLU A 640 -13.94 -32.36 61.57
C GLU A 640 -15.21 -32.90 60.92
N ASP A 641 -15.31 -32.74 59.60
CA ASP A 641 -16.48 -33.19 58.85
C ASP A 641 -16.44 -34.71 58.65
N ILE A 642 -15.24 -35.21 58.39
CA ILE A 642 -14.98 -36.64 58.29
C ILE A 642 -15.30 -37.33 59.62
N ALA A 643 -14.71 -36.82 60.71
CA ALA A 643 -14.97 -37.33 62.05
C ALA A 643 -16.44 -37.18 62.47
N ALA A 644 -17.13 -36.20 61.87
CA ALA A 644 -18.56 -36.02 62.11
C ALA A 644 -19.37 -37.13 61.44
N ARG A 645 -19.03 -37.44 60.19
CA ARG A 645 -19.69 -38.54 59.50
C ARG A 645 -19.27 -39.90 60.03
N LEU A 646 -18.07 -39.97 60.62
CA LEU A 646 -17.51 -41.23 61.11
C LEU A 646 -17.82 -41.52 62.58
N ASN A 647 -18.38 -40.54 63.28
CA ASN A 647 -18.71 -40.67 64.70
C ASN A 647 -17.49 -41.03 65.57
N ILE A 648 -16.36 -40.38 65.30
CA ILE A 648 -15.11 -40.63 66.03
C ILE A 648 -14.49 -39.34 66.55
N PRO A 649 -13.62 -39.45 67.58
CA PRO A 649 -12.89 -38.27 68.06
C PRO A 649 -12.09 -37.60 66.93
N VAL A 650 -11.86 -36.30 67.04
CA VAL A 650 -11.24 -35.52 65.96
C VAL A 650 -9.76 -35.90 65.71
N SER A 651 -9.07 -36.33 66.77
CA SER A 651 -7.64 -36.70 66.68
C SER A 651 -7.40 -38.07 66.06
N GLN A 652 -8.48 -38.84 65.90
CA GLN A 652 -8.43 -40.16 65.26
C GLN A 652 -8.17 -40.07 63.76
N VAL A 653 -8.90 -39.18 63.08
CA VAL A 653 -8.78 -39.01 61.63
C VAL A 653 -7.40 -38.51 61.22
N ASN A 654 -6.79 -39.20 60.26
CA ASN A 654 -5.51 -38.78 59.72
C ASN A 654 -5.71 -37.55 58.82
N PRO A 655 -5.11 -36.42 59.22
CA PRO A 655 -5.32 -35.08 58.65
C PRO A 655 -4.89 -34.91 57.20
N ARG A 656 -4.06 -35.82 56.69
CA ARG A 656 -3.57 -35.73 55.32
C ARG A 656 -4.65 -36.14 54.33
N ASP A 657 -5.71 -36.78 54.83
CA ASP A 657 -6.82 -37.23 54.01
C ASP A 657 -7.89 -36.14 53.81
N ALA A 658 -7.68 -35.00 54.47
CA ALA A 658 -8.60 -33.86 54.37
C ALA A 658 -8.00 -32.71 53.54
N LYS A 659 -8.64 -32.39 52.41
CA LYS A 659 -8.19 -31.29 51.55
C LYS A 659 -8.45 -29.94 52.19
N ALA A 660 -9.71 -29.70 52.57
CA ALA A 660 -10.11 -28.43 53.14
C ALA A 660 -9.88 -28.40 54.65
N CYS A 661 -9.54 -27.24 55.19
CA CYS A 661 -9.38 -27.08 56.64
C CYS A 661 -9.85 -25.72 57.14
N VAL A 662 -10.32 -25.67 58.39
CA VAL A 662 -10.60 -24.41 59.05
C VAL A 662 -9.73 -24.29 60.29
N VAL A 663 -8.81 -23.33 60.27
CA VAL A 663 -7.85 -23.16 61.34
C VAL A 663 -8.28 -22.05 62.29
N HIS A 664 -8.55 -22.41 63.54
CA HIS A 664 -8.93 -21.46 64.58
C HIS A 664 -7.82 -20.45 64.81
N GLY A 665 -8.17 -19.23 65.20
CA GLY A 665 -7.17 -18.24 65.56
C GLY A 665 -6.42 -18.67 66.82
N SER A 666 -7.10 -19.46 67.65
CA SER A 666 -6.54 -19.99 68.89
C SER A 666 -5.27 -20.79 68.64
N ASP A 667 -5.33 -21.71 67.68
CA ASP A 667 -4.20 -22.57 67.36
C ASP A 667 -3.06 -21.76 66.75
N LEU A 668 -3.41 -20.80 65.91
CA LEU A 668 -2.45 -20.02 65.14
C LEU A 668 -1.31 -19.44 65.98
N LYS A 669 -1.65 -18.86 67.14
CA LYS A 669 -0.66 -18.30 68.03
C LYS A 669 0.30 -19.36 68.53
N ASP A 670 -0.23 -20.56 68.77
CA ASP A 670 0.55 -21.68 69.31
C ASP A 670 1.34 -22.43 68.24
N MET A 671 1.02 -22.15 66.97
CA MET A 671 1.69 -22.82 65.85
C MET A 671 3.07 -22.25 65.55
N THR A 672 3.94 -23.09 64.99
CA THR A 672 5.28 -22.68 64.56
C THR A 672 5.37 -22.49 63.04
N SER A 673 6.56 -22.20 62.54
CA SER A 673 6.77 -21.99 61.10
C SER A 673 6.57 -23.28 60.31
N GLU A 674 7.12 -24.37 60.81
CA GLU A 674 7.04 -25.67 60.14
C GLU A 674 5.60 -26.18 60.14
N GLN A 675 4.85 -25.89 61.20
CA GLN A 675 3.46 -26.29 61.31
C GLN A 675 2.58 -25.55 60.32
N LEU A 676 2.80 -24.25 60.20
CA LEU A 676 2.10 -23.43 59.21
C LEU A 676 2.49 -23.87 57.81
N ASP A 677 3.74 -24.25 57.63
CA ASP A 677 4.23 -24.70 56.32
C ASP A 677 3.59 -26.04 55.92
N ASP A 678 3.42 -26.95 56.87
CA ASP A 678 2.72 -28.21 56.59
C ASP A 678 1.25 -27.96 56.29
N ILE A 679 0.62 -27.08 57.08
CA ILE A 679 -0.79 -26.75 56.88
C ILE A 679 -1.05 -26.10 55.52
N LEU A 680 -0.15 -25.21 55.10
CA LEU A 680 -0.25 -24.56 53.79
C LEU A 680 0.15 -25.48 52.63
N LYS A 681 1.02 -26.44 52.91
CA LYS A 681 1.46 -27.37 51.87
C LYS A 681 0.47 -28.49 51.59
N TYR A 682 -0.12 -29.08 52.62
CA TYR A 682 -0.95 -30.26 52.46
C TYR A 682 -2.45 -29.98 52.34
N HIS A 683 -2.83 -28.70 52.36
CA HIS A 683 -4.25 -28.33 52.28
C HIS A 683 -4.57 -27.44 51.09
N THR A 684 -5.45 -27.92 50.22
CA THR A 684 -5.75 -27.22 48.98
C THR A 684 -6.67 -26.01 49.16
N GLU A 685 -7.76 -26.15 49.91
CA GLU A 685 -8.70 -25.06 50.10
C GLU A 685 -8.71 -24.64 51.57
N ILE A 686 -8.18 -23.45 51.87
CA ILE A 686 -7.90 -23.09 53.26
C ILE A 686 -8.65 -21.88 53.84
N VAL A 687 -9.00 -21.97 55.12
CA VAL A 687 -9.66 -20.88 55.83
C VAL A 687 -9.10 -20.66 57.23
N PHE A 688 -8.76 -19.41 57.54
CA PHE A 688 -8.34 -19.02 58.87
C PHE A 688 -9.37 -18.07 59.48
N ALA A 689 -9.89 -18.42 60.64
CA ALA A 689 -10.88 -17.58 61.30
C ALA A 689 -10.41 -17.21 62.69
N ARG A 690 -11.03 -16.17 63.25
CA ARG A 690 -10.73 -15.73 64.61
C ARG A 690 -9.28 -15.24 64.71
N THR A 691 -8.75 -14.77 63.58
CA THR A 691 -7.35 -14.34 63.50
C THR A 691 -7.16 -12.82 63.61
N SER A 692 -6.15 -12.43 64.39
CA SER A 692 -5.79 -11.03 64.57
C SER A 692 -4.96 -10.58 63.38
N PRO A 693 -4.94 -9.26 63.09
CA PRO A 693 -4.21 -8.66 61.96
C PRO A 693 -2.75 -9.10 61.86
N GLN A 694 -2.08 -9.20 63.00
CA GLN A 694 -0.69 -9.63 63.06
C GLN A 694 -0.56 -11.09 62.58
N GLN A 695 -1.53 -11.91 62.95
CA GLN A 695 -1.57 -13.28 62.46
C GLN A 695 -1.83 -13.30 60.96
N LYS A 696 -2.56 -12.31 60.46
CA LYS A 696 -2.78 -12.17 59.02
C LYS A 696 -1.44 -11.93 58.32
N LEU A 697 -0.71 -10.91 58.77
CA LEU A 697 0.62 -10.61 58.21
C LEU A 697 1.57 -11.82 58.28
N ILE A 698 1.43 -12.61 59.35
CA ILE A 698 2.22 -13.84 59.52
C ILE A 698 1.79 -14.96 58.54
N ILE A 699 0.49 -15.03 58.25
CA ILE A 699 -0.03 -15.89 57.19
C ILE A 699 0.58 -15.51 55.83
N VAL A 700 0.46 -14.23 55.47
CA VAL A 700 0.97 -13.74 54.20
C VAL A 700 2.45 -14.02 54.07
N GLU A 701 3.20 -13.72 55.13
CA GLU A 701 4.63 -14.01 55.15
C GLU A 701 4.91 -15.50 55.07
N GLY A 702 3.96 -16.30 55.56
CA GLY A 702 4.04 -17.74 55.51
C GLY A 702 3.87 -18.26 54.10
N CYS A 703 3.02 -17.57 53.32
CA CYS A 703 2.82 -17.90 51.92
C CYS A 703 4.03 -17.46 51.10
N GLN A 704 4.55 -16.30 51.47
CA GLN A 704 5.69 -15.71 50.75
C GLN A 704 6.96 -16.49 51.01
N ARG A 705 7.05 -17.16 52.16
CA ARG A 705 8.18 -18.03 52.46
C ARG A 705 8.29 -19.13 51.41
N GLN A 706 7.15 -19.58 50.91
CA GLN A 706 7.11 -20.66 49.94
C GLN A 706 7.74 -20.29 48.60
N GLY A 707 7.82 -18.98 48.33
CA GLY A 707 8.38 -18.49 47.08
C GLY A 707 7.32 -18.08 46.08
N ALA A 708 6.09 -17.92 46.57
CA ALA A 708 4.95 -17.64 45.72
C ALA A 708 4.44 -16.20 45.90
N ILE A 709 4.19 -15.51 44.79
CA ILE A 709 3.67 -14.14 44.83
C ILE A 709 2.27 -14.15 45.43
N VAL A 710 2.04 -13.25 46.39
CA VAL A 710 0.78 -13.22 47.12
C VAL A 710 0.04 -11.90 47.01
N ALA A 711 -1.27 -11.98 46.75
CA ALA A 711 -2.11 -10.79 46.66
C ALA A 711 -3.09 -10.85 47.81
N VAL A 712 -3.43 -9.70 48.38
CA VAL A 712 -4.35 -9.66 49.52
C VAL A 712 -5.51 -8.67 49.33
N THR A 713 -6.74 -9.16 49.41
CA THR A 713 -7.89 -8.28 49.20
C THR A 713 -8.67 -8.09 50.50
N GLY A 714 -8.95 -6.85 50.89
CA GLY A 714 -9.58 -6.61 52.19
C GLY A 714 -10.48 -5.39 52.34
N ASP A 715 -10.99 -5.20 53.56
CA ASP A 715 -11.86 -4.08 53.88
C ASP A 715 -11.28 -3.11 54.93
N GLY A 716 -11.32 -3.52 56.20
CA GLY A 716 -11.07 -2.64 57.33
C GLY A 716 -9.62 -2.60 57.77
N VAL A 717 -9.38 -1.89 58.87
CA VAL A 717 -8.02 -1.61 59.32
C VAL A 717 -7.23 -2.89 59.66
N ASN A 718 -7.94 -3.97 59.95
CA ASN A 718 -7.31 -5.26 60.28
C ASN A 718 -6.51 -5.86 59.11
N ASP A 719 -6.81 -5.38 57.91
CA ASP A 719 -6.11 -5.83 56.70
C ASP A 719 -4.97 -4.88 56.33
N SER A 720 -4.71 -3.90 57.18
CA SER A 720 -3.59 -2.99 56.93
C SER A 720 -2.20 -3.65 56.85
N PRO A 721 -1.82 -4.47 57.85
CA PRO A 721 -0.46 -5.02 57.81
C PRO A 721 -0.25 -6.06 56.71
N ALA A 722 -1.31 -6.80 56.36
CA ALA A 722 -1.20 -7.88 55.38
C ALA A 722 -1.19 -7.38 53.93
N SER A 723 -2.10 -6.47 53.60
CA SER A 723 -2.16 -5.89 52.27
C SER A 723 -0.98 -4.95 52.02
N LYS A 724 -0.34 -4.52 53.11
CA LYS A 724 0.91 -3.79 53.01
C LYS A 724 2.04 -4.75 52.61
N LYS A 725 2.21 -5.81 53.38
CA LYS A 725 3.32 -6.76 53.19
C LYS A 725 3.25 -7.50 51.86
N ALA A 726 2.04 -7.79 51.42
CA ALA A 726 1.84 -8.55 50.20
C ALA A 726 2.50 -7.85 49.04
N ASP A 727 3.02 -8.65 48.11
CA ASP A 727 3.65 -8.14 46.89
C ASP A 727 2.73 -7.13 46.19
N ILE A 728 1.43 -7.38 46.31
CA ILE A 728 0.42 -6.39 45.93
C ILE A 728 -0.77 -6.39 46.90
N GLY A 729 -1.13 -5.20 47.36
CA GLY A 729 -2.35 -5.03 48.11
C GLY A 729 -3.50 -4.68 47.19
N VAL A 730 -4.71 -5.09 47.55
CA VAL A 730 -5.91 -4.67 46.87
C VAL A 730 -6.93 -4.28 47.93
N ALA A 731 -7.32 -3.02 47.96
CA ALA A 731 -8.31 -2.60 48.94
C ALA A 731 -9.67 -2.39 48.29
N MET A 732 -10.67 -2.08 49.09
CA MET A 732 -11.98 -1.71 48.58
C MET A 732 -12.15 -0.20 48.74
N GLY A 733 -12.59 0.46 47.68
CA GLY A 733 -12.60 1.92 47.63
C GLY A 733 -13.62 2.66 48.47
N ILE A 734 -14.73 2.02 48.82
CA ILE A 734 -15.77 2.65 49.65
C ILE A 734 -15.93 2.00 51.03
N ALA A 735 -16.26 0.71 51.04
CA ALA A 735 -16.54 -0.01 52.27
C ALA A 735 -15.25 -0.40 52.99
N GLY A 736 -14.10 -0.04 52.41
CA GLY A 736 -12.81 -0.24 53.03
C GLY A 736 -12.39 0.95 53.87
N SER A 737 -11.55 0.70 54.89
CA SER A 737 -11.09 1.78 55.77
C SER A 737 -9.95 2.56 55.14
N ASP A 738 -9.50 3.61 55.83
CA ASP A 738 -8.53 4.53 55.26
C ASP A 738 -7.09 4.03 55.32
N VAL A 739 -6.72 3.40 56.43
CA VAL A 739 -5.37 2.91 56.62
C VAL A 739 -5.08 1.72 55.70
N SER A 740 -6.12 0.96 55.40
CA SER A 740 -5.98 -0.22 54.53
C SER A 740 -6.13 0.12 53.04
N LYS A 741 -6.56 1.34 52.75
CA LYS A 741 -6.43 1.95 51.43
C LYS A 741 -5.01 2.49 51.27
N GLN A 742 -4.51 3.12 52.32
CA GLN A 742 -3.15 3.67 52.34
C GLN A 742 -2.08 2.60 52.20
N ALA A 743 -2.27 1.49 52.90
CA ALA A 743 -1.31 0.39 52.91
C ALA A 743 -1.40 -0.47 51.64
N ALA A 744 -2.43 -0.20 50.83
CA ALA A 744 -2.70 -0.99 49.65
C ALA A 744 -2.08 -0.36 48.40
N ASP A 745 -1.62 -1.21 47.49
CA ASP A 745 -1.01 -0.73 46.25
C ASP A 745 -2.04 -0.63 45.13
N MET A 746 -3.27 -1.05 45.42
CA MET A 746 -4.36 -0.94 44.46
C MET A 746 -5.72 -0.80 45.11
N ILE A 747 -6.56 0.04 44.51
CA ILE A 747 -7.91 0.32 45.01
C ILE A 747 -8.95 -0.11 44.00
N LEU A 748 -10.10 -0.59 44.47
CA LEU A 748 -11.27 -0.78 43.61
C LEU A 748 -12.31 0.23 44.03
N LEU A 749 -12.56 1.21 43.20
CA LEU A 749 -13.43 2.32 43.57
C LEU A 749 -14.90 1.91 43.56
N ASP A 750 -15.25 1.03 42.63
CA ASP A 750 -16.62 0.53 42.54
C ASP A 750 -16.89 -0.58 43.56
N ASP A 751 -15.83 -0.99 44.24
CA ASP A 751 -15.83 -2.10 45.17
C ASP A 751 -16.22 -3.41 44.51
N ASN A 752 -16.11 -3.46 43.18
CA ASN A 752 -16.47 -4.67 42.49
C ASN A 752 -15.35 -5.69 42.56
N PHE A 753 -15.66 -6.84 43.13
CA PHE A 753 -14.64 -7.86 43.32
C PHE A 753 -14.28 -8.56 42.00
N ALA A 754 -15.20 -8.54 41.05
CA ALA A 754 -14.95 -9.16 39.75
C ALA A 754 -13.76 -8.48 39.06
N SER A 755 -13.51 -7.23 39.45
CA SER A 755 -12.39 -6.46 38.92
C SER A 755 -11.08 -7.18 39.21
N ILE A 756 -11.00 -7.84 40.36
CA ILE A 756 -9.84 -8.65 40.71
C ILE A 756 -9.49 -9.60 39.56
N VAL A 757 -10.51 -10.26 39.01
CA VAL A 757 -10.30 -11.21 37.93
C VAL A 757 -9.68 -10.49 36.75
N THR A 758 -10.26 -9.35 36.38
CA THR A 758 -9.74 -8.55 35.30
C THR A 758 -8.28 -8.21 35.58
N GLY A 759 -7.98 -7.93 36.84
CA GLY A 759 -6.61 -7.67 37.25
C GLY A 759 -5.71 -8.82 36.83
N VAL A 760 -6.02 -10.04 37.27
CA VAL A 760 -5.15 -11.19 36.96
C VAL A 760 -5.15 -11.45 35.46
N GLU A 761 -6.17 -10.96 34.77
CA GLU A 761 -6.18 -11.04 33.33
C GLU A 761 -5.15 -10.08 32.77
N GLU A 762 -5.28 -8.81 33.17
CA GLU A 762 -4.46 -7.75 32.58
C GLU A 762 -2.98 -7.99 32.85
N GLY A 763 -2.66 -8.26 34.10
CA GLY A 763 -1.31 -8.59 34.50
C GLY A 763 -0.71 -9.73 33.70
N ARG A 764 -1.54 -10.68 33.28
CA ARG A 764 -1.06 -11.83 32.53
C ARG A 764 -0.80 -11.46 31.07
N LEU A 765 -1.59 -10.52 30.56
CA LEU A 765 -1.47 -10.11 29.17
C LEU A 765 -0.20 -9.30 28.92
N ILE A 766 -0.07 -8.20 29.67
CA ILE A 766 0.94 -7.20 29.38
C ILE A 766 2.32 -7.81 29.37
N PHE A 767 2.53 -8.77 30.27
CA PHE A 767 3.75 -9.55 30.36
C PHE A 767 4.17 -9.99 28.98
N ASP A 768 3.35 -10.85 28.36
CA ASP A 768 3.67 -11.36 27.03
C ASP A 768 3.82 -10.22 26.06
N ASN A 769 2.91 -9.25 26.12
CA ASN A 769 3.03 -8.09 25.26
C ASN A 769 4.35 -7.36 25.50
N LEU A 770 4.70 -7.17 26.77
CA LEU A 770 5.98 -6.57 27.11
C LEU A 770 7.07 -7.31 26.37
N LYS A 771 7.06 -8.64 26.50
CA LYS A 771 8.05 -9.47 25.84
C LYS A 771 8.14 -9.08 24.38
N LYS A 772 7.00 -9.13 23.68
CA LYS A 772 6.97 -8.86 22.26
C LYS A 772 7.66 -7.53 22.01
N SER A 773 7.20 -6.49 22.72
CA SER A 773 7.75 -5.15 22.57
C SER A 773 9.25 -5.21 22.72
N ILE A 774 9.70 -5.75 23.84
CA ILE A 774 11.12 -5.85 24.11
C ILE A 774 11.84 -6.53 22.96
N ALA A 775 11.35 -7.71 22.54
CA ALA A 775 11.99 -8.45 21.45
C ALA A 775 12.22 -7.50 20.29
N TYR A 776 11.13 -6.81 19.90
CA TYR A 776 11.15 -5.89 18.76
C TYR A 776 12.34 -4.94 18.82
N THR A 777 12.45 -4.22 19.95
CA THR A 777 13.45 -3.17 20.02
C THR A 777 14.85 -3.76 20.05
N LEU A 778 14.99 -4.91 20.71
CA LEU A 778 16.32 -5.50 20.84
C LEU A 778 16.75 -5.97 19.46
N THR A 779 15.76 -6.28 18.62
CA THR A 779 16.06 -6.77 17.30
C THR A 779 16.62 -5.65 16.41
N SER A 780 16.32 -4.40 16.76
CA SER A 780 16.91 -3.30 16.00
C SER A 780 18.36 -3.08 16.38
N ASN A 781 18.79 -3.66 17.51
CA ASN A 781 20.16 -3.43 17.97
C ASN A 781 21.22 -4.05 17.10
N ILE A 782 20.93 -5.21 16.53
CA ILE A 782 21.90 -5.83 15.64
C ILE A 782 22.25 -4.96 14.45
N PRO A 783 21.26 -4.62 13.60
CA PRO A 783 21.62 -3.91 12.38
C PRO A 783 22.09 -2.48 12.66
N GLU A 784 21.84 -1.99 13.87
CA GLU A 784 22.36 -0.70 14.31
C GLU A 784 23.83 -0.80 14.69
N ILE A 785 24.17 -1.82 15.47
CA ILE A 785 25.51 -1.95 16.05
C ILE A 785 26.55 -2.43 15.06
N THR A 786 26.20 -3.42 14.25
CA THR A 786 27.12 -3.99 13.26
C THR A 786 27.85 -3.01 12.31
N PRO A 787 27.19 -1.89 11.91
CA PRO A 787 27.91 -0.84 11.18
C PRO A 787 29.19 -0.35 11.84
N PHE A 788 29.18 -0.15 13.15
CA PHE A 788 30.38 0.31 13.85
C PHE A 788 31.35 -0.83 14.15
N LEU A 789 30.85 -2.07 14.13
CA LEU A 789 31.69 -3.21 14.47
C LEU A 789 32.66 -3.46 13.34
N ILE A 790 32.13 -3.77 12.16
CA ILE A 790 32.94 -4.07 10.99
C ILE A 790 33.68 -2.84 10.46
N PHE A 791 33.21 -1.65 10.86
CA PHE A 791 33.88 -0.40 10.53
C PHE A 791 35.29 -0.48 11.06
N ILE A 792 35.41 -0.95 12.30
CA ILE A 792 36.70 -1.11 12.95
C ILE A 792 37.47 -2.28 12.36
N ILE A 793 36.73 -3.34 12.03
CA ILE A 793 37.35 -4.59 11.58
C ILE A 793 37.82 -4.53 10.13
N ALA A 794 36.88 -4.32 9.21
CA ALA A 794 37.17 -4.34 7.77
C ALA A 794 37.67 -2.98 7.25
N ASN A 795 37.64 -1.98 8.13
CA ASN A 795 38.10 -0.62 7.79
C ASN A 795 37.40 -0.02 6.57
N ILE A 796 36.09 -0.22 6.46
CA ILE A 796 35.29 0.43 5.42
C ILE A 796 34.72 1.77 5.88
N PRO A 797 34.35 2.64 4.93
CA PRO A 797 33.68 3.90 5.30
C PRO A 797 32.42 3.57 6.08
N LEU A 798 32.11 4.35 7.12
CA LEU A 798 31.01 4.01 8.01
C LEU A 798 29.66 3.89 7.30
N PRO A 799 29.05 2.70 7.37
CA PRO A 799 27.73 2.38 6.83
C PRO A 799 26.54 3.08 7.52
N LEU A 800 26.53 3.13 8.85
CA LEU A 800 25.42 3.74 9.58
C LEU A 800 25.89 4.66 10.74
N GLY A 801 25.34 5.88 10.76
CA GLY A 801 25.79 6.94 11.64
C GLY A 801 25.00 7.07 12.93
N THR A 802 25.42 8.00 13.79
CA THR A 802 24.80 8.24 15.10
C THR A 802 23.36 8.77 14.98
N VAL A 803 23.20 9.81 14.16
CA VAL A 803 21.89 10.46 14.00
C VAL A 803 20.88 9.50 13.40
N THR A 804 21.28 8.77 12.37
CA THR A 804 20.42 7.75 11.78
C THR A 804 19.96 6.74 12.85
N ILE A 805 20.91 6.25 13.65
CA ILE A 805 20.60 5.25 14.66
C ILE A 805 19.59 5.80 15.66
N LEU A 806 19.73 7.08 15.98
CA LEU A 806 18.77 7.69 16.89
C LEU A 806 17.43 7.83 16.21
N CYS A 807 17.46 8.18 14.92
CA CYS A 807 16.25 8.27 14.10
C CYS A 807 15.53 6.94 14.12
N ILE A 808 16.27 5.87 14.33
CA ILE A 808 15.62 4.58 14.48
C ILE A 808 15.09 4.41 15.90
N ASP A 809 15.99 4.24 16.86
CA ASP A 809 15.63 3.89 18.23
C ASP A 809 14.58 4.83 18.80
N LEU A 810 14.89 6.12 18.76
CA LEU A 810 13.95 7.13 19.24
C LEU A 810 12.89 7.57 18.23
N GLY A 811 13.26 7.63 16.96
CA GLY A 811 12.35 8.13 15.93
C GLY A 811 11.24 7.25 15.35
N THR A 812 11.60 6.06 14.88
CA THR A 812 10.65 5.23 14.14
C THR A 812 10.05 4.12 14.98
N ASP A 813 10.92 3.26 15.51
CA ASP A 813 10.52 2.06 16.25
C ASP A 813 9.49 2.34 17.35
N MET A 814 9.42 3.57 17.84
CA MET A 814 8.54 3.90 18.96
C MET A 814 7.08 3.50 18.73
N VAL A 815 6.47 4.00 17.66
CA VAL A 815 5.06 3.71 17.40
C VAL A 815 4.75 2.22 17.23
N PRO A 816 5.53 1.49 16.42
CA PRO A 816 5.32 0.04 16.38
C PRO A 816 5.46 -0.63 17.75
N ALA A 817 6.49 -0.22 18.48
CA ALA A 817 6.81 -0.85 19.76
C ALA A 817 5.72 -0.62 20.80
N ILE A 818 5.11 0.55 20.78
CA ILE A 818 3.99 0.83 21.66
C ILE A 818 2.72 0.11 21.19
N SER A 819 2.57 0.04 19.87
CA SER A 819 1.43 -0.62 19.27
C SER A 819 1.37 -2.04 19.75
N LEU A 820 2.54 -2.66 19.90
CA LEU A 820 2.61 -4.05 20.38
C LEU A 820 1.86 -4.30 21.69
N ALA A 821 1.68 -3.25 22.49
CA ALA A 821 0.93 -3.38 23.74
C ALA A 821 -0.57 -3.48 23.47
N TYR A 822 -0.96 -3.22 22.22
CA TYR A 822 -2.37 -3.32 21.84
C TYR A 822 -2.71 -4.68 21.28
N GLU A 823 -1.74 -5.58 21.35
CA GLU A 823 -1.95 -6.96 21.02
C GLU A 823 -2.99 -7.59 21.93
N GLN A 824 -3.79 -8.48 21.37
CA GLN A 824 -4.74 -9.23 22.17
C GLN A 824 -4.15 -10.57 22.58
N ALA A 825 -4.99 -11.42 23.16
CA ALA A 825 -4.54 -12.69 23.66
C ALA A 825 -4.33 -13.70 22.54
N GLU A 826 -3.16 -14.31 22.51
CA GLU A 826 -2.82 -15.30 21.47
C GLU A 826 -3.60 -16.60 21.65
N SER A 827 -4.09 -16.81 22.87
CA SER A 827 -4.92 -17.97 23.20
C SER A 827 -5.56 -17.59 24.51
N ASP A 828 -6.35 -18.48 25.11
CA ASP A 828 -6.98 -18.12 26.36
C ASP A 828 -5.93 -18.13 27.44
N ILE A 829 -5.75 -16.98 28.06
CA ILE A 829 -4.71 -16.77 29.06
C ILE A 829 -5.14 -17.13 30.50
N MET A 830 -6.44 -17.24 30.73
CA MET A 830 -6.94 -17.59 32.05
C MET A 830 -7.00 -19.09 32.22
N LYS A 831 -6.60 -19.83 31.18
CA LYS A 831 -6.61 -21.29 31.24
C LYS A 831 -5.26 -21.81 31.72
N ARG A 832 -4.26 -20.93 31.81
CA ARG A 832 -2.92 -21.37 32.18
C ARG A 832 -2.50 -20.92 33.58
N GLN A 833 -1.80 -21.80 34.27
CA GLN A 833 -1.35 -21.57 35.63
C GLN A 833 -0.44 -20.36 35.64
N PRO A 834 -0.39 -19.65 36.79
CA PRO A 834 0.51 -18.49 36.95
C PRO A 834 1.95 -18.89 36.65
N ARG A 835 2.74 -17.95 36.18
CA ARG A 835 4.11 -18.26 35.76
C ARG A 835 5.00 -18.70 36.92
N ASN A 836 6.10 -19.36 36.58
CA ASN A 836 7.13 -19.69 37.56
C ASN A 836 8.19 -18.61 37.58
N PRO A 837 8.22 -17.79 38.65
CA PRO A 837 9.10 -16.62 38.73
C PRO A 837 10.57 -16.99 38.60
N LYS A 838 10.90 -18.23 38.97
CA LYS A 838 12.26 -18.73 38.84
C LYS A 838 12.57 -19.22 37.43
N THR A 839 11.63 -19.91 36.82
CA THR A 839 11.82 -20.46 35.48
C THR A 839 11.44 -19.44 34.40
N ASP A 840 10.17 -19.04 34.40
CA ASP A 840 9.66 -18.18 33.35
C ASP A 840 10.13 -16.76 33.61
N LYS A 841 10.93 -16.24 32.70
CA LYS A 841 11.49 -14.91 32.86
C LYS A 841 11.03 -14.05 31.69
N LEU A 842 11.06 -12.74 31.88
CA LEU A 842 10.57 -11.81 30.88
C LEU A 842 11.56 -11.76 29.72
N VAL A 843 12.78 -11.32 29.98
CA VAL A 843 13.82 -11.40 28.97
C VAL A 843 14.75 -12.58 29.27
N ASN A 844 14.66 -13.62 28.44
CA ASN A 844 15.36 -14.86 28.71
C ASN A 844 16.25 -15.29 27.55
N GLU A 845 17.13 -16.25 27.82
CA GLU A 845 18.16 -16.69 26.87
C GLU A 845 17.62 -17.01 25.48
N GLN A 846 16.37 -17.45 25.40
CA GLN A 846 15.74 -17.74 24.13
C GLN A 846 15.37 -16.45 23.35
N LEU A 847 14.86 -15.45 24.07
CA LEU A 847 14.53 -14.15 23.45
C LEU A 847 15.76 -13.55 22.80
N ILE A 848 16.83 -13.40 23.57
CA ILE A 848 18.08 -12.86 23.05
C ILE A 848 18.60 -13.77 21.95
N SER A 849 18.35 -15.07 22.09
CA SER A 849 18.66 -16.00 21.01
C SER A 849 17.93 -15.63 19.72
N MET A 850 16.73 -15.06 19.86
CA MET A 850 15.96 -14.64 18.71
C MET A 850 16.41 -13.30 18.15
N ALA A 851 16.22 -12.23 18.92
CA ALA A 851 16.49 -10.87 18.46
C ALA A 851 17.91 -10.68 17.95
N TYR A 852 18.89 -11.01 18.78
CA TYR A 852 20.28 -10.90 18.36
C TYR A 852 20.72 -12.04 17.44
N GLY A 853 20.37 -13.27 17.78
CA GLY A 853 20.88 -14.43 17.09
C GLY A 853 20.42 -14.66 15.67
N GLN A 854 19.12 -14.51 15.41
CA GLN A 854 18.54 -14.89 14.10
C GLN A 854 18.07 -13.69 13.26
N ILE A 855 17.00 -13.05 13.72
CA ILE A 855 16.36 -11.98 12.98
C ILE A 855 17.26 -10.77 12.81
N GLY A 856 17.81 -10.30 13.94
CA GLY A 856 18.68 -9.13 13.95
C GLY A 856 19.74 -9.23 12.88
N MET A 857 20.26 -10.45 12.70
CA MET A 857 21.24 -10.72 11.67
C MET A 857 20.69 -10.50 10.27
N ILE A 858 19.45 -10.94 10.02
CA ILE A 858 18.87 -10.71 8.70
C ILE A 858 18.75 -9.21 8.46
N GLN A 859 18.39 -8.47 9.49
CA GLN A 859 18.33 -7.02 9.37
C GLN A 859 19.69 -6.34 9.06
N ALA A 860 20.74 -6.72 9.80
CA ALA A 860 22.10 -6.25 9.51
C ALA A 860 22.51 -6.57 8.08
N LEU A 861 22.29 -7.79 7.63
CA LEU A 861 22.59 -8.18 6.25
C LEU A 861 21.88 -7.29 5.24
N GLY A 862 20.58 -7.09 5.42
CA GLY A 862 19.84 -6.21 4.52
C GLY A 862 20.50 -4.84 4.45
N GLY A 863 20.85 -4.34 5.63
CA GLY A 863 21.55 -3.06 5.70
C GLY A 863 22.83 -3.02 4.88
N PHE A 864 23.75 -3.94 5.13
CA PHE A 864 25.01 -3.92 4.39
C PHE A 864 24.81 -4.18 2.91
N PHE A 865 23.68 -4.79 2.57
CA PHE A 865 23.31 -4.90 1.18
C PHE A 865 23.10 -3.52 0.61
N THR A 866 22.17 -2.75 1.18
CA THR A 866 21.91 -1.42 0.61
C THR A 866 23.17 -0.58 0.56
N TYR A 867 23.97 -0.73 1.61
CA TYR A 867 25.27 -0.08 1.69
C TYR A 867 26.06 -0.39 0.43
N PHE A 868 26.26 -1.66 0.16
CA PHE A 868 27.08 -2.04 -0.99
C PHE A 868 26.45 -1.69 -2.33
N VAL A 869 25.12 -1.74 -2.38
CA VAL A 869 24.36 -1.40 -3.58
C VAL A 869 24.60 0.04 -3.95
N ILE A 870 24.33 0.93 -3.01
CA ILE A 870 24.56 2.35 -3.19
C ILE A 870 26.01 2.62 -3.57
N LEU A 871 26.93 2.13 -2.76
CA LEU A 871 28.33 2.44 -3.00
C LEU A 871 28.83 1.95 -4.34
N ALA A 872 28.58 0.68 -4.64
CA ALA A 872 29.01 0.12 -5.91
C ALA A 872 28.37 0.85 -7.08
N GLU A 873 27.09 1.19 -6.94
CA GLU A 873 26.40 1.90 -8.01
C GLU A 873 26.99 3.30 -8.20
N ASN A 874 27.53 3.87 -7.12
CA ASN A 874 28.15 5.19 -7.20
C ASN A 874 29.64 5.19 -7.51
N GLY A 875 30.18 4.02 -7.83
CA GLY A 875 31.53 3.92 -8.32
C GLY A 875 32.57 3.26 -7.43
N PHE A 876 32.25 3.03 -6.16
CA PHE A 876 33.16 2.32 -5.29
C PHE A 876 32.69 0.90 -5.11
N LEU A 877 33.39 -0.04 -5.73
CA LEU A 877 33.01 -1.43 -5.63
C LEU A 877 33.38 -1.95 -4.24
N PRO A 878 32.55 -2.85 -3.70
CA PRO A 878 32.78 -3.52 -2.41
C PRO A 878 34.19 -4.12 -2.23
N ILE A 879 34.68 -4.80 -3.27
CA ILE A 879 36.02 -5.38 -3.30
C ILE A 879 37.05 -4.33 -2.92
N HIS A 880 36.88 -3.16 -3.51
CA HIS A 880 37.80 -2.04 -3.37
C HIS A 880 37.53 -1.23 -2.10
N LEU A 881 36.38 -1.50 -1.49
CA LEU A 881 35.86 -0.65 -0.41
C LEU A 881 36.58 -0.82 0.92
N LEU A 882 37.31 -1.91 1.06
CA LEU A 882 37.99 -2.24 2.31
C LEU A 882 39.27 -1.42 2.56
N GLY A 883 39.59 -1.22 3.84
CA GLY A 883 40.76 -0.44 4.21
C GLY A 883 40.65 1.03 3.90
N LEU A 884 39.52 1.41 3.31
CA LEU A 884 39.34 2.74 2.74
C LEU A 884 39.15 3.84 3.79
N ARG A 885 38.55 3.51 4.93
CA ARG A 885 38.18 4.52 5.94
C ARG A 885 39.32 5.46 6.29
N VAL A 886 40.51 4.90 6.40
CA VAL A 886 41.71 5.67 6.72
C VAL A 886 41.85 6.86 5.79
N ASN A 887 41.81 6.60 4.50
CA ASN A 887 41.88 7.67 3.52
C ASN A 887 40.54 8.38 3.42
N TRP A 888 39.47 7.64 3.72
CA TRP A 888 38.12 8.11 3.47
C TRP A 888 37.68 9.17 4.46
N ASP A 889 37.93 8.94 5.74
CA ASP A 889 37.51 9.89 6.75
C ASP A 889 38.56 10.99 6.92
N ASP A 890 39.63 10.91 6.13
CA ASP A 890 40.62 11.98 6.07
C ASP A 890 40.04 13.19 5.33
N ARG A 891 40.14 14.36 5.96
CA ARG A 891 39.50 15.58 5.46
C ARG A 891 40.26 16.23 4.33
N TRP A 892 41.56 15.99 4.30
CA TRP A 892 42.41 16.69 3.36
C TRP A 892 42.80 15.90 2.13
N ILE A 893 42.37 14.64 2.05
CA ILE A 893 42.64 13.92 0.81
C ILE A 893 41.43 14.15 -0.08
N ASN A 894 41.60 15.02 -1.06
CA ASN A 894 40.54 15.35 -2.00
C ASN A 894 40.71 14.68 -3.36
N ASP A 895 41.80 13.94 -3.52
CA ASP A 895 41.91 13.00 -4.64
C ASP A 895 41.86 11.59 -4.07
N VAL A 896 40.73 10.93 -4.26
CA VAL A 896 40.46 9.64 -3.65
C VAL A 896 39.94 8.72 -4.73
N GLU A 897 40.68 7.65 -5.03
CA GLU A 897 40.36 6.84 -6.18
C GLU A 897 39.37 5.70 -5.89
N ASP A 898 38.25 5.74 -6.61
CA ASP A 898 37.27 4.66 -6.56
C ASP A 898 37.73 3.54 -7.49
N SER A 899 36.84 2.60 -7.75
CA SER A 899 37.16 1.51 -8.65
C SER A 899 37.24 1.97 -10.11
N TYR A 900 36.73 3.16 -10.39
CA TYR A 900 36.74 3.67 -11.77
C TYR A 900 37.90 4.61 -12.11
N GLY A 901 38.76 4.89 -11.15
CA GLY A 901 39.85 5.82 -11.38
C GLY A 901 39.41 7.27 -11.31
N GLN A 902 38.17 7.48 -10.92
CA GLN A 902 37.67 8.82 -10.66
C GLN A 902 38.19 9.32 -9.32
N GLN A 903 38.22 10.64 -9.15
CA GLN A 903 38.69 11.27 -7.91
C GLN A 903 37.54 11.96 -7.18
N TRP A 904 37.58 11.92 -5.85
CA TRP A 904 36.55 12.55 -5.03
C TRP A 904 37.17 13.45 -3.98
N THR A 905 36.60 14.63 -3.81
CA THR A 905 37.00 15.50 -2.70
C THR A 905 36.37 14.96 -1.42
N TYR A 906 36.49 15.70 -0.32
CA TYR A 906 35.99 15.22 0.96
C TYR A 906 34.47 15.25 0.96
N GLU A 907 33.91 16.44 0.83
CA GLU A 907 32.46 16.60 0.88
C GLU A 907 31.68 15.78 -0.15
N GLN A 908 32.26 15.53 -1.31
CA GLN A 908 31.59 14.70 -2.31
C GLN A 908 31.37 13.27 -1.77
N ARG A 909 32.48 12.59 -1.48
CA ARG A 909 32.41 11.21 -1.00
C ARG A 909 31.65 11.12 0.32
N LYS A 910 31.86 12.11 1.19
CA LYS A 910 31.17 12.13 2.48
C LYS A 910 29.65 12.29 2.32
N ILE A 911 29.23 13.06 1.31
CA ILE A 911 27.81 13.14 1.00
C ILE A 911 27.35 11.76 0.61
N VAL A 912 28.14 11.07 -0.21
CA VAL A 912 27.74 9.69 -0.54
C VAL A 912 27.64 8.79 0.71
N GLU A 913 28.50 9.05 1.69
CA GLU A 913 28.47 8.27 2.91
C GLU A 913 27.20 8.56 3.69
N PHE A 914 26.80 9.82 3.72
CA PHE A 914 25.59 10.22 4.44
C PHE A 914 24.30 9.84 3.71
N THR A 915 24.37 9.78 2.39
CA THR A 915 23.29 9.19 1.61
C THR A 915 23.52 7.70 1.56
N CYS A 916 24.56 7.22 2.23
CA CYS A 916 24.62 5.79 2.53
C CYS A 916 24.15 5.50 3.94
N HIS A 917 23.98 6.55 4.73
CA HIS A 917 23.47 6.39 6.10
C HIS A 917 21.97 6.32 6.04
N THR A 918 21.42 7.22 5.23
CA THR A 918 19.99 7.36 5.07
C THR A 918 19.31 6.05 4.66
N PRO A 919 19.74 5.42 3.53
CA PRO A 919 19.06 4.21 3.08
C PRO A 919 19.33 2.99 3.96
N PHE A 920 20.38 3.05 4.78
CA PHE A 920 20.60 1.98 5.74
C PHE A 920 19.57 2.17 6.84
N PHE A 921 19.36 3.42 7.23
CA PHE A 921 18.31 3.73 8.19
C PHE A 921 16.93 3.31 7.66
N VAL A 922 16.64 3.67 6.41
CA VAL A 922 15.39 3.33 5.75
C VAL A 922 15.28 1.81 5.63
N THR A 923 16.41 1.16 5.43
CA THR A 923 16.47 -0.28 5.48
C THR A 923 15.98 -0.81 6.84
N ILE A 924 16.52 -0.24 7.91
CA ILE A 924 16.07 -0.62 9.25
C ILE A 924 14.56 -0.49 9.34
N VAL A 925 14.01 0.60 8.83
CA VAL A 925 12.56 0.71 8.79
C VAL A 925 11.94 -0.50 8.09
N VAL A 926 12.38 -0.72 6.86
CA VAL A 926 11.82 -1.76 5.99
C VAL A 926 11.83 -3.16 6.61
N VAL A 927 12.88 -3.47 7.37
CA VAL A 927 12.96 -4.77 8.04
C VAL A 927 12.16 -4.78 9.34
N GLN A 928 12.08 -3.61 9.98
CA GLN A 928 11.29 -3.47 11.18
C GLN A 928 9.81 -3.64 10.88
N TRP A 929 9.41 -3.52 9.61
CA TRP A 929 8.05 -3.88 9.21
C TRP A 929 7.77 -5.34 9.56
N ALA A 930 8.57 -6.19 8.93
CA ALA A 930 8.45 -7.62 9.09
C ALA A 930 8.60 -7.97 10.56
N ASP A 931 9.62 -7.43 11.20
CA ASP A 931 9.87 -7.76 12.60
C ASP A 931 8.68 -7.38 13.45
N LEU A 932 8.05 -6.26 13.13
CA LEU A 932 6.86 -5.83 13.84
C LEU A 932 5.74 -6.86 13.72
N VAL A 933 5.39 -7.19 12.50
CA VAL A 933 4.33 -8.16 12.28
C VAL A 933 4.60 -9.48 13.00
N ILE A 934 5.84 -9.97 12.95
CA ILE A 934 6.13 -11.29 13.51
C ILE A 934 6.34 -11.29 15.01
N CYS A 935 6.62 -10.14 15.61
CA CYS A 935 6.73 -10.10 17.06
C CYS A 935 5.34 -10.00 17.69
N LYS A 936 4.39 -9.56 16.88
CA LYS A 936 2.98 -9.48 17.23
C LYS A 936 2.46 -10.80 17.77
N THR A 937 2.95 -11.90 17.21
CA THR A 937 2.47 -13.23 17.55
C THR A 937 3.62 -14.10 18.02
N ARG A 938 3.61 -14.49 19.29
CA ARG A 938 4.66 -15.34 19.85
C ARG A 938 4.46 -16.81 19.50
N ARG A 939 3.22 -17.20 19.23
CA ARG A 939 2.89 -18.58 18.87
C ARG A 939 2.08 -18.77 17.58
N ASN A 940 0.87 -18.20 17.53
CA ASN A 940 0.00 -18.35 16.36
C ASN A 940 0.58 -17.71 15.10
N SER A 941 0.15 -18.19 13.94
CA SER A 941 0.54 -17.60 12.66
C SER A 941 -0.07 -16.20 12.54
N VAL A 942 0.48 -15.36 11.66
CA VAL A 942 0.00 -13.99 11.47
C VAL A 942 -1.39 -13.98 10.84
N PHE A 943 -1.71 -15.10 10.19
CA PHE A 943 -3.02 -15.29 9.56
C PHE A 943 -4.02 -15.92 10.50
N GLN A 944 -3.61 -16.07 11.76
CA GLN A 944 -4.52 -16.46 12.83
C GLN A 944 -4.91 -15.22 13.62
N GLN A 945 -3.95 -14.67 14.34
CA GLN A 945 -4.17 -13.46 15.14
C GLN A 945 -4.65 -12.31 14.26
N GLY A 946 -4.42 -12.43 12.97
CA GLY A 946 -4.82 -11.42 12.02
C GLY A 946 -4.05 -10.13 12.21
N MET A 947 -4.42 -9.13 11.43
CA MET A 947 -3.83 -7.80 11.51
C MET A 947 -4.65 -6.80 12.34
N LYS A 948 -5.66 -7.31 13.06
CA LYS A 948 -6.71 -6.47 13.63
C LYS A 948 -6.23 -5.31 14.52
N ASN A 949 -4.96 -5.29 14.88
CA ASN A 949 -4.43 -4.20 15.69
C ASN A 949 -4.27 -2.93 14.86
N LYS A 950 -5.01 -1.88 15.23
CA LYS A 950 -5.05 -0.65 14.45
C LYS A 950 -3.85 0.23 14.75
N ILE A 951 -3.37 0.14 15.99
CA ILE A 951 -2.22 0.94 16.38
C ILE A 951 -0.99 0.36 15.72
N LEU A 952 -1.05 -0.92 15.42
CA LEU A 952 0.01 -1.59 14.70
C LEU A 952 0.06 -1.08 13.26
N ILE A 953 -1.09 -1.12 12.59
CA ILE A 953 -1.20 -0.66 11.21
C ILE A 953 -0.76 0.80 11.07
N PHE A 954 -1.28 1.62 11.98
CA PHE A 954 -0.88 3.02 12.00
C PHE A 954 0.61 3.11 12.22
N GLY A 955 1.10 2.32 13.16
CA GLY A 955 2.52 2.27 13.44
C GLY A 955 3.32 2.10 12.18
N LEU A 956 2.90 1.19 11.31
CA LEU A 956 3.58 0.96 10.05
C LEU A 956 3.49 2.19 9.14
N PHE A 957 2.26 2.63 8.91
CA PHE A 957 2.03 3.79 8.04
C PHE A 957 2.84 5.04 8.43
N GLU A 958 2.86 5.37 9.70
CA GLU A 958 3.63 6.51 10.18
C GLU A 958 5.12 6.27 10.16
N GLU A 959 5.56 5.15 10.72
CA GLU A 959 6.99 4.84 10.80
C GLU A 959 7.62 5.04 9.43
N THR A 960 6.95 4.50 8.42
CA THR A 960 7.42 4.75 7.06
C THR A 960 7.27 6.21 6.63
N ALA A 961 6.07 6.79 6.75
CA ALA A 961 5.85 8.17 6.30
C ALA A 961 6.90 9.15 6.84
N LEU A 962 7.27 8.97 8.10
CA LEU A 962 8.31 9.76 8.73
C LEU A 962 9.68 9.40 8.21
N ALA A 963 9.94 8.12 7.97
CA ALA A 963 11.23 7.75 7.36
C ALA A 963 11.45 8.46 6.02
N ALA A 964 10.47 8.31 5.12
CA ALA A 964 10.48 9.01 3.83
C ALA A 964 10.52 10.52 4.04
N PHE A 965 10.03 10.96 5.19
CA PHE A 965 10.12 12.36 5.52
C PHE A 965 11.52 12.82 5.91
N LEU A 966 12.26 11.99 6.64
CA LEU A 966 13.62 12.34 7.04
C LEU A 966 14.53 12.33 5.83
N SER A 967 14.35 11.35 4.96
CA SER A 967 15.15 11.31 3.74
C SER A 967 14.81 12.46 2.81
N TYR A 968 13.51 12.59 2.50
CA TYR A 968 13.09 13.51 1.44
C TYR A 968 12.69 14.93 1.86
N CYS A 969 12.87 15.28 3.13
CA CYS A 969 12.57 16.65 3.55
C CYS A 969 13.69 17.59 3.13
N PRO A 970 13.34 18.81 2.71
CA PRO A 970 14.32 19.85 2.36
C PRO A 970 15.09 20.38 3.59
N GLY A 971 16.41 20.40 3.49
CA GLY A 971 17.26 20.88 4.58
C GLY A 971 17.66 19.82 5.57
N MET A 972 17.41 18.56 5.25
CA MET A 972 17.82 17.47 6.13
C MET A 972 19.30 17.15 5.95
N GLY A 973 19.78 17.26 4.71
CA GLY A 973 21.18 17.03 4.43
C GLY A 973 22.05 17.96 5.24
N VAL A 974 21.59 19.19 5.40
CA VAL A 974 22.27 20.12 6.29
C VAL A 974 22.02 19.77 7.75
N ALA A 975 20.75 19.71 8.13
CA ALA A 975 20.39 19.56 9.53
C ALA A 975 20.76 18.20 10.11
N LEU A 976 20.25 17.14 9.49
CA LEU A 976 20.51 15.77 9.95
C LEU A 976 21.60 15.01 9.22
N ARG A 977 22.28 15.65 8.27
CA ARG A 977 23.20 14.93 7.39
C ARG A 977 22.47 13.74 6.78
N MET A 978 21.22 13.99 6.39
CA MET A 978 20.37 13.01 5.78
C MET A 978 19.86 13.56 4.45
N TYR A 979 20.23 12.88 3.37
CA TYR A 979 19.96 13.33 2.03
C TYR A 979 19.02 12.35 1.34
N PRO A 980 18.30 12.80 0.30
CA PRO A 980 17.34 11.98 -0.44
C PRO A 980 17.89 10.66 -1.03
N LEU A 981 16.99 9.70 -1.22
CA LEU A 981 17.30 8.42 -1.85
C LEU A 981 16.77 8.31 -3.27
N LYS A 982 17.62 7.85 -4.18
CA LYS A 982 17.16 7.41 -5.48
C LYS A 982 16.25 6.24 -5.20
N PRO A 983 14.98 6.33 -5.64
CA PRO A 983 13.89 5.43 -5.27
C PRO A 983 14.26 3.95 -5.31
N THR A 984 15.18 3.60 -6.21
CA THR A 984 15.78 2.27 -6.24
C THR A 984 16.26 1.84 -4.86
N TRP A 985 16.84 2.77 -4.12
CA TRP A 985 17.38 2.49 -2.78
C TRP A 985 16.35 1.90 -1.83
N TRP A 986 15.08 2.23 -2.04
CA TRP A 986 14.04 1.76 -1.13
C TRP A 986 13.87 0.27 -1.26
N PHE A 987 14.14 -0.24 -2.45
CA PHE A 987 13.79 -1.62 -2.79
C PHE A 987 14.91 -2.63 -2.59
N CYS A 988 16.04 -2.16 -2.07
CA CYS A 988 17.14 -3.06 -1.75
C CYS A 988 16.75 -3.92 -0.56
N ALA A 989 16.20 -3.27 0.45
CA ALA A 989 15.98 -3.89 1.75
C ALA A 989 14.86 -4.92 1.75
N PHE A 990 14.00 -4.86 0.73
CA PHE A 990 12.77 -5.66 0.68
C PHE A 990 12.91 -7.19 0.83
N PRO A 991 13.79 -7.82 0.03
CA PRO A 991 13.92 -9.28 0.12
C PRO A 991 14.24 -9.77 1.53
N TYR A 992 15.05 -9.03 2.26
CA TYR A 992 15.43 -9.45 3.61
C TYR A 992 14.24 -9.44 4.56
N SER A 993 13.47 -8.37 4.51
CA SER A 993 12.24 -8.26 5.29
C SER A 993 11.32 -9.43 4.99
N LEU A 994 11.13 -9.69 3.70
CA LEU A 994 10.30 -10.82 3.29
C LEU A 994 10.82 -12.14 3.87
N LEU A 995 12.14 -12.30 3.85
CA LEU A 995 12.77 -13.50 4.42
C LEU A 995 12.44 -13.64 5.90
N ILE A 996 12.51 -12.53 6.61
CA ILE A 996 12.19 -12.49 8.04
C ILE A 996 10.77 -12.95 8.30
N PHE A 997 9.83 -12.38 7.55
CA PHE A 997 8.42 -12.77 7.68
C PHE A 997 8.28 -14.27 7.48
N VAL A 998 8.74 -14.76 6.32
CA VAL A 998 8.66 -16.18 6.02
C VAL A 998 9.27 -17.10 7.10
N TYR A 999 10.53 -16.84 7.42
CA TYR A 999 11.28 -17.58 8.44
C TYR A 999 10.58 -17.66 9.78
N ASP A 1000 10.19 -16.51 10.32
CA ASP A 1000 9.52 -16.53 11.61
C ASP A 1000 8.16 -17.22 11.50
N GLU A 1001 7.54 -17.14 10.33
CA GLU A 1001 6.22 -17.73 10.13
C GLU A 1001 6.30 -19.25 10.14
N VAL A 1002 7.27 -19.81 9.43
CA VAL A 1002 7.46 -21.25 9.49
C VAL A 1002 7.99 -21.70 10.85
N ARG A 1003 8.69 -20.83 11.56
CA ARG A 1003 9.13 -21.20 12.90
C ARG A 1003 7.93 -21.35 13.81
N LYS A 1004 7.07 -20.34 13.80
CA LYS A 1004 5.83 -20.35 14.58
C LYS A 1004 4.82 -21.33 13.99
N LEU A 1005 5.18 -21.91 12.85
CA LEU A 1005 4.46 -23.02 12.29
C LEU A 1005 4.91 -24.30 12.97
N ILE A 1006 6.20 -24.62 12.82
CA ILE A 1006 6.80 -25.83 13.40
C ILE A 1006 6.58 -25.92 14.90
N ILE A 1007 6.63 -24.79 15.59
CA ILE A 1007 6.37 -24.76 17.02
C ILE A 1007 4.95 -25.24 17.32
N ARG A 1008 4.00 -24.79 16.50
CA ARG A 1008 2.61 -25.18 16.68
C ARG A 1008 2.39 -26.65 16.33
N ARG A 1009 2.99 -27.11 15.23
CA ARG A 1009 2.80 -28.48 14.77
C ARG A 1009 3.64 -29.48 15.57
N ARG A 1010 4.72 -29.00 16.17
CA ARG A 1010 5.56 -29.83 17.03
C ARG A 1010 5.89 -29.15 18.35
N PRO A 1011 4.97 -29.21 19.33
CA PRO A 1011 5.27 -28.60 20.63
C PRO A 1011 6.01 -29.58 21.54
N GLY A 1012 7.04 -30.23 21.03
CA GLY A 1012 7.88 -31.10 21.84
C GLY A 1012 8.77 -30.35 22.82
N GLY A 1013 9.64 -29.49 22.29
CA GLY A 1013 10.00 -29.51 20.88
C GLY A 1013 11.27 -28.70 20.72
N TRP A 1014 12.07 -29.00 19.71
CA TRP A 1014 13.39 -28.39 19.64
C TRP A 1014 13.31 -26.91 19.27
N VAL A 1015 12.48 -26.61 18.30
CA VAL A 1015 12.24 -25.22 17.93
C VAL A 1015 11.66 -24.47 19.13
N GLU A 1016 10.87 -25.19 19.91
CA GLU A 1016 10.14 -24.61 21.02
C GLU A 1016 11.00 -24.39 22.25
N LYS A 1017 11.91 -25.33 22.52
CA LYS A 1017 12.86 -25.19 23.60
C LYS A 1017 13.87 -24.10 23.26
N GLU A 1018 14.30 -24.08 22.00
CA GLU A 1018 15.36 -23.16 21.58
C GLU A 1018 14.91 -21.72 21.29
N THR A 1019 13.79 -21.58 20.58
CA THR A 1019 13.36 -20.26 20.10
C THR A 1019 12.31 -19.59 20.97
N TYR A 1020 11.18 -20.26 21.17
CA TYR A 1020 9.99 -19.68 21.79
C TYR A 1020 10.35 -18.97 23.08
N TYR A 1021 9.95 -17.71 23.19
CA TYR A 1021 10.39 -16.83 24.28
C TYR A 1021 9.23 -16.13 24.98
N ILE B 16 30.32 -18.84 41.19
CA ILE B 16 30.68 -20.08 40.51
C ILE B 16 29.58 -21.16 40.69
N TRP B 17 28.63 -21.15 39.76
CA TRP B 17 27.45 -22.02 39.81
C TRP B 17 27.15 -22.76 38.50
N ASN B 18 26.77 -22.00 37.47
CA ASN B 18 26.36 -22.55 36.17
C ASN B 18 27.46 -23.32 35.45
N SER B 19 28.70 -22.90 35.66
CA SER B 19 29.86 -23.36 34.89
C SER B 19 29.92 -24.87 34.77
N GLU B 20 29.78 -25.55 35.89
CA GLU B 20 29.56 -26.99 35.86
C GLU B 20 28.49 -27.44 36.85
N LYS B 21 27.47 -28.10 36.32
CA LYS B 21 26.33 -28.57 37.08
C LYS B 21 26.13 -30.03 36.72
N LYS B 22 25.27 -30.74 37.45
CA LYS B 22 25.01 -32.13 37.10
C LYS B 22 24.43 -32.22 35.68
N GLU B 23 25.12 -33.00 34.86
CA GLU B 23 24.86 -33.23 33.44
C GLU B 23 24.94 -32.02 32.49
N PHE B 24 25.58 -30.93 32.91
CA PHE B 24 25.59 -29.73 32.07
C PHE B 24 26.83 -28.83 32.20
N LEU B 25 27.24 -28.25 31.08
CA LEU B 25 28.27 -27.22 31.03
C LEU B 25 27.58 -25.87 30.98
N GLY B 26 28.15 -24.87 31.64
CA GLY B 26 27.52 -23.57 31.74
C GLY B 26 27.15 -22.99 30.39
N ARG B 27 25.86 -22.67 30.23
CA ARG B 27 24.85 -22.86 31.29
C ARG B 27 24.31 -24.30 31.36
N THR B 28 23.54 -24.72 30.36
CA THR B 28 23.11 -26.11 30.23
C THR B 28 23.68 -26.72 28.94
N GLY B 29 24.56 -27.71 29.11
CA GLY B 29 25.42 -28.14 28.02
C GLY B 29 25.18 -29.45 27.28
N GLY B 30 24.16 -30.21 27.67
CA GLY B 30 23.88 -31.46 27.00
C GLY B 30 23.68 -31.33 25.50
N SER B 31 22.86 -30.35 25.12
CA SER B 31 22.40 -30.19 23.74
C SER B 31 23.22 -29.23 22.89
N TRP B 32 24.31 -28.71 23.47
CA TRP B 32 25.07 -27.63 22.85
C TRP B 32 25.34 -27.92 21.38
N PHE B 33 25.76 -29.14 21.07
CA PHE B 33 26.02 -29.53 19.67
C PHE B 33 24.87 -29.16 18.73
N LYS B 34 23.63 -29.32 19.19
CA LYS B 34 22.45 -28.97 18.41
C LYS B 34 22.37 -27.46 18.06
N ILE B 35 22.51 -26.62 19.07
CA ILE B 35 22.49 -25.17 18.90
C ILE B 35 23.65 -24.71 18.02
N LEU B 36 24.86 -25.18 18.32
CA LEU B 36 26.03 -24.76 17.55
C LEU B 36 25.98 -25.19 16.08
N LEU B 37 25.59 -26.43 15.82
CA LEU B 37 25.37 -26.86 14.44
C LEU B 37 24.33 -25.98 13.76
N PHE B 38 23.16 -25.83 14.40
CA PHE B 38 22.08 -25.02 13.84
C PHE B 38 22.53 -23.61 13.45
N TYR B 39 23.37 -23.00 14.29
CA TYR B 39 23.83 -21.65 14.00
C TYR B 39 24.91 -21.63 12.93
N VAL B 40 25.68 -22.71 12.86
CA VAL B 40 26.65 -22.83 11.79
C VAL B 40 25.95 -22.91 10.43
N ILE B 41 24.91 -23.73 10.36
CA ILE B 41 24.14 -23.90 9.13
C ILE B 41 23.36 -22.63 8.79
N PHE B 42 22.68 -22.08 9.79
CA PHE B 42 21.83 -20.89 9.61
C PHE B 42 22.62 -19.67 9.19
N TYR B 43 23.73 -19.42 9.88
CA TYR B 43 24.64 -18.35 9.50
C TYR B 43 25.30 -18.63 8.15
N GLY B 44 25.58 -19.91 7.88
CA GLY B 44 26.10 -20.30 6.59
C GLY B 44 25.16 -19.85 5.48
N CYS B 45 23.88 -20.12 5.67
CA CYS B 45 22.88 -19.75 4.69
C CYS B 45 22.64 -18.27 4.62
N LEU B 46 22.78 -17.57 5.75
CA LEU B 46 22.68 -16.12 5.74
C LEU B 46 23.80 -15.53 4.87
N ALA B 47 25.03 -15.95 5.13
CA ALA B 47 26.17 -15.50 4.35
C ALA B 47 25.98 -15.83 2.87
N GLY B 48 25.49 -17.04 2.62
CA GLY B 48 25.19 -17.51 1.27
C GLY B 48 24.25 -16.56 0.56
N ILE B 49 23.12 -16.28 1.22
CA ILE B 49 22.12 -15.36 0.71
C ILE B 49 22.72 -13.99 0.42
N PHE B 50 23.36 -13.39 1.42
CA PHE B 50 23.94 -12.07 1.29
C PHE B 50 24.84 -11.99 0.07
N ILE B 51 25.76 -12.94 -0.02
CA ILE B 51 26.69 -12.95 -1.13
C ILE B 51 25.93 -13.17 -2.44
N GLY B 52 24.80 -13.86 -2.37
CA GLY B 52 23.96 -14.01 -3.55
C GLY B 52 23.48 -12.65 -4.03
N THR B 53 22.83 -11.92 -3.13
CA THR B 53 22.30 -10.60 -3.45
C THR B 53 23.40 -9.63 -3.90
N ILE B 54 24.54 -9.66 -3.23
CA ILE B 54 25.66 -8.84 -3.64
C ILE B 54 26.10 -9.23 -5.05
N GLN B 55 26.00 -10.51 -5.37
CA GLN B 55 26.42 -10.96 -6.69
C GLN B 55 25.51 -10.43 -7.77
N VAL B 56 24.19 -10.53 -7.56
CA VAL B 56 23.23 -10.01 -8.51
C VAL B 56 23.44 -8.52 -8.69
N MET B 57 23.65 -7.85 -7.56
CA MET B 57 23.85 -6.42 -7.55
C MET B 57 25.10 -6.07 -8.35
N LEU B 58 26.10 -6.95 -8.31
CA LEU B 58 27.32 -6.74 -9.08
C LEU B 58 27.13 -7.10 -10.55
N LEU B 59 26.08 -7.86 -10.83
CA LEU B 59 25.67 -8.12 -12.20
C LEU B 59 24.82 -6.97 -12.70
N THR B 60 24.44 -6.07 -11.79
CA THR B 60 23.76 -4.85 -12.18
C THR B 60 24.73 -3.67 -12.33
N ILE B 61 26.02 -3.95 -12.19
CA ILE B 61 27.04 -2.92 -12.29
C ILE B 61 27.79 -2.99 -13.58
N SER B 62 27.70 -1.93 -14.37
CA SER B 62 28.40 -1.82 -15.65
C SER B 62 29.91 -1.92 -15.48
N GLU B 63 30.55 -2.64 -16.39
CA GLU B 63 31.97 -2.89 -16.32
C GLU B 63 32.78 -1.70 -16.83
N PHE B 64 32.10 -0.72 -17.41
CA PHE B 64 32.76 0.41 -18.07
C PHE B 64 32.55 1.74 -17.33
N LYS B 65 31.30 2.16 -17.18
CA LYS B 65 30.97 3.44 -16.54
C LYS B 65 30.23 3.20 -15.22
N PRO B 66 30.38 4.10 -14.24
CA PRO B 66 29.60 4.04 -13.00
C PRO B 66 28.14 4.39 -13.26
N THR B 67 27.20 3.73 -12.59
CA THR B 67 25.79 3.98 -12.84
C THR B 67 25.30 5.36 -12.35
N TYR B 68 26.03 5.97 -11.42
CA TYR B 68 25.79 7.37 -11.04
C TYR B 68 27.10 8.15 -10.88
N GLN B 69 27.25 9.22 -11.65
CA GLN B 69 28.36 10.15 -11.45
C GLN B 69 27.99 11.45 -10.72
N ASP B 70 26.72 11.65 -10.42
CA ASP B 70 26.23 12.99 -10.08
C ASP B 70 26.82 13.68 -8.85
N ARG B 71 27.41 12.91 -7.95
CA ARG B 71 28.00 13.48 -6.72
C ARG B 71 29.40 14.08 -6.93
N VAL B 72 30.05 13.72 -8.04
CA VAL B 72 31.33 14.31 -8.44
C VAL B 72 31.18 15.45 -9.45
N ALA B 73 29.94 15.80 -9.76
CA ALA B 73 29.63 16.74 -10.84
C ALA B 73 30.47 18.02 -10.93
N PRO B 74 30.61 18.77 -9.82
CA PRO B 74 31.53 19.91 -9.78
C PRO B 74 32.96 19.47 -9.40
N PRO B 75 33.82 19.13 -10.38
CA PRO B 75 35.11 18.48 -10.11
C PRO B 75 35.95 19.30 -9.12
N GLY B 76 36.78 18.63 -8.32
CA GLY B 76 37.62 19.34 -7.37
C GLY B 76 39.00 19.74 -7.87
N LEU B 77 39.54 20.81 -7.30
CA LEU B 77 40.90 21.25 -7.62
C LEU B 77 41.85 20.79 -6.52
N THR B 78 42.85 19.97 -6.88
CA THR B 78 43.76 19.36 -5.90
C THR B 78 45.24 19.64 -6.16
N GLN B 79 46.09 19.37 -5.17
CA GLN B 79 47.49 19.78 -5.20
C GLN B 79 48.47 18.61 -5.19
N ILE B 80 49.70 18.88 -5.60
CA ILE B 80 50.77 17.91 -5.38
C ILE B 80 51.13 17.71 -3.90
N PRO B 81 51.49 18.78 -3.17
CA PRO B 81 51.94 18.47 -1.83
C PRO B 81 50.77 18.58 -0.86
N GLN B 82 49.85 17.62 -0.90
CA GLN B 82 48.67 17.71 -0.04
C GLN B 82 49.10 17.78 1.41
N SER B 83 48.72 18.86 2.09
CA SER B 83 49.32 19.13 3.38
C SER B 83 48.35 18.77 4.49
N GLN B 84 48.81 18.91 5.73
CA GLN B 84 48.03 18.45 6.87
C GLN B 84 46.70 19.17 6.89
N LYS B 85 46.72 20.49 6.97
CA LYS B 85 45.55 21.24 6.57
C LYS B 85 45.97 22.37 5.65
N THR B 86 45.86 22.14 4.34
CA THR B 86 46.12 23.15 3.32
C THR B 86 47.34 24.06 3.59
N GLU B 87 48.35 23.55 4.28
CA GLU B 87 49.43 24.42 4.77
C GLU B 87 50.87 23.93 4.54
N ILE B 88 51.60 24.76 3.81
CA ILE B 88 53.02 24.53 3.59
C ILE B 88 53.79 25.56 4.41
N SER B 89 54.44 25.12 5.48
CA SER B 89 55.22 26.00 6.36
C SER B 89 56.64 25.45 6.51
N PHE B 90 57.63 26.21 6.03
CA PHE B 90 58.97 25.62 5.93
C PHE B 90 60.16 26.59 5.93
N ARG B 91 61.35 26.03 6.12
CA ARG B 91 62.59 26.81 6.12
C ARG B 91 63.36 26.65 4.81
N PRO B 92 63.62 27.78 4.13
CA PRO B 92 64.37 27.81 2.87
C PRO B 92 65.73 27.11 2.98
N ASN B 93 66.38 27.28 4.12
CA ASN B 93 67.69 26.68 4.35
C ASN B 93 67.62 25.18 4.62
N ASP B 94 66.92 24.80 5.69
CA ASP B 94 66.80 23.41 6.12
C ASP B 94 66.30 22.51 4.98
N PRO B 95 67.12 21.51 4.62
CA PRO B 95 66.77 20.48 3.65
C PRO B 95 65.71 19.55 4.24
N GLN B 96 65.70 19.43 5.57
CA GLN B 96 64.71 18.59 6.24
C GLN B 96 63.37 19.31 6.38
N SER B 97 63.40 20.61 6.15
CA SER B 97 62.20 21.44 6.24
C SER B 97 61.23 21.15 5.10
N TYR B 98 61.72 21.18 3.87
CA TYR B 98 60.88 20.95 2.69
C TYR B 98 60.85 19.48 2.23
N GLU B 99 61.41 18.59 3.05
CA GLU B 99 61.54 17.17 2.70
C GLU B 99 60.24 16.50 2.26
N SER B 100 59.22 16.55 3.11
CA SER B 100 57.98 15.83 2.83
C SER B 100 57.27 16.29 1.56
N TYR B 101 57.15 17.61 1.41
CA TYR B 101 56.48 18.17 0.25
C TYR B 101 57.20 17.72 -1.02
N VAL B 102 58.49 18.08 -1.11
CA VAL B 102 59.33 17.74 -2.26
C VAL B 102 59.24 16.26 -2.61
N VAL B 103 59.30 15.40 -1.59
CA VAL B 103 59.09 13.97 -1.79
C VAL B 103 57.72 13.67 -2.45
N SER B 104 56.66 14.28 -1.91
CA SER B 104 55.33 14.08 -2.47
C SER B 104 55.31 14.48 -3.95
N ILE B 105 56.09 15.50 -4.31
CA ILE B 105 56.15 15.91 -5.71
C ILE B 105 56.85 14.85 -6.55
N VAL B 106 57.99 14.36 -6.05
CA VAL B 106 58.76 13.35 -6.77
C VAL B 106 57.97 12.06 -7.02
N ARG B 107 57.26 11.59 -5.98
CA ARG B 107 56.42 10.39 -6.11
C ARG B 107 55.17 10.65 -6.96
N PHE B 108 54.69 11.90 -6.94
CA PHE B 108 53.58 12.30 -7.80
C PHE B 108 53.96 12.21 -9.28
N LEU B 109 55.01 12.94 -9.68
CA LEU B 109 55.38 13.05 -11.10
C LEU B 109 56.35 11.97 -11.56
N GLU B 110 56.60 11.00 -10.68
CA GLU B 110 57.35 9.81 -11.09
C GLU B 110 56.68 9.13 -12.29
N LYS B 111 55.35 9.22 -12.37
CA LYS B 111 54.61 8.65 -13.49
C LYS B 111 54.87 9.42 -14.79
N TYR B 112 55.14 10.71 -14.67
CA TYR B 112 55.19 11.59 -15.83
C TYR B 112 56.51 11.59 -16.58
N LYS B 113 57.53 10.95 -16.00
CA LYS B 113 58.85 10.92 -16.61
C LYS B 113 58.84 10.37 -18.03
N ASP B 114 59.71 10.92 -18.87
CA ASP B 114 59.69 10.63 -20.30
C ASP B 114 60.00 9.18 -20.63
N LEU B 115 60.85 8.55 -19.81
CA LEU B 115 61.19 7.15 -20.01
C LEU B 115 60.11 6.27 -19.40
N ALA B 116 59.27 6.88 -18.56
CA ALA B 116 58.17 6.16 -17.93
C ALA B 116 57.05 5.88 -18.94
N GLN B 117 56.82 6.78 -19.88
CA GLN B 117 55.97 6.42 -21.00
C GLN B 117 56.85 6.30 -22.23
N LYS B 118 57.27 5.07 -22.51
CA LYS B 118 58.02 4.75 -23.71
C LYS B 118 57.13 4.32 -24.89
N ASP B 119 56.14 3.50 -24.56
CA ASP B 119 55.42 2.67 -25.53
C ASP B 119 54.54 3.47 -26.47
N ASP B 120 54.75 3.30 -27.78
CA ASP B 120 53.91 3.97 -28.76
C ASP B 120 52.63 3.18 -29.04
N MET B 121 52.52 2.00 -28.42
CA MET B 121 51.30 1.21 -28.46
C MET B 121 50.20 1.85 -27.62
N ILE B 122 50.51 2.04 -26.34
CA ILE B 122 49.54 2.58 -25.39
C ILE B 122 49.67 4.07 -25.15
N PHE B 123 50.71 4.70 -25.72
CA PHE B 123 50.91 6.13 -25.58
C PHE B 123 50.89 6.88 -26.92
N GLU B 124 50.19 8.01 -26.91
CA GLU B 124 49.93 8.79 -28.10
C GLU B 124 50.49 10.17 -27.84
N ASP B 125 51.32 10.67 -28.74
CA ASP B 125 51.92 11.97 -28.51
C ASP B 125 51.01 13.01 -29.14
N CYS B 126 50.32 13.77 -28.29
CA CYS B 126 49.41 14.80 -28.77
C CYS B 126 50.10 16.15 -28.74
N GLY B 127 49.34 17.21 -28.99
CA GLY B 127 49.91 18.52 -29.26
C GLY B 127 50.86 19.12 -28.23
N ASN B 128 51.73 19.99 -28.73
CA ASN B 128 52.55 20.86 -27.90
C ASN B 128 51.80 22.16 -27.68
N VAL B 129 50.56 22.19 -28.18
CA VAL B 129 49.65 23.32 -28.06
C VAL B 129 48.28 22.75 -27.71
N PRO B 130 47.55 23.40 -26.78
CA PRO B 130 46.22 22.93 -26.37
C PRO B 130 45.26 22.72 -27.56
N SER B 131 44.61 21.57 -27.62
CA SER B 131 43.82 21.19 -28.80
C SER B 131 42.41 20.69 -28.49
N GLU B 132 41.57 20.55 -29.52
CA GLU B 132 40.18 20.14 -29.37
C GLU B 132 40.07 18.76 -28.72
N LEU B 133 38.97 18.54 -27.99
CA LEU B 133 38.80 17.36 -27.15
C LEU B 133 39.01 16.08 -27.93
N LYS B 134 39.63 15.09 -27.29
CA LYS B 134 39.92 13.86 -28.00
C LYS B 134 38.88 12.82 -27.68
N GLU B 135 38.03 12.57 -28.67
CA GLU B 135 36.93 11.64 -28.53
C GLU B 135 37.38 10.33 -29.12
N ARG B 136 37.39 9.28 -28.30
CA ARG B 136 37.76 7.98 -28.82
C ARG B 136 36.54 7.06 -28.79
N GLY B 137 35.96 6.84 -29.97
CA GLY B 137 34.84 5.95 -30.13
C GLY B 137 33.73 6.17 -29.12
N GLU B 138 33.33 5.06 -28.50
CA GLU B 138 32.39 5.05 -27.40
C GLU B 138 33.04 4.35 -26.23
N TYR B 139 32.28 4.13 -25.16
CA TYR B 139 32.82 3.53 -23.94
C TYR B 139 32.74 2.00 -23.97
N ASN B 140 32.34 1.48 -25.13
CA ASN B 140 32.32 0.04 -25.39
C ASN B 140 33.70 -0.59 -25.46
N ASN B 141 33.74 -1.91 -25.33
CA ASN B 141 34.97 -2.65 -25.54
C ASN B 141 35.10 -3.05 -27.01
N GLU B 142 34.14 -2.59 -27.81
CA GLU B 142 34.17 -2.77 -29.26
C GLU B 142 35.47 -2.22 -29.84
N ARG B 143 35.87 -1.05 -29.35
CA ARG B 143 37.21 -0.55 -29.61
C ARG B 143 38.13 -1.10 -28.53
N GLY B 144 39.38 -1.39 -28.92
CA GLY B 144 40.35 -1.93 -27.98
C GLY B 144 40.70 -0.90 -26.92
N GLU B 145 41.59 -1.27 -26.01
CA GLU B 145 42.06 -0.36 -24.97
C GLU B 145 42.55 0.96 -25.59
N ARG B 146 42.08 2.08 -25.03
CA ARG B 146 42.29 3.40 -25.64
C ARG B 146 43.71 3.94 -25.46
N LYS B 147 44.20 4.71 -26.45
CA LYS B 147 45.48 5.38 -26.33
C LYS B 147 45.43 6.47 -25.26
N VAL B 148 46.60 6.88 -24.78
CA VAL B 148 46.68 7.89 -23.73
C VAL B 148 47.59 9.05 -24.12
N CYS B 149 47.07 10.26 -24.02
CA CYS B 149 47.86 11.44 -24.36
C CYS B 149 49.02 11.66 -23.40
N ARG B 150 50.20 11.91 -23.95
CA ARG B 150 51.41 12.08 -23.16
C ARG B 150 51.46 13.46 -22.54
N PHE B 151 51.91 13.52 -21.28
CA PHE B 151 52.26 14.78 -20.64
C PHE B 151 53.73 14.75 -20.21
N ARG B 152 54.49 15.69 -20.73
CA ARG B 152 55.92 15.79 -20.43
C ARG B 152 56.14 16.78 -19.30
N LEU B 153 57.12 16.51 -18.45
CA LEU B 153 57.39 17.37 -17.31
C LEU B 153 57.86 18.77 -17.71
N GLU B 154 58.48 18.88 -18.88
CA GLU B 154 58.99 20.15 -19.38
C GLU B 154 57.90 21.22 -19.48
N TRP B 155 56.66 20.76 -19.64
CA TRP B 155 55.52 21.68 -19.75
C TRP B 155 55.37 22.52 -18.49
N LEU B 156 55.88 22.01 -17.37
CA LEU B 156 56.00 22.83 -16.18
C LEU B 156 57.47 23.22 -16.08
N GLY B 157 57.76 24.49 -16.41
CA GLY B 157 59.12 24.98 -16.41
C GLY B 157 59.46 25.56 -15.05
N ASN B 158 60.71 25.43 -14.64
CA ASN B 158 61.17 25.95 -13.33
C ASN B 158 60.48 25.27 -12.14
N CYS B 159 59.42 24.52 -12.42
CA CYS B 159 58.71 23.74 -11.43
C CYS B 159 58.76 22.28 -11.88
N SER B 160 59.51 21.49 -11.12
CA SER B 160 59.90 20.11 -11.41
C SER B 160 60.81 19.99 -12.62
N GLY B 161 60.80 20.99 -13.50
CA GLY B 161 61.91 21.31 -14.37
C GLY B 161 62.66 20.16 -15.01
N LEU B 162 62.01 19.00 -15.20
CA LEU B 162 62.73 17.75 -15.42
C LEU B 162 63.84 17.57 -14.38
N ASN B 163 65.07 17.40 -14.85
CA ASN B 163 66.23 17.43 -13.98
C ASN B 163 66.91 18.82 -13.98
N ASP B 164 66.32 19.77 -14.71
CA ASP B 164 66.84 21.13 -14.75
C ASP B 164 66.14 22.03 -13.72
N GLU B 165 66.91 22.35 -12.69
CA GLU B 165 66.44 23.03 -11.49
C GLU B 165 65.18 22.35 -10.90
N THR B 166 64.35 23.01 -10.08
CA THR B 166 64.73 24.12 -9.19
C THR B 166 66.06 23.97 -8.39
N TYR B 167 66.42 22.79 -7.87
CA TYR B 167 65.62 21.57 -7.77
C TYR B 167 65.00 21.46 -6.39
N GLY B 168 65.30 22.46 -5.55
CA GLY B 168 64.70 22.58 -4.24
C GLY B 168 63.20 22.71 -4.42
N TYR B 169 62.81 22.78 -5.70
CA TYR B 169 61.46 22.55 -6.15
C TYR B 169 60.59 23.66 -5.66
N LYS B 170 61.07 24.91 -5.73
CA LYS B 170 60.68 26.05 -4.84
C LYS B 170 61.57 26.47 -3.63
N ASP B 171 62.74 25.85 -3.41
CA ASP B 171 63.50 26.04 -2.14
C ASP B 171 63.56 27.49 -1.64
N GLY B 172 63.92 28.41 -2.53
CA GLY B 172 63.89 29.84 -2.24
C GLY B 172 62.48 30.41 -2.10
N LYS B 173 61.66 30.22 -3.13
CA LYS B 173 60.28 30.70 -3.14
C LYS B 173 59.33 29.61 -3.68
N PRO B 174 58.15 29.45 -3.04
CA PRO B 174 57.22 28.30 -3.15
C PRO B 174 56.49 28.06 -4.48
N CYS B 175 56.30 26.77 -4.80
CA CYS B 175 55.55 26.36 -6.00
C CYS B 175 54.72 25.08 -5.80
N VAL B 176 53.46 25.12 -6.26
CA VAL B 176 52.53 24.00 -6.13
C VAL B 176 51.75 23.72 -7.42
N ILE B 177 51.74 22.46 -7.84
CA ILE B 177 51.03 22.03 -9.04
C ILE B 177 49.54 21.85 -8.81
N ILE B 178 48.74 22.62 -9.53
CA ILE B 178 47.29 22.44 -9.55
C ILE B 178 46.91 21.35 -10.56
N LYS B 179 46.03 20.46 -10.10
CA LYS B 179 45.55 19.35 -10.89
C LYS B 179 44.04 19.30 -10.80
N LEU B 180 43.40 18.89 -11.90
CA LEU B 180 41.96 18.70 -11.94
C LEU B 180 41.63 17.24 -11.64
N ASN B 181 40.54 17.03 -10.91
CA ASN B 181 40.09 15.68 -10.54
C ASN B 181 39.59 14.93 -11.76
N ARG B 182 39.93 13.64 -11.85
CA ARG B 182 39.48 12.82 -12.96
C ARG B 182 38.02 12.42 -12.81
N VAL B 183 37.21 12.76 -13.81
CA VAL B 183 35.82 12.33 -13.88
C VAL B 183 35.53 11.70 -15.24
N LEU B 184 35.01 10.48 -15.24
CA LEU B 184 34.81 9.70 -16.45
C LEU B 184 33.78 10.33 -17.39
N GLY B 185 34.16 10.54 -18.64
CA GLY B 185 33.28 11.13 -19.62
C GLY B 185 33.24 12.64 -19.57
N PHE B 186 33.87 13.22 -18.55
CA PHE B 186 33.81 14.67 -18.36
C PHE B 186 34.55 15.43 -19.47
N LYS B 187 33.84 16.38 -20.06
CA LYS B 187 34.39 17.19 -21.15
C LYS B 187 34.33 18.67 -20.77
N PRO B 188 35.43 19.19 -20.18
CA PRO B 188 35.45 20.55 -19.63
C PRO B 188 35.17 21.63 -20.66
N LYS B 189 34.20 22.50 -20.37
CA LYS B 189 33.89 23.63 -21.24
C LYS B 189 34.40 24.92 -20.62
N PRO B 190 35.47 25.48 -21.17
CA PRO B 190 36.01 26.77 -20.74
C PRO B 190 34.94 27.86 -20.86
N PRO B 191 35.13 29.00 -20.18
CA PRO B 191 34.12 30.06 -20.28
C PRO B 191 33.99 30.52 -21.72
N LYS B 192 32.86 31.12 -22.08
CA LYS B 192 32.65 31.58 -23.45
C LYS B 192 33.63 32.69 -23.82
N ASN B 193 33.79 32.94 -25.12
CA ASN B 193 34.57 34.09 -25.61
C ASN B 193 34.06 35.39 -25.00
N GLU B 194 32.80 35.38 -24.58
CA GLU B 194 32.27 36.41 -23.72
C GLU B 194 32.52 35.91 -22.30
N SER B 195 33.48 36.52 -21.64
CA SER B 195 33.93 36.06 -20.33
C SER B 195 33.66 37.16 -19.31
N LEU B 196 33.08 36.78 -18.18
CA LEU B 196 32.77 37.75 -17.16
C LEU B 196 33.91 37.79 -16.13
N GLU B 197 34.69 38.87 -16.17
CA GLU B 197 35.77 39.16 -15.20
C GLU B 197 36.64 37.96 -14.78
N THR B 198 37.42 37.43 -15.72
CA THR B 198 38.23 36.23 -15.50
C THR B 198 39.70 36.46 -15.11
N TYR B 199 40.08 37.72 -14.87
CA TYR B 199 41.43 38.10 -14.42
C TYR B 199 42.48 38.00 -15.56
N PRO B 200 43.71 38.54 -15.35
CA PRO B 200 44.67 38.61 -16.48
C PRO B 200 45.11 37.25 -17.05
N VAL B 201 44.21 36.68 -17.85
CA VAL B 201 44.35 35.34 -18.43
C VAL B 201 44.53 35.47 -19.96
N MET B 202 45.22 34.52 -20.59
CA MET B 202 45.50 34.60 -22.03
C MET B 202 44.25 34.40 -22.91
N LYS B 203 44.46 34.42 -24.22
CA LYS B 203 43.36 34.40 -25.19
C LYS B 203 42.90 33.00 -25.61
N TYR B 204 43.42 31.96 -24.95
CA TYR B 204 43.25 30.60 -25.44
C TYR B 204 41.97 29.91 -25.00
N ASN B 205 41.03 30.71 -24.49
CA ASN B 205 39.72 30.23 -24.05
C ASN B 205 39.07 29.14 -24.91
N PRO B 206 39.20 29.21 -26.26
CA PRO B 206 38.68 28.07 -27.01
C PRO B 206 39.24 26.69 -26.63
N TYR B 207 40.56 26.55 -26.53
CA TYR B 207 41.13 25.21 -26.26
C TYR B 207 41.57 24.81 -24.84
N VAL B 208 41.40 25.68 -23.84
CA VAL B 208 41.94 25.39 -22.50
C VAL B 208 41.12 25.92 -21.31
N LEU B 209 41.02 25.09 -20.27
CA LEU B 209 40.34 25.47 -19.03
C LEU B 209 41.31 26.15 -18.06
N PRO B 210 41.06 27.44 -17.76
CA PRO B 210 41.94 28.36 -17.01
C PRO B 210 41.92 28.19 -15.51
N VAL B 211 42.98 28.63 -14.84
CA VAL B 211 43.05 28.63 -13.38
C VAL B 211 43.69 29.92 -12.87
N HIS B 212 43.01 30.66 -11.98
CA HIS B 212 43.62 31.86 -11.42
C HIS B 212 43.59 31.92 -9.90
N CYS B 213 44.57 32.62 -9.31
CA CYS B 213 44.77 32.64 -7.87
C CYS B 213 44.77 34.05 -7.25
N THR B 214 44.26 34.17 -6.02
CA THR B 214 44.18 35.46 -5.32
C THR B 214 44.42 35.27 -3.82
N GLY B 215 44.69 36.36 -3.11
CA GLY B 215 44.94 36.28 -1.68
C GLY B 215 43.73 35.89 -0.83
N LYS B 216 42.66 36.66 -0.92
CA LYS B 216 41.44 36.31 -0.20
C LYS B 216 40.25 36.40 -1.15
N ARG B 217 39.21 35.62 -0.86
CA ARG B 217 38.21 35.27 -1.88
C ARG B 217 37.51 36.47 -2.53
N ASP B 218 36.49 37.01 -1.86
CA ASP B 218 35.86 38.26 -2.31
C ASP B 218 36.16 39.52 -1.46
N GLU B 219 36.89 39.35 -0.36
CA GLU B 219 36.99 40.39 0.66
C GLU B 219 38.37 41.02 0.72
N ASP B 220 38.55 41.93 1.68
CA ASP B 220 39.85 42.55 1.91
C ASP B 220 40.91 41.46 2.10
N LYS B 221 42.01 41.58 1.38
CA LYS B 221 43.04 40.55 1.37
C LYS B 221 44.30 41.07 2.03
N GLU B 222 45.08 40.16 2.62
CA GLU B 222 46.46 40.53 2.78
C GLU B 222 47.09 39.79 1.64
N LYS B 223 46.91 40.34 0.45
CA LYS B 223 47.43 39.71 -0.73
C LYS B 223 48.80 40.29 -0.88
N VAL B 224 49.81 39.45 -0.72
CA VAL B 224 51.18 39.84 -0.98
C VAL B 224 51.77 38.73 -1.84
N GLY B 225 52.08 39.05 -3.10
CA GLY B 225 52.70 38.07 -3.96
C GLY B 225 52.78 38.40 -5.44
N THR B 226 53.64 37.66 -6.13
CA THR B 226 53.67 37.67 -7.59
C THR B 226 53.81 36.20 -8.08
N MET B 227 52.96 35.80 -9.03
CA MET B 227 52.85 34.41 -9.47
C MET B 227 53.24 34.22 -10.94
N GLU B 228 53.72 33.02 -11.26
CA GLU B 228 53.97 32.60 -12.64
C GLU B 228 53.44 31.19 -12.80
N TYR B 229 52.61 30.99 -13.82
CA TYR B 229 51.97 29.70 -14.04
C TYR B 229 52.68 28.97 -15.17
N PHE B 230 52.75 27.65 -15.08
CA PHE B 230 53.22 26.85 -16.19
C PHE B 230 52.17 25.82 -16.58
N GLY B 231 51.55 26.02 -17.74
CA GLY B 231 50.61 25.05 -18.27
C GLY B 231 51.18 24.39 -19.51
N LEU B 232 50.29 23.86 -20.35
CA LEU B 232 50.69 23.37 -21.65
C LEU B 232 50.71 24.54 -22.63
N GLY B 233 51.80 24.68 -23.38
CA GLY B 233 51.89 25.66 -24.45
C GLY B 233 52.07 27.10 -24.00
N GLY B 234 52.11 27.31 -22.68
CA GLY B 234 52.34 28.64 -22.16
C GLY B 234 51.09 29.30 -21.59
N TYR B 235 49.95 28.62 -21.72
CA TYR B 235 48.72 29.11 -21.12
C TYR B 235 48.54 28.47 -19.74
N PRO B 236 48.05 29.26 -18.76
CA PRO B 236 47.78 28.73 -17.42
C PRO B 236 46.53 27.87 -17.40
N GLY B 237 46.65 26.60 -17.78
CA GLY B 237 45.49 25.73 -17.67
C GLY B 237 45.61 24.30 -18.14
N PHE B 238 44.44 23.68 -18.30
CA PHE B 238 44.31 22.28 -18.73
C PHE B 238 43.77 22.21 -20.17
N PRO B 239 44.54 21.58 -21.08
CA PRO B 239 44.14 21.44 -22.48
C PRO B 239 43.01 20.47 -22.63
N LEU B 240 42.08 20.76 -23.53
CA LEU B 240 40.89 19.94 -23.71
C LEU B 240 41.22 18.59 -24.36
N GLN B 241 42.41 18.50 -24.94
CA GLN B 241 42.85 17.31 -25.70
C GLN B 241 43.06 16.08 -24.83
N TYR B 242 43.11 16.27 -23.52
CA TYR B 242 43.30 15.14 -22.61
C TYR B 242 41.95 14.54 -22.19
N TYR B 243 40.87 15.23 -22.49
CA TYR B 243 39.54 14.82 -22.07
C TYR B 243 38.71 14.37 -23.27
N PRO B 244 37.75 13.46 -23.06
CA PRO B 244 37.37 12.88 -21.76
C PRO B 244 38.31 11.81 -21.24
N TYR B 245 38.30 11.60 -19.94
CA TYR B 245 39.00 10.50 -19.31
C TYR B 245 38.14 9.26 -19.47
N TYR B 246 38.73 8.19 -20.00
CA TYR B 246 37.95 6.99 -20.37
C TYR B 246 37.88 5.86 -19.33
N GLY B 247 38.40 6.08 -18.13
CA GLY B 247 38.24 5.09 -17.07
C GLY B 247 39.45 4.23 -16.81
N LYS B 248 39.50 3.59 -15.64
CA LYS B 248 40.65 2.77 -15.26
C LYS B 248 40.72 1.44 -16.03
N LEU B 249 39.58 0.99 -16.54
CA LEU B 249 39.55 -0.20 -17.40
C LEU B 249 40.06 0.11 -18.82
N LEU B 250 39.53 1.16 -19.43
CA LEU B 250 39.86 1.47 -20.81
C LEU B 250 41.20 2.20 -20.96
N GLN B 251 41.46 3.16 -20.08
CA GLN B 251 42.74 3.88 -20.10
C GLN B 251 43.49 3.82 -18.77
N PRO B 252 43.95 2.62 -18.39
CA PRO B 252 44.96 2.70 -17.33
C PRO B 252 46.22 3.31 -17.94
N LYS B 253 47.12 3.84 -17.11
CA LYS B 253 48.30 4.60 -17.56
C LYS B 253 47.92 5.89 -18.27
N TYR B 254 46.78 6.45 -17.87
CA TYR B 254 46.33 7.76 -18.34
C TYR B 254 46.89 8.88 -17.45
N LEU B 255 47.51 9.87 -18.06
CA LEU B 255 48.07 10.97 -17.30
C LEU B 255 47.25 12.24 -17.50
N GLN B 256 46.52 12.65 -16.47
CA GLN B 256 45.73 13.87 -16.54
C GLN B 256 46.62 15.10 -16.70
N PRO B 257 46.05 16.21 -17.20
CA PRO B 257 46.83 17.45 -17.31
C PRO B 257 47.29 17.98 -15.96
N LEU B 258 48.33 18.79 -15.96
CA LEU B 258 48.84 19.44 -14.77
C LEU B 258 49.19 20.86 -15.11
N MET B 259 49.10 21.76 -14.13
CA MET B 259 49.71 23.08 -14.32
C MET B 259 50.36 23.58 -13.03
N ALA B 260 51.64 23.91 -13.07
CA ALA B 260 52.31 24.36 -11.85
C ALA B 260 52.06 25.83 -11.57
N VAL B 261 51.98 26.18 -10.29
CA VAL B 261 51.80 27.57 -9.89
C VAL B 261 52.97 27.96 -9.01
N GLN B 262 53.82 28.85 -9.48
CA GLN B 262 54.96 29.30 -8.68
C GLN B 262 54.78 30.72 -8.12
N PHE B 263 54.74 30.83 -6.79
CA PHE B 263 54.75 32.12 -6.12
C PHE B 263 56.20 32.54 -5.95
N THR B 264 56.56 33.68 -6.52
CA THR B 264 57.96 34.08 -6.50
C THR B 264 58.25 35.13 -5.43
N ASN B 265 57.66 36.31 -5.55
CA ASN B 265 57.80 37.33 -4.50
C ASN B 265 56.70 37.12 -3.47
N LEU B 266 57.09 37.05 -2.19
CA LEU B 266 56.15 36.99 -1.08
C LEU B 266 56.80 37.56 0.17
N THR B 267 55.98 37.92 1.15
CA THR B 267 56.48 38.33 2.45
C THR B 267 56.76 37.06 3.28
N MET B 268 58.01 36.88 3.69
CA MET B 268 58.47 35.59 4.24
C MET B 268 57.87 35.11 5.56
N ASP B 269 58.03 35.87 6.63
CA ASP B 269 57.74 35.34 7.97
C ASP B 269 56.27 35.38 8.38
N THR B 270 55.41 35.83 7.47
CA THR B 270 53.97 35.88 7.73
C THR B 270 53.19 34.87 6.87
N GLU B 271 52.05 34.42 7.39
CA GLU B 271 51.19 33.49 6.67
C GLU B 271 50.18 34.26 5.82
N ILE B 272 50.29 34.12 4.51
CA ILE B 272 49.30 34.71 3.60
C ILE B 272 48.53 33.59 2.90
N ARG B 273 47.21 33.78 2.81
CA ARG B 273 46.32 32.74 2.32
C ARG B 273 46.04 32.85 0.83
N ILE B 274 45.85 31.70 0.17
CA ILE B 274 45.65 31.63 -1.28
C ILE B 274 44.38 30.89 -1.67
N GLU B 275 43.64 31.45 -2.62
CA GLU B 275 42.51 30.76 -3.23
C GLU B 275 42.74 30.59 -4.73
N CYS B 276 42.58 29.37 -5.21
CA CYS B 276 42.72 29.09 -6.63
C CYS B 276 41.43 28.58 -7.25
N LYS B 277 41.15 29.03 -8.46
CA LYS B 277 39.86 28.74 -9.07
C LYS B 277 40.00 28.35 -10.53
N ALA B 278 39.27 27.31 -10.94
CA ALA B 278 39.15 26.92 -12.34
C ALA B 278 37.82 27.44 -12.88
N TYR B 279 37.86 28.10 -14.04
CA TYR B 279 36.68 28.74 -14.58
C TYR B 279 36.18 27.99 -15.80
N GLY B 280 34.86 28.00 -15.99
CA GLY B 280 34.26 27.33 -17.15
C GLY B 280 32.77 27.11 -16.93
N GLU B 281 32.08 26.69 -17.98
CA GLU B 281 30.66 26.36 -17.86
C GLU B 281 30.49 25.02 -17.17
N ASN B 282 31.50 24.17 -17.33
CA ASN B 282 31.50 22.84 -16.74
C ASN B 282 32.06 22.84 -15.33
N ILE B 283 32.39 24.02 -14.82
CA ILE B 283 32.98 24.13 -13.49
C ILE B 283 32.15 25.00 -12.55
N GLY B 284 32.07 24.57 -11.29
CA GLY B 284 31.28 25.27 -10.29
C GLY B 284 31.95 25.12 -8.94
N TYR B 285 31.46 25.86 -7.94
CA TYR B 285 32.11 25.88 -6.64
C TYR B 285 31.09 25.78 -5.53
N SER B 286 31.51 25.25 -4.39
CA SER B 286 30.63 25.13 -3.23
C SER B 286 31.22 25.92 -2.06
N GLU B 287 30.35 26.50 -1.23
CA GLU B 287 30.81 27.19 -0.03
C GLU B 287 31.03 26.20 1.12
N LYS B 288 30.40 25.03 1.01
CA LYS B 288 30.65 23.93 1.93
C LYS B 288 31.88 23.15 1.53
N ASP B 289 32.12 23.06 0.22
CA ASP B 289 33.28 22.34 -0.28
C ASP B 289 34.27 23.34 -0.90
N ARG B 290 35.37 23.59 -0.19
CA ARG B 290 36.37 24.56 -0.63
C ARG B 290 37.33 23.90 -1.59
N PHE B 291 37.28 22.57 -1.62
CA PHE B 291 38.07 21.78 -2.56
C PHE B 291 37.29 21.40 -3.81
N GLN B 292 36.07 21.90 -3.92
CA GLN B 292 35.26 21.63 -5.10
C GLN B 292 35.16 22.82 -6.05
N GLY B 293 35.72 22.63 -7.24
CA GLY B 293 35.77 23.67 -8.25
C GLY B 293 36.88 24.65 -7.95
N ARG B 294 37.41 24.58 -6.74
CA ARG B 294 38.43 25.53 -6.30
C ARG B 294 39.40 24.93 -5.29
N PHE B 295 40.18 25.81 -4.68
CA PHE B 295 41.39 25.40 -4.01
C PHE B 295 41.75 26.38 -2.91
N ASP B 296 42.34 25.89 -1.82
CA ASP B 296 42.81 26.80 -0.77
C ASP B 296 44.15 26.36 -0.17
N VAL B 297 45.12 27.28 -0.13
CA VAL B 297 46.45 26.96 0.40
C VAL B 297 47.01 28.05 1.30
N LYS B 298 47.37 27.67 2.53
CA LYS B 298 48.05 28.58 3.46
C LYS B 298 49.54 28.31 3.46
N ILE B 299 50.33 29.36 3.20
CA ILE B 299 51.77 29.18 2.98
C ILE B 299 52.61 30.15 3.78
N GLU B 300 53.54 29.62 4.57
CA GLU B 300 54.49 30.46 5.31
C GLU B 300 55.93 29.94 5.18
N VAL B 301 56.78 30.76 4.56
CA VAL B 301 58.17 30.39 4.40
C VAL B 301 59.00 31.21 5.38
N LYS B 302 59.44 30.58 6.45
CA LYS B 302 60.05 31.32 7.54
C LYS B 302 61.55 31.10 7.66
N SER B 303 62.26 32.18 7.93
CA SER B 303 63.72 32.19 8.05
C SER B 303 64.14 33.58 8.51
N ASP C 17 23.28 16.52 -19.72
CA ASP C 17 24.45 15.89 -19.10
C ASP C 17 24.08 14.76 -18.13
N PRO C 18 24.92 13.71 -18.06
CA PRO C 18 24.74 12.60 -17.12
C PRO C 18 24.98 13.05 -15.68
N PHE C 19 25.59 14.22 -15.53
CA PHE C 19 25.98 14.74 -14.22
C PHE C 19 24.84 15.49 -13.51
N TYR C 20 23.68 15.49 -14.15
CA TYR C 20 22.48 16.05 -13.52
C TYR C 20 21.45 14.99 -13.16
N TYR C 21 21.24 14.81 -11.86
CA TYR C 21 20.13 14.01 -11.37
C TYR C 21 19.06 15.00 -10.97
N ASP C 22 17.80 14.64 -11.16
CA ASP C 22 16.71 15.48 -10.69
C ASP C 22 16.40 14.96 -9.30
N TYR C 23 16.78 15.74 -8.29
CA TYR C 23 16.49 15.36 -6.92
C TYR C 23 15.26 16.11 -6.45
N GLU C 24 14.75 16.99 -7.30
CA GLU C 24 13.56 17.76 -6.98
C GLU C 24 12.27 16.95 -7.16
N THR C 25 12.15 16.23 -8.27
CA THR C 25 10.95 15.40 -8.47
C THR C 25 10.96 14.21 -7.52
N VAL C 26 12.16 13.74 -7.17
CA VAL C 26 12.30 12.67 -6.21
C VAL C 26 11.88 13.16 -4.83
N ARG C 27 12.44 14.30 -4.43
CA ARG C 27 12.07 14.93 -3.17
C ARG C 27 10.56 15.10 -3.08
N ASN C 28 9.99 15.70 -4.12
CA ASN C 28 8.56 15.96 -4.17
C ASN C 28 7.74 14.67 -4.08
N GLY C 29 8.19 13.62 -4.77
CA GLY C 29 7.52 12.33 -4.74
C GLY C 29 7.50 11.71 -3.36
N GLY C 30 8.67 11.68 -2.72
CA GLY C 30 8.78 11.15 -1.37
C GLY C 30 7.95 11.93 -0.37
N LEU C 31 7.82 13.23 -0.60
CA LEU C 31 7.04 14.05 0.30
C LEU C 31 5.55 13.85 0.12
N ILE C 32 5.09 13.78 -1.13
CA ILE C 32 3.69 13.50 -1.40
C ILE C 32 3.34 12.16 -0.78
N PHE C 33 4.24 11.20 -0.97
CA PHE C 33 4.07 9.89 -0.40
C PHE C 33 3.91 9.98 1.11
N ALA C 34 4.83 10.67 1.78
CA ALA C 34 4.77 10.84 3.23
C ALA C 34 3.40 11.36 3.64
N ALA C 35 2.96 12.43 2.99
CA ALA C 35 1.65 13.02 3.29
C ALA C 35 0.54 11.98 3.21
N LEU C 36 0.45 11.31 2.07
CA LEU C 36 -0.59 10.31 1.87
C LEU C 36 -0.55 9.19 2.89
N ALA C 37 0.63 8.59 3.05
CA ALA C 37 0.83 7.50 4.01
C ALA C 37 0.38 7.89 5.42
N PHE C 38 0.81 9.06 5.86
CA PHE C 38 0.43 9.53 7.18
C PHE C 38 -1.07 9.71 7.30
N ILE C 39 -1.67 10.57 6.47
CA ILE C 39 -3.11 10.84 6.62
C ILE C 39 -3.96 9.58 6.44
N VAL C 40 -3.42 8.62 5.70
CA VAL C 40 -4.03 7.31 5.55
C VAL C 40 -3.96 6.52 6.87
N GLY C 41 -2.85 6.68 7.58
CA GLY C 41 -2.69 6.05 8.88
C GLY C 41 -3.63 6.67 9.88
N LEU C 42 -3.81 7.98 9.77
CA LEU C 42 -4.78 8.70 10.58
C LEU C 42 -6.17 8.17 10.30
N ILE C 43 -6.47 7.96 9.02
CA ILE C 43 -7.73 7.34 8.63
C ILE C 43 -7.91 5.96 9.28
N ILE C 44 -6.84 5.16 9.30
CA ILE C 44 -6.88 3.84 9.92
C ILE C 44 -7.22 3.87 11.40
N ILE C 45 -6.46 4.63 12.19
CA ILE C 45 -6.72 4.61 13.64
C ILE C 45 -8.02 5.29 14.06
N LEU C 46 -8.67 5.98 13.14
CA LEU C 46 -10.03 6.44 13.43
C LEU C 46 -10.98 5.59 12.61
N SER C 47 -11.67 4.66 13.27
CA SER C 47 -12.51 3.71 12.56
C SER C 47 -13.99 4.09 12.55
N LYS C 48 -14.32 5.16 13.24
CA LYS C 48 -15.72 5.63 13.39
C LYS C 48 -16.65 4.52 13.91
N LYS D 26 -16.11 -2.13 -66.80
CA LYS D 26 -14.93 -1.78 -67.60
C LYS D 26 -14.17 -0.62 -67.07
N GLU D 27 -14.19 -0.46 -65.74
CA GLU D 27 -13.39 0.64 -65.06
C GLU D 27 -11.91 0.32 -65.06
N ARG D 28 -11.62 -0.97 -65.31
CA ARG D 28 -10.23 -1.43 -65.46
C ARG D 28 -9.59 -0.73 -66.68
N ASP D 29 -10.26 -0.79 -67.83
CA ASP D 29 -9.81 -0.12 -69.06
C ASP D 29 -9.71 1.38 -68.88
N MET D 30 -10.63 1.91 -68.07
CA MET D 30 -10.66 3.32 -67.73
C MET D 30 -9.38 3.69 -67.02
N ASP D 31 -9.08 2.96 -65.95
CA ASP D 31 -7.85 3.16 -65.16
C ASP D 31 -6.59 2.88 -65.97
N GLU D 32 -6.72 2.10 -67.04
CA GLU D 32 -5.59 1.86 -67.91
C GLU D 32 -5.30 3.05 -68.81
N LEU D 33 -6.36 3.64 -69.36
CA LEU D 33 -6.19 4.86 -70.16
C LEU D 33 -5.83 6.07 -69.29
N LYS D 34 -6.24 6.05 -68.03
CA LYS D 34 -6.01 7.17 -67.12
C LYS D 34 -4.59 7.20 -66.54
N LYS D 35 -4.00 6.02 -66.35
CA LYS D 35 -2.61 5.91 -65.89
C LYS D 35 -1.62 6.40 -66.95
N GLU D 36 -2.12 6.66 -68.15
CA GLU D 36 -1.28 7.09 -69.26
C GLU D 36 -1.14 8.61 -69.31
N VAL D 37 0.10 9.07 -69.51
CA VAL D 37 0.37 10.50 -69.65
C VAL D 37 -0.33 11.01 -70.92
N SER D 38 -0.64 12.31 -70.95
CA SER D 38 -1.59 12.84 -71.93
C SER D 38 -1.04 13.23 -73.30
N MET D 39 -1.94 13.65 -74.17
CA MET D 39 -1.62 14.10 -75.52
C MET D 39 -2.26 15.46 -75.69
N ASP D 40 -2.22 16.00 -76.91
CA ASP D 40 -2.90 17.26 -77.21
C ASP D 40 -2.86 17.70 -78.67
N ASP D 41 -3.75 18.64 -78.96
CA ASP D 41 -3.82 19.35 -80.23
C ASP D 41 -3.02 20.64 -80.16
N HIS D 42 -2.34 20.84 -79.03
CA HIS D 42 -1.76 22.14 -78.65
C HIS D 42 -0.91 22.81 -79.72
N LYS D 43 -0.28 22.00 -80.57
CA LYS D 43 0.51 22.56 -81.66
C LYS D 43 -0.35 22.69 -82.89
N LEU D 44 -0.68 23.92 -83.23
CA LEU D 44 -1.57 24.20 -84.34
C LEU D 44 -1.36 25.63 -84.82
N SER D 45 -1.80 25.90 -86.05
CA SER D 45 -1.95 27.28 -86.50
C SER D 45 -3.36 27.71 -86.12
N LEU D 46 -3.51 28.99 -85.73
CA LEU D 46 -4.78 29.52 -85.22
C LEU D 46 -5.94 29.22 -86.16
N ASP D 47 -5.65 29.28 -87.45
CA ASP D 47 -6.61 28.95 -88.50
C ASP D 47 -7.15 27.52 -88.31
N GLU D 48 -6.24 26.58 -88.05
CA GLU D 48 -6.60 25.17 -87.89
C GLU D 48 -7.37 24.89 -86.60
N LEU D 49 -6.93 25.49 -85.50
CA LEU D 49 -7.62 25.40 -84.22
C LEU D 49 -9.05 25.90 -84.34
N HIS D 50 -9.21 27.08 -84.95
CA HIS D 50 -10.53 27.67 -85.13
C HIS D 50 -11.33 26.98 -86.23
N ARG D 51 -10.65 26.15 -87.03
CA ARG D 51 -11.34 25.32 -88.01
C ARG D 51 -11.93 24.10 -87.33
N LYS D 52 -11.17 23.51 -86.41
CA LYS D 52 -11.59 22.31 -85.71
C LYS D 52 -12.62 22.59 -84.61
N TYR D 53 -12.49 23.73 -83.94
CA TYR D 53 -13.38 24.09 -82.83
C TYR D 53 -14.60 24.89 -83.29
N GLY D 54 -14.59 25.36 -84.54
CA GLY D 54 -15.69 26.14 -85.09
C GLY D 54 -15.92 27.45 -84.35
N THR D 55 -14.88 28.27 -84.27
CA THR D 55 -14.96 29.50 -83.47
C THR D 55 -14.30 30.69 -84.19
N ASP D 56 -14.66 31.90 -83.75
CA ASP D 56 -13.98 33.13 -84.15
C ASP D 56 -12.93 33.48 -83.09
N LEU D 57 -11.75 33.89 -83.54
CA LEU D 57 -10.66 34.19 -82.63
C LEU D 57 -10.95 35.39 -81.73
N SER D 58 -11.29 36.52 -82.36
CA SER D 58 -11.55 37.76 -81.63
C SER D 58 -12.96 37.80 -81.02
N ARG D 59 -13.91 37.18 -81.72
CA ARG D 59 -15.31 37.28 -81.33
C ARG D 59 -15.82 36.10 -80.50
N GLY D 60 -14.96 35.12 -80.26
CA GLY D 60 -15.39 33.90 -79.59
C GLY D 60 -16.47 33.22 -80.39
N LEU D 61 -17.43 32.60 -79.70
CA LEU D 61 -18.60 32.06 -80.38
C LEU D 61 -19.89 32.75 -79.93
N THR D 62 -21.01 32.39 -80.56
CA THR D 62 -22.31 33.01 -80.27
C THR D 62 -22.91 32.47 -78.98
N PRO D 63 -23.64 33.32 -78.24
CA PRO D 63 -24.28 32.96 -76.97
C PRO D 63 -25.19 31.75 -77.13
N ALA D 64 -25.75 31.60 -78.33
CA ALA D 64 -26.57 30.44 -78.65
C ALA D 64 -25.72 29.18 -78.71
N ARG D 65 -24.57 29.28 -79.37
CA ARG D 65 -23.63 28.16 -79.47
C ARG D 65 -23.09 27.78 -78.09
N ALA D 66 -22.93 28.78 -77.23
CA ALA D 66 -22.44 28.59 -75.86
C ALA D 66 -23.44 27.89 -74.96
N ALA D 67 -24.69 28.34 -75.00
CA ALA D 67 -25.77 27.69 -74.25
C ALA D 67 -26.11 26.32 -74.85
N GLU D 68 -25.71 26.11 -76.10
CA GLU D 68 -25.86 24.81 -76.76
C GLU D 68 -24.78 23.79 -76.35
N ILE D 69 -23.52 24.21 -76.36
CA ILE D 69 -22.42 23.33 -75.95
C ILE D 69 -22.47 23.07 -74.43
N LEU D 70 -22.80 24.10 -73.66
CA LEU D 70 -22.94 23.96 -72.20
C LEU D 70 -23.96 22.89 -71.85
N ALA D 71 -24.97 22.76 -72.69
CA ALA D 71 -26.01 21.76 -72.48
C ALA D 71 -25.71 20.42 -73.18
N ARG D 72 -24.68 20.40 -74.02
CA ARG D 72 -24.35 19.21 -74.80
C ARG D 72 -23.60 18.13 -74.01
N ASP D 73 -22.57 18.53 -73.27
CA ASP D 73 -21.80 17.56 -72.48
C ASP D 73 -22.04 17.71 -70.98
N GLY D 74 -21.45 18.74 -70.37
CA GLY D 74 -21.67 19.03 -68.96
C GLY D 74 -21.01 20.33 -68.57
N PRO D 75 -21.50 20.96 -67.49
CA PRO D 75 -20.92 22.23 -66.99
C PRO D 75 -19.44 22.09 -66.62
N ASN D 76 -18.72 23.21 -66.55
CA ASN D 76 -17.29 23.12 -66.31
C ASN D 76 -17.03 23.19 -64.82
N ALA D 77 -16.66 22.02 -64.28
CA ALA D 77 -16.40 21.81 -62.87
C ALA D 77 -16.13 20.32 -62.75
N LEU D 78 -15.49 19.92 -61.65
CA LEU D 78 -15.24 18.50 -61.46
C LEU D 78 -16.48 17.85 -60.90
N THR D 79 -16.84 16.69 -61.45
CA THR D 79 -17.91 15.89 -60.88
C THR D 79 -17.55 15.69 -59.43
N PRO D 80 -18.47 16.06 -58.53
CA PRO D 80 -18.23 15.89 -57.09
C PRO D 80 -17.87 14.42 -56.80
N PRO D 81 -17.18 14.14 -55.69
CA PRO D 81 -16.59 12.81 -55.45
C PRO D 81 -17.56 11.64 -55.65
N PRO D 82 -17.11 10.60 -56.38
CA PRO D 82 -17.82 9.33 -56.63
C PRO D 82 -18.10 8.61 -55.30
N THR D 83 -17.40 9.13 -54.29
CA THR D 83 -17.51 8.76 -52.89
C THR D 83 -18.75 9.43 -52.29
N THR D 84 -18.69 9.73 -50.99
CA THR D 84 -19.82 10.00 -50.11
C THR D 84 -20.60 8.73 -49.77
N PRO D 85 -19.95 7.81 -49.02
CA PRO D 85 -20.67 6.69 -48.42
C PRO D 85 -21.63 7.21 -47.34
N GLU D 86 -22.86 6.70 -47.36
CA GLU D 86 -23.86 7.07 -46.38
C GLU D 86 -23.45 6.55 -45.00
N TRP D 87 -24.00 7.15 -43.94
CA TRP D 87 -23.66 6.83 -42.56
C TRP D 87 -23.86 5.35 -42.21
N VAL D 88 -24.52 4.61 -43.10
CA VAL D 88 -24.58 3.16 -42.98
C VAL D 88 -23.17 2.57 -43.11
N LYS D 89 -22.20 3.41 -43.52
CA LYS D 89 -20.79 3.05 -43.47
C LYS D 89 -20.32 2.72 -42.04
N PHE D 90 -21.17 3.06 -41.07
CA PHE D 90 -20.98 2.62 -39.70
C PHE D 90 -20.74 1.12 -39.65
N CYS D 91 -21.49 0.39 -40.47
CA CYS D 91 -21.35 -1.07 -40.58
C CYS D 91 -19.91 -1.51 -40.82
N ARG D 92 -19.14 -0.70 -41.54
CA ARG D 92 -17.73 -0.98 -41.80
C ARG D 92 -16.96 -1.19 -40.50
N GLN D 93 -17.17 -0.30 -39.54
CA GLN D 93 -16.48 -0.38 -38.26
C GLN D 93 -16.90 -1.60 -37.43
N LEU D 94 -17.95 -2.28 -37.90
CA LEU D 94 -18.52 -3.43 -37.20
C LEU D 94 -18.03 -4.78 -37.70
N PHE D 95 -17.14 -4.78 -38.68
CA PHE D 95 -16.58 -6.04 -39.16
C PHE D 95 -15.07 -6.09 -39.03
N GLY D 96 -14.35 -5.38 -39.89
CA GLY D 96 -12.90 -5.45 -39.90
C GLY D 96 -12.51 -6.92 -39.95
N GLY D 97 -11.38 -7.26 -39.37
CA GLY D 97 -11.12 -8.66 -39.08
C GLY D 97 -11.34 -9.10 -37.65
N PHE D 98 -11.17 -8.17 -36.70
CA PHE D 98 -11.19 -8.53 -35.29
C PHE D 98 -12.62 -8.62 -34.80
N SER D 99 -13.43 -7.65 -35.22
CA SER D 99 -14.83 -7.66 -34.86
C SER D 99 -15.45 -8.90 -35.46
N MET D 100 -14.80 -9.43 -36.50
CA MET D 100 -15.19 -10.71 -37.07
C MET D 100 -14.91 -11.91 -36.17
N LEU D 101 -13.72 -11.94 -35.57
CA LEU D 101 -13.39 -12.95 -34.58
C LEU D 101 -14.41 -12.93 -33.44
N LEU D 102 -14.77 -11.74 -32.98
CA LEU D 102 -15.76 -11.66 -31.90
C LEU D 102 -17.21 -11.97 -32.33
N TRP D 103 -17.55 -11.66 -33.58
CA TRP D 103 -18.88 -11.97 -34.10
C TRP D 103 -19.04 -13.47 -34.17
N ILE D 104 -18.08 -14.09 -34.83
CA ILE D 104 -18.02 -15.54 -34.91
C ILE D 104 -18.06 -16.21 -33.53
N GLY D 105 -17.30 -15.68 -32.58
CA GLY D 105 -17.39 -16.15 -31.21
C GLY D 105 -18.79 -16.07 -30.61
N ALA D 106 -19.44 -14.92 -30.81
CA ALA D 106 -20.81 -14.71 -30.36
C ALA D 106 -21.75 -15.76 -30.96
N ILE D 107 -21.69 -15.89 -32.27
CA ILE D 107 -22.45 -16.90 -33.00
C ILE D 107 -22.26 -18.28 -32.39
N LEU D 108 -21.01 -18.61 -32.06
CA LEU D 108 -20.75 -19.86 -31.36
C LEU D 108 -21.44 -19.96 -29.99
N CYS D 109 -21.51 -18.85 -29.25
CA CYS D 109 -22.24 -18.84 -27.98
C CYS D 109 -23.71 -19.19 -28.20
N PHE D 110 -24.36 -18.48 -29.12
CA PHE D 110 -25.78 -18.70 -29.37
C PHE D 110 -26.02 -20.11 -29.91
N LEU D 111 -25.03 -20.64 -30.60
CA LEU D 111 -25.08 -22.02 -31.06
C LEU D 111 -25.07 -22.99 -29.88
N ALA D 112 -24.05 -22.89 -29.03
CA ALA D 112 -23.91 -23.80 -27.89
C ALA D 112 -25.11 -23.72 -26.97
N TYR D 113 -25.72 -22.54 -26.91
CA TYR D 113 -26.93 -22.35 -26.14
C TYR D 113 -28.09 -23.11 -26.80
N GLY D 114 -28.21 -22.94 -28.11
CA GLY D 114 -29.20 -23.66 -28.90
C GLY D 114 -29.07 -25.16 -28.70
N ILE D 115 -27.83 -25.65 -28.63
CA ILE D 115 -27.56 -27.05 -28.37
C ILE D 115 -27.93 -27.41 -26.93
N GLN D 116 -27.82 -26.43 -26.03
CA GLN D 116 -28.09 -26.65 -24.61
C GLN D 116 -29.57 -26.57 -24.29
N ALA D 117 -30.37 -26.25 -25.30
CA ALA D 117 -31.81 -26.33 -25.18
C ALA D 117 -32.25 -27.77 -25.43
N ALA D 118 -31.27 -28.67 -25.55
CA ALA D 118 -31.53 -30.11 -25.61
C ALA D 118 -32.08 -30.66 -24.30
N THR D 119 -31.80 -29.98 -23.19
CA THR D 119 -32.34 -30.33 -21.88
C THR D 119 -32.77 -29.09 -21.12
N GLU D 120 -33.18 -29.24 -19.87
CA GLU D 120 -33.43 -28.09 -19.00
C GLU D 120 -32.08 -27.56 -18.50
N GLU D 121 -31.75 -26.30 -18.81
CA GLU D 121 -30.37 -25.86 -18.71
C GLU D 121 -30.11 -24.40 -18.25
N GLU D 122 -28.94 -24.24 -17.61
CA GLU D 122 -28.38 -23.01 -17.01
C GLU D 122 -28.05 -21.74 -17.84
N PRO D 123 -27.63 -21.86 -19.11
CA PRO D 123 -26.99 -20.74 -19.81
C PRO D 123 -27.75 -19.41 -19.83
N GLN D 124 -28.99 -19.40 -19.37
CA GLN D 124 -29.72 -18.15 -19.16
C GLN D 124 -28.82 -17.17 -18.40
N ASN D 125 -28.01 -17.70 -17.49
CA ASN D 125 -26.91 -16.92 -16.88
C ASN D 125 -25.50 -17.14 -17.50
N ASP D 126 -25.38 -18.03 -18.49
CA ASP D 126 -24.06 -18.46 -18.99
C ASP D 126 -23.78 -18.19 -20.49
N ASN D 127 -24.33 -19.00 -21.39
CA ASN D 127 -23.98 -18.92 -22.82
C ASN D 127 -24.73 -17.83 -23.60
N LEU D 128 -25.99 -17.65 -23.26
CA LEU D 128 -26.79 -16.59 -23.85
C LEU D 128 -26.22 -15.26 -23.43
N TYR D 129 -26.07 -15.12 -22.12
CA TYR D 129 -25.51 -13.94 -21.47
C TYR D 129 -24.17 -13.55 -22.13
N LEU D 130 -23.25 -14.51 -22.15
CA LEU D 130 -21.95 -14.34 -22.82
C LEU D 130 -22.05 -13.90 -24.28
N GLY D 131 -22.81 -14.63 -25.09
CA GLY D 131 -22.97 -14.25 -26.49
C GLY D 131 -23.45 -12.82 -26.70
N VAL D 132 -24.50 -12.46 -25.96
CA VAL D 132 -25.01 -11.11 -25.93
C VAL D 132 -23.89 -10.13 -25.60
N VAL D 133 -23.08 -10.47 -24.61
CA VAL D 133 -21.94 -9.62 -24.22
C VAL D 133 -20.92 -9.42 -25.34
N LEU D 134 -20.53 -10.50 -26.01
CA LEU D 134 -19.65 -10.43 -27.18
C LEU D 134 -20.16 -9.45 -28.22
N SER D 135 -21.41 -9.63 -28.60
CA SER D 135 -22.05 -8.75 -29.58
C SER D 135 -22.02 -7.30 -29.08
N ALA D 136 -22.32 -7.09 -27.81
CA ALA D 136 -22.22 -5.76 -27.22
C ALA D 136 -20.81 -5.18 -27.31
N VAL D 137 -19.78 -6.00 -27.12
CA VAL D 137 -18.41 -5.51 -27.25
C VAL D 137 -18.13 -5.02 -28.66
N VAL D 138 -18.41 -5.86 -29.66
CA VAL D 138 -18.18 -5.43 -31.05
C VAL D 138 -18.98 -4.18 -31.46
N ILE D 139 -20.27 -4.16 -31.11
CA ILE D 139 -21.12 -3.00 -31.36
C ILE D 139 -20.54 -1.74 -30.74
N ILE D 140 -20.31 -1.76 -29.43
CA ILE D 140 -19.74 -0.60 -28.74
C ILE D 140 -18.44 -0.13 -29.37
N THR D 141 -17.50 -1.06 -29.57
CA THR D 141 -16.23 -0.72 -30.20
C THR D 141 -16.45 -0.01 -31.53
N GLY D 142 -17.28 -0.61 -32.37
CA GLY D 142 -17.64 -0.02 -33.64
C GLY D 142 -18.17 1.40 -33.52
N CYS D 143 -19.04 1.63 -32.54
CA CYS D 143 -19.62 2.96 -32.28
C CYS D 143 -18.54 3.95 -31.93
N PHE D 144 -17.63 3.55 -31.06
CA PHE D 144 -16.55 4.42 -30.62
C PHE D 144 -15.62 4.83 -31.77
N SER D 145 -15.07 3.84 -32.47
CA SER D 145 -14.14 4.14 -33.56
C SER D 145 -14.83 4.91 -34.71
N TYR D 146 -16.05 4.51 -35.04
CA TYR D 146 -16.84 5.24 -36.03
C TYR D 146 -17.05 6.69 -35.63
N TYR D 147 -17.31 6.91 -34.35
CA TYR D 147 -17.51 8.24 -33.82
C TYR D 147 -16.26 9.10 -33.96
N GLN D 148 -15.11 8.52 -33.62
CA GLN D 148 -13.86 9.29 -33.73
C GLN D 148 -13.45 9.61 -35.19
N GLU D 149 -13.53 8.61 -36.08
CA GLU D 149 -13.25 8.86 -37.50
C GLU D 149 -14.24 9.88 -38.06
N ALA D 150 -15.48 9.81 -37.57
CA ALA D 150 -16.50 10.80 -37.89
C ALA D 150 -16.03 12.19 -37.46
N LYS D 151 -15.45 12.29 -36.28
CA LYS D 151 -14.90 13.56 -35.78
C LYS D 151 -13.89 14.12 -36.79
N SER D 152 -12.95 13.27 -37.20
CA SER D 152 -11.94 13.62 -38.21
C SER D 152 -12.55 14.18 -39.52
N SER D 153 -13.47 13.42 -40.11
CA SER D 153 -14.12 13.90 -41.33
C SER D 153 -14.89 15.21 -41.14
N LYS D 154 -15.47 15.38 -39.96
CA LYS D 154 -16.17 16.62 -39.62
C LYS D 154 -15.22 17.81 -39.73
N ILE D 155 -14.05 17.72 -39.10
CA ILE D 155 -13.09 18.84 -39.23
C ILE D 155 -12.50 19.04 -40.65
N MET D 156 -12.27 17.94 -41.35
CA MET D 156 -11.86 18.05 -42.76
C MET D 156 -12.84 18.84 -43.62
N GLU D 157 -14.12 18.44 -43.60
CA GLU D 157 -15.13 19.19 -44.34
C GLU D 157 -15.30 20.61 -43.80
N SER D 158 -14.98 20.79 -42.52
CA SER D 158 -15.01 22.14 -41.93
C SER D 158 -13.93 23.02 -42.54
N PHE D 159 -12.81 22.42 -42.94
CA PHE D 159 -11.72 23.18 -43.55
C PHE D 159 -12.01 23.51 -44.98
N LYS D 160 -13.01 22.84 -45.51
CA LYS D 160 -13.34 23.01 -46.91
C LYS D 160 -13.95 24.39 -47.11
N ASN D 161 -13.27 25.20 -47.92
CA ASN D 161 -13.78 26.49 -48.31
C ASN D 161 -13.70 26.60 -49.81
N MET D 162 -14.84 26.62 -50.47
CA MET D 162 -14.85 26.82 -51.90
C MET D 162 -15.50 28.15 -52.22
N VAL D 163 -14.67 29.12 -52.60
CA VAL D 163 -15.15 30.42 -53.00
C VAL D 163 -15.30 30.39 -54.51
N PRO D 164 -16.53 30.61 -55.00
CA PRO D 164 -16.79 30.59 -56.45
C PRO D 164 -15.95 31.65 -57.15
N GLN D 165 -15.49 31.34 -58.36
CA GLN D 165 -14.72 32.30 -59.15
C GLN D 165 -15.23 32.33 -60.59
N GLN D 166 -15.55 33.52 -61.09
CA GLN D 166 -16.16 33.67 -62.41
C GLN D 166 -15.15 33.89 -63.54
N ALA D 167 -15.32 33.14 -64.62
CA ALA D 167 -14.44 33.21 -65.79
C ALA D 167 -14.83 34.38 -66.69
N LEU D 168 -13.83 35.10 -67.18
CA LEU D 168 -14.11 36.19 -68.11
C LEU D 168 -14.02 35.62 -69.50
N VAL D 169 -15.18 35.50 -70.14
CA VAL D 169 -15.27 34.89 -71.46
C VAL D 169 -15.48 36.00 -72.50
N ILE D 170 -15.46 35.63 -73.78
CA ILE D 170 -15.85 36.55 -74.84
C ILE D 170 -16.76 35.84 -75.83
N ARG D 171 -18.01 36.30 -75.90
CA ARG D 171 -18.99 35.71 -76.79
C ARG D 171 -19.76 36.80 -77.54
N ASN D 172 -19.81 36.66 -78.86
CA ASN D 172 -20.40 37.66 -79.74
C ASN D 172 -19.65 39.00 -79.68
N GLY D 173 -18.38 38.93 -79.33
CA GLY D 173 -17.49 40.08 -79.34
C GLY D 173 -17.42 40.85 -78.04
N GLU D 174 -18.45 40.70 -77.20
CA GLU D 174 -18.52 41.43 -75.94
C GLU D 174 -17.99 40.59 -74.78
N LYS D 175 -16.94 41.09 -74.14
CA LYS D 175 -16.36 40.41 -72.98
C LYS D 175 -17.39 40.34 -71.87
N MET D 176 -17.67 39.13 -71.39
CA MET D 176 -18.69 38.94 -70.37
C MET D 176 -18.13 38.09 -69.24
N SER D 177 -18.31 38.55 -68.01
CA SER D 177 -17.82 37.79 -66.87
C SER D 177 -18.94 36.88 -66.38
N ILE D 178 -18.75 35.59 -66.61
CA ILE D 178 -19.81 34.61 -66.40
C ILE D 178 -19.34 33.53 -65.44
N ASN D 179 -20.28 32.76 -64.91
CA ASN D 179 -19.96 31.63 -64.03
C ASN D 179 -18.97 30.68 -64.72
N ALA D 180 -17.96 30.25 -63.97
CA ALA D 180 -16.93 29.37 -64.53
C ALA D 180 -17.48 27.99 -64.85
N GLU D 181 -18.69 27.73 -64.37
CA GLU D 181 -19.39 26.48 -64.68
C GLU D 181 -20.25 26.62 -65.94
N GLU D 182 -20.37 27.83 -66.46
CA GLU D 182 -21.09 28.05 -67.70
C GLU D 182 -20.14 28.07 -68.89
N VAL D 183 -18.86 27.91 -68.59
CA VAL D 183 -17.82 27.90 -69.63
C VAL D 183 -17.80 26.56 -70.36
N VAL D 184 -17.75 26.62 -71.68
CA VAL D 184 -17.86 25.45 -72.51
C VAL D 184 -16.54 25.18 -73.21
N VAL D 185 -16.51 24.17 -74.07
CA VAL D 185 -15.33 23.89 -74.88
C VAL D 185 -15.26 24.89 -76.05
N GLY D 186 -14.08 25.41 -76.32
CA GLY D 186 -13.85 26.15 -77.55
C GLY D 186 -14.33 27.59 -77.64
N ASP D 187 -14.46 28.28 -76.51
CA ASP D 187 -14.83 29.70 -76.54
C ASP D 187 -13.79 30.61 -75.88
N LEU D 188 -13.59 31.78 -76.48
CA LEU D 188 -12.56 32.74 -76.07
C LEU D 188 -12.67 33.17 -74.61
N VAL D 189 -11.53 33.18 -73.92
CA VAL D 189 -11.48 33.52 -72.50
C VAL D 189 -10.30 34.45 -72.23
N GLU D 190 -10.56 35.54 -71.52
CA GLU D 190 -9.48 36.46 -71.13
C GLU D 190 -9.14 36.36 -69.65
N VAL D 191 -7.85 36.17 -69.37
CA VAL D 191 -7.36 36.08 -68.00
C VAL D 191 -6.38 37.19 -67.69
N LYS D 192 -6.47 37.69 -66.46
CA LYS D 192 -5.67 38.81 -65.99
C LYS D 192 -4.83 38.32 -64.82
N GLY D 193 -3.99 39.20 -64.28
CA GLY D 193 -3.22 38.86 -63.08
C GLY D 193 -4.17 38.66 -61.91
N GLY D 194 -4.06 37.50 -61.28
CA GLY D 194 -4.90 37.16 -60.13
C GLY D 194 -6.04 36.25 -60.52
N ASP D 195 -6.40 36.25 -61.81
CA ASP D 195 -7.46 35.38 -62.31
C ASP D 195 -7.03 33.92 -62.29
N ARG D 196 -7.86 33.06 -61.72
CA ARG D 196 -7.60 31.62 -61.73
C ARG D 196 -8.10 31.03 -63.04
N ILE D 197 -7.29 30.16 -63.66
CA ILE D 197 -7.61 29.63 -64.99
C ILE D 197 -8.78 28.65 -64.93
N PRO D 198 -9.90 29.01 -65.57
CA PRO D 198 -11.21 28.36 -65.49
C PRO D 198 -11.22 26.98 -66.13
N ALA D 199 -10.52 26.83 -67.25
CA ALA D 199 -10.54 25.57 -67.98
C ALA D 199 -9.19 25.39 -68.68
N ASP D 200 -9.02 24.29 -69.41
CA ASP D 200 -7.75 24.11 -70.12
C ASP D 200 -7.83 24.86 -71.44
N LEU D 201 -6.99 25.89 -71.55
CA LEU D 201 -7.04 26.84 -72.65
C LEU D 201 -5.83 26.67 -73.54
N ARG D 202 -6.06 26.79 -74.84
CA ARG D 202 -4.97 26.91 -75.80
C ARG D 202 -4.76 28.40 -76.02
N ILE D 203 -3.55 28.88 -75.76
CA ILE D 203 -3.31 30.32 -75.79
C ILE D 203 -3.15 30.82 -77.22
N ILE D 204 -4.08 31.70 -77.63
CA ILE D 204 -3.97 32.44 -78.89
C ILE D 204 -3.14 33.73 -78.83
N SER D 205 -3.31 34.51 -77.75
CA SER D 205 -2.60 35.78 -77.58
C SER D 205 -2.23 36.07 -76.12
N ALA D 206 -1.10 36.73 -75.90
CA ALA D 206 -0.66 37.08 -74.54
C ALA D 206 0.19 38.36 -74.46
N ASN D 207 0.05 39.07 -73.35
CA ASN D 207 0.91 40.20 -73.00
C ASN D 207 1.47 40.06 -71.58
N GLY D 208 2.79 39.85 -71.49
CA GLY D 208 3.48 39.72 -70.22
C GLY D 208 2.89 38.73 -69.23
N CYS D 209 2.38 37.62 -69.76
CA CYS D 209 1.58 36.70 -68.94
C CYS D 209 2.37 35.55 -68.35
N LYS D 210 2.49 35.54 -67.02
CA LYS D 210 3.08 34.43 -66.30
C LYS D 210 2.08 33.75 -65.37
N VAL D 211 1.97 32.43 -65.51
CA VAL D 211 1.01 31.60 -64.78
C VAL D 211 1.75 30.67 -63.81
N ASP D 212 1.11 30.32 -62.69
CA ASP D 212 1.71 29.44 -61.69
C ASP D 212 1.31 27.99 -61.93
N ASN D 213 2.27 27.19 -62.37
CA ASN D 213 2.05 25.77 -62.60
C ASN D 213 2.48 24.89 -61.43
N SER D 214 2.82 25.52 -60.31
CA SER D 214 3.37 24.82 -59.14
C SER D 214 2.57 23.61 -58.70
N SER D 215 1.29 23.81 -58.41
CA SER D 215 0.46 22.74 -57.89
C SER D 215 0.36 21.60 -58.89
N LEU D 216 -0.05 21.93 -60.11
CA LEU D 216 -0.32 20.92 -61.14
C LEU D 216 0.93 20.24 -61.76
N THR D 217 1.84 21.03 -62.31
CA THR D 217 3.02 20.46 -62.98
C THR D 217 4.25 20.34 -62.09
N GLY D 218 4.21 20.98 -60.93
CA GLY D 218 5.37 21.00 -60.05
C GLY D 218 6.47 21.95 -60.48
N GLU D 219 6.17 22.81 -61.46
CA GLU D 219 7.15 23.79 -61.93
C GLU D 219 7.16 24.97 -60.94
N SER D 220 8.31 25.17 -60.29
CA SER D 220 8.41 26.06 -59.14
C SER D 220 8.30 27.53 -59.51
N GLU D 221 9.15 27.96 -60.45
CA GLU D 221 9.12 29.33 -60.93
C GLU D 221 7.93 29.49 -61.86
N PRO D 222 7.36 30.72 -61.95
CA PRO D 222 6.20 30.91 -62.81
C PRO D 222 6.59 30.62 -64.24
N GLN D 223 5.83 29.75 -64.90
CA GLN D 223 6.12 29.42 -66.28
C GLN D 223 5.38 30.41 -67.14
N THR D 224 6.13 31.19 -67.92
CA THR D 224 5.55 32.19 -68.78
C THR D 224 4.72 31.49 -69.86
N ARG D 225 3.62 32.13 -70.24
CA ARG D 225 2.74 31.56 -71.25
C ARG D 225 2.70 32.44 -72.49
N SER D 226 2.96 31.82 -73.64
CA SER D 226 2.93 32.51 -74.92
C SER D 226 2.19 31.62 -75.93
N PRO D 227 1.48 32.25 -76.89
CA PRO D 227 0.73 31.53 -77.93
C PRO D 227 1.55 30.48 -78.68
N ASP D 228 2.86 30.71 -78.74
CA ASP D 228 3.76 29.86 -79.52
C ASP D 228 3.85 28.44 -79.02
N PHE D 229 4.00 27.52 -79.96
CA PHE D 229 4.33 26.15 -79.62
C PHE D 229 5.80 26.10 -79.20
N THR D 230 6.07 25.58 -78.02
CA THR D 230 7.43 25.48 -77.52
C THR D 230 7.84 24.03 -77.32
N ASN D 231 7.24 23.36 -76.33
CA ASN D 231 7.62 22.00 -76.01
C ASN D 231 6.64 20.96 -76.54
N GLU D 232 7.17 19.80 -76.92
CA GLU D 232 6.38 18.69 -77.42
C GLU D 232 5.40 18.16 -76.38
N ASN D 233 5.79 18.23 -75.11
CA ASN D 233 4.94 17.80 -74.02
C ASN D 233 4.01 18.92 -73.54
N PRO D 234 2.69 18.72 -73.73
CA PRO D 234 1.63 19.72 -73.54
C PRO D 234 1.68 20.41 -72.18
N LEU D 235 2.26 19.75 -71.19
CA LEU D 235 2.36 20.32 -69.85
C LEU D 235 3.40 21.43 -69.80
N GLU D 236 4.59 21.12 -70.33
CA GLU D 236 5.71 22.07 -70.28
C GLU D 236 5.69 23.08 -71.43
N THR D 237 4.87 22.81 -72.46
CA THR D 237 4.71 23.75 -73.58
C THR D 237 4.06 25.03 -73.05
N ARG D 238 4.31 26.15 -73.72
CA ARG D 238 3.89 27.45 -73.19
C ARG D 238 2.52 27.98 -73.66
N ASN D 239 1.93 27.33 -74.65
CA ASN D 239 0.65 27.79 -75.19
C ASN D 239 -0.58 27.16 -74.53
N ILE D 240 -0.36 26.33 -73.52
CA ILE D 240 -1.46 25.67 -72.80
C ILE D 240 -1.61 26.19 -71.36
N ALA D 241 -2.81 26.66 -71.03
CA ALA D 241 -3.13 27.07 -69.67
C ALA D 241 -3.98 26.01 -69.02
N PHE D 242 -3.81 25.83 -67.71
CA PHE D 242 -4.41 24.68 -67.04
C PHE D 242 -5.52 25.03 -66.06
N PHE D 243 -6.48 24.11 -65.93
CA PHE D 243 -7.54 24.23 -64.93
C PHE D 243 -6.91 24.20 -63.54
N SER D 244 -7.27 25.20 -62.71
CA SER D 244 -6.87 25.31 -61.30
C SER D 244 -5.52 26.00 -61.05
N THR D 245 -4.81 26.35 -62.11
CA THR D 245 -3.60 27.15 -61.96
C THR D 245 -3.96 28.63 -62.01
N ASN D 246 -3.26 29.44 -61.23
CA ASN D 246 -3.51 30.88 -61.20
C ASN D 246 -2.56 31.66 -62.09
N CYS D 247 -3.11 32.51 -62.95
CA CYS D 247 -2.29 33.44 -63.72
C CYS D 247 -1.73 34.41 -62.70
N VAL D 248 -0.40 34.48 -62.62
CA VAL D 248 0.24 35.31 -61.61
C VAL D 248 0.29 36.77 -62.02
N GLU D 249 0.58 37.01 -63.30
CA GLU D 249 0.61 38.39 -63.81
C GLU D 249 0.41 38.48 -65.32
N GLY D 250 0.09 39.68 -65.80
CA GLY D 250 -0.10 39.91 -67.23
C GLY D 250 -1.49 39.54 -67.71
N THR D 251 -1.71 39.63 -69.01
CA THR D 251 -3.01 39.26 -69.56
C THR D 251 -2.86 38.26 -70.71
N ALA D 252 -3.90 37.48 -70.94
CA ALA D 252 -3.87 36.52 -72.03
C ALA D 252 -5.27 36.15 -72.48
N ARG D 253 -5.37 35.58 -73.66
CA ARG D 253 -6.64 35.07 -74.16
C ARG D 253 -6.42 33.67 -74.70
N GLY D 254 -7.46 32.84 -74.59
CA GLY D 254 -7.35 31.49 -75.12
C GLY D 254 -8.67 30.82 -75.42
N ILE D 255 -8.65 29.87 -76.35
CA ILE D 255 -9.81 29.05 -76.66
C ILE D 255 -9.82 27.84 -75.72
N VAL D 256 -10.98 27.52 -75.17
CA VAL D 256 -11.02 26.46 -74.17
C VAL D 256 -10.95 25.12 -74.87
N VAL D 257 -9.86 24.39 -74.63
CA VAL D 257 -9.69 23.06 -75.20
C VAL D 257 -10.42 22.03 -74.34
N TYR D 258 -10.27 22.15 -73.03
CA TYR D 258 -10.87 21.16 -72.12
C TYR D 258 -11.73 21.77 -71.01
N THR D 259 -12.90 21.15 -70.82
CA THR D 259 -13.87 21.60 -69.85
C THR D 259 -14.16 20.50 -68.81
N GLY D 260 -14.49 20.91 -67.59
CA GLY D 260 -14.87 19.98 -66.54
C GLY D 260 -13.85 18.90 -66.21
N ASP D 261 -14.31 17.65 -66.16
CA ASP D 261 -13.43 16.52 -65.86
C ASP D 261 -12.50 16.21 -67.03
N ARG D 262 -12.84 16.70 -68.22
CA ARG D 262 -12.02 16.50 -69.40
C ARG D 262 -10.66 17.17 -69.24
N THR D 263 -10.54 17.99 -68.21
CA THR D 263 -9.31 18.74 -67.95
C THR D 263 -8.20 17.84 -67.42
N VAL D 264 -7.00 18.42 -67.25
CA VAL D 264 -5.83 17.69 -66.75
C VAL D 264 -5.96 17.35 -65.26
N MET D 265 -6.24 18.36 -64.45
CA MET D 265 -6.41 18.17 -63.03
C MET D 265 -7.66 17.32 -62.76
N GLY D 266 -8.54 17.25 -63.76
CA GLY D 266 -9.75 16.44 -63.68
C GLY D 266 -9.49 14.96 -63.90
N ARG D 267 -8.61 14.66 -64.85
CA ARG D 267 -8.16 13.30 -65.12
C ARG D 267 -7.29 12.81 -63.98
N ILE D 268 -6.49 13.73 -63.43
CA ILE D 268 -5.69 13.45 -62.25
C ILE D 268 -6.56 13.10 -61.05
N ALA D 269 -7.55 13.94 -60.77
CA ALA D 269 -8.46 13.75 -59.64
C ALA D 269 -9.28 12.48 -59.78
N THR D 270 -9.79 12.25 -60.98
CA THR D 270 -10.58 11.05 -61.25
C THR D 270 -9.71 9.78 -61.20
N LEU D 271 -8.43 9.92 -61.51
CA LEU D 271 -7.51 8.79 -61.36
C LEU D 271 -7.26 8.52 -59.89
N ALA D 272 -7.21 9.60 -59.11
CA ALA D 272 -7.05 9.52 -57.67
C ALA D 272 -8.20 8.76 -57.02
N SER D 273 -9.43 9.21 -57.28
CA SER D 273 -10.62 8.57 -56.71
C SER D 273 -10.75 7.10 -57.10
N GLY D 274 -10.12 6.73 -58.21
CA GLY D 274 -10.25 5.39 -58.74
C GLY D 274 -9.23 4.41 -58.21
N LEU D 275 -8.43 4.82 -57.23
CA LEU D 275 -7.37 3.94 -56.74
C LEU D 275 -7.69 3.24 -55.40
N GLU D 276 -6.76 2.41 -54.94
CA GLU D 276 -6.91 1.65 -53.70
C GLU D 276 -5.75 1.91 -52.76
N GLY D 277 -6.01 1.89 -51.46
CA GLY D 277 -4.98 2.18 -50.46
C GLY D 277 -4.22 0.99 -49.91
N GLY D 278 -4.33 -0.16 -50.58
CA GLY D 278 -3.68 -1.39 -50.16
C GLY D 278 -4.20 -1.90 -48.83
N GLN D 279 -3.50 -2.87 -48.24
CA GLN D 279 -3.75 -3.21 -46.85
C GLN D 279 -2.73 -2.54 -45.93
N THR D 280 -3.24 -1.83 -44.93
CA THR D 280 -2.38 -1.21 -43.93
C THR D 280 -1.65 -2.30 -43.16
N PRO D 281 -0.42 -2.00 -42.75
CA PRO D 281 0.42 -2.97 -42.04
C PRO D 281 -0.18 -3.46 -40.72
N ILE D 282 -0.89 -2.59 -40.02
CA ILE D 282 -1.49 -2.95 -38.74
C ILE D 282 -2.68 -3.87 -38.97
N ALA D 283 -3.37 -3.69 -40.09
CA ALA D 283 -4.47 -4.58 -40.46
C ALA D 283 -3.89 -5.98 -40.67
N ALA D 284 -2.71 -6.03 -41.29
CA ALA D 284 -2.03 -7.30 -41.56
C ALA D 284 -1.51 -7.96 -40.28
N GLU D 285 -0.98 -7.17 -39.36
CA GLU D 285 -0.51 -7.70 -38.10
C GLU D 285 -1.66 -8.25 -37.25
N ILE D 286 -2.73 -7.47 -37.13
CA ILE D 286 -3.94 -7.92 -36.44
C ILE D 286 -4.48 -9.19 -37.09
N GLU D 287 -4.41 -9.28 -38.41
CA GLU D 287 -4.83 -10.49 -39.11
C GLU D 287 -3.97 -11.71 -38.75
N HIS D 288 -2.66 -11.50 -38.77
CA HIS D 288 -1.69 -12.54 -38.41
C HIS D 288 -2.02 -13.04 -37.01
N PHE D 289 -2.02 -12.12 -36.06
CA PHE D 289 -2.39 -12.40 -34.67
C PHE D 289 -3.69 -13.18 -34.59
N ILE D 290 -4.64 -12.81 -35.46
CA ILE D 290 -5.97 -13.41 -35.45
C ILE D 290 -5.92 -14.86 -35.89
N HIS D 291 -5.04 -15.15 -36.85
CA HIS D 291 -4.83 -16.54 -37.26
C HIS D 291 -4.08 -17.32 -36.19
N ILE D 292 -3.30 -16.59 -35.38
CA ILE D 292 -2.67 -17.19 -34.21
C ILE D 292 -3.71 -17.61 -33.16
N ILE D 293 -4.56 -16.67 -32.75
CA ILE D 293 -5.56 -16.91 -31.71
C ILE D 293 -6.59 -17.95 -32.14
N THR D 294 -7.08 -17.84 -33.37
CA THR D 294 -7.99 -18.86 -33.87
C THR D 294 -7.24 -20.18 -33.94
N GLY D 295 -5.99 -20.15 -34.41
CA GLY D 295 -5.18 -21.35 -34.49
C GLY D 295 -5.13 -22.11 -33.18
N VAL D 296 -4.75 -21.40 -32.12
CA VAL D 296 -4.67 -22.01 -30.80
C VAL D 296 -6.06 -22.38 -30.24
N ALA D 297 -7.08 -21.59 -30.57
CA ALA D 297 -8.42 -21.79 -30.03
C ALA D 297 -9.06 -23.06 -30.57
N VAL D 298 -8.99 -23.24 -31.88
CA VAL D 298 -9.55 -24.42 -32.53
C VAL D 298 -8.65 -25.63 -32.30
N PHE D 299 -7.35 -25.41 -32.15
CA PHE D 299 -6.47 -26.51 -31.77
C PHE D 299 -6.92 -27.11 -30.43
N LEU D 300 -7.03 -26.25 -29.43
CA LEU D 300 -7.43 -26.69 -28.08
C LEU D 300 -8.85 -27.25 -28.06
N GLY D 301 -9.76 -26.58 -28.75
CA GLY D 301 -11.15 -27.02 -28.80
C GLY D 301 -11.35 -28.35 -29.48
N VAL D 302 -10.61 -28.59 -30.55
CA VAL D 302 -10.64 -29.88 -31.27
C VAL D 302 -10.01 -31.00 -30.45
N SER D 303 -8.77 -30.78 -30.02
CA SER D 303 -8.05 -31.77 -29.21
C SER D 303 -8.87 -32.16 -27.99
N PHE D 304 -9.56 -31.17 -27.41
CA PHE D 304 -10.39 -31.41 -26.24
C PHE D 304 -11.76 -31.95 -26.60
N PHE D 305 -12.17 -31.77 -27.85
CA PHE D 305 -13.41 -32.36 -28.30
C PHE D 305 -13.18 -33.86 -28.36
N ILE D 306 -12.06 -34.23 -28.96
CA ILE D 306 -11.64 -35.62 -29.06
C ILE D 306 -11.42 -36.24 -27.69
N LEU D 307 -10.64 -35.56 -26.86
CA LEU D 307 -10.37 -36.04 -25.51
C LEU D 307 -11.63 -36.19 -24.67
N SER D 308 -12.52 -35.20 -24.69
CA SER D 308 -13.75 -35.27 -23.92
C SER D 308 -14.61 -36.44 -24.41
N LEU D 309 -14.65 -36.63 -25.74
CA LEU D 309 -15.34 -37.79 -26.29
C LEU D 309 -14.70 -39.06 -25.75
N ILE D 310 -13.37 -39.09 -25.75
CA ILE D 310 -12.58 -40.24 -25.33
C ILE D 310 -12.99 -40.82 -23.97
N LEU D 311 -13.36 -39.96 -23.03
CA LEU D 311 -13.66 -40.45 -21.69
C LEU D 311 -15.08 -40.99 -21.58
N GLU D 312 -16.02 -40.06 -21.52
CA GLU D 312 -17.43 -40.39 -21.29
C GLU D 312 -18.34 -39.65 -22.27
N TYR D 313 -18.26 -38.34 -22.19
CA TYR D 313 -19.24 -37.38 -22.69
C TYR D 313 -19.67 -37.55 -24.15
N THR D 314 -20.97 -37.36 -24.37
CA THR D 314 -21.62 -37.53 -25.66
C THR D 314 -21.32 -36.41 -26.65
N TRP D 315 -21.59 -36.66 -27.93
CA TRP D 315 -21.36 -35.70 -29.01
C TRP D 315 -21.94 -34.33 -28.70
N LEU D 316 -23.10 -34.32 -28.04
CA LEU D 316 -23.75 -33.10 -27.56
C LEU D 316 -22.84 -32.30 -26.62
N GLU D 317 -22.60 -32.86 -25.45
CA GLU D 317 -21.79 -32.22 -24.42
C GLU D 317 -20.37 -31.93 -24.91
N ALA D 318 -19.81 -32.86 -25.69
CA ALA D 318 -18.48 -32.67 -26.25
C ALA D 318 -18.45 -31.45 -27.17
N VAL D 319 -19.48 -31.31 -28.00
CA VAL D 319 -19.63 -30.12 -28.84
C VAL D 319 -19.68 -28.85 -28.00
N ILE D 320 -20.49 -28.88 -26.95
CA ILE D 320 -20.56 -27.76 -25.99
C ILE D 320 -19.18 -27.41 -25.42
N PHE D 321 -18.37 -28.43 -25.17
CA PHE D 321 -17.02 -28.24 -24.66
C PHE D 321 -16.14 -27.57 -25.69
N LEU D 322 -16.18 -28.09 -26.91
CA LEU D 322 -15.46 -27.53 -28.05
C LEU D 322 -15.75 -26.04 -28.17
N ILE D 323 -17.04 -25.71 -28.22
CA ILE D 323 -17.49 -24.33 -28.35
C ILE D 323 -17.02 -23.48 -27.17
N GLY D 324 -17.25 -23.98 -25.96
CA GLY D 324 -16.83 -23.31 -24.76
C GLY D 324 -15.36 -22.92 -24.79
N ILE D 325 -14.49 -23.86 -25.15
CA ILE D 325 -13.04 -23.64 -25.14
C ILE D 325 -12.61 -22.68 -26.23
N ILE D 326 -13.04 -22.97 -27.46
CA ILE D 326 -12.76 -22.11 -28.60
C ILE D 326 -13.10 -20.67 -28.30
N VAL D 327 -14.27 -20.46 -27.70
CA VAL D 327 -14.80 -19.13 -27.41
C VAL D 327 -14.13 -18.49 -26.19
N ALA D 328 -13.76 -19.33 -25.24
CA ALA D 328 -13.05 -18.86 -24.06
C ALA D 328 -11.70 -18.34 -24.49
N ASN D 329 -11.21 -18.88 -25.61
CA ASN D 329 -9.90 -18.51 -26.13
C ASN D 329 -9.86 -17.18 -26.88
N VAL D 330 -11.02 -16.56 -27.04
CA VAL D 330 -11.11 -15.27 -27.72
C VAL D 330 -11.29 -14.12 -26.72
N PRO D 331 -10.37 -13.13 -26.76
CA PRO D 331 -10.26 -11.99 -25.84
C PRO D 331 -11.16 -10.82 -26.21
N GLU D 332 -12.39 -10.84 -25.73
CA GLU D 332 -13.36 -9.77 -25.97
C GLU D 332 -12.78 -8.37 -25.69
N GLY D 333 -11.91 -8.29 -24.69
CA GLY D 333 -11.43 -7.00 -24.22
C GLY D 333 -10.37 -6.36 -25.08
N LEU D 334 -9.59 -7.19 -25.75
CA LEU D 334 -8.46 -6.75 -26.57
C LEU D 334 -8.89 -5.86 -27.75
N LEU D 335 -10.08 -6.10 -28.27
CA LEU D 335 -10.61 -5.26 -29.35
C LEU D 335 -10.87 -3.84 -28.85
N ALA D 336 -11.62 -3.74 -27.75
CA ALA D 336 -11.93 -2.46 -27.12
C ALA D 336 -10.64 -1.70 -26.77
N THR D 337 -9.78 -2.35 -25.99
CA THR D 337 -8.51 -1.76 -25.56
C THR D 337 -7.61 -1.32 -26.71
N VAL D 338 -7.58 -2.10 -27.80
CA VAL D 338 -6.74 -1.77 -28.95
C VAL D 338 -7.26 -0.55 -29.70
N THR D 339 -8.58 -0.53 -29.92
CA THR D 339 -9.25 0.61 -30.53
C THR D 339 -8.90 1.86 -29.73
N VAL D 340 -9.00 1.74 -28.41
CA VAL D 340 -8.71 2.86 -27.54
C VAL D 340 -7.23 3.26 -27.52
N CYS D 341 -6.30 2.32 -27.56
CA CYS D 341 -4.88 2.66 -27.64
C CYS D 341 -4.63 3.51 -28.89
N LEU D 342 -5.02 2.96 -30.04
CA LEU D 342 -4.83 3.67 -31.29
C LEU D 342 -5.45 5.05 -31.19
N THR D 343 -6.64 5.08 -30.60
CA THR D 343 -7.39 6.32 -30.43
C THR D 343 -6.65 7.34 -29.55
N LEU D 344 -5.94 6.85 -28.53
CA LEU D 344 -5.15 7.73 -27.67
C LEU D 344 -4.00 8.36 -28.45
N THR D 345 -3.26 7.50 -29.15
CA THR D 345 -2.14 7.98 -29.94
C THR D 345 -2.64 9.05 -30.91
N ALA D 346 -3.79 8.79 -31.54
CA ALA D 346 -4.40 9.78 -32.41
C ALA D 346 -4.92 11.02 -31.64
N LYS D 347 -5.09 10.91 -30.32
CA LYS D 347 -5.39 12.11 -29.52
C LYS D 347 -4.14 12.97 -29.43
N ARG D 348 -2.97 12.33 -29.30
CA ARG D 348 -1.70 13.09 -29.33
C ARG D 348 -1.41 13.71 -30.70
N MET D 349 -1.61 12.92 -31.76
CA MET D 349 -1.49 13.43 -33.13
C MET D 349 -2.39 14.65 -33.36
N ALA D 350 -3.67 14.51 -33.00
CA ALA D 350 -4.62 15.61 -33.12
C ALA D 350 -4.25 16.82 -32.26
N ARG D 351 -3.53 16.58 -31.16
CA ARG D 351 -3.04 17.69 -30.34
C ARG D 351 -1.90 18.41 -31.03
N LYS D 352 -1.09 17.67 -31.77
CA LYS D 352 0.10 18.24 -32.41
C LYS D 352 -0.16 18.81 -33.81
N ASN D 353 -1.43 18.92 -34.18
CA ASN D 353 -1.88 19.40 -35.49
C ASN D 353 -1.57 18.45 -36.62
N CYS D 354 -1.50 17.16 -36.30
CA CYS D 354 -1.45 16.13 -37.32
C CYS D 354 -2.72 15.28 -37.27
N LEU D 355 -3.56 15.43 -38.28
CA LEU D 355 -4.85 14.77 -38.29
C LEU D 355 -4.82 13.50 -39.09
N VAL D 356 -5.23 12.40 -38.49
CA VAL D 356 -5.35 11.16 -39.23
C VAL D 356 -6.81 10.93 -39.60
N LYS D 357 -7.09 10.81 -40.90
CA LYS D 357 -8.44 10.52 -41.37
C LYS D 357 -8.84 9.11 -40.94
N ASN D 358 -7.83 8.27 -40.75
CA ASN D 358 -8.00 6.84 -40.48
C ASN D 358 -7.31 6.40 -39.18
N LEU D 359 -7.99 5.57 -38.39
CA LEU D 359 -7.56 5.22 -37.04
C LEU D 359 -6.48 4.14 -36.99
N GLU D 360 -6.35 3.40 -38.08
CA GLU D 360 -5.32 2.38 -38.18
C GLU D 360 -4.10 2.97 -38.87
N ALA D 361 -4.21 4.24 -39.26
CA ALA D 361 -3.13 4.94 -39.96
C ALA D 361 -2.19 5.68 -39.00
N VAL D 362 -2.37 5.49 -37.70
CA VAL D 362 -1.48 6.11 -36.72
C VAL D 362 -0.16 5.36 -36.65
N GLU D 363 -0.21 4.07 -36.97
CA GLU D 363 0.98 3.21 -36.93
C GLU D 363 1.88 3.31 -38.15
N THR D 364 1.28 3.33 -39.35
CA THR D 364 1.98 3.04 -40.59
C THR D 364 3.34 3.73 -40.74
N LEU D 365 3.41 4.98 -40.29
CA LEU D 365 4.65 5.75 -40.32
C LEU D 365 5.85 5.02 -39.70
N GLY D 366 5.62 4.38 -38.56
CA GLY D 366 6.68 3.66 -37.87
C GLY D 366 7.28 2.54 -38.68
N SER D 367 6.46 1.92 -39.54
CA SER D 367 6.89 0.78 -40.34
C SER D 367 7.35 1.17 -41.75
N THR D 368 7.34 2.47 -42.03
CA THR D 368 7.69 2.98 -43.36
C THR D 368 9.20 2.89 -43.58
N SER D 369 9.61 2.13 -44.60
CA SER D 369 11.02 2.03 -44.98
C SER D 369 11.42 3.00 -46.09
N THR D 370 10.43 3.61 -46.72
CA THR D 370 10.74 4.55 -47.78
C THR D 370 9.72 5.67 -47.87
N ILE D 371 10.20 6.90 -48.00
CA ILE D 371 9.31 8.02 -48.20
C ILE D 371 9.57 8.69 -49.53
N CYS D 372 8.54 8.71 -50.36
CA CYS D 372 8.58 9.46 -51.59
C CYS D 372 8.02 10.84 -51.30
N SER D 373 8.80 11.87 -51.60
CA SER D 373 8.43 13.24 -51.25
C SER D 373 8.33 14.14 -52.49
N LYS D 375 8.50 17.82 -54.14
CA LYS D 375 9.43 18.88 -53.78
C LYS D 375 8.75 20.21 -53.49
N THR D 376 8.27 20.88 -54.54
CA THR D 376 7.72 22.22 -54.41
C THR D 376 6.44 22.25 -53.60
N GLY D 377 6.36 23.13 -52.61
CA GLY D 377 5.17 23.27 -51.79
C GLY D 377 5.03 22.16 -50.76
N THR D 378 6.03 21.29 -50.70
CA THR D 378 6.07 20.20 -49.73
C THR D 378 7.34 20.33 -48.88
N LEU D 379 8.48 19.99 -49.48
CA LEU D 379 9.76 20.20 -48.83
C LEU D 379 10.02 21.69 -48.78
N THR D 380 9.71 22.37 -49.89
CA THR D 380 10.04 23.77 -50.10
C THR D 380 8.84 24.66 -49.80
N GLN D 381 9.10 25.87 -49.32
CA GLN D 381 8.05 26.85 -49.07
C GLN D 381 7.24 27.16 -50.33
N ASN D 382 7.79 26.75 -51.48
CA ASN D 382 7.24 27.02 -52.80
C ASN D 382 7.17 28.52 -53.01
N ARG D 383 7.88 29.25 -52.16
CA ARG D 383 7.85 30.70 -52.17
C ARG D 383 9.21 31.17 -52.60
N MET D 384 9.28 31.72 -53.80
CA MET D 384 10.53 32.19 -54.38
C MET D 384 11.12 33.29 -53.53
N THR D 385 12.38 33.15 -53.16
CA THR D 385 13.10 34.19 -52.42
C THR D 385 14.53 34.41 -52.93
N VAL D 386 15.03 35.63 -52.75
CA VAL D 386 16.37 36.01 -53.19
C VAL D 386 17.43 35.30 -52.37
N ALA D 387 18.31 34.58 -53.04
CA ALA D 387 19.35 33.82 -52.35
C ALA D 387 20.65 34.61 -52.30
N HIS D 388 21.27 34.76 -53.46
CA HIS D 388 22.55 35.45 -53.55
C HIS D 388 22.49 36.60 -54.54
N MET D 389 23.48 37.47 -54.46
CA MET D 389 23.61 38.59 -55.38
C MET D 389 25.06 38.76 -55.76
N TRP D 390 25.28 39.42 -56.90
CA TRP D 390 26.61 39.71 -57.36
C TRP D 390 26.76 41.21 -57.47
N SER D 391 27.57 41.80 -56.59
CA SER D 391 27.82 43.24 -56.62
C SER D 391 29.28 43.52 -56.36
N ASP D 392 29.89 44.32 -57.24
CA ASP D 392 31.32 44.64 -57.12
C ASP D 392 32.20 43.38 -57.11
N ASN D 393 31.97 42.52 -58.10
CA ASN D 393 32.75 41.29 -58.33
C ASN D 393 32.53 40.19 -57.30
N GLN D 394 31.97 40.56 -56.15
CA GLN D 394 31.84 39.64 -55.03
C GLN D 394 30.42 39.14 -54.95
N ILE D 395 30.27 37.86 -54.67
CA ILE D 395 28.95 37.30 -54.52
C ILE D 395 28.59 37.29 -53.04
N HIS D 396 27.55 38.06 -52.70
CA HIS D 396 27.10 38.20 -51.32
C HIS D 396 25.82 37.42 -51.13
N GLU D 397 25.68 36.80 -49.97
CA GLU D 397 24.46 36.05 -49.67
C GLU D 397 23.51 36.91 -48.85
N ALA D 398 22.23 36.86 -49.22
CA ALA D 398 21.19 37.51 -48.44
C ALA D 398 20.85 36.57 -47.29
N ASP D 399 19.96 37.01 -46.42
CA ASP D 399 19.43 36.12 -45.39
C ASP D 399 18.13 35.52 -45.92
N THR D 400 18.16 34.22 -46.20
CA THR D 400 17.03 33.53 -46.83
C THR D 400 16.09 32.89 -45.81
N THR D 401 16.38 33.07 -44.52
CA THR D 401 15.55 32.51 -43.45
C THR D 401 14.22 33.27 -43.27
N GLU D 402 13.21 32.57 -42.74
CA GLU D 402 11.85 33.10 -42.63
C GLU D 402 11.68 34.14 -41.52
N ASN D 403 12.33 33.90 -40.38
CA ASN D 403 12.25 34.81 -39.23
C ASN D 403 13.41 35.82 -39.16
N GLN D 404 14.27 35.80 -40.17
CA GLN D 404 15.43 36.70 -40.28
C GLN D 404 16.44 36.57 -39.12
N SER D 405 16.77 35.33 -38.77
CA SER D 405 17.77 35.06 -37.73
C SER D 405 19.16 34.88 -38.32
N GLY D 406 19.28 35.06 -39.64
CA GLY D 406 20.54 34.86 -40.33
C GLY D 406 21.40 36.11 -40.39
N VAL D 407 22.23 36.20 -41.43
CA VAL D 407 23.17 37.30 -41.57
C VAL D 407 22.89 38.19 -42.78
N SER D 408 22.93 39.49 -42.55
CA SER D 408 22.87 40.47 -43.61
C SER D 408 24.29 40.98 -43.85
N PHE D 409 24.70 40.99 -45.11
CA PHE D 409 26.04 41.43 -45.47
C PHE D 409 26.08 42.97 -45.48
N ASP D 410 27.15 43.52 -46.07
CA ASP D 410 27.35 44.96 -46.09
C ASP D 410 26.45 45.61 -47.14
N LYS D 411 25.55 46.48 -46.66
CA LYS D 411 24.67 47.26 -47.52
C LYS D 411 25.17 48.69 -47.73
N THR D 412 26.32 49.00 -47.16
CA THR D 412 26.85 50.35 -47.22
C THR D 412 27.38 50.73 -48.61
N SER D 413 27.78 49.74 -49.40
CA SER D 413 28.35 50.01 -50.74
C SER D 413 27.33 50.68 -51.66
N ALA D 414 27.82 51.57 -52.52
CA ALA D 414 26.96 52.33 -53.42
C ALA D 414 26.38 51.49 -54.56
N THR D 415 27.11 50.45 -54.97
CA THR D 415 26.68 49.56 -56.05
C THR D 415 25.40 48.82 -55.66
N TRP D 416 25.37 48.31 -54.43
CA TRP D 416 24.16 47.67 -53.93
C TRP D 416 22.99 48.64 -53.87
N LEU D 417 23.29 49.92 -53.65
CA LEU D 417 22.25 50.95 -53.62
C LEU D 417 21.65 51.12 -55.01
N ALA D 418 22.52 51.33 -55.98
CA ALA D 418 22.09 51.46 -57.37
C ALA D 418 21.28 50.25 -57.81
N LEU D 419 21.81 49.06 -57.52
CA LEU D 419 21.14 47.81 -57.83
C LEU D 419 19.74 47.71 -57.22
N SER D 420 19.62 47.98 -55.92
CA SER D 420 18.31 47.90 -55.25
C SER D 420 17.33 48.91 -55.85
N ARG D 421 17.85 50.06 -56.25
CA ARG D 421 17.04 51.04 -56.98
C ARG D 421 16.48 50.45 -58.27
N ILE D 422 17.37 49.86 -59.08
CA ILE D 422 16.99 49.27 -60.37
C ILE D 422 15.99 48.09 -60.24
N ALA D 423 16.20 47.26 -59.21
CA ALA D 423 15.32 46.11 -58.94
C ALA D 423 13.93 46.53 -58.50
N GLY D 424 13.88 47.55 -57.63
CA GLY D 424 12.60 48.06 -57.18
C GLY D 424 11.82 48.80 -58.26
N LEU D 425 12.53 49.67 -58.99
CA LEU D 425 11.93 50.48 -60.04
C LEU D 425 11.33 49.71 -61.20
N CYS D 426 11.88 48.54 -61.49
CA CYS D 426 11.38 47.64 -62.54
C CYS D 426 10.39 46.55 -62.13
N ASN D 427 9.54 46.82 -61.16
CA ASN D 427 8.57 45.85 -60.69
C ASN D 427 7.08 46.15 -60.97
N ARG D 428 6.35 45.18 -61.51
CA ARG D 428 4.92 45.30 -61.66
C ARG D 428 4.22 44.72 -60.43
N ALA D 429 5.02 44.25 -59.48
CA ALA D 429 4.49 43.74 -58.22
C ALA D 429 4.39 44.87 -57.20
N VAL D 430 3.28 44.89 -56.48
CA VAL D 430 3.05 45.88 -55.44
C VAL D 430 2.51 45.18 -54.21
N PHE D 431 2.66 45.79 -53.05
CA PHE D 431 2.03 45.26 -51.84
C PHE D 431 0.55 45.57 -51.90
N GLN D 432 -0.28 44.56 -51.64
CA GLN D 432 -1.72 44.74 -51.69
C GLN D 432 -2.21 45.54 -50.49
N ALA D 433 -3.52 45.76 -50.42
CA ALA D 433 -4.10 46.70 -49.45
C ALA D 433 -3.95 46.31 -47.98
N ASN D 434 -4.00 45.00 -47.69
CA ASN D 434 -4.10 44.52 -46.31
C ASN D 434 -2.80 44.13 -45.59
N GLN D 435 -1.65 44.28 -46.24
CA GLN D 435 -0.41 43.93 -45.56
C GLN D 435 0.37 45.14 -45.07
N GLU D 436 0.31 45.34 -43.76
CA GLU D 436 1.16 46.30 -43.04
C GLU D 436 1.72 45.59 -41.81
N ASN D 437 0.82 45.23 -40.90
CA ASN D 437 1.18 44.50 -39.68
C ASN D 437 1.99 43.24 -39.96
N LEU D 438 1.66 42.55 -41.06
CA LEU D 438 2.30 41.30 -41.42
C LEU D 438 3.81 41.47 -41.65
N PRO D 439 4.59 40.44 -41.32
CA PRO D 439 6.03 40.40 -41.61
C PRO D 439 6.29 40.60 -43.11
N ILE D 440 7.40 41.26 -43.45
CA ILE D 440 7.71 41.59 -44.85
C ILE D 440 7.76 40.37 -45.76
N LEU D 441 8.17 39.23 -45.19
CA LEU D 441 8.23 37.98 -45.94
C LEU D 441 6.87 37.31 -46.09
N LYS D 442 6.27 36.96 -44.95
CA LYS D 442 4.99 36.24 -44.95
C LYS D 442 3.79 37.03 -45.48
N ARG D 443 3.95 38.32 -45.73
CA ARG D 443 2.85 39.15 -46.25
C ARG D 443 2.62 38.93 -47.75
N ALA D 444 1.38 39.14 -48.20
CA ALA D 444 0.99 38.89 -49.61
C ALA D 444 1.27 40.02 -50.61
N VAL D 445 1.56 39.65 -51.85
CA VAL D 445 1.91 40.60 -52.92
C VAL D 445 1.18 40.29 -54.23
N ALA D 446 0.65 41.31 -54.88
CA ALA D 446 0.05 41.16 -56.21
C ALA D 446 1.09 41.38 -57.30
N GLY D 447 1.38 40.33 -58.06
CA GLY D 447 2.38 40.40 -59.12
C GLY D 447 3.05 39.06 -59.37
N ASP D 448 4.22 39.10 -60.02
CA ASP D 448 4.97 37.90 -60.37
C ASP D 448 5.59 37.29 -59.11
N ALA D 449 6.26 36.14 -59.25
CA ALA D 449 6.97 35.51 -58.14
C ALA D 449 8.35 36.12 -57.94
N SER D 450 9.05 36.34 -59.05
CA SER D 450 10.35 36.97 -59.04
C SER D 450 10.19 38.40 -58.56
N GLU D 451 9.17 39.08 -59.08
CA GLU D 451 8.90 40.47 -58.70
C GLU D 451 8.42 40.59 -57.25
N SER D 452 7.79 39.55 -56.72
CA SER D 452 7.40 39.50 -55.31
C SER D 452 8.62 39.32 -54.41
N ALA D 453 9.51 38.41 -54.79
CA ALA D 453 10.76 38.18 -54.06
C ALA D 453 11.65 39.42 -54.04
N LEU D 454 11.72 40.09 -55.18
CA LEU D 454 12.46 41.34 -55.32
C LEU D 454 11.84 42.44 -54.46
N LEU D 455 10.54 42.65 -54.63
CA LEU D 455 9.80 43.66 -53.86
C LEU D 455 10.00 43.49 -52.35
N LYS D 456 9.87 42.27 -51.86
CA LYS D 456 10.04 41.96 -50.44
C LYS D 456 11.49 42.11 -49.99
N CYS D 457 12.43 41.71 -50.85
CA CYS D 457 13.86 41.89 -50.57
C CYS D 457 14.21 43.36 -50.35
N ILE D 458 13.69 44.23 -51.23
CA ILE D 458 14.00 45.66 -51.13
C ILE D 458 13.23 46.37 -50.02
N GLU D 459 11.96 45.99 -49.81
CA GLU D 459 11.17 46.51 -48.71
C GLU D 459 11.80 46.12 -47.37
N LEU D 460 12.50 44.99 -47.37
CA LEU D 460 13.24 44.50 -46.22
C LEU D 460 14.56 45.23 -45.99
N CYS D 461 15.50 45.05 -46.91
CA CYS D 461 16.90 45.50 -46.74
C CYS D 461 17.20 46.99 -47.02
N CYS D 462 16.59 47.57 -48.06
CA CYS D 462 16.88 48.94 -48.45
C CYS D 462 15.91 50.01 -47.91
N GLY D 463 14.88 49.59 -47.20
CA GLY D 463 13.81 50.49 -46.79
C GLY D 463 12.61 50.30 -47.69
N SER D 464 11.56 51.09 -47.46
CA SER D 464 10.31 50.93 -48.19
C SER D 464 10.45 51.24 -49.69
N VAL D 465 9.87 50.35 -50.50
CA VAL D 465 9.94 50.43 -51.96
C VAL D 465 9.00 51.49 -52.52
N LYS D 466 7.87 51.70 -51.84
CA LYS D 466 6.85 52.64 -52.28
C LYS D 466 7.40 54.04 -52.51
N GLU D 467 8.10 54.59 -51.50
CA GLU D 467 8.74 55.90 -51.59
C GLU D 467 9.66 56.02 -52.79
N MET D 468 10.57 55.07 -52.92
CA MET D 468 11.53 55.05 -54.01
C MET D 468 10.86 54.75 -55.34
N ARG D 469 9.73 54.04 -55.33
CA ARG D 469 9.03 53.74 -56.57
C ARG D 469 8.31 54.97 -57.13
N GLU D 470 7.81 55.82 -56.23
CA GLU D 470 7.14 57.06 -56.67
C GLU D 470 8.09 58.26 -56.74
N ARG D 471 9.30 58.09 -56.22
CA ARG D 471 10.33 59.13 -56.25
C ARG D 471 10.80 59.32 -57.68
N TYR D 472 10.72 58.23 -58.44
CA TYR D 472 11.08 58.23 -59.85
C TYR D 472 9.77 57.94 -60.59
N THR D 473 9.22 58.94 -61.27
CA THR D 473 7.91 58.78 -61.89
C THR D 473 8.00 58.04 -63.23
N LYS D 474 7.29 56.91 -63.32
CA LYS D 474 7.37 56.05 -64.50
C LYS D 474 6.70 56.68 -65.70
N ILE D 475 7.46 56.80 -66.79
CA ILE D 475 7.02 57.53 -67.97
C ILE D 475 6.39 56.60 -69.00
N VAL D 476 7.19 55.70 -69.55
CA VAL D 476 6.67 54.58 -70.32
C VAL D 476 7.45 53.35 -69.85
N GLU D 477 6.77 52.20 -69.78
CA GLU D 477 7.43 50.95 -69.46
C GLU D 477 7.16 49.88 -70.51
N ILE D 478 8.14 49.01 -70.72
CA ILE D 478 7.96 47.84 -71.57
C ILE D 478 7.84 46.60 -70.67
N PRO D 479 6.62 46.04 -70.59
CA PRO D 479 6.37 44.75 -69.93
C PRO D 479 7.25 43.71 -70.58
N PHE D 480 7.72 42.71 -69.83
CA PHE D 480 8.67 41.75 -70.37
C PHE D 480 8.12 41.09 -71.62
N ASN D 481 8.91 41.15 -72.69
CA ASN D 481 8.64 40.37 -73.88
C ASN D 481 8.83 38.90 -73.47
N SER D 482 8.06 37.98 -74.05
CA SER D 482 8.29 36.57 -73.80
C SER D 482 9.58 36.14 -74.49
N THR D 483 9.94 36.90 -75.53
CA THR D 483 11.20 36.72 -76.26
C THR D 483 12.25 37.74 -75.81
N ASN D 484 13.45 37.27 -75.51
CA ASN D 484 14.57 38.06 -74.95
C ASN D 484 14.38 38.41 -73.48
N LYS D 485 13.14 38.27 -73.02
CA LYS D 485 12.73 38.53 -71.63
C LYS D 485 13.32 39.82 -71.04
N TYR D 486 13.39 40.87 -71.85
CA TYR D 486 13.90 42.15 -71.37
C TYR D 486 12.74 43.09 -71.01
N GLN D 487 12.79 43.60 -69.78
CA GLN D 487 11.71 44.39 -69.21
C GLN D 487 12.30 45.67 -68.65
N LEU D 488 11.88 46.80 -69.20
CA LEU D 488 12.52 48.07 -68.88
C LEU D 488 11.54 49.21 -68.66
N SER D 489 11.97 50.24 -67.94
CA SER D 489 11.16 51.43 -67.70
C SER D 489 12.04 52.65 -67.54
N ILE D 490 11.50 53.82 -67.87
CA ILE D 490 12.25 55.06 -67.74
C ILE D 490 11.59 56.08 -66.82
N HIS D 491 12.38 56.63 -65.91
CA HIS D 491 11.90 57.54 -64.90
C HIS D 491 12.75 58.83 -64.90
N LYS D 492 12.25 59.85 -64.22
CA LYS D 492 12.98 61.09 -64.02
C LYS D 492 14.02 60.95 -62.90
N ASN D 493 14.72 62.02 -62.56
CA ASN D 493 15.78 61.96 -61.53
C ASN D 493 15.53 62.83 -60.29
N PRO D 494 15.36 62.17 -59.13
CA PRO D 494 15.23 62.83 -57.83
C PRO D 494 16.52 63.45 -57.30
N ASN D 495 17.67 63.03 -57.81
CA ASN D 495 18.96 63.53 -57.31
C ASN D 495 19.23 65.01 -57.60
N THR D 496 19.60 65.74 -56.54
CA THR D 496 19.76 67.19 -56.60
C THR D 496 20.90 67.65 -57.50
N ALA D 497 21.81 66.74 -57.81
CA ALA D 497 22.95 67.05 -58.66
C ALA D 497 22.57 66.94 -60.13
N GLU D 498 22.22 65.72 -60.54
CA GLU D 498 22.01 65.40 -61.95
C GLU D 498 20.54 65.17 -62.28
N PRO D 499 19.95 66.07 -63.09
CA PRO D 499 18.62 65.81 -63.65
C PRO D 499 18.64 65.07 -64.99
N ARG D 500 19.41 63.99 -65.08
CA ARG D 500 19.43 63.15 -66.27
C ARG D 500 18.28 62.17 -66.25
N HIS D 501 17.83 61.71 -67.41
CA HIS D 501 16.79 60.67 -67.47
C HIS D 501 17.31 59.27 -67.20
N LEU D 502 16.68 58.57 -66.27
CA LEU D 502 17.18 57.28 -65.82
C LEU D 502 16.40 56.10 -66.41
N LEU D 503 17.12 55.21 -67.09
CA LEU D 503 16.52 54.04 -67.73
C LEU D 503 16.97 52.76 -67.02
N VAL D 504 16.00 51.94 -66.60
CA VAL D 504 16.30 50.72 -65.86
C VAL D 504 15.75 49.46 -66.54
N MET D 505 16.61 48.46 -66.68
CA MET D 505 16.25 47.24 -67.39
C MET D 505 16.80 45.98 -66.70
N LYS D 506 16.03 44.90 -66.75
CA LYS D 506 16.47 43.60 -66.24
C LYS D 506 16.20 42.50 -67.26
N GLY D 507 16.80 41.33 -67.06
CA GLY D 507 16.50 40.21 -67.94
C GLY D 507 17.42 39.01 -67.85
N ALA D 508 17.46 38.23 -68.93
CA ALA D 508 18.36 37.09 -69.02
C ALA D 508 19.82 37.56 -69.01
N PRO D 509 20.64 36.93 -68.16
CA PRO D 509 22.04 37.35 -67.96
C PRO D 509 22.85 37.42 -69.27
N GLU D 510 22.62 36.47 -70.17
CA GLU D 510 23.36 36.44 -71.44
C GLU D 510 22.87 37.52 -72.43
N ARG D 511 21.59 37.85 -72.39
CA ARG D 511 21.04 38.91 -73.23
C ARG D 511 21.37 40.28 -72.64
N ILE D 512 21.54 40.33 -71.32
CA ILE D 512 21.92 41.55 -70.63
C ILE D 512 23.44 41.70 -70.69
N LEU D 513 24.12 40.63 -71.09
CA LEU D 513 25.52 40.70 -71.49
C LEU D 513 25.68 41.16 -72.96
N ASP D 514 24.76 40.70 -73.81
CA ASP D 514 24.67 41.14 -75.21
C ASP D 514 24.42 42.65 -75.31
N ARG D 515 23.34 43.16 -74.69
CA ARG D 515 23.08 44.58 -74.79
C ARG D 515 23.57 45.28 -73.53
N CYS D 516 24.76 45.88 -73.64
CA CYS D 516 25.41 46.66 -72.60
C CYS D 516 26.83 46.96 -73.07
N SER D 517 27.49 47.92 -72.44
CA SER D 517 28.95 48.12 -72.57
C SER D 517 29.63 48.33 -71.22
N SER D 518 29.30 49.44 -70.57
CA SER D 518 29.83 49.80 -69.28
C SER D 518 29.33 48.90 -68.14
N ILE D 519 30.07 48.93 -67.03
CA ILE D 519 29.72 48.22 -65.80
C ILE D 519 30.00 49.17 -64.63
N LEU D 520 29.23 49.05 -63.56
CA LEU D 520 29.42 49.86 -62.35
C LEU D 520 30.13 49.11 -61.23
N ILE D 521 31.19 49.69 -60.69
CA ILE D 521 31.89 49.13 -59.53
C ILE D 521 32.17 50.22 -58.50
N HIS D 522 31.69 49.99 -57.27
CA HIS D 522 31.92 50.91 -56.14
C HIS D 522 31.50 52.34 -56.43
N GLY D 523 30.45 52.51 -57.24
CA GLY D 523 29.97 53.84 -57.58
C GLY D 523 30.63 54.52 -58.77
N LYS D 524 31.53 53.82 -59.47
CA LYS D 524 32.15 54.34 -60.69
C LYS D 524 32.12 53.36 -61.88
N GLU D 525 31.87 53.89 -63.07
CA GLU D 525 31.73 53.04 -64.25
C GLU D 525 33.06 52.47 -64.70
N GLN D 526 33.01 51.72 -65.80
CA GLN D 526 34.17 51.08 -66.40
C GLN D 526 33.72 50.40 -67.68
N PRO D 527 34.60 50.29 -68.69
CA PRO D 527 34.15 49.44 -69.80
C PRO D 527 34.25 47.97 -69.38
N LEU D 528 33.80 47.05 -70.23
CA LEU D 528 33.93 45.64 -69.89
C LEU D 528 35.17 45.03 -70.55
N ASP D 529 36.00 44.39 -69.74
CA ASP D 529 37.13 43.62 -70.26
C ASP D 529 36.77 42.14 -70.15
N GLU D 530 37.27 41.33 -71.08
CA GLU D 530 36.90 39.93 -71.14
C GLU D 530 37.26 39.13 -69.88
N GLU D 531 38.22 39.64 -69.10
CA GLU D 531 38.57 39.02 -67.82
C GLU D 531 37.41 39.07 -66.84
N LEU D 532 36.91 40.27 -66.59
CA LEU D 532 35.82 40.48 -65.65
C LEU D 532 34.48 40.11 -66.29
N LYS D 533 34.42 40.16 -67.61
CA LYS D 533 33.25 39.71 -68.35
C LYS D 533 33.08 38.21 -68.13
N ASP D 534 34.16 37.45 -68.27
CA ASP D 534 34.08 36.01 -68.06
C ASP D 534 34.07 35.67 -66.57
N ALA D 535 34.46 36.63 -65.74
CA ALA D 535 34.31 36.48 -64.30
C ALA D 535 32.83 36.52 -63.92
N PHE D 536 32.12 37.48 -64.51
CA PHE D 536 30.69 37.56 -64.39
C PHE D 536 30.02 36.33 -65.00
N GLN D 537 30.58 35.81 -66.10
CA GLN D 537 29.96 34.67 -66.77
C GLN D 537 30.10 33.38 -65.98
N ASN D 538 31.27 33.14 -65.41
CA ASN D 538 31.43 31.96 -64.55
C ASN D 538 30.76 32.13 -63.18
N ALA D 539 30.54 33.38 -62.76
CA ALA D 539 29.77 33.64 -61.56
C ALA D 539 28.29 33.30 -61.81
N TYR D 540 27.79 33.74 -62.97
CA TYR D 540 26.44 33.40 -63.40
C TYR D 540 26.28 31.90 -63.54
N LEU D 541 27.34 31.25 -64.00
CA LEU D 541 27.29 29.81 -64.17
C LEU D 541 27.38 29.10 -62.83
N GLU D 542 28.02 29.75 -61.85
CA GLU D 542 28.13 29.16 -60.52
C GLU D 542 26.82 29.25 -59.76
N LEU D 543 26.17 30.42 -59.81
CA LEU D 543 24.90 30.62 -59.14
C LEU D 543 23.74 29.90 -59.85
N GLY D 544 23.76 29.92 -61.18
CA GLY D 544 22.78 29.19 -61.97
C GLY D 544 22.91 27.69 -61.80
N GLY D 545 24.15 27.21 -61.81
CA GLY D 545 24.44 25.81 -61.55
C GLY D 545 24.17 25.42 -60.11
N LEU D 546 24.04 26.43 -59.24
CA LEU D 546 23.70 26.22 -57.85
C LEU D 546 22.20 25.89 -57.70
N GLY D 547 21.48 25.98 -58.81
CA GLY D 547 20.06 25.65 -58.85
C GLY D 547 19.17 26.87 -58.82
N GLU D 548 19.70 27.97 -58.29
CA GLU D 548 18.99 29.24 -58.27
C GLU D 548 19.00 29.84 -59.66
N ARG D 549 17.83 30.21 -60.18
CA ARG D 549 17.80 30.88 -61.48
C ARG D 549 18.28 32.32 -61.32
N VAL D 550 19.01 32.80 -62.33
CA VAL D 550 19.71 34.08 -62.23
C VAL D 550 19.15 35.18 -63.14
N LEU D 551 18.85 36.33 -62.53
CA LEU D 551 18.35 37.49 -63.25
C LEU D 551 19.40 38.62 -63.30
N GLY D 552 19.71 39.08 -64.50
CA GLY D 552 20.66 40.17 -64.68
C GLY D 552 20.02 41.54 -64.57
N PHE D 553 20.79 42.52 -64.09
CA PHE D 553 20.30 43.88 -63.85
C PHE D 553 21.23 44.97 -64.38
N CYS D 554 20.63 45.97 -65.04
CA CYS D 554 21.39 47.07 -65.61
C CYS D 554 20.60 48.39 -65.75
N HIS D 555 21.35 49.47 -65.91
CA HIS D 555 20.76 50.81 -66.06
C HIS D 555 21.60 51.67 -67.00
N LEU D 556 20.95 52.69 -67.58
CA LEU D 556 21.67 53.77 -68.26
C LEU D 556 20.98 55.12 -68.01
N PHE D 557 21.76 56.11 -67.58
CA PHE D 557 21.25 57.48 -67.56
C PHE D 557 21.18 57.89 -69.01
N LEU D 558 20.39 58.90 -69.31
CA LEU D 558 20.24 59.28 -70.71
C LEU D 558 20.89 60.65 -70.96
N PRO D 559 21.39 60.85 -72.18
CA PRO D 559 22.02 62.12 -72.55
C PRO D 559 20.96 63.20 -72.69
N ASP D 560 20.59 63.80 -71.55
CA ASP D 560 19.52 64.80 -71.48
C ASP D 560 19.73 66.01 -72.40
N GLU D 561 20.96 66.17 -72.88
CA GLU D 561 21.23 67.13 -73.95
C GLU D 561 20.49 66.71 -75.23
N GLN D 562 20.58 65.42 -75.55
CA GLN D 562 19.83 64.83 -76.67
C GLN D 562 18.40 64.46 -76.30
N PHE D 563 18.20 64.12 -75.03
CA PHE D 563 16.89 63.73 -74.51
C PHE D 563 16.44 64.71 -73.43
N PRO D 564 15.93 65.88 -73.84
CA PRO D 564 15.59 66.96 -72.90
C PRO D 564 14.50 66.58 -71.89
N GLU D 565 14.21 67.50 -70.97
CA GLU D 565 13.29 67.24 -69.87
C GLU D 565 11.84 67.22 -70.36
N GLY D 566 11.60 67.85 -71.50
CA GLY D 566 10.26 67.89 -72.07
C GLY D 566 10.06 66.83 -73.14
N PHE D 567 11.12 66.12 -73.49
CA PHE D 567 11.04 65.12 -74.56
C PHE D 567 10.15 63.94 -74.18
N GLN D 568 9.23 63.61 -75.08
CA GLN D 568 8.41 62.41 -74.91
C GLN D 568 8.92 61.27 -75.78
N PHE D 569 9.46 60.25 -75.11
CA PHE D 569 10.01 59.05 -75.72
C PHE D 569 9.01 57.92 -75.57
N ASP D 570 8.57 57.36 -76.70
CA ASP D 570 7.44 56.45 -76.70
C ASP D 570 7.82 55.03 -77.12
N THR D 571 6.90 54.12 -76.83
CA THR D 571 7.07 52.69 -77.08
C THR D 571 6.69 52.36 -78.52
N ASP D 572 6.38 53.37 -79.31
CA ASP D 572 5.99 53.19 -80.71
C ASP D 572 7.05 52.39 -81.45
N ASP D 573 8.28 52.91 -81.47
CA ASP D 573 9.38 52.06 -81.84
C ASP D 573 10.51 52.10 -80.80
N VAL D 574 11.60 52.79 -81.12
CA VAL D 574 12.73 52.86 -80.21
C VAL D 574 13.23 54.29 -80.16
N ASN D 575 13.10 54.94 -79.01
CA ASN D 575 13.69 56.26 -78.81
C ASN D 575 15.00 56.20 -78.03
N PHE D 576 15.40 54.98 -77.68
CA PHE D 576 16.48 54.77 -76.73
C PHE D 576 17.64 53.96 -77.30
N PRO D 577 18.86 54.26 -76.83
CA PRO D 577 20.05 53.43 -77.01
C PRO D 577 19.96 52.19 -76.13
N LEU D 578 19.52 51.08 -76.70
CA LEU D 578 19.45 49.81 -75.98
C LEU D 578 20.83 49.13 -75.84
N ASP D 579 21.85 49.67 -76.52
CA ASP D 579 23.22 49.19 -76.39
C ASP D 579 24.06 50.16 -75.59
N ASN D 580 25.31 49.79 -75.34
CA ASN D 580 26.24 50.61 -74.58
C ASN D 580 25.70 51.08 -73.23
N LEU D 581 24.88 50.21 -72.63
CA LEU D 581 24.30 50.47 -71.31
C LEU D 581 25.31 50.18 -70.23
N CYS D 582 24.89 50.36 -68.98
CA CYS D 582 25.77 50.03 -67.86
C CYS D 582 25.20 48.86 -67.05
N PHE D 583 25.88 47.71 -67.13
CA PHE D 583 25.49 46.55 -66.34
C PHE D 583 25.91 46.71 -64.89
N VAL D 584 25.02 46.33 -63.97
CA VAL D 584 25.24 46.54 -62.55
C VAL D 584 25.61 45.26 -61.81
N GLY D 585 24.71 44.28 -61.83
CA GLY D 585 24.95 43.02 -61.16
C GLY D 585 23.89 41.95 -61.36
N LEU D 586 24.21 40.75 -60.87
CA LEU D 586 23.27 39.63 -60.92
C LEU D 586 22.50 39.54 -59.63
N ILE D 587 21.22 39.17 -59.72
CA ILE D 587 20.44 38.72 -58.56
C ILE D 587 19.92 37.32 -58.84
N SER D 588 20.16 36.40 -57.91
CA SER D 588 19.69 35.03 -58.07
C SER D 588 18.65 34.66 -57.01
N MET D 589 17.74 33.76 -57.37
CA MET D 589 16.63 33.44 -56.49
C MET D 589 16.15 31.99 -56.62
N ILE D 590 15.64 31.46 -55.52
CA ILE D 590 15.09 30.11 -55.48
C ILE D 590 14.12 29.99 -54.31
N ASP D 591 13.24 28.99 -54.35
CA ASP D 591 12.37 28.70 -53.23
C ASP D 591 13.09 27.77 -52.25
N PRO D 592 13.34 28.24 -51.02
CA PRO D 592 14.05 27.44 -50.01
C PRO D 592 13.15 26.30 -49.53
N PRO D 593 13.66 25.45 -48.64
CA PRO D 593 12.76 24.49 -48.01
C PRO D 593 11.93 25.13 -46.90
N ARG D 594 11.03 24.37 -46.31
CA ARG D 594 10.44 24.79 -45.05
C ARG D 594 11.54 24.59 -44.02
N ALA D 595 11.52 25.34 -42.93
CA ALA D 595 12.68 25.41 -42.04
C ALA D 595 13.09 24.09 -41.39
N ALA D 596 12.11 23.31 -40.94
CA ALA D 596 12.38 22.10 -40.18
C ALA D 596 12.62 20.87 -41.06
N VAL D 597 12.62 21.08 -42.38
CA VAL D 597 12.81 20.00 -43.36
C VAL D 597 14.17 19.28 -43.35
N PRO D 598 15.30 20.02 -43.36
CA PRO D 598 16.62 19.37 -43.39
C PRO D 598 16.91 18.53 -42.14
N ASP D 599 16.49 19.05 -40.99
CA ASP D 599 16.63 18.33 -39.74
C ASP D 599 15.68 17.12 -39.73
N ALA D 600 14.48 17.30 -40.29
CA ALA D 600 13.52 16.20 -40.39
C ALA D 600 14.05 15.03 -41.23
N VAL D 601 14.49 15.33 -42.45
CA VAL D 601 15.10 14.31 -43.31
C VAL D 601 16.36 13.73 -42.65
N GLY D 602 17.08 14.56 -41.90
CA GLY D 602 18.21 14.08 -41.13
C GLY D 602 17.76 12.96 -40.19
N LYS D 603 16.68 13.21 -39.45
CA LYS D 603 16.16 12.23 -38.52
C LYS D 603 15.68 10.95 -39.22
N CYS D 604 15.01 11.11 -40.36
CA CYS D 604 14.47 9.95 -41.09
C CYS D 604 15.56 9.07 -41.72
N ARG D 605 16.61 9.71 -42.23
CA ARG D 605 17.80 8.99 -42.70
C ARG D 605 18.44 8.28 -41.51
N SER D 606 18.40 8.93 -40.35
CA SER D 606 18.96 8.37 -39.11
C SER D 606 18.18 7.16 -38.61
N ALA D 607 16.86 7.19 -38.83
CA ALA D 607 15.99 6.09 -38.42
C ALA D 607 16.11 4.90 -39.36
N GLY D 608 16.64 5.15 -40.56
CA GLY D 608 16.85 4.09 -41.52
C GLY D 608 15.81 4.03 -42.61
N ILE D 609 15.01 5.07 -42.71
CA ILE D 609 14.03 5.16 -43.78
C ILE D 609 14.75 5.64 -45.03
N LYS D 610 14.39 5.11 -46.19
CA LYS D 610 14.98 5.56 -47.44
C LYS D 610 14.24 6.77 -47.99
N VAL D 611 14.93 7.92 -48.07
CA VAL D 611 14.31 9.15 -48.52
C VAL D 611 14.51 9.34 -50.02
N ILE D 612 13.39 9.47 -50.73
CA ILE D 612 13.40 9.58 -52.17
C ILE D 612 12.65 10.83 -52.61
N MET D 613 13.27 11.65 -53.47
CA MET D 613 12.54 12.78 -54.01
C MET D 613 11.87 12.42 -55.32
N VAL D 614 10.62 12.88 -55.47
CA VAL D 614 9.88 12.77 -56.71
C VAL D 614 9.22 14.11 -57.01
N THR D 615 9.61 14.74 -58.12
CA THR D 615 9.08 16.06 -58.46
C THR D 615 8.88 16.25 -59.96
N GLY D 616 7.91 17.08 -60.33
CA GLY D 616 7.69 17.41 -61.72
C GLY D 616 8.53 18.59 -62.12
N ASP D 617 9.36 19.06 -61.19
CA ASP D 617 10.19 20.24 -61.39
C ASP D 617 11.33 19.95 -62.37
N HIS D 618 12.15 20.96 -62.61
CA HIS D 618 13.36 20.82 -63.40
C HIS D 618 14.47 20.23 -62.53
N PRO D 619 15.33 19.41 -63.13
CA PRO D 619 16.38 18.66 -62.42
C PRO D 619 17.49 19.54 -61.85
N ILE D 620 17.75 20.70 -62.47
CA ILE D 620 18.84 21.59 -62.03
C ILE D 620 18.52 22.16 -60.64
N THR D 621 17.25 22.50 -60.42
CA THR D 621 16.78 22.93 -59.11
C THR D 621 16.66 21.74 -58.17
N ALA D 622 16.03 20.68 -58.68
CA ALA D 622 15.75 19.48 -57.88
C ALA D 622 17.00 18.88 -57.23
N LYS D 623 18.09 18.83 -57.98
CA LYS D 623 19.33 18.25 -57.49
C LYS D 623 19.94 19.10 -56.38
N ALA D 624 19.89 20.42 -56.55
CA ALA D 624 20.40 21.36 -55.56
C ALA D 624 19.60 21.29 -54.27
N ILE D 625 18.27 21.27 -54.40
CA ILE D 625 17.38 21.13 -53.25
C ILE D 625 17.64 19.83 -52.49
N ALA D 626 17.72 18.73 -53.23
CA ALA D 626 17.96 17.43 -52.64
C ALA D 626 19.29 17.37 -51.90
N LYS D 627 20.32 17.95 -52.51
CA LYS D 627 21.61 18.09 -51.85
C LYS D 627 21.48 18.90 -50.56
N GLY D 628 20.64 19.92 -50.60
CA GLY D 628 20.47 20.81 -49.45
C GLY D 628 19.78 20.22 -48.24
N VAL D 629 18.64 19.55 -48.46
CA VAL D 629 17.83 19.05 -47.36
C VAL D 629 18.31 17.72 -46.80
N GLY D 630 19.29 17.11 -47.46
CA GLY D 630 19.90 15.88 -46.98
C GLY D 630 19.51 14.62 -47.73
N ILE D 631 18.70 14.76 -48.79
CA ILE D 631 18.29 13.61 -49.60
C ILE D 631 19.47 13.03 -50.37
N ILE D 632 20.23 13.90 -51.02
CA ILE D 632 21.53 13.54 -51.57
C ILE D 632 22.60 14.20 -50.71
N SER D 633 23.29 13.40 -49.91
CA SER D 633 24.22 13.93 -48.93
C SER D 633 25.50 14.45 -49.58
N GLU D 634 26.20 15.32 -48.86
CA GLU D 634 27.50 15.81 -49.31
C GLU D 634 28.47 14.63 -49.37
N GLY D 635 29.19 14.51 -50.47
CA GLY D 635 30.15 13.44 -50.62
C GLY D 635 29.64 12.26 -51.44
N ASN D 636 28.56 12.49 -52.19
CA ASN D 636 28.02 11.47 -53.07
C ASN D 636 27.72 12.03 -54.45
N GLU D 637 28.05 11.27 -55.49
CA GLU D 637 27.99 11.78 -56.86
C GLU D 637 27.17 10.89 -57.79
N THR D 638 26.42 11.54 -58.67
CA THR D 638 25.79 10.87 -59.80
C THR D 638 26.84 10.58 -60.86
N VAL D 639 26.52 9.68 -61.77
CA VAL D 639 27.39 9.35 -62.90
C VAL D 639 27.86 10.62 -63.63
N GLU D 640 26.95 11.59 -63.69
CA GLU D 640 27.17 12.86 -64.36
C GLU D 640 28.24 13.73 -63.66
N ASP D 641 28.30 13.64 -62.33
CA ASP D 641 29.24 14.44 -61.55
C ASP D 641 30.64 13.84 -61.63
N ILE D 642 30.69 12.51 -61.61
CA ILE D 642 31.92 11.76 -61.80
C ILE D 642 32.50 12.05 -63.19
N ALA D 643 31.67 11.89 -64.23
CA ALA D 643 32.08 12.18 -65.61
C ALA D 643 32.43 13.66 -65.81
N ALA D 644 31.86 14.51 -64.97
CA ALA D 644 32.18 15.94 -64.98
C ALA D 644 33.60 16.17 -64.44
N ARG D 645 33.92 15.53 -63.32
CA ARG D 645 35.27 15.63 -62.75
C ARG D 645 36.30 14.85 -63.57
N LEU D 646 35.84 13.85 -64.30
CA LEU D 646 36.72 12.97 -65.08
C LEU D 646 36.93 13.43 -66.54
N ASN D 647 36.15 14.42 -66.97
CA ASN D 647 36.20 14.92 -68.36
C ASN D 647 35.98 13.83 -69.41
N ILE D 648 34.99 12.97 -69.17
CA ILE D 648 34.68 11.87 -70.07
C ILE D 648 33.18 11.84 -70.43
N PRO D 649 32.83 11.18 -71.55
CA PRO D 649 31.41 11.00 -71.89
C PRO D 649 30.65 10.29 -70.77
N VAL D 650 29.35 10.56 -70.67
CA VAL D 650 28.53 10.07 -69.55
C VAL D 650 28.37 8.54 -69.55
N SER D 651 28.37 7.93 -70.75
CA SER D 651 28.19 6.48 -70.90
C SER D 651 29.45 5.67 -70.56
N GLN D 652 30.57 6.37 -70.42
CA GLN D 652 31.84 5.75 -70.04
C GLN D 652 31.84 5.26 -68.58
N VAL D 653 31.39 6.12 -67.67
CA VAL D 653 31.37 5.81 -66.24
C VAL D 653 30.46 4.63 -65.92
N ASN D 654 30.99 3.67 -65.18
CA ASN D 654 30.19 2.54 -64.73
C ASN D 654 29.24 2.99 -63.61
N PRO D 655 27.92 2.91 -63.87
CA PRO D 655 26.84 3.47 -63.05
C PRO D 655 26.70 2.86 -61.65
N ARG D 656 27.29 1.69 -61.43
CA ARG D 656 27.21 1.02 -60.13
C ARG D 656 28.11 1.71 -59.09
N ASP D 657 29.02 2.55 -59.57
CA ASP D 657 29.96 3.27 -58.72
C ASP D 657 29.38 4.59 -58.19
N ALA D 658 28.17 4.91 -58.65
CA ALA D 658 27.48 6.13 -58.25
C ALA D 658 26.30 5.84 -57.30
N LYS D 659 26.39 6.33 -56.07
CA LYS D 659 25.32 6.14 -55.08
C LYS D 659 24.09 6.99 -55.44
N ALA D 660 24.30 8.29 -55.62
CA ALA D 660 23.20 9.22 -55.89
C ALA D 660 22.90 9.28 -57.37
N CYS D 661 21.63 9.46 -57.73
CA CYS D 661 21.25 9.63 -59.13
C CYS D 661 20.11 10.61 -59.31
N VAL D 662 20.08 11.28 -60.47
CA VAL D 662 18.94 12.10 -60.84
C VAL D 662 18.35 11.57 -62.13
N VAL D 663 17.13 11.06 -62.03
CA VAL D 663 16.48 10.43 -63.19
C VAL D 663 15.51 11.39 -63.85
N HIS D 664 15.78 11.72 -65.12
CA HIS D 664 14.92 12.59 -65.91
C HIS D 664 13.54 11.95 -66.09
N GLY D 665 12.50 12.78 -66.21
CA GLY D 665 11.17 12.27 -66.51
C GLY D 665 11.13 11.66 -67.89
N SER D 666 12.01 12.14 -68.77
CA SER D 666 12.12 11.67 -70.14
C SER D 666 12.42 10.17 -70.20
N ASP D 667 13.41 9.74 -69.42
CA ASP D 667 13.82 8.34 -69.41
C ASP D 667 12.74 7.46 -68.81
N LEU D 668 12.09 7.96 -67.76
CA LEU D 668 11.10 7.21 -66.99
C LEU D 668 10.04 6.52 -67.85
N LYS D 669 9.49 7.24 -68.82
CA LYS D 669 8.49 6.69 -69.71
C LYS D 669 9.07 5.53 -70.50
N ASP D 670 10.34 5.65 -70.89
CA ASP D 670 11.01 4.64 -71.72
C ASP D 670 11.53 3.45 -70.91
N MET D 671 11.54 3.61 -69.59
CA MET D 671 12.06 2.56 -68.70
C MET D 671 11.05 1.43 -68.46
N THR D 672 11.57 0.24 -68.17
CA THR D 672 10.75 -0.92 -67.84
C THR D 672 10.73 -1.20 -66.33
N SER D 673 10.09 -2.31 -65.93
CA SER D 673 10.00 -2.66 -64.52
C SER D 673 11.36 -3.07 -63.96
N GLU D 674 12.09 -3.88 -64.71
CA GLU D 674 13.40 -4.37 -64.29
C GLU D 674 14.41 -3.23 -64.19
N GLN D 675 14.27 -2.24 -65.09
CA GLN D 675 15.16 -1.08 -65.11
C GLN D 675 14.92 -0.20 -63.89
N LEU D 676 13.65 0.02 -63.57
CA LEU D 676 13.28 0.78 -62.37
C LEU D 676 13.73 0.04 -61.12
N ASP D 677 13.63 -1.29 -61.16
CA ASP D 677 14.04 -2.12 -60.03
C ASP D 677 15.55 -2.08 -59.81
N ASP D 678 16.33 -2.08 -60.89
CA ASP D 678 17.78 -1.92 -60.76
C ASP D 678 18.14 -0.53 -60.25
N ILE D 679 17.47 0.50 -60.77
CA ILE D 679 17.72 1.86 -60.35
C ILE D 679 17.38 2.09 -58.86
N LEU D 680 16.28 1.51 -58.41
CA LEU D 680 15.87 1.59 -57.00
C LEU D 680 16.72 0.70 -56.09
N LYS D 681 17.26 -0.40 -56.64
CA LYS D 681 18.07 -1.31 -55.84
C LYS D 681 19.51 -0.84 -55.66
N TYR D 682 20.12 -0.31 -56.70
CA TYR D 682 21.55 0.01 -56.66
C TYR D 682 21.87 1.46 -56.31
N HIS D 683 20.83 2.26 -56.05
CA HIS D 683 21.03 3.68 -55.72
C HIS D 683 20.48 4.07 -54.37
N THR D 684 21.36 4.56 -53.50
CA THR D 684 20.99 4.87 -52.12
C THR D 684 20.18 6.16 -51.96
N GLU D 685 20.62 7.24 -52.59
CA GLU D 685 19.95 8.54 -52.47
C GLU D 685 19.38 8.94 -53.82
N ILE D 686 18.05 8.93 -53.96
CA ILE D 686 17.44 9.04 -55.29
C ILE D 686 16.53 10.26 -55.54
N VAL D 687 16.58 10.78 -56.76
CA VAL D 687 15.74 11.90 -57.18
C VAL D 687 15.15 11.70 -58.57
N PHE D 688 13.84 11.88 -58.69
CA PHE D 688 13.17 11.86 -59.98
C PHE D 688 12.61 13.26 -60.26
N ALA D 689 12.97 13.81 -61.41
CA ALA D 689 12.49 15.14 -61.76
C ALA D 689 11.80 15.09 -63.12
N ARG D 690 11.00 16.12 -63.41
CA ARG D 690 10.31 16.24 -64.69
C ARG D 690 9.31 15.09 -64.87
N THR D 691 8.82 14.56 -63.74
CA THR D 691 7.91 13.40 -63.76
C THR D 691 6.43 13.77 -63.61
N SER D 692 5.61 13.11 -64.42
CA SER D 692 4.16 13.31 -64.39
C SER D 692 3.59 12.50 -63.25
N PRO D 693 2.40 12.88 -62.74
CA PRO D 693 1.73 12.22 -61.62
C PRO D 693 1.60 10.72 -61.77
N GLN D 694 1.28 10.27 -62.99
CA GLN D 694 1.16 8.85 -63.27
C GLN D 694 2.51 8.13 -63.10
N GLN D 695 3.59 8.80 -63.47
CA GLN D 695 4.93 8.28 -63.26
C GLN D 695 5.23 8.24 -61.76
N LYS D 696 4.65 9.18 -61.00
CA LYS D 696 4.78 9.16 -59.54
C LYS D 696 4.16 7.90 -58.98
N LEU D 697 2.89 7.65 -59.32
CA LEU D 697 2.19 6.43 -58.89
C LEU D 697 2.94 5.15 -59.30
N ILE D 698 3.57 5.19 -60.48
CA ILE D 698 4.39 4.06 -60.95
C ILE D 698 5.71 3.90 -60.14
N ILE D 699 6.31 5.02 -59.72
CA ILE D 699 7.42 5.01 -58.77
C ILE D 699 7.02 4.36 -57.45
N VAL D 700 5.93 4.84 -56.85
CA VAL D 700 5.44 4.31 -55.58
C VAL D 700 5.16 2.81 -55.70
N GLU D 701 4.47 2.42 -56.76
CA GLU D 701 4.19 1.01 -57.00
C GLU D 701 5.48 0.22 -57.23
N GLY D 702 6.49 0.90 -57.75
CA GLY D 702 7.80 0.30 -57.96
C GLY D 702 8.51 0.03 -56.65
N CYS D 703 8.31 0.92 -55.68
CA CYS D 703 8.88 0.73 -54.34
C CYS D 703 8.11 -0.37 -53.64
N GLN D 704 6.80 -0.38 -53.83
CA GLN D 704 5.93 -1.33 -53.17
C GLN D 704 6.15 -2.74 -53.71
N ARG D 705 6.59 -2.84 -54.96
CA ARG D 705 6.93 -4.14 -55.53
C ARG D 705 8.02 -4.81 -54.72
N GLN D 706 8.92 -4.01 -54.18
CA GLN D 706 10.06 -4.52 -53.44
C GLN D 706 9.64 -5.21 -52.14
N GLY D 707 8.44 -4.88 -51.65
CA GLY D 707 7.93 -5.44 -50.41
C GLY D 707 8.08 -4.50 -49.23
N ALA D 708 8.33 -3.23 -49.53
CA ALA D 708 8.60 -2.24 -48.51
C ALA D 708 7.44 -1.25 -48.37
N ILE D 709 7.03 -0.97 -47.12
CA ILE D 709 5.97 -0.01 -46.83
C ILE D 709 6.41 1.39 -47.25
N VAL D 710 5.56 2.08 -48.00
CA VAL D 710 5.91 3.38 -48.56
C VAL D 710 4.99 4.50 -48.09
N ALA D 711 5.58 5.63 -47.70
CA ALA D 711 4.81 6.81 -47.31
C ALA D 711 5.07 7.91 -48.31
N VAL D 712 4.06 8.71 -48.64
CA VAL D 712 4.24 9.77 -49.63
C VAL D 712 3.77 11.14 -49.11
N THR D 713 4.68 12.12 -49.13
CA THR D 713 4.34 13.46 -48.64
C THR D 713 4.29 14.48 -49.78
N GLY D 714 3.20 15.24 -49.89
CA GLY D 714 3.05 16.14 -51.02
C GLY D 714 2.25 17.41 -50.85
N ASP D 715 2.11 18.17 -51.95
CA ASP D 715 1.36 19.42 -51.94
C ASP D 715 0.13 19.40 -52.87
N GLY D 716 0.34 19.50 -54.18
CA GLY D 716 -0.70 19.79 -55.15
C GLY D 716 -1.33 18.56 -55.76
N VAL D 717 -2.20 18.79 -56.74
CA VAL D 717 -3.01 17.71 -57.30
C VAL D 717 -2.18 16.60 -57.97
N ASN D 718 -0.96 16.93 -58.36
CA ASN D 718 -0.05 15.96 -58.98
C ASN D 718 0.36 14.81 -58.04
N ASP D 719 0.19 15.03 -56.75
CA ASP D 719 0.47 14.02 -55.75
C ASP D 719 -0.78 13.23 -55.35
N SER D 720 -1.90 13.48 -56.03
CA SER D 720 -3.11 12.73 -55.74
C SER D 720 -3.01 11.21 -55.96
N PRO D 721 -2.53 10.75 -57.14
CA PRO D 721 -2.52 9.30 -57.34
C PRO D 721 -1.48 8.55 -56.49
N ALA D 722 -0.37 9.20 -56.16
CA ALA D 722 0.70 8.55 -55.41
C ALA D 722 0.43 8.45 -53.90
N SER D 723 -0.04 9.54 -53.31
CA SER D 723 -0.39 9.57 -51.89
C SER D 723 -1.65 8.76 -51.63
N LYS D 724 -2.42 8.52 -52.69
CA LYS D 724 -3.55 7.59 -52.59
C LYS D 724 -3.05 6.15 -52.53
N LYS D 725 -2.22 5.76 -53.49
CA LYS D 725 -1.76 4.38 -53.61
C LYS D 725 -0.86 3.94 -52.44
N ALA D 726 -0.09 4.88 -51.92
CA ALA D 726 0.85 4.59 -50.85
C ALA D 726 0.10 4.00 -49.66
N ASP D 727 0.74 3.07 -48.97
CA ASP D 727 0.19 2.46 -47.77
C ASP D 727 -0.29 3.53 -46.78
N ILE D 728 0.41 4.67 -46.78
CA ILE D 728 -0.08 5.87 -46.13
C ILE D 728 0.23 7.14 -46.92
N GLY D 729 -0.78 7.97 -47.11
CA GLY D 729 -0.58 9.30 -47.66
C GLY D 729 -0.36 10.31 -46.56
N VAL D 730 0.43 11.35 -46.85
CA VAL D 730 0.57 12.48 -45.96
C VAL D 730 0.47 13.73 -46.80
N ALA D 731 -0.56 14.54 -46.56
CA ALA D 731 -0.70 15.77 -47.31
C ALA D 731 -0.31 16.98 -46.47
N MET D 732 -0.33 18.15 -47.07
CA MET D 732 -0.11 19.39 -46.34
C MET D 732 -1.45 20.10 -46.21
N GLY D 733 -1.77 20.55 -45.00
CA GLY D 733 -3.10 21.06 -44.68
C GLY D 733 -3.51 22.41 -45.25
N ILE D 734 -2.55 23.26 -45.56
CA ILE D 734 -2.86 24.58 -46.13
C ILE D 734 -2.36 24.73 -47.57
N ALA D 735 -1.05 24.60 -47.77
CA ALA D 735 -0.45 24.83 -49.08
C ALA D 735 -0.65 23.63 -50.01
N GLY D 736 -1.33 22.61 -49.51
CA GLY D 736 -1.70 21.47 -50.33
C GLY D 736 -3.06 21.64 -50.98
N SER D 737 -3.28 20.98 -52.11
CA SER D 737 -4.55 21.08 -52.82
C SER D 737 -5.61 20.18 -52.21
N ASP D 738 -6.83 20.25 -52.74
CA ASP D 738 -7.97 19.58 -52.13
C ASP D 738 -8.04 18.09 -52.45
N VAL D 739 -7.76 17.74 -53.71
CA VAL D 739 -7.84 16.36 -54.15
C VAL D 739 -6.73 15.52 -53.52
N SER D 740 -5.60 16.16 -53.22
CA SER D 740 -4.45 15.48 -52.61
C SER D 740 -4.55 15.44 -51.08
N LYS D 741 -5.48 16.22 -50.53
CA LYS D 741 -5.90 16.07 -49.15
C LYS D 741 -6.90 14.92 -49.05
N GLN D 742 -7.80 14.86 -50.03
CA GLN D 742 -8.81 13.82 -50.09
C GLN D 742 -8.21 12.43 -50.29
N ALA D 743 -7.21 12.35 -51.16
CA ALA D 743 -6.56 11.08 -51.48
C ALA D 743 -5.57 10.65 -50.40
N ALA D 744 -5.33 11.55 -49.45
CA ALA D 744 -4.36 11.30 -48.38
C ALA D 744 -5.01 10.73 -47.11
N ASP D 745 -4.31 9.84 -46.43
CA ASP D 745 -4.81 9.24 -45.21
C ASP D 745 -4.36 10.01 -43.98
N MET D 746 -3.55 11.04 -44.20
CA MET D 746 -3.13 11.90 -43.10
C MET D 746 -2.83 13.33 -43.55
N ILE D 747 -3.21 14.29 -42.72
CA ILE D 747 -3.03 15.71 -43.00
C ILE D 747 -2.12 16.33 -41.95
N LEU D 748 -1.32 17.31 -42.37
CA LEU D 748 -0.61 18.17 -41.43
C LEU D 748 -1.19 19.56 -41.52
N LEU D 749 -1.90 19.98 -40.49
CA LEU D 749 -2.65 21.23 -40.54
C LEU D 749 -1.73 22.44 -40.42
N ASP D 750 -0.67 22.29 -39.64
CA ASP D 750 0.31 23.36 -39.47
C ASP D 750 1.31 23.40 -40.63
N ASP D 751 1.19 22.39 -41.50
CA ASP D 751 2.12 22.17 -42.61
C ASP D 751 3.55 21.96 -42.14
N ASN D 752 3.74 21.60 -40.88
CA ASN D 752 5.08 21.38 -40.36
C ASN D 752 5.59 20.01 -40.76
N PHE D 753 6.71 20.00 -41.46
CA PHE D 753 7.24 18.75 -41.95
C PHE D 753 7.90 17.92 -40.85
N ALA D 754 8.34 18.60 -39.79
CA ALA D 754 8.99 17.94 -38.67
C ALA D 754 8.03 16.95 -38.02
N SER D 755 6.73 17.21 -38.21
CA SER D 755 5.68 16.35 -37.69
C SER D 755 5.82 14.94 -38.27
N ILE D 756 6.26 14.86 -39.53
CA ILE D 756 6.53 13.57 -40.17
C ILE D 756 7.41 12.72 -39.27
N VAL D 757 8.46 13.34 -38.71
CA VAL D 757 9.40 12.61 -37.86
C VAL D 757 8.65 12.07 -36.66
N THR D 758 7.85 12.94 -36.03
CA THR D 758 7.06 12.53 -34.88
C THR D 758 6.18 11.36 -35.28
N GLY D 759 5.68 11.41 -36.51
CA GLY D 759 4.88 10.32 -37.03
C GLY D 759 5.63 9.00 -36.93
N VAL D 760 6.82 8.96 -37.54
CA VAL D 760 7.59 7.71 -37.56
C VAL D 760 8.01 7.34 -36.14
N GLU D 761 8.02 8.32 -35.25
CA GLU D 761 8.28 8.02 -33.86
C GLU D 761 7.07 7.32 -33.27
N GLU D 762 5.91 7.94 -33.40
CA GLU D 762 4.70 7.45 -32.76
C GLU D 762 4.34 6.06 -33.24
N GLY D 763 4.31 5.91 -34.57
CA GLY D 763 4.08 4.61 -35.17
C GLY D 763 5.01 3.51 -34.67
N ARG D 764 6.23 3.88 -34.32
CA ARG D 764 7.20 2.90 -33.86
C ARG D 764 6.93 2.52 -32.41
N LEU D 765 6.42 3.48 -31.64
CA LEU D 765 6.19 3.27 -30.22
C LEU D 765 5.02 2.32 -30.02
N ILE D 766 3.86 2.71 -30.56
CA ILE D 766 2.60 2.08 -30.22
C ILE D 766 2.63 0.59 -30.50
N PHE D 767 3.35 0.24 -31.57
CA PHE D 767 3.59 -1.15 -31.94
C PHE D 767 4.02 -1.94 -30.72
N ASP D 768 5.18 -1.59 -30.18
CA ASP D 768 5.70 -2.30 -29.02
C ASP D 768 4.71 -2.21 -27.89
N ASN D 769 4.16 -1.02 -27.67
CA ASN D 769 3.15 -0.90 -26.63
C ASN D 769 1.95 -1.80 -26.90
N LEU D 770 1.48 -1.83 -28.15
CA LEU D 770 0.42 -2.75 -28.52
C LEU D 770 0.80 -4.15 -28.08
N LYS D 771 2.01 -4.56 -28.43
CA LYS D 771 2.49 -5.90 -28.06
C LYS D 771 2.27 -6.11 -26.58
N LYS D 772 2.82 -5.21 -25.77
CA LYS D 772 2.76 -5.33 -24.33
C LYS D 772 1.31 -5.56 -23.95
N SER D 773 0.44 -4.64 -24.39
CA SER D 773 -0.98 -4.71 -24.07
C SER D 773 -1.51 -6.08 -24.42
N ILE D 774 -1.31 -6.48 -25.67
CA ILE D 774 -1.77 -7.78 -26.12
C ILE D 774 -1.28 -8.91 -25.21
N ALA D 775 0.03 -8.94 -24.96
CA ALA D 775 0.60 -9.98 -24.11
C ALA D 775 -0.22 -10.06 -22.83
N TYR D 776 -0.41 -8.90 -22.19
CA TYR D 776 -1.11 -8.81 -20.92
C TYR D 776 -2.42 -9.54 -20.97
N THR D 777 -3.26 -9.19 -21.94
CA THR D 777 -4.61 -9.74 -21.95
C THR D 777 -4.57 -11.23 -22.26
N LEU D 778 -3.66 -11.63 -23.14
CA LEU D 778 -3.63 -13.04 -23.52
C LEU D 778 -3.19 -13.86 -22.32
N THR D 779 -2.43 -13.22 -21.43
CA THR D 779 -1.92 -13.91 -20.25
C THR D 779 -3.05 -14.20 -19.27
N SER D 780 -4.13 -13.42 -19.32
CA SER D 780 -5.27 -13.72 -18.47
C SER D 780 -6.06 -14.92 -18.99
N ASN D 781 -5.83 -15.29 -20.25
CA ASN D 781 -6.59 -16.39 -20.84
C ASN D 781 -6.31 -17.75 -20.25
N ILE D 782 -5.07 -17.98 -19.86
CA ILE D 782 -4.74 -19.25 -19.21
C ILE D 782 -5.53 -19.49 -17.93
N PRO D 783 -5.37 -18.62 -16.91
CA PRO D 783 -6.01 -18.92 -15.63
C PRO D 783 -7.53 -18.79 -15.71
N GLU D 784 -8.03 -18.18 -16.78
CA GLU D 784 -9.47 -18.15 -17.05
C GLU D 784 -9.99 -19.46 -17.64
N ILE D 785 -9.26 -19.99 -18.62
CA ILE D 785 -9.70 -21.16 -19.38
C ILE D 785 -9.52 -22.46 -18.62
N THR D 786 -8.37 -22.63 -17.98
CA THR D 786 -8.07 -23.85 -17.24
C THR D 786 -9.13 -24.35 -16.22
N PRO D 787 -9.86 -23.44 -15.53
CA PRO D 787 -11.02 -23.87 -14.73
C PRO D 787 -12.04 -24.77 -15.44
N PHE D 788 -12.37 -24.45 -16.68
CA PHE D 788 -13.31 -25.26 -17.44
C PHE D 788 -12.66 -26.50 -18.07
N LEU D 789 -11.34 -26.46 -18.22
CA LEU D 789 -10.64 -27.57 -18.85
C LEU D 789 -10.64 -28.76 -17.90
N ILE D 790 -10.00 -28.59 -16.74
CA ILE D 790 -9.88 -29.66 -15.75
C ILE D 790 -11.22 -30.00 -15.09
N PHE D 791 -12.18 -29.09 -15.20
CA PHE D 791 -13.54 -29.34 -14.75
C PHE D 791 -14.07 -30.59 -15.46
N ILE D 792 -13.83 -30.64 -16.76
CA ILE D 792 -14.26 -31.75 -17.60
C ILE D 792 -13.36 -32.95 -17.33
N ILE D 793 -12.08 -32.69 -17.12
CA ILE D 793 -11.10 -33.77 -16.97
C ILE D 793 -11.15 -34.45 -15.61
N ALA D 794 -10.88 -33.69 -14.55
CA ALA D 794 -10.81 -34.24 -13.19
C ALA D 794 -12.18 -34.31 -12.52
N ASN D 795 -13.20 -33.78 -13.19
CA ASN D 795 -14.56 -33.79 -12.67
C ASN D 795 -14.70 -33.17 -11.29
N ILE D 796 -14.02 -32.05 -11.05
CA ILE D 796 -14.20 -31.30 -9.81
C ILE D 796 -15.29 -30.23 -9.96
N PRO D 797 -15.84 -29.76 -8.83
CA PRO D 797 -16.80 -28.65 -8.88
C PRO D 797 -16.15 -27.45 -9.53
N LEU D 798 -16.86 -26.70 -10.36
CA LEU D 798 -16.25 -25.63 -11.16
C LEU D 798 -15.56 -24.56 -10.31
N PRO D 799 -14.24 -24.40 -10.51
CA PRO D 799 -13.38 -23.38 -9.87
C PRO D 799 -13.68 -21.92 -10.26
N LEU D 800 -13.91 -21.65 -11.56
CA LEU D 800 -14.14 -20.29 -12.05
C LEU D 800 -15.29 -20.19 -13.05
N GLY D 801 -16.19 -19.24 -12.82
CA GLY D 801 -17.45 -19.17 -13.58
C GLY D 801 -17.45 -18.13 -14.70
N THR D 802 -18.56 -18.05 -15.39
CA THR D 802 -18.72 -17.15 -16.48
C THR D 802 -18.68 -15.68 -16.10
N VAL D 803 -19.47 -15.33 -15.10
CA VAL D 803 -19.55 -13.94 -14.64
C VAL D 803 -18.23 -13.44 -14.14
N THR D 804 -17.55 -14.26 -13.36
CA THR D 804 -16.23 -13.91 -12.83
C THR D 804 -15.26 -13.64 -13.99
N ILE D 805 -15.25 -14.54 -14.97
CA ILE D 805 -14.35 -14.40 -16.10
C ILE D 805 -14.60 -13.10 -16.87
N LEU D 806 -15.87 -12.74 -16.99
CA LEU D 806 -16.18 -11.47 -17.63
C LEU D 806 -15.72 -10.31 -16.75
N CYS D 807 -15.91 -10.45 -15.44
CA CYS D 807 -15.45 -9.47 -14.46
C CYS D 807 -13.98 -9.25 -14.61
N ILE D 808 -13.28 -10.27 -15.11
CA ILE D 808 -11.87 -10.08 -15.41
C ILE D 808 -11.71 -9.39 -16.76
N ASP D 809 -11.98 -10.12 -17.85
CA ASP D 809 -11.67 -9.65 -19.20
C ASP D 809 -12.22 -8.24 -19.46
N LEU D 810 -13.52 -8.08 -19.23
CA LEU D 810 -14.17 -6.78 -19.40
C LEU D 810 -14.06 -5.85 -18.18
N GLY D 811 -14.10 -6.41 -16.97
CA GLY D 811 -14.11 -5.59 -15.77
C GLY D 811 -12.83 -4.98 -15.23
N THR D 812 -11.81 -5.80 -15.03
CA THR D 812 -10.61 -5.35 -14.34
C THR D 812 -9.47 -5.02 -15.30
N ASP D 813 -9.06 -6.03 -16.07
CA ASP D 813 -7.89 -5.92 -16.96
C ASP D 813 -7.89 -4.68 -17.86
N MET D 814 -9.06 -4.11 -18.11
CA MET D 814 -9.16 -2.98 -19.04
C MET D 814 -8.23 -1.83 -18.69
N VAL D 815 -8.33 -1.30 -17.48
CA VAL D 815 -7.52 -0.14 -17.07
C VAL D 815 -6.01 -0.39 -17.15
N PRO D 816 -5.53 -1.50 -16.58
CA PRO D 816 -4.11 -1.81 -16.77
C PRO D 816 -3.72 -1.94 -18.25
N ALA D 817 -4.56 -2.61 -19.02
CA ALA D 817 -4.27 -2.87 -20.42
C ALA D 817 -4.18 -1.59 -21.24
N ILE D 818 -5.03 -0.63 -20.94
CA ILE D 818 -4.99 0.64 -21.64
C ILE D 818 -3.82 1.47 -21.13
N SER D 819 -3.54 1.35 -19.84
CA SER D 819 -2.43 2.06 -19.23
C SER D 819 -1.15 1.71 -19.96
N LEU D 820 -1.04 0.45 -20.36
CA LEU D 820 0.15 -0.01 -21.07
C LEU D 820 0.50 0.83 -22.30
N ALA D 821 -0.50 1.49 -22.88
CA ALA D 821 -0.24 2.38 -24.02
C ALA D 821 0.44 3.68 -23.59
N TYR D 822 0.51 3.91 -22.28
CA TYR D 822 1.16 5.10 -21.74
C TYR D 822 2.60 4.85 -21.40
N GLU D 823 3.05 3.65 -21.73
CA GLU D 823 4.45 3.29 -21.64
C GLU D 823 5.30 4.22 -22.50
N GLN D 824 6.50 4.53 -22.03
CA GLN D 824 7.44 5.30 -22.82
C GLN D 824 8.40 4.37 -23.54
N ALA D 825 9.42 4.96 -24.15
CA ALA D 825 10.37 4.19 -24.94
C ALA D 825 11.35 3.46 -24.04
N GLU D 826 11.48 2.15 -24.26
CA GLU D 826 12.39 1.32 -23.47
C GLU D 826 13.86 1.62 -23.78
N SER D 827 14.09 2.22 -24.95
CA SER D 827 15.41 2.64 -25.37
C SER D 827 15.15 3.59 -26.51
N ASP D 828 16.19 4.12 -27.15
CA ASP D 828 15.94 5.07 -28.22
C ASP D 828 15.42 4.29 -29.41
N ILE D 829 14.22 4.64 -29.83
CA ILE D 829 13.53 3.93 -30.90
C ILE D 829 13.84 4.46 -32.32
N MET D 830 14.40 5.67 -32.40
CA MET D 830 14.73 6.24 -33.69
C MET D 830 16.13 5.80 -34.13
N LYS D 831 16.78 5.00 -33.28
CA LYS D 831 18.13 4.50 -33.59
C LYS D 831 18.05 3.18 -34.35
N ARG D 832 16.86 2.59 -34.40
CA ARG D 832 16.72 1.26 -35.00
C ARG D 832 15.98 1.29 -36.34
N GLN D 833 16.46 0.46 -37.26
CA GLN D 833 15.92 0.37 -38.60
C GLN D 833 14.46 -0.04 -38.52
N PRO D 834 13.65 0.36 -39.52
CA PRO D 834 12.23 -0.04 -39.58
C PRO D 834 12.10 -1.55 -39.53
N ARG D 835 10.98 -2.05 -39.01
CA ARG D 835 10.84 -3.49 -38.82
C ARG D 835 10.76 -4.23 -40.15
N ASN D 836 11.00 -5.54 -40.08
CA ASN D 836 10.81 -6.42 -41.22
C ASN D 836 9.41 -7.04 -41.18
N PRO D 837 8.52 -6.58 -42.07
CA PRO D 837 7.10 -6.98 -42.05
C PRO D 837 6.93 -8.47 -42.18
N LYS D 838 7.90 -9.14 -42.80
CA LYS D 838 7.86 -10.58 -42.93
C LYS D 838 8.37 -11.30 -41.68
N THR D 839 9.45 -10.79 -41.10
CA THR D 839 10.04 -11.39 -39.91
C THR D 839 9.38 -10.88 -38.64
N ASP D 840 9.48 -9.57 -38.40
CA ASP D 840 8.99 -8.99 -37.16
C ASP D 840 7.48 -8.88 -37.21
N LYS D 841 6.82 -9.62 -36.33
CA LYS D 841 5.36 -9.65 -36.32
C LYS D 841 4.88 -9.15 -34.97
N LEU D 842 3.64 -8.71 -34.93
CA LEU D 842 3.09 -8.12 -33.72
C LEU D 842 2.83 -9.21 -32.69
N VAL D 843 1.92 -10.13 -33.01
CA VAL D 843 1.75 -11.30 -32.17
C VAL D 843 2.46 -12.50 -32.82
N ASN D 844 3.55 -12.94 -32.19
CA ASN D 844 4.41 -13.96 -32.78
C ASN D 844 4.63 -15.13 -31.82
N GLU D 845 5.14 -16.22 -32.36
CA GLU D 845 5.26 -17.50 -31.65
C GLU D 845 5.92 -17.36 -30.28
N GLN D 846 6.77 -16.37 -30.13
CA GLN D 846 7.44 -16.12 -28.86
C GLN D 846 6.50 -15.49 -27.82
N LEU D 847 5.69 -14.53 -28.26
CA LEU D 847 4.71 -13.89 -27.39
C LEU D 847 3.77 -14.95 -26.81
N ILE D 848 3.16 -15.73 -27.68
CA ILE D 848 2.26 -16.79 -27.25
C ILE D 848 3.03 -17.79 -26.40
N SER D 849 4.31 -17.99 -26.72
CA SER D 849 5.17 -18.80 -25.86
C SER D 849 5.25 -18.23 -24.45
N MET D 850 5.16 -16.91 -24.33
CA MET D 850 5.20 -16.26 -23.02
C MET D 850 3.86 -16.30 -22.28
N ALA D 851 2.86 -15.62 -22.82
CA ALA D 851 1.56 -15.47 -22.17
C ALA D 851 0.92 -16.80 -21.82
N TYR D 852 0.78 -17.67 -22.82
CA TYR D 852 0.21 -19.00 -22.59
C TYR D 852 1.19 -19.97 -21.93
N GLY D 853 2.42 -20.01 -22.45
CA GLY D 853 3.39 -21.01 -22.04
C GLY D 853 3.92 -20.91 -20.63
N GLN D 854 4.29 -19.71 -20.19
CA GLN D 854 5.01 -19.53 -18.92
C GLN D 854 4.19 -18.86 -17.83
N ILE D 855 3.95 -17.57 -18.02
CA ILE D 855 3.30 -16.75 -17.01
C ILE D 855 1.86 -17.19 -16.74
N GLY D 856 1.09 -17.31 -17.82
CA GLY D 856 -0.31 -17.70 -17.72
C GLY D 856 -0.46 -18.92 -16.84
N MET D 857 0.48 -19.85 -16.96
CA MET D 857 0.49 -21.03 -16.13
C MET D 857 0.64 -20.70 -14.67
N ILE D 858 1.55 -19.77 -14.34
CA ILE D 858 1.71 -19.39 -12.95
C ILE D 858 0.41 -18.81 -12.41
N GLN D 859 -0.29 -18.05 -13.25
CA GLN D 859 -1.60 -17.51 -12.84
C GLN D 859 -2.66 -18.59 -12.60
N ALA D 860 -2.80 -19.53 -13.54
CA ALA D 860 -3.69 -20.67 -13.34
C ALA D 860 -3.38 -21.44 -12.04
N LEU D 861 -2.10 -21.72 -11.80
CA LEU D 861 -1.68 -22.38 -10.56
C LEU D 861 -2.12 -21.62 -9.32
N GLY D 862 -1.85 -20.32 -9.29
CA GLY D 862 -2.28 -19.49 -8.17
C GLY D 862 -3.77 -19.65 -7.93
N GLY D 863 -4.52 -19.58 -9.03
CA GLY D 863 -5.96 -19.76 -8.96
C GLY D 863 -6.36 -21.09 -8.31
N PHE D 864 -5.87 -22.20 -8.85
CA PHE D 864 -6.26 -23.49 -8.29
C PHE D 864 -5.78 -23.67 -6.87
N PHE D 865 -4.77 -22.88 -6.50
CA PHE D 865 -4.36 -22.83 -5.12
C PHE D 865 -5.47 -22.28 -4.28
N THR D 866 -5.92 -21.06 -4.58
CA THR D 866 -6.98 -20.48 -3.75
C THR D 866 -8.22 -21.37 -3.73
N TYR D 867 -8.50 -21.96 -4.87
CA TYR D 867 -9.58 -22.92 -5.01
C TYR D 867 -9.44 -23.98 -3.93
N PHE D 868 -8.31 -24.66 -3.93
CA PHE D 868 -8.12 -25.75 -2.98
C PHE D 868 -8.05 -25.28 -1.53
N VAL D 869 -7.51 -24.08 -1.31
CA VAL D 869 -7.39 -23.47 0.02
C VAL D 869 -8.77 -23.28 0.63
N ILE D 870 -9.60 -22.55 -0.10
CA ILE D 870 -10.98 -22.31 0.30
C ILE D 870 -11.71 -23.61 0.53
N LEU D 871 -11.70 -24.49 -0.47
CA LEU D 871 -12.48 -25.72 -0.36
C LEU D 871 -12.05 -26.62 0.79
N ALA D 872 -10.75 -26.86 0.89
CA ALA D 872 -10.22 -27.68 1.98
C ALA D 872 -10.51 -27.05 3.35
N GLU D 873 -10.35 -25.73 3.44
CA GLU D 873 -10.64 -25.05 4.69
C GLU D 873 -12.12 -25.15 5.05
N ASN D 874 -12.98 -25.24 4.05
CA ASN D 874 -14.42 -25.37 4.27
C ASN D 874 -14.93 -26.80 4.38
N GLY D 875 -14.02 -27.75 4.40
CA GLY D 875 -14.35 -29.13 4.69
C GLY D 875 -14.24 -30.14 3.56
N PHE D 876 -14.07 -29.67 2.33
CA PHE D 876 -13.87 -30.61 1.23
C PHE D 876 -12.41 -30.66 0.86
N LEU D 877 -11.74 -31.74 1.21
CA LEU D 877 -10.33 -31.85 0.92
C LEU D 877 -10.15 -32.12 -0.58
N PRO D 878 -9.08 -31.57 -1.17
CA PRO D 878 -8.69 -31.77 -2.58
C PRO D 878 -8.69 -33.24 -3.03
N ILE D 879 -8.11 -34.11 -2.19
CA ILE D 879 -8.07 -35.55 -2.43
C ILE D 879 -9.46 -36.06 -2.75
N HIS D 880 -10.41 -35.61 -1.95
CA HIS D 880 -11.80 -36.05 -1.99
C HIS D 880 -12.60 -35.28 -3.05
N LEU D 881 -12.01 -34.19 -3.55
CA LEU D 881 -12.73 -33.24 -4.38
C LEU D 881 -13.00 -33.72 -5.80
N LEU D 882 -12.27 -34.75 -6.23
CA LEU D 882 -12.37 -35.26 -7.60
C LEU D 882 -13.63 -36.10 -7.85
N GLY D 883 -14.09 -36.10 -9.10
CA GLY D 883 -15.28 -36.84 -9.49
C GLY D 883 -16.57 -36.26 -8.91
N LEU D 884 -16.43 -35.23 -8.08
CA LEU D 884 -17.52 -34.70 -7.29
C LEU D 884 -18.59 -33.96 -8.09
N ARG D 885 -18.21 -33.32 -9.19
CA ARG D 885 -19.12 -32.44 -9.94
C ARG D 885 -20.44 -33.09 -10.27
N VAL D 886 -20.39 -34.37 -10.64
CA VAL D 886 -21.57 -35.14 -10.96
C VAL D 886 -22.60 -35.04 -9.84
N ASN D 887 -22.19 -35.33 -8.62
CA ASN D 887 -23.08 -35.20 -7.50
C ASN D 887 -23.23 -33.73 -7.12
N TRP D 888 -22.18 -32.96 -7.39
CA TRP D 888 -22.10 -31.59 -6.88
C TRP D 888 -23.03 -30.65 -7.61
N ASP D 889 -23.06 -30.73 -8.93
CA ASP D 889 -23.90 -29.82 -9.70
C ASP D 889 -25.32 -30.39 -9.81
N ASP D 890 -25.55 -31.54 -9.17
CA ASP D 890 -26.91 -32.09 -9.04
C ASP D 890 -27.70 -31.27 -8.03
N ARG D 891 -28.90 -30.84 -8.44
CA ARG D 891 -29.72 -29.91 -7.66
C ARG D 891 -30.47 -30.60 -6.52
N TRP D 892 -30.73 -31.88 -6.70
CA TRP D 892 -31.57 -32.60 -5.77
C TRP D 892 -30.85 -33.46 -4.75
N ILE D 893 -29.52 -33.51 -4.84
CA ILE D 893 -28.80 -34.24 -3.81
C ILE D 893 -28.46 -33.21 -2.74
N ASN D 894 -29.22 -33.25 -1.66
CA ASN D 894 -29.01 -32.33 -0.55
C ASN D 894 -28.28 -32.96 0.65
N ASP D 895 -27.98 -34.25 0.54
CA ASP D 895 -27.02 -34.87 1.44
C ASP D 895 -25.77 -35.21 0.64
N VAL D 896 -24.72 -34.42 0.84
CA VAL D 896 -23.51 -34.52 0.05
C VAL D 896 -22.32 -34.54 0.98
N GLU D 897 -21.58 -35.65 1.00
CA GLU D 897 -20.57 -35.84 2.04
C GLU D 897 -19.20 -35.29 1.67
N ASP D 898 -18.72 -34.37 2.51
CA ASP D 898 -17.38 -33.83 2.39
C ASP D 898 -16.42 -34.80 3.04
N SER D 899 -15.18 -34.37 3.24
CA SER D 899 -14.19 -35.22 3.87
C SER D 899 -14.47 -35.42 5.38
N TYR D 900 -15.34 -34.59 5.94
CA TYR D 900 -15.64 -34.66 7.36
C TYR D 900 -16.90 -35.45 7.71
N GLY D 901 -17.59 -35.95 6.71
CA GLY D 901 -18.82 -36.69 6.97
C GLY D 901 -20.00 -35.77 7.22
N GLN D 902 -19.78 -34.48 7.02
CA GLN D 902 -20.86 -33.52 7.07
C GLN D 902 -21.68 -33.59 5.79
N GLN D 903 -22.92 -33.12 5.86
CA GLN D 903 -23.83 -33.11 4.71
C GLN D 903 -24.14 -31.69 4.26
N TRP D 904 -24.25 -31.49 2.95
CA TRP D 904 -24.55 -30.18 2.40
C TRP D 904 -25.75 -30.24 1.47
N THR D 905 -26.66 -29.28 1.59
CA THR D 905 -27.74 -29.14 0.60
C THR D 905 -27.16 -28.50 -0.67
N TYR D 906 -28.03 -28.14 -1.61
CA TYR D 906 -27.55 -27.63 -2.89
C TYR D 906 -27.01 -26.23 -2.68
N GLU D 907 -27.88 -25.33 -2.25
CA GLU D 907 -27.51 -23.92 -2.11
C GLU D 907 -26.34 -23.67 -1.17
N GLN D 908 -26.18 -24.50 -0.15
CA GLN D 908 -25.04 -24.36 0.76
C GLN D 908 -23.72 -24.56 0.01
N ARG D 909 -23.54 -25.76 -0.53
CA ARG D 909 -22.30 -26.10 -1.24
C ARG D 909 -22.10 -25.18 -2.44
N LYS D 910 -23.18 -24.86 -3.15
CA LYS D 910 -23.12 -23.98 -4.31
C LYS D 910 -22.68 -22.57 -3.94
N ILE D 911 -23.12 -22.08 -2.77
CA ILE D 911 -22.63 -20.83 -2.27
C ILE D 911 -21.14 -20.96 -2.08
N VAL D 912 -20.70 -22.06 -1.50
CA VAL D 912 -19.25 -22.23 -1.37
C VAL D 912 -18.53 -22.22 -2.73
N GLU D 913 -19.20 -22.74 -3.76
CA GLU D 913 -18.63 -22.76 -5.11
C GLU D 913 -18.52 -21.35 -5.66
N PHE D 914 -19.53 -20.53 -5.40
CA PHE D 914 -19.53 -19.15 -5.88
C PHE D 914 -18.61 -18.23 -5.06
N THR D 915 -18.42 -18.56 -3.79
CA THR D 915 -17.39 -17.89 -3.01
C THR D 915 -16.11 -18.63 -3.25
N CYS D 916 -16.13 -19.63 -4.13
CA CYS D 916 -14.88 -20.15 -4.69
C CYS D 916 -14.60 -19.55 -6.06
N HIS D 917 -15.59 -18.87 -6.63
CA HIS D 917 -15.41 -18.22 -7.91
C HIS D 917 -14.79 -16.87 -7.68
N THR D 918 -15.32 -16.21 -6.67
CA THR D 918 -14.90 -14.87 -6.30
C THR D 918 -13.40 -14.78 -6.04
N PRO D 919 -12.84 -15.59 -5.11
CA PRO D 919 -11.42 -15.47 -4.80
C PRO D 919 -10.51 -15.99 -5.90
N PHE D 920 -11.05 -16.79 -6.82
CA PHE D 920 -10.27 -17.17 -8.00
C PHE D 920 -10.20 -15.97 -8.93
N PHE D 921 -11.32 -15.26 -9.07
CA PHE D 921 -11.32 -14.00 -9.81
C PHE D 921 -10.35 -12.98 -9.18
N VAL D 922 -10.44 -12.79 -7.87
CA VAL D 922 -9.57 -11.88 -7.12
C VAL D 922 -8.12 -12.32 -7.25
N THR D 923 -7.92 -13.63 -7.32
CA THR D 923 -6.62 -14.19 -7.62
C THR D 923 -6.13 -13.67 -8.98
N ILE D 924 -6.98 -13.77 -9.99
CA ILE D 924 -6.64 -13.24 -11.30
C ILE D 924 -6.19 -11.80 -11.19
N VAL D 925 -6.93 -11.00 -10.42
CA VAL D 925 -6.48 -9.64 -10.18
C VAL D 925 -5.05 -9.61 -9.63
N VAL D 926 -4.86 -10.33 -8.52
CA VAL D 926 -3.60 -10.34 -7.80
C VAL D 926 -2.39 -10.71 -8.66
N VAL D 927 -2.59 -11.65 -9.58
CA VAL D 927 -1.51 -12.04 -10.48
C VAL D 927 -1.36 -11.07 -11.64
N GLN D 928 -2.48 -10.49 -12.08
CA GLN D 928 -2.45 -9.46 -13.12
C GLN D 928 -1.68 -8.23 -12.68
N TRP D 929 -1.52 -8.05 -11.36
CA TRP D 929 -0.65 -6.99 -10.86
C TRP D 929 0.74 -7.18 -11.42
N ALA D 930 1.30 -8.33 -11.07
CA ALA D 930 2.65 -8.68 -11.46
C ALA D 930 2.75 -8.66 -12.96
N ASP D 931 1.78 -9.30 -13.61
CA ASP D 931 1.83 -9.38 -15.06
C ASP D 931 1.83 -7.99 -15.69
N LEU D 932 1.09 -7.09 -15.08
CA LEU D 932 1.03 -5.71 -15.56
C LEU D 932 2.40 -5.07 -15.48
N VAL D 933 3.00 -5.09 -14.30
CA VAL D 933 4.31 -4.48 -14.14
C VAL D 933 5.34 -5.07 -15.10
N ILE D 934 5.32 -6.37 -15.29
CA ILE D 934 6.36 -7.00 -16.12
C ILE D 934 6.11 -6.90 -17.63
N CYS D 935 4.87 -6.66 -18.03
CA CYS D 935 4.60 -6.48 -19.46
C CYS D 935 4.96 -5.05 -19.88
N LYS D 936 5.00 -4.18 -18.89
CA LYS D 936 5.40 -2.79 -19.03
C LYS D 936 6.75 -2.67 -19.75
N THR D 937 7.65 -3.61 -19.45
CA THR D 937 9.02 -3.57 -19.95
C THR D 937 9.34 -4.85 -20.70
N ARG D 938 9.55 -4.72 -22.01
CA ARG D 938 9.88 -5.87 -22.84
C ARG D 938 11.33 -6.25 -22.72
N ARG D 939 12.18 -5.29 -22.38
CA ARG D 939 13.62 -5.55 -22.25
C ARG D 939 14.24 -5.10 -20.92
N ASN D 940 14.17 -3.80 -20.62
CA ASN D 940 14.77 -3.26 -19.39
C ASN D 940 14.13 -3.80 -18.12
N SER D 941 14.89 -3.79 -17.02
CA SER D 941 14.34 -4.18 -15.72
C SER D 941 13.30 -3.16 -15.28
N VAL D 942 12.43 -3.53 -14.34
CA VAL D 942 11.37 -2.65 -13.84
C VAL D 942 11.96 -1.48 -13.06
N PHE D 943 13.19 -1.69 -12.59
CA PHE D 943 13.91 -0.68 -11.83
C PHE D 943 14.74 0.19 -12.75
N GLN D 944 14.58 -0.01 -14.05
CA GLN D 944 15.15 0.88 -15.04
C GLN D 944 14.07 1.82 -15.54
N GLN D 945 13.11 1.26 -16.28
CA GLN D 945 11.98 2.03 -16.80
C GLN D 945 11.20 2.71 -15.69
N GLY D 946 11.38 2.21 -14.47
CA GLY D 946 10.70 2.76 -13.32
C GLY D 946 9.22 2.53 -13.36
N MET D 947 8.54 3.08 -12.36
CA MET D 947 7.08 3.04 -12.27
C MET D 947 6.37 4.28 -12.80
N LYS D 948 7.11 5.15 -13.46
CA LYS D 948 6.66 6.51 -13.74
C LYS D 948 5.32 6.65 -14.46
N ASN D 949 4.77 5.53 -14.95
CA ASN D 949 3.47 5.57 -15.63
C ASN D 949 2.33 5.69 -14.63
N LYS D 950 1.61 6.81 -14.71
CA LYS D 950 0.57 7.14 -13.73
C LYS D 950 -0.71 6.40 -14.03
N ILE D 951 -0.95 6.15 -15.30
CA ILE D 951 -2.14 5.44 -15.68
C ILE D 951 -2.00 3.98 -15.30
N LEU D 952 -0.76 3.54 -15.23
CA LEU D 952 -0.44 2.20 -14.76
C LEU D 952 -0.77 2.07 -13.28
N ILE D 953 -0.22 2.99 -12.49
CA ILE D 953 -0.43 3.00 -11.05
C ILE D 953 -1.91 3.09 -10.71
N PHE D 954 -2.60 4.01 -11.39
CA PHE D 954 -4.03 4.12 -11.22
C PHE D 954 -4.70 2.82 -11.60
N GLY D 955 -4.26 2.24 -12.71
CA GLY D 955 -4.77 0.97 -13.17
C GLY D 955 -4.77 -0.06 -12.06
N LEU D 956 -3.66 -0.15 -11.33
CA LEU D 956 -3.55 -1.08 -10.21
C LEU D 956 -4.55 -0.72 -9.12
N PHE D 957 -4.47 0.53 -8.65
CA PHE D 957 -5.34 0.99 -7.57
C PHE D 957 -6.84 0.75 -7.81
N GLU D 958 -7.31 1.06 -9.01
CA GLU D 958 -8.70 0.84 -9.37
C GLU D 958 -9.03 -0.63 -9.57
N GLU D 959 -8.23 -1.32 -10.37
CA GLU D 959 -8.48 -2.72 -10.69
C GLU D 959 -8.74 -3.47 -9.40
N THR D 960 -7.87 -3.24 -8.42
CA THR D 960 -8.10 -3.84 -7.13
C THR D 960 -9.35 -3.26 -6.43
N ALA D 961 -9.44 -1.94 -6.29
CA ALA D 961 -10.57 -1.33 -5.56
C ALA D 961 -11.93 -1.87 -6.04
N LEU D 962 -12.04 -2.04 -7.36
CA LEU D 962 -13.23 -2.61 -7.97
C LEU D 962 -13.36 -4.10 -7.67
N ALA D 963 -12.25 -4.85 -7.72
CA ALA D 963 -12.33 -6.27 -7.35
C ALA D 963 -12.89 -6.46 -5.94
N ALA D 964 -12.28 -5.77 -4.97
CA ALA D 964 -12.75 -5.77 -3.60
C ALA D 964 -14.18 -5.25 -3.53
N PHE D 965 -14.54 -4.42 -4.52
CA PHE D 965 -15.92 -3.96 -4.59
C PHE D 965 -16.90 -5.03 -5.07
N LEU D 966 -16.49 -5.88 -6.01
CA LEU D 966 -17.37 -6.93 -6.51
C LEU D 966 -17.56 -8.00 -5.45
N SER D 967 -16.47 -8.33 -4.75
CA SER D 967 -16.59 -9.30 -3.68
C SER D 967 -17.41 -8.75 -2.50
N TYR D 968 -17.02 -7.56 -2.01
CA TYR D 968 -17.59 -7.05 -0.76
C TYR D 968 -18.79 -6.12 -0.87
N CYS D 969 -19.33 -5.92 -2.07
CA CYS D 969 -20.52 -5.08 -2.19
C CYS D 969 -21.74 -5.88 -1.75
N PRO D 970 -22.70 -5.22 -1.07
CA PRO D 970 -23.98 -5.82 -0.68
C PRO D 970 -24.91 -6.13 -1.86
N GLY D 971 -25.41 -7.36 -1.93
CA GLY D 971 -26.28 -7.77 -3.02
C GLY D 971 -25.58 -8.33 -4.25
N MET D 972 -24.28 -8.60 -4.14
CA MET D 972 -23.54 -9.20 -5.24
C MET D 972 -23.77 -10.69 -5.31
N GLY D 973 -23.90 -11.32 -4.14
CA GLY D 973 -24.18 -12.74 -4.07
C GLY D 973 -25.45 -13.08 -4.82
N VAL D 974 -26.44 -12.20 -4.69
CA VAL D 974 -27.66 -12.33 -5.47
C VAL D 974 -27.41 -11.96 -6.92
N ALA D 975 -26.93 -10.74 -7.15
CA ALA D 975 -26.83 -10.21 -8.50
C ALA D 975 -25.78 -10.92 -9.35
N LEU D 976 -24.54 -10.92 -8.86
CA LEU D 976 -23.44 -11.54 -9.60
C LEU D 976 -23.05 -12.95 -9.16
N ARG D 977 -23.77 -13.52 -8.20
CA ARG D 977 -23.36 -14.78 -7.59
C ARG D 977 -21.92 -14.64 -7.10
N MET D 978 -21.65 -13.45 -6.57
CA MET D 978 -20.34 -13.11 -6.02
C MET D 978 -20.50 -12.70 -4.55
N TYR D 979 -19.88 -13.48 -3.67
CA TYR D 979 -20.03 -13.32 -2.23
C TYR D 979 -18.68 -12.93 -1.63
N PRO D 980 -18.70 -12.30 -0.45
CA PRO D 980 -17.49 -11.84 0.24
C PRO D 980 -16.43 -12.91 0.52
N LEU D 981 -15.19 -12.45 0.67
CA LEU D 981 -14.06 -13.31 0.99
C LEU D 981 -13.60 -13.12 2.44
N LYS D 982 -13.35 -14.22 3.12
CA LYS D 982 -12.62 -14.18 4.37
C LYS D 982 -11.22 -13.69 4.01
N PRO D 983 -10.79 -12.59 4.62
CA PRO D 983 -9.61 -11.81 4.23
C PRO D 983 -8.39 -12.68 3.95
N THR D 984 -8.29 -13.79 4.65
CA THR D 984 -7.27 -14.80 4.37
C THR D 984 -7.22 -15.14 2.88
N TRP D 985 -8.40 -15.22 2.26
CA TRP D 985 -8.49 -15.57 0.84
C TRP D 985 -7.70 -14.64 -0.09
N TRP D 986 -7.51 -13.40 0.34
CA TRP D 986 -6.79 -12.45 -0.49
C TRP D 986 -5.33 -12.82 -0.62
N PHE D 987 -4.81 -13.46 0.42
CA PHE D 987 -3.38 -13.68 0.54
C PHE D 987 -2.88 -15.03 0.03
N CYS D 988 -3.79 -15.82 -0.53
CA CYS D 988 -3.41 -17.08 -1.14
C CYS D 988 -2.63 -16.82 -2.43
N ALA D 989 -3.16 -15.91 -3.23
CA ALA D 989 -2.65 -15.66 -4.58
C ALA D 989 -1.29 -14.98 -4.62
N PHE D 990 -0.90 -14.36 -3.51
CA PHE D 990 0.30 -13.51 -3.44
C PHE D 990 1.63 -14.15 -3.87
N PRO D 991 1.97 -15.31 -3.29
CA PRO D 991 3.26 -15.92 -3.66
C PRO D 991 3.42 -16.11 -5.17
N TYR D 992 2.35 -16.47 -5.87
CA TYR D 992 2.43 -16.73 -7.30
C TYR D 992 2.76 -15.47 -8.08
N SER D 993 2.07 -14.38 -7.75
CA SER D 993 2.32 -13.07 -8.34
C SER D 993 3.78 -12.69 -8.14
N LEU D 994 4.24 -12.84 -6.92
CA LEU D 994 5.63 -12.54 -6.60
C LEU D 994 6.58 -13.37 -7.47
N LEU D 995 6.26 -14.64 -7.63
CA LEU D 995 7.06 -15.52 -8.46
C LEU D 995 7.12 -15.00 -9.90
N ILE D 996 5.98 -14.55 -10.41
CA ILE D 996 5.89 -14.00 -11.75
C ILE D 996 6.81 -12.79 -11.92
N PHE D 997 6.71 -11.86 -10.97
CA PHE D 997 7.59 -10.69 -10.99
C PHE D 997 9.06 -11.11 -11.05
N VAL D 998 9.48 -11.90 -10.07
CA VAL D 998 10.87 -12.38 -10.01
C VAL D 998 11.32 -13.05 -11.31
N TYR D 999 10.58 -14.07 -11.73
CA TYR D 999 10.87 -14.84 -12.95
C TYR D 999 11.03 -13.97 -14.20
N ASP D 1000 10.06 -13.10 -14.46
CA ASP D 1000 10.18 -12.25 -15.65
C ASP D 1000 11.33 -11.27 -15.49
N GLU D 1001 11.59 -10.86 -14.26
CA GLU D 1001 12.69 -9.92 -14.00
C GLU D 1001 14.06 -10.50 -14.31
N VAL D 1002 14.30 -11.72 -13.83
CA VAL D 1002 15.56 -12.38 -14.16
C VAL D 1002 15.59 -12.78 -15.63
N ARG D 1003 14.43 -12.99 -16.25
CA ARG D 1003 14.45 -13.28 -17.68
C ARG D 1003 14.93 -12.06 -18.45
N LYS D 1004 14.37 -10.91 -18.10
CA LYS D 1004 14.70 -9.66 -18.76
C LYS D 1004 16.04 -9.15 -18.23
N LEU D 1005 16.59 -9.91 -17.29
CA LEU D 1005 17.95 -9.72 -16.83
C LEU D 1005 18.88 -10.47 -17.78
N ILE D 1006 18.72 -11.79 -17.85
CA ILE D 1006 19.53 -12.65 -18.71
C ILE D 1006 19.51 -12.21 -20.17
N ILE D 1007 18.36 -11.72 -20.63
CA ILE D 1007 18.26 -11.22 -21.99
C ILE D 1007 19.19 -10.02 -22.19
N ARG D 1008 19.22 -9.14 -21.20
CA ARG D 1008 20.09 -7.96 -21.28
C ARG D 1008 21.56 -8.33 -21.17
N ARG D 1009 21.90 -9.24 -20.24
CA ARG D 1009 23.29 -9.63 -20.02
C ARG D 1009 23.80 -10.59 -21.09
N ARG D 1010 22.88 -11.32 -21.73
CA ARG D 1010 23.25 -12.22 -22.82
C ARG D 1010 22.32 -12.06 -24.02
N PRO D 1011 22.58 -11.05 -24.87
CA PRO D 1011 21.75 -10.88 -26.07
C PRO D 1011 22.27 -11.72 -27.23
N GLY D 1012 22.57 -12.99 -26.97
CA GLY D 1012 22.94 -13.91 -28.04
C GLY D 1012 21.82 -14.30 -28.98
N GLY D 1013 20.77 -14.91 -28.42
CA GLY D 1013 20.82 -15.50 -27.10
C GLY D 1013 19.63 -16.42 -26.94
N TRP D 1014 19.75 -17.45 -26.11
CA TRP D 1014 18.69 -18.47 -26.08
C TRP D 1014 17.40 -17.95 -25.45
N VAL D 1015 17.54 -17.26 -24.33
CA VAL D 1015 16.40 -16.61 -23.70
C VAL D 1015 15.79 -15.63 -24.69
N GLU D 1016 16.64 -15.00 -25.47
CA GLU D 1016 16.26 -13.90 -26.34
C GLU D 1016 15.59 -14.40 -27.62
N LYS D 1017 16.07 -15.52 -28.15
CA LYS D 1017 15.46 -16.16 -29.31
C LYS D 1017 14.12 -16.77 -28.90
N GLU D 1018 14.09 -17.38 -27.73
CA GLU D 1018 12.90 -18.12 -27.28
C GLU D 1018 11.79 -17.26 -26.70
N THR D 1019 12.15 -16.32 -25.84
CA THR D 1019 11.16 -15.55 -25.08
C THR D 1019 10.81 -14.19 -25.68
N TYR D 1020 11.83 -13.33 -25.82
CA TYR D 1020 11.66 -11.92 -26.18
C TYR D 1020 10.71 -11.78 -27.37
N TYR D 1021 9.69 -10.95 -27.19
CA TYR D 1021 8.60 -10.87 -28.15
C TYR D 1021 8.28 -9.44 -28.57
N SER E 19 6.04 -27.73 -42.67
CA SER E 19 6.10 -29.08 -42.14
C SER E 19 7.49 -29.67 -42.30
N GLU E 20 8.04 -29.57 -43.50
CA GLU E 20 9.45 -29.90 -43.70
C GLU E 20 10.14 -28.88 -44.62
N LYS E 21 11.19 -28.28 -44.09
CA LYS E 21 11.96 -27.26 -44.78
C LYS E 21 13.42 -27.65 -44.67
N LYS E 22 14.30 -26.97 -45.40
CA LYS E 22 15.72 -27.25 -45.28
C LYS E 22 16.19 -27.01 -43.84
N GLU E 23 16.76 -28.07 -43.26
CA GLU E 23 17.24 -28.17 -41.87
C GLU E 23 16.21 -27.99 -40.74
N PHE E 24 14.91 -28.13 -41.03
CA PHE E 24 13.90 -27.87 -40.00
C PHE E 24 12.61 -28.68 -40.12
N LEU E 25 12.05 -29.07 -38.97
CA LEU E 25 10.74 -29.68 -38.88
C LEU E 25 9.75 -28.59 -38.48
N GLY E 26 8.54 -28.64 -39.04
CA GLY E 26 7.56 -27.59 -38.83
C GLY E 26 7.33 -27.30 -37.35
N ARG E 27 7.53 -26.04 -36.97
CA ARG E 27 7.94 -24.98 -37.91
C ARG E 27 9.46 -24.97 -38.17
N THR E 28 10.25 -24.60 -37.17
CA THR E 28 11.71 -24.68 -37.25
C THR E 28 12.23 -25.66 -36.18
N GLY E 29 12.79 -26.78 -36.63
CA GLY E 29 13.00 -27.91 -35.74
C GLY E 29 14.38 -28.28 -35.23
N GLY E 30 15.41 -27.52 -35.60
CA GLY E 30 16.75 -27.83 -35.15
C GLY E 30 16.89 -27.89 -33.63
N SER E 31 16.34 -26.86 -32.97
CA SER E 31 16.55 -26.63 -31.54
C SER E 31 15.46 -27.21 -30.65
N TRP E 32 14.50 -27.93 -31.26
CA TRP E 32 13.30 -28.37 -30.56
C TRP E 32 13.64 -28.97 -29.21
N PHE E 33 14.65 -29.85 -29.18
CA PHE E 33 15.09 -30.46 -27.94
C PHE E 33 15.29 -29.45 -26.80
N LYS E 34 15.82 -28.28 -27.12
CA LYS E 34 16.04 -27.22 -26.14
C LYS E 34 14.74 -26.69 -25.52
N ILE E 35 13.77 -26.33 -26.38
CA ILE E 35 12.46 -25.86 -25.93
C ILE E 35 11.72 -26.93 -25.14
N LEU E 36 11.65 -28.15 -25.69
CA LEU E 36 10.92 -29.22 -25.00
C LEU E 36 11.54 -29.58 -23.64
N LEU E 37 12.86 -29.69 -23.57
CA LEU E 37 13.51 -29.88 -22.28
C LEU E 37 13.15 -28.75 -21.31
N PHE E 38 13.37 -27.51 -21.76
CA PHE E 38 13.09 -26.35 -20.93
C PHE E 38 11.67 -26.34 -20.36
N TYR E 39 10.70 -26.75 -21.16
CA TYR E 39 9.32 -26.77 -20.69
C TYR E 39 9.04 -27.96 -19.79
N VAL E 40 9.75 -29.06 -20.01
CA VAL E 40 9.63 -30.20 -19.11
C VAL E 40 10.12 -29.82 -17.73
N ILE E 41 11.27 -29.15 -17.68
CA ILE E 41 11.85 -28.72 -16.41
C ILE E 41 11.03 -27.62 -15.74
N PHE E 42 10.67 -26.61 -16.53
CA PHE E 42 9.91 -25.46 -16.03
C PHE E 42 8.53 -25.86 -15.48
N TYR E 43 7.80 -26.67 -16.25
CA TYR E 43 6.52 -27.20 -15.80
C TYR E 43 6.70 -28.16 -14.62
N GLY E 44 7.81 -28.89 -14.62
CA GLY E 44 8.14 -29.75 -13.50
C GLY E 44 8.21 -28.92 -12.24
N CYS E 45 8.89 -27.80 -12.31
CA CYS E 45 9.06 -26.93 -11.16
C CYS E 45 7.78 -26.23 -10.78
N LEU E 46 6.95 -25.89 -11.77
CA LEU E 46 5.65 -25.31 -11.49
C LEU E 46 4.80 -26.29 -10.68
N ALA E 47 4.72 -27.53 -11.15
CA ALA E 47 3.97 -28.56 -10.47
C ALA E 47 4.52 -28.77 -9.07
N GLY E 48 5.85 -28.78 -8.98
CA GLY E 48 6.55 -28.92 -7.70
C GLY E 48 6.13 -27.85 -6.72
N ILE E 49 6.19 -26.61 -7.17
CA ILE E 49 5.76 -25.46 -6.39
C ILE E 49 4.31 -25.60 -5.92
N PHE E 50 3.40 -25.78 -6.88
CA PHE E 50 1.98 -25.88 -6.58
C PHE E 50 1.75 -26.90 -5.49
N ILE E 51 2.28 -28.09 -5.70
CA ILE E 51 2.10 -29.16 -4.73
C ILE E 51 2.74 -28.78 -3.40
N GLY E 52 3.80 -27.99 -3.43
CA GLY E 52 4.37 -27.48 -2.21
C GLY E 52 3.35 -26.65 -1.44
N THR E 53 2.80 -25.64 -2.11
CA THR E 53 1.83 -24.74 -1.49
C THR E 53 0.60 -25.50 -1.00
N ILE E 54 0.11 -26.43 -1.82
CA ILE E 54 -1.01 -27.26 -1.42
C ILE E 54 -0.63 -28.05 -0.18
N GLN E 55 0.63 -28.46 -0.07
CA GLN E 55 1.04 -29.25 1.08
C GLN E 55 1.03 -28.42 2.36
N VAL E 56 1.57 -27.20 2.28
CA VAL E 56 1.57 -26.32 3.43
C VAL E 56 0.14 -26.04 3.85
N MET E 57 -0.69 -25.77 2.84
CA MET E 57 -2.08 -25.46 3.07
C MET E 57 -2.78 -26.64 3.74
N LEU E 58 -2.35 -27.86 3.42
CA LEU E 58 -2.91 -29.06 4.05
C LEU E 58 -2.32 -29.28 5.45
N LEU E 59 -1.19 -28.63 5.71
CA LEU E 59 -0.64 -28.58 7.05
C LEU E 59 -1.33 -27.50 7.86
N THR E 60 -2.13 -26.67 7.19
CA THR E 60 -2.95 -25.70 7.89
C THR E 60 -4.36 -26.22 8.13
N ILE E 61 -4.60 -27.48 7.75
CA ILE E 61 -5.91 -28.07 7.90
C ILE E 61 -5.98 -29.04 9.06
N SER E 62 -6.83 -28.72 10.04
CA SER E 62 -7.03 -29.56 11.22
C SER E 62 -7.50 -30.97 10.85
N GLU E 63 -6.99 -31.96 11.56
CA GLU E 63 -7.28 -33.37 11.28
C GLU E 63 -8.62 -33.80 11.91
N PHE E 64 -9.17 -32.93 12.75
CA PHE E 64 -10.38 -33.27 13.53
C PHE E 64 -11.62 -32.49 13.08
N LYS E 65 -11.56 -31.16 13.18
CA LYS E 65 -12.69 -30.29 12.83
C LYS E 65 -12.35 -29.45 11.60
N PRO E 66 -13.38 -29.09 10.80
CA PRO E 66 -13.17 -28.15 9.68
C PRO E 66 -12.90 -26.73 10.20
N THR E 67 -12.04 -25.99 9.52
CA THR E 67 -11.71 -24.64 10.00
C THR E 67 -12.87 -23.62 9.85
N TYR E 68 -13.81 -23.90 8.95
CA TYR E 68 -15.05 -23.12 8.88
C TYR E 68 -16.28 -24.01 8.71
N GLN E 69 -17.23 -23.93 9.65
CA GLN E 69 -18.52 -24.58 9.48
C GLN E 69 -19.67 -23.66 9.06
N ASP E 70 -19.41 -22.36 8.96
CA ASP E 70 -20.51 -21.38 8.94
C ASP E 70 -21.53 -21.48 7.79
N ARG E 71 -21.16 -22.12 6.69
CA ARG E 71 -22.05 -22.22 5.53
C ARG E 71 -23.10 -23.33 5.67
N VAL E 72 -22.88 -24.26 6.59
CA VAL E 72 -23.83 -25.33 6.93
C VAL E 72 -24.69 -25.00 8.15
N ALA E 73 -24.52 -23.79 8.69
CA ALA E 73 -25.13 -23.38 9.96
C ALA E 73 -26.61 -23.71 10.16
N PRO E 74 -27.49 -23.36 9.20
CA PRO E 74 -28.89 -23.81 9.26
C PRO E 74 -29.06 -25.19 8.63
N PRO E 75 -28.94 -26.28 9.42
CA PRO E 75 -28.88 -27.65 8.85
C PRO E 75 -30.07 -27.96 7.92
N GLY E 76 -29.86 -28.79 6.90
CA GLY E 76 -30.95 -29.15 6.01
C GLY E 76 -31.78 -30.37 6.42
N LEU E 77 -33.03 -30.40 5.98
CA LEU E 77 -33.89 -31.55 6.21
C LEU E 77 -33.96 -32.38 4.92
N THR E 78 -33.53 -33.65 4.98
CA THR E 78 -33.42 -34.50 3.79
C THR E 78 -34.20 -35.82 3.89
N GLN E 79 -34.38 -36.50 2.76
CA GLN E 79 -35.27 -37.66 2.68
C GLN E 79 -34.58 -38.95 2.32
N ILE E 80 -35.23 -40.07 2.61
CA ILE E 80 -34.77 -41.35 2.10
C ILE E 80 -34.90 -41.47 0.58
N PRO E 81 -36.13 -41.28 0.02
CA PRO E 81 -36.19 -41.56 -1.41
C PRO E 81 -35.97 -40.27 -2.18
N GLN E 82 -34.74 -39.76 -2.20
CA GLN E 82 -34.49 -38.48 -2.87
C GLN E 82 -34.90 -38.59 -4.32
N SER E 83 -35.83 -37.73 -4.73
CA SER E 83 -36.47 -37.93 -6.01
C SER E 83 -35.91 -36.96 -7.04
N GLN E 84 -36.38 -37.11 -8.28
CA GLN E 84 -35.82 -36.34 -9.38
C GLN E 84 -35.99 -34.86 -9.10
N LYS E 85 -37.22 -34.41 -8.94
CA LYS E 85 -37.42 -33.15 -8.25
C LYS E 85 -38.50 -33.31 -7.18
N THR E 86 -38.07 -33.54 -5.95
CA THR E 86 -38.98 -33.63 -4.79
C THR E 86 -40.29 -34.37 -5.04
N GLU E 87 -40.28 -35.36 -5.94
CA GLU E 87 -41.54 -35.96 -6.38
C GLU E 87 -41.60 -37.48 -6.44
N ILE E 88 -42.55 -38.02 -5.67
CA ILE E 88 -42.84 -39.44 -5.69
C ILE E 88 -44.19 -39.63 -6.39
N SER E 89 -44.15 -40.18 -7.60
CA SER E 89 -45.37 -40.43 -8.39
C SER E 89 -45.41 -41.88 -8.82
N PHE E 90 -46.40 -42.62 -8.34
CA PHE E 90 -46.37 -44.08 -8.54
C PHE E 90 -47.71 -44.83 -8.54
N ARG E 91 -47.67 -46.08 -9.00
CA ARG E 91 -48.84 -46.94 -9.02
C ARG E 91 -48.80 -47.94 -7.85
N PRO E 92 -49.85 -47.94 -7.00
CA PRO E 92 -50.00 -48.85 -5.86
C PRO E 92 -49.87 -50.32 -6.27
N ASN E 93 -50.41 -50.65 -7.43
CA ASN E 93 -50.40 -52.02 -7.93
C ASN E 93 -49.01 -52.42 -8.46
N ASP E 94 -48.55 -51.71 -9.48
CA ASP E 94 -47.29 -52.00 -10.15
C ASP E 94 -46.14 -52.07 -9.15
N PRO E 95 -45.46 -53.24 -9.09
CA PRO E 95 -44.25 -53.45 -8.29
C PRO E 95 -43.08 -52.70 -8.89
N GLN E 96 -43.13 -52.47 -10.20
CA GLN E 96 -42.07 -51.74 -10.90
C GLN E 96 -42.26 -50.23 -10.73
N SER E 97 -43.44 -49.85 -10.26
CA SER E 97 -43.77 -48.44 -10.02
C SER E 97 -42.99 -47.87 -8.85
N TYR E 98 -43.06 -48.55 -7.70
CA TYR E 98 -42.37 -48.09 -6.50
C TYR E 98 -40.96 -48.65 -6.31
N GLU E 99 -40.45 -49.33 -7.33
CA GLU E 99 -39.14 -49.99 -7.29
C GLU E 99 -37.98 -49.11 -6.82
N SER E 100 -37.75 -47.99 -7.51
CA SER E 100 -36.59 -47.15 -7.21
C SER E 100 -36.61 -46.59 -5.80
N TYR E 101 -37.75 -46.06 -5.39
CA TYR E 101 -37.87 -45.46 -4.06
C TYR E 101 -37.57 -46.51 -3.01
N VAL E 102 -38.37 -47.59 -3.02
CA VAL E 102 -38.22 -48.69 -2.07
C VAL E 102 -36.77 -49.18 -2.00
N VAL E 103 -36.13 -49.33 -3.16
CA VAL E 103 -34.71 -49.68 -3.20
C VAL E 103 -33.85 -48.66 -2.46
N SER E 104 -34.08 -47.37 -2.72
CA SER E 104 -33.34 -46.32 -2.04
C SER E 104 -33.52 -46.45 -0.53
N ILE E 105 -34.69 -46.89 -0.09
CA ILE E 105 -34.91 -47.05 1.34
C ILE E 105 -34.08 -48.22 1.86
N VAL E 106 -34.11 -49.33 1.13
CA VAL E 106 -33.38 -50.53 1.56
C VAL E 106 -31.86 -50.29 1.65
N ARG E 107 -31.30 -49.61 0.65
CA ARG E 107 -29.88 -49.28 0.67
C ARG E 107 -29.56 -48.19 1.71
N PHE E 108 -30.53 -47.32 1.99
CA PHE E 108 -30.38 -46.33 3.05
C PHE E 108 -30.25 -47.00 4.42
N LEU E 109 -31.25 -47.78 4.80
CA LEU E 109 -31.31 -48.35 6.15
C LEU E 109 -30.61 -49.70 6.28
N GLU E 110 -29.92 -50.11 5.22
CA GLU E 110 -29.07 -51.29 5.29
C GLU E 110 -28.04 -51.13 6.42
N LYS E 111 -27.62 -49.89 6.67
CA LYS E 111 -26.67 -49.61 7.76
C LYS E 111 -27.30 -49.83 9.14
N TYR E 112 -28.61 -49.60 9.23
CA TYR E 112 -29.29 -49.57 10.52
C TYR E 112 -29.68 -50.94 11.08
N LYS E 113 -29.52 -51.98 10.27
CA LYS E 113 -29.92 -53.32 10.67
C LYS E 113 -29.24 -53.76 11.96
N ASP E 114 -29.97 -54.53 12.77
CA ASP E 114 -29.52 -54.90 14.11
C ASP E 114 -28.26 -55.75 14.12
N LEU E 115 -28.10 -56.57 13.10
CA LEU E 115 -26.91 -57.42 13.00
C LEU E 115 -25.79 -56.62 12.36
N ALA E 116 -26.14 -55.47 11.78
CA ALA E 116 -25.16 -54.59 11.17
C ALA E 116 -24.35 -53.86 12.24
N GLN E 117 -24.98 -53.50 13.36
CA GLN E 117 -24.19 -53.06 14.49
C GLN E 117 -24.25 -54.15 15.54
N LYS E 118 -23.24 -55.02 15.54
CA LYS E 118 -23.06 -56.05 16.55
C LYS E 118 -22.18 -55.60 17.72
N ASP E 119 -21.10 -54.91 17.38
CA ASP E 119 -19.95 -54.72 18.26
C ASP E 119 -20.24 -53.81 19.46
N ASP E 120 -19.99 -54.31 20.66
CA ASP E 120 -20.18 -53.49 21.85
C ASP E 120 -18.93 -52.64 22.14
N MET E 121 -17.89 -52.84 21.33
CA MET E 121 -16.71 -52.00 21.39
C MET E 121 -16.99 -50.60 20.82
N ILE E 122 -17.45 -50.58 19.58
CA ILE E 122 -17.69 -49.33 18.87
C ILE E 122 -19.14 -48.88 18.91
N PHE E 123 -20.02 -49.72 19.47
CA PHE E 123 -21.44 -49.38 19.56
C PHE E 123 -21.95 -49.35 20.99
N GLU E 124 -22.72 -48.31 21.29
CA GLU E 124 -23.19 -48.03 22.63
C GLU E 124 -24.71 -48.01 22.56
N ASP E 125 -25.36 -48.79 23.43
CA ASP E 125 -26.81 -48.83 23.38
C ASP E 125 -27.34 -47.76 24.30
N CYS E 126 -27.89 -46.70 23.71
CA CYS E 126 -28.45 -45.60 24.48
C CYS E 126 -29.95 -45.75 24.60
N GLY E 127 -30.61 -44.73 25.14
CA GLY E 127 -31.99 -44.85 25.57
C GLY E 127 -33.03 -45.34 24.58
N ASN E 128 -34.09 -45.93 25.12
CA ASN E 128 -35.31 -46.22 24.36
C ASN E 128 -36.25 -45.03 24.48
N VAL E 129 -35.75 -43.99 25.13
CA VAL E 129 -36.48 -42.74 25.32
C VAL E 129 -35.48 -41.61 25.08
N PRO E 130 -35.92 -40.54 24.39
CA PRO E 130 -35.04 -39.39 24.07
C PRO E 130 -34.35 -38.80 25.32
N SER E 131 -33.03 -38.61 25.25
CA SER E 131 -32.24 -38.25 26.43
C SER E 131 -31.30 -37.06 26.21
N GLU E 132 -30.72 -36.55 27.31
CA GLU E 132 -29.84 -35.38 27.25
C GLU E 132 -28.63 -35.64 26.37
N LEU E 133 -28.11 -34.57 25.77
CA LEU E 133 -27.05 -34.66 24.76
C LEU E 133 -25.84 -35.42 25.25
N LYS E 134 -25.24 -36.22 24.37
CA LYS E 134 -24.14 -37.07 24.79
C LYS E 134 -22.84 -36.40 24.42
N GLU E 135 -22.17 -35.90 25.45
CA GLU E 135 -20.92 -35.18 25.27
C GLU E 135 -19.79 -36.15 25.55
N ARG E 136 -18.94 -36.38 24.56
CA ARG E 136 -17.82 -37.26 24.77
C ARG E 136 -16.54 -36.46 24.72
N GLY E 137 -15.97 -36.23 25.90
CA GLY E 137 -14.71 -35.52 26.04
C GLY E 137 -14.63 -34.26 25.23
N GLU E 138 -13.53 -34.17 24.47
CA GLU E 138 -13.31 -33.09 23.52
C GLU E 138 -13.06 -33.72 22.17
N TYR E 139 -12.71 -32.89 21.18
CA TYR E 139 -12.52 -33.38 19.82
C TYR E 139 -11.10 -33.84 19.57
N ASN E 140 -10.31 -33.85 20.65
CA ASN E 140 -8.95 -34.38 20.65
C ASN E 140 -8.87 -35.89 20.42
N ASN E 141 -7.69 -36.35 20.03
CA ASN E 141 -7.45 -37.78 19.93
C ASN E 141 -6.94 -38.31 21.28
N GLU E 142 -6.90 -37.41 22.27
CA GLU E 142 -6.56 -37.79 23.65
C GLU E 142 -7.47 -38.90 24.14
N ARG E 143 -8.75 -38.77 23.83
CA ARG E 143 -9.68 -39.87 24.01
C ARG E 143 -9.66 -40.72 22.74
N GLY E 144 -9.81 -42.03 22.90
CA GLY E 144 -9.81 -42.92 21.77
C GLY E 144 -11.03 -42.69 20.88
N GLU E 145 -11.13 -43.46 19.80
CA GLU E 145 -12.25 -43.38 18.89
C GLU E 145 -13.56 -43.47 19.67
N ARG E 146 -14.49 -42.55 19.40
CA ARG E 146 -15.70 -42.43 20.21
C ARG E 146 -16.76 -43.50 19.96
N LYS E 147 -17.50 -43.86 21.01
CA LYS E 147 -18.62 -44.79 20.85
C LYS E 147 -19.73 -44.16 20.00
N VAL E 148 -20.61 -45.01 19.46
CA VAL E 148 -21.71 -44.54 18.62
C VAL E 148 -23.07 -45.05 19.10
N CYS E 149 -24.02 -44.15 19.32
CA CYS E 149 -25.35 -44.53 19.77
C CYS E 149 -26.10 -45.31 18.72
N ARG E 150 -26.70 -46.42 19.15
CA ARG E 150 -27.40 -47.31 18.24
C ARG E 150 -28.79 -46.77 17.88
N PHE E 151 -29.16 -46.92 16.62
CA PHE E 151 -30.53 -46.69 16.19
C PHE E 151 -31.10 -47.96 15.58
N ARG E 152 -32.20 -48.45 16.17
CA ARG E 152 -32.85 -49.66 15.70
C ARG E 152 -33.99 -49.31 14.77
N LEU E 153 -34.21 -50.15 13.76
CA LEU E 153 -35.25 -49.87 12.75
C LEU E 153 -36.65 -49.88 13.37
N GLU E 154 -36.82 -50.64 14.44
CA GLU E 154 -38.12 -50.77 15.10
C GLU E 154 -38.68 -49.43 15.53
N TRP E 155 -37.79 -48.47 15.77
CA TRP E 155 -38.20 -47.12 16.18
C TRP E 155 -39.08 -46.46 15.15
N LEU E 156 -38.95 -46.89 13.90
CA LEU E 156 -39.88 -46.50 12.86
C LEU E 156 -40.82 -47.68 12.64
N GLY E 157 -42.04 -47.57 13.15
CA GLY E 157 -42.99 -48.65 13.06
C GLY E 157 -43.81 -48.50 11.80
N ASN E 158 -44.23 -49.62 11.21
CA ASN E 158 -45.04 -49.61 9.99
C ASN E 158 -44.32 -48.99 8.79
N CYS E 159 -43.19 -48.32 9.07
CA CYS E 159 -42.33 -47.77 8.05
C CYS E 159 -40.95 -48.40 8.22
N SER E 160 -40.61 -49.22 7.23
CA SER E 160 -39.43 -50.11 7.21
C SER E 160 -39.50 -51.22 8.24
N GLY E 161 -40.32 -51.03 9.28
CA GLY E 161 -40.91 -52.11 10.05
C GLY E 161 -40.05 -53.32 10.36
N LEU E 162 -38.73 -53.16 10.41
CA LEU E 162 -37.81 -54.30 10.30
C LEU E 162 -38.20 -55.19 9.10
N ASN E 163 -38.44 -56.46 9.37
CA ASN E 163 -39.03 -57.36 8.37
C ASN E 163 -40.55 -57.51 8.56
N ASP E 164 -41.10 -56.76 9.52
CA ASP E 164 -42.55 -56.77 9.74
C ASP E 164 -43.22 -55.62 8.99
N GLU E 165 -43.93 -56.02 7.95
CA GLU E 165 -44.54 -55.13 6.98
C GLU E 165 -43.52 -54.08 6.43
N THR E 166 -43.93 -52.94 5.86
CA THR E 166 -45.21 -52.74 5.16
C THR E 166 -45.67 -53.86 4.17
N TYR E 167 -44.78 -54.51 3.40
CA TYR E 167 -43.37 -54.17 3.20
C TYR E 167 -43.23 -53.38 1.91
N GLY E 168 -44.36 -53.14 1.26
CA GLY E 168 -44.41 -52.31 0.06
C GLY E 168 -43.96 -50.92 0.45
N TYR E 169 -43.71 -50.78 1.75
CA TYR E 169 -42.94 -49.71 2.32
C TYR E 169 -43.69 -48.42 2.15
N LYS E 170 -45.01 -48.45 2.41
CA LYS E 170 -46.03 -47.53 1.80
C LYS E 170 -46.90 -47.99 0.60
N ASP E 171 -46.80 -49.23 0.11
CA ASP E 171 -47.41 -49.62 -1.17
C ASP E 171 -48.83 -49.08 -1.41
N GLY E 172 -49.70 -49.26 -0.41
CA GLY E 172 -51.03 -48.68 -0.42
C GLY E 172 -51.04 -47.17 -0.27
N LYS E 173 -50.43 -46.67 0.81
CA LYS E 173 -50.36 -45.23 1.07
C LYS E 173 -48.95 -44.84 1.51
N PRO E 174 -48.44 -43.68 1.01
CA PRO E 174 -47.03 -43.25 1.03
C PRO E 174 -46.36 -42.94 2.38
N CYS E 175 -45.06 -43.26 2.48
CA CYS E 175 -44.26 -42.94 3.66
C CYS E 175 -42.78 -42.56 3.32
N VAL E 176 -42.30 -41.49 3.95
CA VAL E 176 -40.94 -40.99 3.75
C VAL E 176 -40.24 -40.61 5.06
N ILE E 177 -39.02 -41.11 5.23
CA ILE E 177 -38.20 -40.84 6.41
C ILE E 177 -37.50 -39.49 6.34
N ILE E 178 -37.82 -38.64 7.28
CA ILE E 178 -37.12 -37.37 7.46
C ILE E 178 -35.84 -37.59 8.27
N LYS E 179 -34.76 -37.02 7.77
CA LYS E 179 -33.47 -37.12 8.39
C LYS E 179 -32.86 -35.72 8.50
N LEU E 180 -32.11 -35.49 9.57
CA LEU E 180 -31.38 -34.23 9.76
C LEU E 180 -29.96 -34.38 9.25
N ASN E 181 -29.45 -33.31 8.64
CA ASN E 181 -28.08 -33.29 8.10
C ASN E 181 -27.06 -33.32 9.22
N ARG E 182 -25.99 -34.09 9.01
CA ARG E 182 -24.93 -34.17 10.00
C ARG E 182 -24.04 -32.94 9.98
N VAL E 183 -23.94 -32.28 11.12
CA VAL E 183 -23.00 -31.17 11.26
C VAL E 183 -22.15 -31.38 12.52
N LEU E 184 -20.83 -31.31 12.35
CA LEU E 184 -19.88 -31.63 13.42
C LEU E 184 -19.96 -30.64 14.58
N GLY E 185 -20.13 -31.18 15.79
CA GLY E 185 -20.24 -30.36 16.98
C GLY E 185 -21.61 -29.77 17.21
N PHE E 186 -22.51 -29.98 16.25
CA PHE E 186 -23.84 -29.36 16.35
C PHE E 186 -24.68 -29.97 17.45
N LYS E 187 -25.20 -29.11 18.32
CA LYS E 187 -26.02 -29.54 19.45
C LYS E 187 -27.39 -28.90 19.36
N PRO E 188 -28.35 -29.61 18.73
CA PRO E 188 -29.68 -29.05 18.45
C PRO E 188 -30.45 -28.62 19.71
N LYS E 189 -30.92 -27.37 19.71
CA LYS E 189 -31.74 -26.86 20.82
C LYS E 189 -33.19 -26.77 20.38
N PRO E 190 -34.03 -27.68 20.89
CA PRO E 190 -35.48 -27.64 20.64
C PRO E 190 -36.07 -26.30 21.11
N PRO E 191 -37.27 -25.95 20.62
CA PRO E 191 -37.85 -24.66 21.05
C PRO E 191 -38.04 -24.66 22.55
N LYS E 192 -38.13 -23.48 23.16
CA LYS E 192 -38.29 -23.39 24.61
C LYS E 192 -39.64 -23.97 25.06
N ASN E 193 -39.76 -24.29 26.35
CA ASN E 193 -41.04 -24.69 26.92
C ASN E 193 -42.13 -23.65 26.64
N GLU E 194 -41.70 -22.42 26.39
CA GLU E 194 -42.57 -21.42 25.83
C GLU E 194 -42.37 -21.55 24.32
N SER E 195 -43.39 -22.10 23.66
CA SER E 195 -43.31 -22.42 22.25
C SER E 195 -44.33 -21.59 21.49
N LEU E 196 -43.91 -20.97 20.40
CA LEU E 196 -44.83 -20.17 19.62
C LEU E 196 -45.41 -21.00 18.47
N GLU E 197 -46.69 -21.35 18.62
CA GLU E 197 -47.48 -22.06 17.59
C GLU E 197 -46.75 -23.20 16.85
N THR E 198 -46.44 -24.27 17.58
CA THR E 198 -45.67 -25.40 17.02
C THR E 198 -46.48 -26.59 16.48
N TYR E 199 -47.81 -26.46 16.44
CA TYR E 199 -48.72 -27.48 15.90
C TYR E 199 -48.88 -28.69 16.86
N PRO E 200 -49.85 -29.60 16.60
CA PRO E 200 -50.13 -30.68 17.57
C PRO E 200 -48.97 -31.65 17.82
N VAL E 201 -48.00 -31.17 18.60
CA VAL E 201 -46.76 -31.88 18.91
C VAL E 201 -46.75 -32.29 20.40
N MET E 202 -46.05 -33.37 20.74
CA MET E 202 -46.04 -33.88 22.12
C MET E 202 -45.29 -32.96 23.09
N LYS E 203 -45.21 -33.39 24.35
CA LYS E 203 -44.66 -32.57 25.44
C LYS E 203 -43.16 -32.72 25.64
N TYR E 204 -42.48 -33.42 24.74
CA TYR E 204 -41.10 -33.85 24.98
C TYR E 204 -40.04 -32.82 24.61
N ASN E 205 -40.50 -31.59 24.37
CA ASN E 205 -39.62 -30.46 24.02
C ASN E 205 -38.27 -30.41 24.75
N PRO E 206 -38.22 -30.78 26.04
CA PRO E 206 -36.87 -30.82 26.64
C PRO E 206 -35.86 -31.76 25.95
N TYR E 207 -36.23 -32.99 25.64
CA TYR E 207 -35.26 -33.93 25.06
C TYR E 207 -35.24 -34.20 23.53
N VAL E 208 -36.09 -33.54 22.74
CA VAL E 208 -36.17 -33.88 21.32
C VAL E 208 -36.52 -32.72 20.36
N LEU E 209 -35.86 -32.72 19.20
CA LEU E 209 -36.10 -31.73 18.16
C LEU E 209 -37.22 -32.20 17.23
N PRO E 210 -38.35 -31.47 17.21
CA PRO E 210 -39.60 -31.81 16.53
C PRO E 210 -39.63 -31.56 15.02
N VAL E 211 -40.51 -32.26 14.32
CA VAL E 211 -40.74 -32.05 12.89
C VAL E 211 -42.23 -32.09 12.55
N HIS E 212 -42.77 -31.06 11.93
CA HIS E 212 -44.18 -31.10 11.52
C HIS E 212 -44.41 -30.76 10.05
N CYS E 213 -45.49 -31.30 9.48
CA CYS E 213 -45.76 -31.20 8.04
C CYS E 213 -47.14 -30.60 7.71
N THR E 214 -47.22 -29.85 6.61
CA THR E 214 -48.47 -29.21 6.17
C THR E 214 -48.58 -29.21 4.64
N GLY E 215 -49.78 -28.94 4.13
CA GLY E 215 -49.98 -28.93 2.68
C GLY E 215 -49.26 -27.80 1.96
N LYS E 216 -49.56 -26.56 2.32
CA LYS E 216 -48.88 -25.43 1.71
C LYS E 216 -48.40 -24.49 2.80
N ARG E 217 -47.32 -23.75 2.52
CA ARG E 217 -46.52 -23.15 3.57
C ARG E 217 -47.26 -22.21 4.53
N ASP E 218 -47.48 -20.96 4.11
CA ASP E 218 -48.33 -20.03 4.86
C ASP E 218 -49.69 -19.71 4.22
N GLU E 219 -49.95 -20.24 3.03
CA GLU E 219 -51.07 -19.77 2.22
C GLU E 219 -52.17 -20.81 2.11
N ASP E 220 -53.20 -20.47 1.31
CA ASP E 220 -54.29 -21.41 1.03
C ASP E 220 -53.72 -22.72 0.51
N LYS E 221 -54.15 -23.82 1.11
CA LYS E 221 -53.60 -25.12 0.79
C LYS E 221 -54.66 -25.97 0.10
N GLU E 222 -54.17 -26.88 -0.73
CA GLU E 222 -54.91 -28.06 -1.14
C GLU E 222 -54.59 -29.17 -0.17
N LYS E 223 -54.39 -28.83 1.10
CA LYS E 223 -54.10 -29.86 2.08
C LYS E 223 -55.20 -30.91 2.12
N VAL E 224 -54.82 -32.12 1.74
CA VAL E 224 -55.68 -33.29 1.89
C VAL E 224 -54.76 -34.38 2.44
N GLY E 225 -55.02 -34.81 3.67
CA GLY E 225 -54.22 -35.87 4.24
C GLY E 225 -54.36 -36.11 5.74
N THR E 226 -53.90 -37.28 6.16
CA THR E 226 -53.74 -37.59 7.59
C THR E 226 -52.39 -38.31 7.77
N MET E 227 -51.60 -37.85 8.74
CA MET E 227 -50.22 -38.32 8.91
C MET E 227 -49.99 -39.02 10.25
N GLU E 228 -49.04 -39.95 10.26
CA GLU E 228 -48.57 -40.57 11.50
C GLU E 228 -47.05 -40.60 11.46
N TYR E 229 -46.43 -40.09 12.53
CA TYR E 229 -44.97 -40.00 12.57
C TYR E 229 -44.43 -41.12 13.44
N PHE E 230 -43.24 -41.62 13.09
CA PHE E 230 -42.53 -42.55 13.97
C PHE E 230 -41.15 -42.00 14.29
N GLY E 231 -40.95 -41.59 15.53
CA GLY E 231 -39.64 -41.17 16.00
C GLY E 231 -39.09 -42.16 17.03
N LEU E 232 -38.17 -41.69 17.85
CA LEU E 232 -37.71 -42.47 18.99
C LEU E 232 -38.67 -42.27 20.15
N GLY E 233 -39.10 -43.37 20.77
CA GLY E 233 -39.90 -43.29 21.98
C GLY E 233 -41.35 -42.88 21.78
N GLY E 234 -41.73 -42.59 20.55
CA GLY E 234 -43.10 -42.24 20.24
C GLY E 234 -43.31 -40.76 19.96
N TYR E 235 -42.26 -39.97 20.12
CA TYR E 235 -42.31 -38.56 19.79
C TYR E 235 -41.84 -38.35 18.35
N PRO E 236 -42.51 -37.45 17.61
CA PRO E 236 -42.09 -37.13 16.23
C PRO E 236 -40.83 -36.28 16.20
N GLY E 237 -39.65 -36.89 16.31
CA GLY E 237 -38.44 -36.12 16.20
C GLY E 237 -37.11 -36.82 16.38
N PHE E 238 -36.07 -35.99 16.58
CA PHE E 238 -34.70 -36.44 16.76
C PHE E 238 -34.25 -36.23 18.21
N PRO E 239 -33.85 -37.33 18.89
CA PRO E 239 -33.41 -37.28 20.28
C PRO E 239 -32.06 -36.58 20.38
N LEU E 240 -31.85 -35.81 21.43
CA LEU E 240 -30.63 -35.04 21.58
C LEU E 240 -29.43 -35.92 21.93
N GLN E 241 -29.72 -37.16 22.35
CA GLN E 241 -28.70 -38.11 22.80
C GLN E 241 -27.75 -38.57 21.70
N TYR E 242 -28.11 -38.31 20.45
CA TYR E 242 -27.26 -38.70 19.33
C TYR E 242 -26.26 -37.59 18.98
N TYR E 243 -26.44 -36.41 19.55
CA TYR E 243 -25.62 -35.26 19.22
C TYR E 243 -24.75 -34.88 20.42
N PRO E 244 -23.58 -34.28 20.17
CA PRO E 244 -23.08 -33.87 18.86
C PRO E 244 -22.52 -35.02 18.02
N TYR E 245 -22.50 -34.82 16.71
CA TYR E 245 -21.83 -35.73 15.80
C TYR E 245 -20.34 -35.40 15.84
N TYR E 246 -19.50 -36.41 16.07
CA TYR E 246 -18.07 -36.17 16.33
C TYR E 246 -17.12 -36.30 15.12
N GLY E 247 -17.67 -36.50 13.91
CA GLY E 247 -16.85 -36.50 12.71
C GLY E 247 -16.54 -37.87 12.14
N LYS E 248 -16.10 -37.91 10.89
CA LYS E 248 -15.83 -39.17 10.21
C LYS E 248 -14.55 -39.85 10.69
N LEU E 249 -13.64 -39.05 11.27
CA LEU E 249 -12.44 -39.61 11.88
C LEU E 249 -12.72 -40.22 13.25
N LEU E 250 -13.39 -39.47 14.12
CA LEU E 250 -13.65 -39.94 15.49
C LEU E 250 -14.79 -40.95 15.60
N GLN E 251 -15.88 -40.69 14.87
CA GLN E 251 -17.01 -41.60 14.86
C GLN E 251 -17.40 -42.07 13.46
N PRO E 252 -16.53 -42.85 12.79
CA PRO E 252 -17.12 -43.55 11.65
C PRO E 252 -18.08 -44.61 12.19
N LYS E 253 -19.00 -45.10 11.37
CA LYS E 253 -20.08 -46.00 11.80
C LYS E 253 -21.04 -45.33 12.79
N TYR E 254 -21.18 -44.02 12.65
CA TYR E 254 -22.15 -43.24 13.40
C TYR E 254 -23.51 -43.20 12.67
N LEU E 255 -24.57 -43.56 13.38
CA LEU E 255 -25.89 -43.55 12.78
C LEU E 255 -26.73 -42.39 13.31
N GLN E 256 -26.97 -41.38 12.47
CA GLN E 256 -27.78 -40.24 12.87
C GLN E 256 -29.22 -40.67 13.13
N PRO E 257 -29.97 -39.86 13.91
CA PRO E 257 -31.38 -40.17 14.15
C PRO E 257 -32.20 -40.15 12.87
N LEU E 258 -33.34 -40.83 12.90
CA LEU E 258 -34.27 -40.83 11.77
C LEU E 258 -35.67 -40.71 12.33
N MET E 259 -36.58 -40.14 11.55
CA MET E 259 -38.00 -40.28 11.89
C MET E 259 -38.85 -40.45 10.64
N ALA E 260 -39.64 -41.52 10.58
CA ALA E 260 -40.45 -41.74 9.39
C ALA E 260 -41.75 -40.95 9.43
N VAL E 261 -42.21 -40.52 8.27
CA VAL E 261 -43.47 -39.81 8.17
C VAL E 261 -44.37 -40.57 7.23
N GLN E 262 -45.47 -41.13 7.75
CA GLN E 262 -46.40 -41.87 6.90
C GLN E 262 -47.70 -41.12 6.64
N PHE E 263 -47.96 -40.79 5.38
CA PHE E 263 -49.23 -40.22 4.96
C PHE E 263 -50.18 -41.37 4.68
N THR E 264 -51.30 -41.42 5.40
CA THR E 264 -52.18 -42.57 5.28
C THR E 264 -53.39 -42.25 4.38
N ASN E 265 -54.23 -41.33 4.80
CA ASN E 265 -55.35 -40.90 3.97
C ASN E 265 -54.89 -39.77 3.06
N LEU E 266 -55.14 -39.92 1.75
CA LEU E 266 -54.86 -38.86 0.79
C LEU E 266 -55.80 -39.03 -0.40
N THR E 267 -55.96 -37.97 -1.19
CA THR E 267 -56.68 -38.05 -2.45
C THR E 267 -55.74 -38.57 -3.53
N MET E 268 -56.08 -39.72 -4.12
CA MET E 268 -55.15 -40.48 -4.96
C MET E 268 -54.64 -39.84 -6.26
N ASP E 269 -55.53 -39.52 -7.18
CA ASP E 269 -55.10 -39.19 -8.55
C ASP E 269 -54.65 -37.75 -8.75
N THR E 270 -54.62 -36.98 -7.66
CA THR E 270 -54.15 -35.59 -7.72
C THR E 270 -52.84 -35.38 -6.96
N GLU E 271 -52.07 -34.40 -7.41
CA GLU E 271 -50.80 -34.06 -6.77
C GLU E 271 -51.03 -33.03 -5.67
N ILE E 272 -50.78 -33.43 -4.43
CA ILE E 272 -50.82 -32.49 -3.29
C ILE E 272 -49.41 -32.29 -2.72
N ARG E 273 -49.08 -31.04 -2.43
CA ARG E 273 -47.73 -30.68 -2.04
C ARG E 273 -47.54 -30.66 -0.53
N ILE E 274 -46.33 -31.01 -0.08
CA ILE E 274 -46.02 -31.12 1.34
C ILE E 274 -44.81 -30.28 1.73
N GLU E 275 -44.92 -29.58 2.87
CA GLU E 275 -43.79 -28.89 3.49
C GLU E 275 -43.53 -29.45 4.88
N CYS E 276 -42.28 -29.80 5.14
CA CYS E 276 -41.90 -30.31 6.44
C CYS E 276 -40.86 -29.42 7.13
N LYS E 277 -41.02 -29.22 8.43
CA LYS E 277 -40.21 -28.26 9.13
C LYS E 277 -39.71 -28.80 10.48
N ALA E 278 -38.43 -28.56 10.75
CA ALA E 278 -37.84 -28.85 12.05
C ALA E 278 -37.76 -27.57 12.86
N TYR E 279 -38.23 -27.60 14.10
CA TYR E 279 -38.32 -26.39 14.91
C TYR E 279 -37.30 -26.41 16.03
N GLY E 280 -36.77 -25.23 16.39
CA GLY E 280 -35.80 -25.13 17.45
C GLY E 280 -35.07 -23.80 17.39
N GLU E 281 -34.30 -23.50 18.43
CA GLU E 281 -33.47 -22.30 18.44
C GLU E 281 -32.26 -22.49 17.54
N ASN E 282 -31.84 -23.74 17.41
CA ASN E 282 -30.69 -24.10 16.59
C ASN E 282 -31.08 -24.34 15.15
N ILE E 283 -32.35 -24.14 14.82
CA ILE E 283 -32.85 -24.38 13.47
C ILE E 283 -33.46 -23.14 12.82
N GLY E 284 -33.18 -22.98 11.52
CA GLY E 284 -33.66 -21.82 10.79
C GLY E 284 -33.94 -22.22 9.35
N TYR E 285 -34.55 -21.33 8.58
CA TYR E 285 -34.98 -21.70 7.24
C TYR E 285 -34.65 -20.58 6.27
N SER E 286 -34.47 -20.92 5.00
CA SER E 286 -34.18 -19.94 3.97
C SER E 286 -35.27 -19.98 2.90
N GLU E 287 -35.60 -18.83 2.32
CA GLU E 287 -36.55 -18.79 1.21
C GLU E 287 -35.87 -19.11 -0.12
N LYS E 288 -34.54 -18.95 -0.14
CA LYS E 288 -33.73 -19.38 -1.27
C LYS E 288 -33.43 -20.87 -1.19
N ASP E 289 -33.25 -21.37 0.03
CA ASP E 289 -32.97 -22.78 0.24
C ASP E 289 -34.19 -23.48 0.89
N ARG E 290 -34.90 -24.26 0.10
CA ARG E 290 -36.12 -24.91 0.58
C ARG E 290 -35.74 -26.20 1.27
N PHE E 291 -34.49 -26.62 1.05
CA PHE E 291 -33.96 -27.80 1.71
C PHE E 291 -33.16 -27.45 2.95
N GLN E 292 -33.15 -26.17 3.32
CA GLN E 292 -32.45 -25.75 4.53
C GLN E 292 -33.39 -25.45 5.69
N GLY E 293 -33.27 -26.24 6.74
CA GLY E 293 -34.12 -26.12 7.91
C GLY E 293 -35.48 -26.73 7.66
N ARG E 294 -35.77 -27.02 6.40
CA ARG E 294 -37.06 -27.54 6.02
C ARG E 294 -37.01 -28.44 4.80
N PHE E 295 -38.18 -28.74 4.26
CA PHE E 295 -38.34 -29.87 3.38
C PHE E 295 -39.51 -29.65 2.44
N ASP E 296 -39.42 -30.16 1.22
CA ASP E 296 -40.56 -30.08 0.31
C ASP E 296 -40.74 -31.35 -0.53
N VAL E 297 -41.95 -31.92 -0.51
CA VAL E 297 -42.23 -33.15 -1.26
C VAL E 297 -43.57 -33.13 -2.02
N LYS E 298 -43.50 -33.35 -3.34
CA LYS E 298 -44.70 -33.47 -4.16
C LYS E 298 -45.01 -34.94 -4.38
N ILE E 299 -46.22 -35.36 -4.03
CA ILE E 299 -46.58 -36.78 -4.05
C ILE E 299 -47.90 -37.07 -4.75
N GLU E 300 -47.85 -37.96 -5.75
CA GLU E 300 -49.05 -38.40 -6.44
C GLU E 300 -49.10 -39.92 -6.59
N VAL E 301 -50.09 -40.55 -5.94
CA VAL E 301 -50.26 -41.99 -6.03
C VAL E 301 -51.45 -42.27 -6.94
N LYS E 302 -51.16 -42.69 -8.17
CA LYS E 302 -52.21 -42.78 -9.17
C LYS E 302 -52.58 -44.22 -9.51
N SER E 303 -53.88 -44.45 -9.68
CA SER E 303 -54.44 -45.76 -9.99
C SER E 303 -55.94 -45.59 -10.23
N ASP F 17 -21.54 -19.27 19.13
CA ASP F 17 -21.46 -20.45 18.27
C ASP F 17 -20.40 -20.32 17.17
N PRO F 18 -19.75 -21.43 16.80
CA PRO F 18 -18.78 -21.48 15.71
C PRO F 18 -19.46 -21.28 14.35
N PHE F 19 -20.79 -21.42 14.33
CA PHE F 19 -21.56 -21.36 13.09
C PHE F 19 -21.92 -19.94 12.69
N TYR F 20 -21.42 -18.97 13.45
CA TYR F 20 -21.56 -17.55 13.11
C TYR F 20 -20.24 -16.91 12.69
N TYR F 21 -20.16 -16.55 11.41
CA TYR F 21 -19.08 -15.71 10.93
C TYR F 21 -19.65 -14.30 10.84
N ASP F 22 -18.83 -13.30 11.13
CA ASP F 22 -19.26 -11.94 10.95
C ASP F 22 -18.84 -11.57 9.55
N TYR F 23 -19.81 -11.47 8.66
CA TYR F 23 -19.53 -11.08 7.29
C TYR F 23 -19.82 -9.60 7.12
N GLU F 24 -20.33 -8.99 8.18
CA GLU F 24 -20.64 -7.56 8.14
C GLU F 24 -19.40 -6.68 8.33
N THR F 25 -18.55 -7.03 9.29
CA THR F 25 -17.32 -6.25 9.50
C THR F 25 -16.34 -6.50 8.36
N VAL F 26 -16.40 -7.70 7.78
CA VAL F 26 -15.57 -8.03 6.63
C VAL F 26 -16.05 -7.23 5.44
N ARG F 27 -17.36 -7.28 5.18
CA ARG F 27 -17.95 -6.48 4.12
C ARG F 27 -17.56 -5.01 4.25
N ASN F 28 -17.77 -4.48 5.45
CA ASN F 28 -17.46 -3.09 5.74
C ASN F 28 -15.99 -2.74 5.52
N GLY F 29 -15.11 -3.64 5.95
CA GLY F 29 -13.67 -3.47 5.75
C GLY F 29 -13.29 -3.42 4.28
N GLY F 30 -13.74 -4.40 3.51
CA GLY F 30 -13.46 -4.43 2.09
C GLY F 30 -14.00 -3.22 1.37
N LEU F 31 -15.13 -2.70 1.83
CA LEU F 31 -15.71 -1.52 1.20
C LEU F 31 -14.94 -0.24 1.53
N ILE F 32 -14.56 -0.07 2.80
CA ILE F 32 -13.74 1.07 3.18
C ILE F 32 -12.46 1.03 2.40
N PHE F 33 -11.89 -0.16 2.30
CA PHE F 33 -10.69 -0.35 1.51
C PHE F 33 -10.89 0.10 0.08
N ALA F 34 -11.96 -0.38 -0.55
CA ALA F 34 -12.26 0.00 -1.94
C ALA F 34 -12.28 1.53 -2.08
N ALA F 35 -13.02 2.19 -1.19
CA ALA F 35 -13.13 3.65 -1.21
C ALA F 35 -11.76 4.30 -1.19
N LEU F 36 -10.95 3.93 -0.19
CA LEU F 36 -9.63 4.50 -0.04
C LEU F 36 -8.76 4.24 -1.24
N ALA F 37 -8.65 2.99 -1.67
CA ALA F 37 -7.84 2.62 -2.82
C ALA F 37 -8.20 3.41 -4.07
N PHE F 38 -9.49 3.52 -4.33
CA PHE F 38 -9.94 4.27 -5.48
C PHE F 38 -9.56 5.75 -5.39
N ILE F 39 -10.03 6.44 -4.35
CA ILE F 39 -9.76 7.89 -4.27
C ILE F 39 -8.26 8.19 -4.19
N VAL F 40 -7.49 7.22 -3.73
CA VAL F 40 -6.03 7.31 -3.73
C VAL F 40 -5.51 7.22 -5.17
N GLY F 41 -6.13 6.35 -5.97
CA GLY F 41 -5.77 6.25 -7.38
C GLY F 41 -6.10 7.53 -8.12
N LEU F 42 -7.24 8.11 -7.78
CA LEU F 42 -7.63 9.41 -8.31
C LEU F 42 -6.59 10.45 -7.96
N ILE F 43 -6.15 10.42 -6.71
CA ILE F 43 -5.07 11.30 -6.26
C ILE F 43 -3.82 11.09 -7.12
N ILE F 44 -3.49 9.85 -7.42
CA ILE F 44 -2.32 9.54 -8.25
C ILE F 44 -2.41 10.13 -9.65
N ILE F 45 -3.49 9.85 -10.39
CA ILE F 45 -3.56 10.35 -11.78
C ILE F 45 -3.77 11.84 -11.92
N LEU F 46 -4.04 12.53 -10.81
CA LEU F 46 -3.99 13.99 -10.83
C LEU F 46 -2.75 14.42 -10.05
N SER F 47 -1.71 14.85 -10.78
CA SER F 47 -0.44 15.15 -10.15
C SER F 47 -0.23 16.65 -9.88
N LYS F 48 -1.19 17.46 -10.33
CA LYS F 48 -1.12 18.92 -10.21
C LYS F 48 0.17 19.51 -10.79
#